data_8EKT
#
_entry.id   8EKT
#
_cell.length_a   99.453
_cell.length_b   99.304
_cell.length_c   107.915
_cell.angle_alpha   81.220
_cell.angle_beta   84.080
_cell.angle_gamma   60.080
#
_symmetry.space_group_name_H-M   'P 1'
#
loop_
_entity.id
_entity.type
_entity.pdbx_description
1 polymer 'sterol 14a-demethylase'
2 non-polymer 'PROTOPORPHYRIN IX CONTAINING FE'
3 non-polymer (R)-2-(2,4-Difluorophenyl)-1,1-difluoro-3-(1H-tetrazol-1-yl)-1-(5-(4-(2,2,2-trifluoroethoxy)phenyl)pyridin-2-yl)propan-2-ol
4 water water
#
_entity_poly.entity_id   1
_entity_poly.type   'polypeptide(L)'
_entity_poly.pdbx_seq_one_letter_code
;MAKKTSSKGKLPPVVSSLIPFVGSGLSFAGGPLQYTTDAYKKYGDIFTMKVFGQRLTFLVGPDAHVPFFSQGDAELSQDE
PYQFSVPIFGPNVVYGADLAHRNQQLKFIAASLSTKALQSYVPLIVKEAEDFFAKWDKSGTVDIRDALAELIILTASRCL
MGKEIRENLFTEVAKLYQTLDEGLLPISVFFPYLPIPAHKRRDEARLAMVRMFKKIIDERRANPEVKHNDCLQVFMDARY
RGEEQALNDEEITGLMIALLFAGQHTSSVTGSWTGLLLFEANNKKKFLPGVLEEQEEIRKEFGDELTMEALNKMDKLHRC
VKEALRMYPPLLFVMRKVIKPFSYKDYYVPEGDTVFVSPALSMRVEEVFPNADQYNPERFVEEDKQAQKYRFVGFGAGRH
GCMGENFAYLQIKTIWSVLLRNFDIELVGELPKPDYTAMVVGPAHPCLLRYTRKHHHHHH
;
_entity_poly.pdbx_strand_id   A,B,C,D,E,F
#
loop_
_chem_comp.id
_chem_comp.type
_chem_comp.name
_chem_comp.formula
HEM non-polymer 'PROTOPORPHYRIN IX CONTAINING FE' 'C34 H32 Fe N4 O4'
VT1 non-polymer (R)-2-(2,4-Difluorophenyl)-1,1-difluoro-3-(1H-tetrazol-1-yl)-1-(5-(4-(2,2,2-trifluoroethoxy)phenyl)pyridin-2-yl)propan-2-ol 'C23 H16 F7 N5 O2'
#
# COMPACT_ATOMS: atom_id res chain seq x y z
N LYS A 42 26.54 -0.96 27.14
CA LYS A 42 25.40 -1.77 26.64
C LYS A 42 25.73 -3.25 26.75
N TYR A 43 26.23 -3.66 27.93
CA TYR A 43 26.34 -5.07 28.30
C TYR A 43 25.58 -5.33 29.60
N GLY A 44 24.43 -4.67 29.76
CA GLY A 44 23.36 -5.21 30.57
C GLY A 44 22.77 -6.47 29.92
N ASP A 45 22.70 -7.56 30.70
CA ASP A 45 22.25 -8.83 30.16
C ASP A 45 21.24 -9.47 31.12
N ILE A 46 20.90 -8.77 32.20
CA ILE A 46 19.82 -9.18 33.09
C ILE A 46 19.31 -7.95 33.85
N PHE A 47 17.99 -7.84 33.99
CA PHE A 47 17.40 -6.74 34.74
C PHE A 47 15.96 -7.07 35.11
N THR A 48 15.43 -6.31 36.07
CA THR A 48 14.11 -6.56 36.64
C THR A 48 13.30 -5.28 36.64
N MET A 49 12.05 -5.39 36.19
CA MET A 49 11.00 -4.42 36.48
C MET A 49 10.07 -4.99 37.54
N LYS A 50 9.48 -4.11 38.34
CA LYS A 50 8.27 -4.44 39.07
C LYS A 50 7.12 -3.68 38.41
N VAL A 51 6.17 -4.46 37.88
CA VAL A 51 4.98 -3.90 37.25
C VAL A 51 3.77 -4.70 37.74
N PHE A 52 2.71 -3.99 38.14
CA PHE A 52 1.49 -4.61 38.60
C PHE A 52 1.82 -5.64 39.68
N GLY A 53 2.75 -5.26 40.57
CA GLY A 53 3.11 -6.08 41.72
C GLY A 53 3.87 -7.35 41.33
N GLN A 54 4.36 -7.41 40.09
CA GLN A 54 5.03 -8.61 39.61
C GLN A 54 6.47 -8.28 39.25
N ARG A 55 7.38 -9.21 39.56
CA ARG A 55 8.77 -9.04 39.18
C ARG A 55 9.00 -9.69 37.81
N LEU A 56 9.33 -8.85 36.82
CA LEU A 56 9.68 -9.31 35.49
C LEU A 56 11.20 -9.24 35.34
N THR A 57 11.81 -10.39 35.03
CA THR A 57 13.25 -10.47 34.85
C THR A 57 13.57 -10.80 33.40
N PHE A 58 14.36 -9.95 32.75
CA PHE A 58 14.73 -10.12 31.36
C PHE A 58 16.15 -10.67 31.25
N LEU A 59 16.32 -11.62 30.32
CA LEU A 59 17.59 -12.27 30.07
C LEU A 59 17.99 -12.02 28.62
N VAL A 60 19.19 -11.46 28.41
CA VAL A 60 19.62 -11.05 27.10
C VAL A 60 20.96 -11.69 26.78
N GLY A 61 21.04 -12.38 25.65
CA GLY A 61 22.29 -12.94 25.17
C GLY A 61 22.52 -14.37 25.68
N PRO A 62 23.48 -15.10 25.08
CA PRO A 62 23.61 -16.55 25.25
C PRO A 62 23.90 -17.05 26.66
N ASP A 63 24.67 -16.27 27.44
CA ASP A 63 24.97 -16.67 28.81
C ASP A 63 23.72 -16.56 29.66
N ALA A 64 23.00 -15.45 29.51
CA ALA A 64 21.79 -15.18 30.29
C ALA A 64 20.68 -16.15 29.86
N HIS A 65 20.68 -16.56 28.59
CA HIS A 65 19.68 -17.49 28.08
C HIS A 65 19.75 -18.83 28.79
N VAL A 66 20.92 -19.21 29.30
CA VAL A 66 21.16 -20.59 29.73
C VAL A 66 20.10 -21.03 30.74
N PRO A 67 19.87 -20.28 31.85
CA PRO A 67 18.85 -20.69 32.82
C PRO A 67 17.42 -20.75 32.27
N PHE A 68 17.16 -20.03 31.16
CA PHE A 68 15.83 -20.03 30.57
C PHE A 68 15.60 -21.33 29.80
N PHE A 69 16.52 -21.65 28.88
CA PHE A 69 16.28 -22.65 27.86
C PHE A 69 16.76 -24.03 28.31
N SER A 70 17.73 -24.06 29.23
CA SER A 70 18.41 -25.30 29.58
C SER A 70 17.61 -26.10 30.60
N GLN A 71 16.69 -25.45 31.31
CA GLN A 71 15.95 -26.12 32.37
C GLN A 71 14.63 -26.68 31.84
N GLY A 72 13.84 -27.28 32.73
CA GLY A 72 12.65 -28.02 32.36
C GLY A 72 11.44 -27.61 33.19
N ASP A 73 10.40 -28.46 33.17
CA ASP A 73 9.07 -28.05 33.60
C ASP A 73 8.98 -27.98 35.13
N ALA A 74 9.92 -28.64 35.82
CA ALA A 74 9.94 -28.62 37.28
C ALA A 74 10.52 -27.31 37.78
N GLU A 75 11.37 -26.68 36.96
CA GLU A 75 12.08 -25.46 37.34
C GLU A 75 11.37 -24.22 36.78
N LEU A 76 10.72 -24.38 35.61
CA LEU A 76 10.10 -23.27 34.89
C LEU A 76 8.73 -23.71 34.38
N SER A 77 7.73 -22.82 34.47
CA SER A 77 6.36 -23.15 34.13
C SER A 77 5.85 -22.19 33.04
N GLN A 78 5.08 -22.73 32.07
CA GLN A 78 4.52 -21.93 30.99
C GLN A 78 3.09 -21.48 31.32
N ASP A 79 2.51 -22.04 32.39
CA ASP A 79 1.06 -21.98 32.59
C ASP A 79 0.58 -20.54 32.68
N GLU A 80 1.19 -19.77 33.58
CA GLU A 80 0.66 -18.49 34.00
C GLU A 80 0.90 -17.45 32.89
N PRO A 81 2.12 -17.33 32.34
CA PRO A 81 2.37 -16.35 31.29
C PRO A 81 1.49 -16.55 30.06
N TYR A 82 1.12 -17.80 29.76
CA TYR A 82 0.46 -18.12 28.49
C TYR A 82 -1.03 -18.42 28.72
N GLN A 83 -1.56 -17.99 29.87
CA GLN A 83 -2.99 -18.06 30.17
C GLN A 83 -3.83 -17.52 29.02
N PHE A 84 -3.36 -16.45 28.39
CA PHE A 84 -4.15 -15.74 27.40
C PHE A 84 -4.66 -16.70 26.32
N SER A 85 -3.94 -17.81 26.11
CA SER A 85 -4.17 -18.66 24.96
C SER A 85 -5.29 -19.65 25.26
N VAL A 86 -5.61 -19.85 26.54
CA VAL A 86 -6.45 -20.97 26.94
C VAL A 86 -7.84 -20.81 26.34
N PRO A 87 -8.50 -19.63 26.44
CA PRO A 87 -9.84 -19.50 25.85
C PRO A 87 -9.80 -19.32 24.33
N ILE A 88 -8.60 -19.26 23.74
CA ILE A 88 -8.50 -19.24 22.29
C ILE A 88 -8.45 -20.67 21.75
N PHE A 89 -7.57 -21.51 22.31
CA PHE A 89 -7.40 -22.88 21.84
C PHE A 89 -8.50 -23.75 22.46
N GLY A 90 -8.91 -23.41 23.68
CA GLY A 90 -10.03 -24.07 24.33
C GLY A 90 -9.59 -24.77 25.60
N PRO A 91 -10.54 -25.24 26.44
CA PRO A 91 -10.20 -25.90 27.70
C PRO A 91 -9.45 -27.20 27.44
N ASN A 92 -8.56 -27.53 28.38
CA ASN A 92 -7.97 -28.85 28.44
C ASN A 92 -7.08 -29.09 27.24
N VAL A 93 -6.63 -27.99 26.61
CA VAL A 93 -5.79 -28.06 25.42
C VAL A 93 -4.56 -27.17 25.65
N VAL A 94 -3.38 -27.77 25.46
CA VAL A 94 -2.09 -27.11 25.54
C VAL A 94 -1.93 -26.48 26.93
N TYR A 95 -1.86 -25.14 27.02
CA TYR A 95 -1.49 -24.51 28.29
C TYR A 95 -2.70 -24.51 29.21
N GLY A 96 -3.83 -25.04 28.73
CA GLY A 96 -5.02 -25.23 29.56
C GLY A 96 -5.13 -26.66 30.10
N ALA A 97 -4.17 -27.52 29.77
CA ALA A 97 -4.15 -28.90 30.23
C ALA A 97 -3.12 -29.05 31.35
N ASP A 98 -3.28 -30.07 32.19
CA ASP A 98 -2.23 -30.43 33.14
C ASP A 98 -1.05 -31.03 32.37
N LEU A 99 0.11 -31.09 33.03
CA LEU A 99 1.36 -31.46 32.38
C LEU A 99 1.23 -32.83 31.70
N ALA A 100 0.56 -33.76 32.38
CA ALA A 100 0.47 -35.14 31.93
C ALA A 100 -0.13 -35.16 30.52
N HIS A 101 -1.28 -34.48 30.36
CA HIS A 101 -2.02 -34.43 29.12
C HIS A 101 -1.30 -33.54 28.10
N ARG A 102 -0.77 -32.41 28.60
CA ARG A 102 -0.11 -31.45 27.73
C ARG A 102 1.08 -32.13 27.04
N ASN A 103 1.85 -32.89 27.81
CA ASN A 103 3.06 -33.50 27.27
C ASN A 103 2.69 -34.49 26.17
N GLN A 104 1.50 -35.08 26.25
CA GLN A 104 1.07 -36.06 25.27
C GLN A 104 0.53 -35.35 24.03
N GLN A 105 -0.22 -34.27 24.25
CA GLN A 105 -0.71 -33.42 23.18
C GLN A 105 0.46 -32.89 22.34
N LEU A 106 1.58 -32.55 23.00
CA LEU A 106 2.73 -32.03 22.31
C LEU A 106 3.37 -33.12 21.46
N LYS A 107 3.26 -34.38 21.90
CA LYS A 107 3.77 -35.50 21.14
C LYS A 107 2.88 -35.77 19.92
N PHE A 108 1.58 -35.59 20.09
CA PHE A 108 0.66 -35.70 18.97
C PHE A 108 1.01 -34.63 17.93
N ILE A 109 1.27 -33.40 18.40
CA ILE A 109 1.58 -32.30 17.49
C ILE A 109 2.88 -32.62 16.75
N ALA A 110 3.88 -33.10 17.50
CA ALA A 110 5.16 -33.44 16.89
C ALA A 110 4.96 -34.50 15.80
N ALA A 111 4.12 -35.50 16.07
CA ALA A 111 3.85 -36.55 15.09
C ALA A 111 3.21 -35.95 13.85
N SER A 112 2.30 -34.99 14.04
CA SER A 112 1.57 -34.40 12.93
C SER A 112 2.51 -33.56 12.07
N LEU A 113 3.66 -33.15 12.62
CA LEU A 113 4.59 -32.27 11.90
C LEU A 113 5.97 -32.94 11.74
N SER A 114 6.03 -34.27 11.89
CA SER A 114 7.26 -35.02 11.69
C SER A 114 7.73 -34.90 10.25
N THR A 115 8.97 -35.35 10.01
CA THR A 115 9.52 -35.42 8.66
C THR A 115 8.61 -36.25 7.77
N LYS A 116 8.15 -37.39 8.29
CA LYS A 116 7.32 -38.28 7.49
C LYS A 116 6.08 -37.53 7.03
N ALA A 117 5.39 -36.86 7.98
CA ALA A 117 4.18 -36.14 7.66
C ALA A 117 4.47 -35.06 6.63
N LEU A 118 5.61 -34.38 6.76
CA LEU A 118 5.89 -33.23 5.92
C LEU A 118 6.09 -33.67 4.47
N GLN A 119 6.66 -34.87 4.29
CA GLN A 119 6.87 -35.43 2.95
C GLN A 119 5.55 -35.45 2.19
N SER A 120 4.47 -35.75 2.90
CA SER A 120 3.16 -35.89 2.27
C SER A 120 2.44 -34.54 2.17
N TYR A 121 2.90 -33.54 2.93
CA TYR A 121 2.25 -32.23 2.89
C TYR A 121 2.85 -31.38 1.76
N VAL A 122 4.13 -31.63 1.44
CA VAL A 122 4.88 -30.73 0.57
C VAL A 122 4.17 -30.59 -0.79
N PRO A 123 3.74 -31.70 -1.44
CA PRO A 123 2.95 -31.60 -2.67
C PRO A 123 1.75 -30.67 -2.55
N LEU A 124 1.03 -30.76 -1.43
CA LEU A 124 -0.12 -29.90 -1.15
C LEU A 124 0.32 -28.44 -1.05
N ILE A 125 1.47 -28.22 -0.41
CA ILE A 125 1.94 -26.87 -0.13
C ILE A 125 2.34 -26.21 -1.45
N VAL A 126 2.99 -27.00 -2.31
CA VAL A 126 3.42 -26.52 -3.63
C VAL A 126 2.20 -26.17 -4.47
N LYS A 127 1.23 -27.09 -4.53
CA LYS A 127 0.06 -26.90 -5.38
C LYS A 127 -0.61 -25.57 -5.02
N GLU A 128 -0.93 -25.41 -3.72
CA GLU A 128 -1.62 -24.22 -3.25
C GLU A 128 -0.89 -22.96 -3.70
N ALA A 129 0.44 -22.96 -3.58
CA ALA A 129 1.25 -21.79 -3.88
C ALA A 129 1.16 -21.47 -5.37
N GLU A 130 1.27 -22.52 -6.21
CA GLU A 130 1.29 -22.35 -7.65
C GLU A 130 -0.08 -21.88 -8.14
N ASP A 131 -1.14 -22.43 -7.56
CA ASP A 131 -2.50 -22.04 -7.91
C ASP A 131 -2.73 -20.57 -7.55
N PHE A 132 -2.11 -20.14 -6.44
CA PHE A 132 -2.40 -18.86 -5.83
C PHE A 132 -1.71 -17.74 -6.63
N PHE A 133 -0.47 -18.01 -7.04
CA PHE A 133 0.35 -17.03 -7.72
C PHE A 133 0.07 -17.05 -9.22
N ALA A 134 -0.51 -18.15 -9.70
CA ALA A 134 -1.02 -18.24 -11.05
C ALA A 134 -2.09 -17.17 -11.27
N LYS A 135 -2.88 -16.87 -10.22
CA LYS A 135 -3.98 -15.91 -10.32
C LYS A 135 -3.45 -14.49 -10.56
N TRP A 136 -2.14 -14.30 -10.48
CA TRP A 136 -1.55 -12.96 -10.53
C TRP A 136 -1.41 -12.50 -11.99
N ASP A 137 -1.44 -11.17 -12.18
CA ASP A 137 -1.40 -10.56 -13.50
C ASP A 137 0.02 -10.64 -14.06
N LYS A 138 0.23 -10.02 -15.23
CA LYS A 138 1.55 -10.04 -15.83
C LYS A 138 2.48 -9.04 -15.14
N SER A 139 1.89 -7.99 -14.57
CA SER A 139 2.58 -7.16 -13.59
C SER A 139 1.56 -6.46 -12.70
N GLY A 140 2.05 -5.78 -11.66
CA GLY A 140 1.18 -5.11 -10.71
C GLY A 140 1.88 -4.88 -9.37
N THR A 141 1.08 -4.54 -8.34
CA THR A 141 1.59 -4.26 -7.01
C THR A 141 0.73 -4.98 -5.98
N VAL A 142 1.40 -5.57 -4.96
CA VAL A 142 0.73 -6.36 -3.95
C VAL A 142 1.30 -6.01 -2.58
N ASP A 143 0.42 -5.95 -1.58
CA ASP A 143 0.82 -6.01 -0.18
C ASP A 143 1.16 -7.46 0.17
N ILE A 144 2.46 -7.73 0.36
CA ILE A 144 2.97 -9.09 0.47
C ILE A 144 2.46 -9.72 1.76
N ARG A 145 2.28 -8.90 2.79
CA ARG A 145 1.85 -9.41 4.09
C ARG A 145 0.41 -9.92 4.00
N ASP A 146 -0.45 -9.13 3.37
CA ASP A 146 -1.84 -9.51 3.16
C ASP A 146 -1.91 -10.80 2.34
N ALA A 147 -1.04 -10.89 1.31
CA ALA A 147 -1.10 -11.99 0.37
C ALA A 147 -0.69 -13.29 1.06
N LEU A 148 0.42 -13.24 1.80
CA LEU A 148 0.99 -14.45 2.37
C LEU A 148 0.14 -14.93 3.54
N ALA A 149 -0.51 -13.99 4.25
CA ALA A 149 -1.46 -14.37 5.28
C ALA A 149 -2.59 -15.20 4.68
N GLU A 150 -3.07 -14.81 3.49
CA GLU A 150 -4.15 -15.50 2.81
C GLU A 150 -3.67 -16.89 2.38
N LEU A 151 -2.50 -16.95 1.74
CA LEU A 151 -2.01 -18.19 1.18
C LEU A 151 -1.68 -19.19 2.29
N ILE A 152 -1.13 -18.68 3.40
CA ILE A 152 -0.67 -19.57 4.47
C ILE A 152 -1.88 -20.16 5.19
N ILE A 153 -2.97 -19.40 5.31
CA ILE A 153 -4.15 -19.93 6.00
C ILE A 153 -4.91 -20.89 5.08
N LEU A 154 -4.83 -20.66 3.76
CA LEU A 154 -5.36 -21.60 2.78
C LEU A 154 -4.65 -22.93 2.93
N THR A 155 -3.32 -22.87 2.82
CA THR A 155 -2.50 -24.07 2.88
C THR A 155 -2.70 -24.79 4.21
N ALA A 156 -2.81 -24.03 5.30
CA ALA A 156 -2.91 -24.62 6.63
C ALA A 156 -4.23 -25.35 6.76
N SER A 157 -5.30 -24.72 6.29
CA SER A 157 -6.60 -25.36 6.30
C SER A 157 -6.52 -26.73 5.61
N ARG A 158 -5.74 -26.83 4.52
CA ARG A 158 -5.59 -28.10 3.84
C ARG A 158 -4.80 -29.09 4.72
N CYS A 159 -3.58 -28.73 5.12
CA CYS A 159 -2.69 -29.71 5.74
C CYS A 159 -3.13 -30.04 7.17
N LEU A 160 -3.65 -29.02 7.87
CA LEU A 160 -4.07 -29.16 9.25
C LEU A 160 -5.41 -29.90 9.29
N MET A 161 -6.37 -29.41 8.48
CA MET A 161 -7.78 -29.61 8.74
C MET A 161 -8.40 -30.56 7.71
N GLY A 162 -7.73 -30.73 6.56
CA GLY A 162 -8.11 -31.76 5.61
C GLY A 162 -8.90 -31.19 4.42
N LYS A 163 -9.13 -32.06 3.43
CA LYS A 163 -9.68 -31.69 2.13
C LYS A 163 -11.11 -31.19 2.27
N GLU A 164 -11.89 -31.85 3.13
CA GLU A 164 -13.30 -31.52 3.30
C GLU A 164 -13.42 -30.04 3.60
N ILE A 165 -12.69 -29.59 4.62
CA ILE A 165 -12.78 -28.22 5.10
C ILE A 165 -12.18 -27.28 4.06
N ARG A 166 -11.02 -27.68 3.52
CA ARG A 166 -10.35 -26.85 2.53
C ARG A 166 -11.32 -26.48 1.42
N GLU A 167 -12.08 -27.46 0.94
CA GLU A 167 -12.76 -27.36 -0.33
C GLU A 167 -14.21 -26.93 -0.13
N ASN A 168 -14.74 -27.11 1.09
CA ASN A 168 -16.15 -26.88 1.33
C ASN A 168 -16.35 -25.68 2.25
N LEU A 169 -15.44 -25.47 3.21
CA LEU A 169 -15.77 -24.67 4.39
C LEU A 169 -14.66 -23.65 4.70
N PHE A 170 -13.80 -23.37 3.73
CA PHE A 170 -12.68 -22.48 3.99
C PHE A 170 -13.17 -21.13 4.52
N THR A 171 -14.11 -20.53 3.80
CA THR A 171 -14.54 -19.16 4.09
C THR A 171 -15.08 -19.09 5.52
N GLU A 172 -15.75 -20.17 5.94
CA GLU A 172 -16.35 -20.23 7.27
C GLU A 172 -15.26 -20.32 8.33
N VAL A 173 -14.20 -21.08 8.02
CA VAL A 173 -13.11 -21.33 8.95
C VAL A 173 -12.28 -20.05 9.11
N ALA A 174 -12.04 -19.34 8.01
CA ALA A 174 -11.26 -18.11 8.04
C ALA A 174 -11.97 -17.05 8.89
N LYS A 175 -13.30 -16.99 8.74
CA LYS A 175 -14.09 -15.98 9.40
C LYS A 175 -14.12 -16.27 10.90
N LEU A 176 -14.30 -17.55 11.24
CA LEU A 176 -14.30 -17.98 12.62
C LEU A 176 -12.95 -17.74 13.27
N TYR A 177 -11.86 -17.91 12.49
CA TYR A 177 -10.52 -17.71 13.02
C TYR A 177 -10.32 -16.23 13.32
N GLN A 178 -10.70 -15.37 12.36
CA GLN A 178 -10.56 -13.94 12.50
C GLN A 178 -11.23 -13.47 13.79
N THR A 179 -12.37 -14.07 14.13
CA THR A 179 -13.12 -13.69 15.31
C THR A 179 -12.34 -14.10 16.56
N LEU A 180 -11.83 -15.34 16.57
CA LEU A 180 -10.97 -15.82 17.63
C LEU A 180 -9.86 -14.82 17.90
N ASP A 181 -9.24 -14.36 16.81
CA ASP A 181 -8.01 -13.59 16.87
C ASP A 181 -8.30 -12.19 17.39
N GLU A 182 -9.52 -11.70 17.14
CA GLU A 182 -9.92 -10.36 17.54
C GLU A 182 -10.29 -10.33 19.02
N GLY A 183 -10.41 -11.50 19.64
CA GLY A 183 -10.61 -11.60 21.08
C GLY A 183 -9.29 -11.74 21.84
N LEU A 184 -8.19 -11.40 21.15
CA LEU A 184 -6.89 -11.33 21.78
C LEU A 184 -6.46 -9.87 21.87
N LEU A 185 -6.75 -9.26 23.02
CA LEU A 185 -6.46 -7.86 23.28
C LEU A 185 -5.45 -7.79 24.42
N PRO A 186 -4.77 -6.63 24.60
CA PRO A 186 -3.84 -6.45 25.72
C PRO A 186 -4.41 -6.85 27.08
N ILE A 187 -5.69 -6.56 27.27
CA ILE A 187 -6.36 -6.85 28.53
C ILE A 187 -6.47 -8.35 28.72
N SER A 188 -6.51 -9.06 27.57
CA SER A 188 -6.74 -10.50 27.54
C SER A 188 -5.56 -11.25 28.14
N VAL A 189 -4.36 -10.67 28.14
CA VAL A 189 -3.21 -11.36 28.69
C VAL A 189 -3.31 -11.38 30.21
N PHE A 190 -4.07 -10.43 30.76
CA PHE A 190 -4.21 -10.31 32.20
C PHE A 190 -5.51 -10.98 32.66
N PHE A 191 -6.61 -10.65 31.97
CA PHE A 191 -7.92 -11.14 32.34
C PHE A 191 -8.57 -11.84 31.15
N PRO A 192 -8.19 -13.11 30.89
CA PRO A 192 -8.67 -13.83 29.71
C PRO A 192 -10.18 -14.04 29.67
N TYR A 193 -10.79 -14.16 30.85
CA TYR A 193 -12.19 -14.53 30.98
C TYR A 193 -13.02 -13.32 31.40
N LEU A 194 -12.55 -12.13 31.05
CA LEU A 194 -13.32 -10.91 31.27
C LEU A 194 -14.52 -10.90 30.34
N PRO A 195 -15.75 -10.63 30.86
CA PRO A 195 -16.95 -10.67 30.03
C PRO A 195 -17.19 -9.40 29.21
N ILE A 196 -16.19 -9.04 28.39
CA ILE A 196 -16.32 -7.97 27.42
C ILE A 196 -16.74 -8.57 26.09
N PRO A 197 -17.22 -7.75 25.12
CA PRO A 197 -17.81 -8.27 23.89
C PRO A 197 -16.86 -9.14 23.06
N ALA A 198 -15.62 -8.67 22.87
CA ALA A 198 -14.65 -9.37 22.04
C ALA A 198 -14.43 -10.80 22.54
N HIS A 199 -14.49 -10.97 23.87
CA HIS A 199 -14.28 -12.26 24.50
C HIS A 199 -15.51 -13.16 24.29
N LYS A 200 -16.69 -12.56 24.27
CA LYS A 200 -17.92 -13.29 24.03
C LYS A 200 -17.88 -13.88 22.62
N ARG A 201 -17.57 -13.04 21.64
CA ARG A 201 -17.55 -13.43 20.24
C ARG A 201 -16.47 -14.49 20.02
N ARG A 202 -15.33 -14.32 20.71
CA ARG A 202 -14.26 -15.30 20.69
C ARG A 202 -14.78 -16.67 21.12
N ASP A 203 -15.48 -16.72 22.27
CA ASP A 203 -15.90 -17.98 22.84
C ASP A 203 -16.93 -18.64 21.94
N GLU A 204 -17.79 -17.81 21.33
CA GLU A 204 -18.84 -18.29 20.44
C GLU A 204 -18.20 -18.86 19.18
N ALA A 205 -17.20 -18.15 18.66
CA ALA A 205 -16.52 -18.56 17.44
C ALA A 205 -15.83 -19.91 17.66
N ARG A 206 -15.26 -20.11 18.85
CA ARG A 206 -14.58 -21.35 19.16
C ARG A 206 -15.60 -22.49 19.13
N LEU A 207 -16.74 -22.29 19.80
CA LEU A 207 -17.75 -23.32 19.93
C LEU A 207 -18.31 -23.68 18.55
N ALA A 208 -18.49 -22.66 17.70
CA ALA A 208 -18.94 -22.86 16.33
C ALA A 208 -17.95 -23.74 15.57
N MET A 209 -16.66 -23.44 15.73
CA MET A 209 -15.60 -24.20 15.10
C MET A 209 -15.64 -25.66 15.54
N VAL A 210 -15.95 -25.91 16.82
CA VAL A 210 -16.02 -27.28 17.31
C VAL A 210 -17.16 -28.01 16.61
N ARG A 211 -18.31 -27.32 16.47
CA ARG A 211 -19.50 -27.93 15.90
C ARG A 211 -19.21 -28.31 14.45
N MET A 212 -18.46 -27.45 13.75
CA MET A 212 -18.12 -27.66 12.36
C MET A 212 -17.26 -28.92 12.20
N PHE A 213 -16.32 -29.12 13.13
CA PHE A 213 -15.38 -30.23 13.03
C PHE A 213 -16.02 -31.53 13.50
N LYS A 214 -17.01 -31.40 14.40
CA LYS A 214 -17.76 -32.53 14.90
C LYS A 214 -18.37 -33.30 13.74
N LYS A 215 -18.89 -32.57 12.74
CA LYS A 215 -19.48 -33.17 11.56
C LYS A 215 -18.42 -33.94 10.77
N ILE A 216 -17.29 -33.28 10.49
CA ILE A 216 -16.23 -33.89 9.70
C ILE A 216 -15.71 -35.13 10.43
N ILE A 217 -15.56 -35.05 11.75
CA ILE A 217 -14.98 -36.12 12.53
C ILE A 217 -15.92 -37.31 12.55
N ASP A 218 -17.22 -37.05 12.71
CA ASP A 218 -18.22 -38.10 12.76
C ASP A 218 -18.25 -38.85 11.43
N GLU A 219 -18.16 -38.10 10.33
CA GLU A 219 -18.18 -38.69 9.01
C GLU A 219 -16.96 -39.60 8.82
N ARG A 220 -15.83 -39.20 9.40
CA ARG A 220 -14.59 -39.95 9.25
C ARG A 220 -14.61 -41.21 10.11
N ARG A 221 -15.20 -41.12 11.31
CA ARG A 221 -15.31 -42.28 12.18
C ARG A 221 -16.28 -43.29 11.58
N ALA A 222 -17.26 -42.79 10.82
CA ALA A 222 -18.22 -43.65 10.14
C ALA A 222 -17.53 -44.51 9.07
N ASN A 223 -16.42 -43.99 8.53
CA ASN A 223 -15.75 -44.62 7.40
C ASN A 223 -14.25 -44.73 7.69
N PRO A 224 -13.86 -45.43 8.80
CA PRO A 224 -12.54 -45.26 9.39
C PRO A 224 -11.39 -45.91 8.62
N GLU A 225 -11.71 -46.67 7.56
CA GLU A 225 -10.70 -47.37 6.81
C GLU A 225 -10.15 -46.47 5.71
N VAL A 226 -10.89 -45.39 5.39
CA VAL A 226 -10.40 -44.37 4.49
C VAL A 226 -9.29 -43.58 5.20
N LYS A 227 -8.09 -43.60 4.62
CA LYS A 227 -6.98 -42.82 5.12
C LYS A 227 -7.08 -41.39 4.62
N HIS A 228 -6.57 -40.46 5.43
CA HIS A 228 -6.58 -39.05 5.13
C HIS A 228 -5.21 -38.46 5.42
N ASN A 229 -4.81 -37.46 4.63
CA ASN A 229 -3.49 -36.87 4.74
C ASN A 229 -3.59 -35.46 5.31
N ASP A 230 -3.57 -35.39 6.66
CA ASP A 230 -3.75 -34.16 7.39
C ASP A 230 -3.49 -34.41 8.87
N CYS A 231 -3.38 -33.31 9.62
CA CYS A 231 -3.09 -33.37 11.05
C CYS A 231 -4.30 -33.91 11.80
N LEU A 232 -5.50 -33.60 11.29
CA LEU A 232 -6.73 -34.05 11.90
C LEU A 232 -6.72 -35.57 12.06
N GLN A 233 -6.25 -36.28 11.04
CA GLN A 233 -6.20 -37.72 11.07
C GLN A 233 -5.32 -38.17 12.24
N VAL A 234 -4.16 -37.52 12.38
CA VAL A 234 -3.23 -37.88 13.44
C VAL A 234 -3.90 -37.66 14.80
N PHE A 235 -4.68 -36.57 14.92
CA PHE A 235 -5.29 -36.22 16.19
C PHE A 235 -6.46 -37.16 16.50
N MET A 236 -7.04 -37.73 15.44
CA MET A 236 -8.15 -38.65 15.61
C MET A 236 -7.65 -40.03 16.04
N ASP A 237 -6.45 -40.41 15.57
CA ASP A 237 -5.86 -41.69 15.90
C ASP A 237 -5.11 -41.61 17.23
N ALA A 238 -4.89 -40.39 17.74
CA ALA A 238 -4.11 -40.21 18.95
C ALA A 238 -4.88 -40.79 20.14
N ARG A 239 -4.13 -41.39 21.07
CA ARG A 239 -4.71 -41.90 22.30
C ARG A 239 -3.81 -41.51 23.48
N TYR A 240 -4.42 -41.02 24.56
CA TYR A 240 -3.74 -40.85 25.84
C TYR A 240 -3.37 -42.22 26.39
N ARG A 241 -2.25 -42.29 27.12
CA ARG A 241 -1.77 -43.55 27.66
C ARG A 241 -2.54 -43.88 28.95
N GLY A 242 -2.64 -45.18 29.24
CA GLY A 242 -3.32 -45.66 30.43
C GLY A 242 -4.84 -45.65 30.27
N GLU A 243 -5.31 -45.45 29.03
CA GLU A 243 -6.70 -45.11 28.79
C GLU A 243 -7.13 -45.55 27.39
N GLU A 244 -8.36 -46.05 27.27
CA GLU A 244 -8.84 -46.37 25.89
C GLU A 244 -9.44 -45.08 25.38
N GLN A 245 -8.91 -43.93 25.81
CA GLN A 245 -9.59 -42.67 25.46
C GLN A 245 -9.01 -41.86 24.31
N ALA A 246 -9.76 -41.74 23.21
CA ALA A 246 -9.43 -40.77 22.17
C ALA A 246 -9.72 -39.36 22.66
N LEU A 247 -9.12 -38.38 21.99
CA LEU A 247 -9.49 -36.98 22.21
C LEU A 247 -10.94 -36.79 21.78
N ASN A 248 -11.69 -36.02 22.57
CA ASN A 248 -12.99 -35.55 22.18
C ASN A 248 -12.84 -34.44 21.15
N ASP A 249 -13.96 -33.92 20.66
CA ASP A 249 -13.97 -33.01 19.52
C ASP A 249 -13.45 -31.64 19.93
N GLU A 250 -13.62 -31.28 21.21
CA GLU A 250 -13.14 -30.01 21.74
C GLU A 250 -11.62 -29.99 21.64
N GLU A 251 -11.00 -31.04 22.19
CA GLU A 251 -9.55 -31.15 22.24
C GLU A 251 -8.98 -31.19 20.82
N ILE A 252 -9.57 -32.00 19.94
CA ILE A 252 -9.07 -32.12 18.58
C ILE A 252 -9.15 -30.78 17.88
N THR A 253 -10.29 -30.10 18.03
CA THR A 253 -10.47 -28.80 17.40
C THR A 253 -9.46 -27.81 17.96
N GLY A 254 -9.20 -27.91 19.27
CA GLY A 254 -8.33 -26.99 19.97
C GLY A 254 -6.88 -27.10 19.49
N LEU A 255 -6.44 -28.35 19.25
CA LEU A 255 -5.09 -28.57 18.75
C LEU A 255 -4.93 -27.94 17.37
N MET A 256 -6.00 -27.91 16.59
CA MET A 256 -5.91 -27.40 15.24
C MET A 256 -6.01 -25.88 15.20
N ILE A 257 -6.80 -25.30 16.09
CA ILE A 257 -6.80 -23.86 16.29
C ILE A 257 -5.40 -23.41 16.68
N ALA A 258 -4.80 -24.12 17.64
CA ALA A 258 -3.44 -23.80 18.08
C ALA A 258 -2.50 -23.71 16.87
N LEU A 259 -2.53 -24.72 16.00
CA LEU A 259 -1.57 -24.81 14.90
C LEU A 259 -1.91 -23.79 13.80
N LEU A 260 -3.19 -23.47 13.65
CA LEU A 260 -3.59 -22.44 12.70
C LEU A 260 -3.10 -21.09 13.19
N PHE A 261 -3.26 -20.86 14.50
CA PHE A 261 -2.82 -19.65 15.17
C PHE A 261 -1.31 -19.48 15.00
N ALA A 262 -0.56 -20.58 15.17
CA ALA A 262 0.89 -20.54 15.02
C ALA A 262 1.27 -19.98 13.66
N GLY A 263 0.72 -20.58 12.60
CA GLY A 263 1.07 -20.20 11.25
C GLY A 263 0.78 -18.74 10.96
N GLN A 264 -0.37 -18.24 11.46
CA GLN A 264 -0.77 -16.87 11.16
C GLN A 264 0.08 -15.89 11.95
N HIS A 265 0.59 -16.29 13.13
CA HIS A 265 1.29 -15.37 14.01
C HIS A 265 2.79 -15.39 13.75
N THR A 266 3.31 -16.43 13.09
CA THR A 266 4.76 -16.52 12.92
C THR A 266 5.12 -16.63 11.45
N SER A 267 4.70 -17.72 10.81
CA SER A 267 5.14 -18.05 9.47
C SER A 267 4.79 -16.92 8.51
N SER A 268 3.55 -16.39 8.62
CA SER A 268 3.09 -15.39 7.67
C SER A 268 3.91 -14.10 7.79
N VAL A 269 4.40 -13.76 8.99
CA VAL A 269 5.15 -12.52 9.14
C VAL A 269 6.60 -12.73 8.68
N THR A 270 7.23 -13.82 9.11
CA THR A 270 8.59 -14.10 8.69
C THR A 270 8.63 -14.33 7.17
N GLY A 271 7.55 -14.88 6.62
CA GLY A 271 7.43 -15.06 5.19
C GLY A 271 7.43 -13.73 4.44
N SER A 272 6.74 -12.73 5.02
CA SER A 272 6.66 -11.40 4.46
C SER A 272 8.03 -10.70 4.54
N TRP A 273 8.61 -10.65 5.73
CA TRP A 273 9.92 -10.04 5.93
C TRP A 273 10.94 -10.65 4.96
N THR A 274 10.88 -11.97 4.75
CA THR A 274 11.89 -12.64 3.95
C THR A 274 12.04 -11.92 2.61
N GLY A 275 10.90 -11.54 2.01
CA GLY A 275 10.87 -10.91 0.70
C GLY A 275 11.16 -9.41 0.76
N LEU A 276 10.53 -8.73 1.74
CA LEU A 276 10.75 -7.31 1.95
C LEU A 276 12.26 -7.03 2.04
N LEU A 277 12.97 -7.88 2.80
CA LEU A 277 14.40 -7.68 3.05
C LEU A 277 15.21 -8.02 1.81
N LEU A 278 14.89 -9.13 1.14
CA LEU A 278 15.73 -9.62 0.06
C LEU A 278 15.65 -8.68 -1.14
N PHE A 279 14.48 -8.04 -1.34
CA PHE A 279 14.22 -7.29 -2.55
C PHE A 279 14.31 -5.79 -2.29
N GLU A 280 14.92 -5.42 -1.16
CA GLU A 280 15.44 -4.08 -0.97
C GLU A 280 16.70 -3.93 -1.82
N ALA A 281 16.93 -2.71 -2.34
CA ALA A 281 17.79 -2.51 -3.48
C ALA A 281 19.20 -3.00 -3.18
N ASN A 282 19.73 -2.60 -2.02
CA ASN A 282 21.08 -2.99 -1.60
C ASN A 282 21.17 -4.50 -1.42
N ASN A 283 20.29 -5.04 -0.56
CA ASN A 283 20.30 -6.44 -0.20
C ASN A 283 20.12 -7.28 -1.47
N LYS A 284 19.19 -6.84 -2.33
CA LYS A 284 18.89 -7.51 -3.58
C LYS A 284 20.17 -7.66 -4.41
N LYS A 285 20.91 -6.55 -4.51
CA LYS A 285 22.14 -6.51 -5.29
C LYS A 285 23.09 -7.59 -4.79
N LYS A 286 23.29 -7.64 -3.46
CA LYS A 286 24.34 -8.46 -2.87
C LYS A 286 23.99 -9.94 -2.94
N PHE A 287 22.71 -10.28 -2.74
CA PHE A 287 22.36 -11.60 -2.21
C PHE A 287 21.47 -12.38 -3.18
N LEU A 288 20.69 -11.66 -4.00
CA LEU A 288 19.72 -12.31 -4.88
C LEU A 288 20.43 -13.13 -5.97
N PRO A 289 21.59 -12.68 -6.49
CA PRO A 289 22.33 -13.49 -7.47
C PRO A 289 22.58 -14.91 -6.99
N GLY A 290 23.17 -15.05 -5.79
CA GLY A 290 23.47 -16.36 -5.22
C GLY A 290 22.22 -17.23 -5.08
N VAL A 291 21.09 -16.59 -4.80
CA VAL A 291 19.83 -17.28 -4.60
C VAL A 291 19.31 -17.79 -5.94
N LEU A 292 19.30 -16.92 -6.96
CA LEU A 292 18.78 -17.26 -8.28
C LEU A 292 19.65 -18.34 -8.92
N GLU A 293 20.97 -18.25 -8.71
CA GLU A 293 21.90 -19.24 -9.18
C GLU A 293 21.56 -20.60 -8.58
N GLU A 294 21.30 -20.60 -7.26
CA GLU A 294 21.02 -21.82 -6.52
C GLU A 294 19.74 -22.47 -7.02
N GLN A 295 18.71 -21.68 -7.31
CA GLN A 295 17.45 -22.22 -7.87
C GLN A 295 17.73 -22.96 -9.19
N GLU A 296 18.56 -22.38 -10.05
CA GLU A 296 18.86 -22.97 -11.37
C GLU A 296 19.63 -24.29 -11.18
N GLU A 297 20.58 -24.31 -10.25
CA GLU A 297 21.34 -25.56 -9.96
C GLU A 297 20.39 -26.64 -9.46
N ILE A 298 19.38 -26.26 -8.69
CA ILE A 298 18.40 -27.24 -8.14
C ILE A 298 17.59 -27.77 -9.33
N ARG A 299 17.13 -26.87 -10.20
CA ARG A 299 16.29 -27.28 -11.36
C ARG A 299 17.06 -28.27 -12.24
N LYS A 300 18.38 -28.08 -12.38
CA LYS A 300 19.17 -28.96 -13.26
C LYS A 300 19.28 -30.36 -12.65
N GLU A 301 19.36 -30.47 -11.34
CA GLU A 301 19.57 -31.75 -10.67
C GLU A 301 18.24 -32.47 -10.47
N PHE A 302 17.13 -31.71 -10.44
CA PHE A 302 15.88 -32.22 -9.91
C PHE A 302 14.74 -32.02 -10.91
N GLY A 303 14.81 -30.94 -11.70
CA GLY A 303 13.74 -30.58 -12.61
C GLY A 303 12.89 -29.43 -12.07
N ASP A 304 11.78 -29.14 -12.76
CA ASP A 304 10.95 -27.99 -12.46
C ASP A 304 10.09 -28.27 -11.22
N GLU A 305 10.00 -29.55 -10.85
CA GLU A 305 9.11 -30.00 -9.80
C GLU A 305 9.72 -29.70 -8.43
N LEU A 306 8.90 -29.10 -7.55
CA LEU A 306 9.35 -28.74 -6.22
C LEU A 306 9.06 -29.88 -5.26
N THR A 307 10.12 -30.46 -4.68
CA THR A 307 9.97 -31.58 -3.78
C THR A 307 10.69 -31.29 -2.47
N MET A 308 10.34 -32.08 -1.46
CA MET A 308 11.01 -32.03 -0.17
C MET A 308 12.52 -31.96 -0.37
N GLU A 309 13.05 -32.82 -1.24
CA GLU A 309 14.49 -33.02 -1.36
C GLU A 309 15.12 -31.79 -2.01
N ALA A 310 14.38 -31.19 -2.94
CA ALA A 310 14.83 -29.99 -3.63
C ALA A 310 14.83 -28.80 -2.68
N LEU A 311 13.74 -28.64 -1.91
CA LEU A 311 13.63 -27.54 -0.96
C LEU A 311 14.71 -27.66 0.10
N ASN A 312 15.03 -28.90 0.48
CA ASN A 312 16.02 -29.15 1.53
C ASN A 312 17.44 -28.77 1.07
N LYS A 313 17.60 -28.45 -0.21
CA LYS A 313 18.91 -28.18 -0.76
C LYS A 313 19.14 -26.67 -0.91
N MET A 314 18.05 -25.90 -0.79
CA MET A 314 18.10 -24.46 -1.04
C MET A 314 18.68 -23.75 0.18
N ASP A 315 20.00 -23.86 0.36
CA ASP A 315 20.67 -23.39 1.56
C ASP A 315 20.65 -21.86 1.63
N LYS A 316 20.91 -21.21 0.48
CA LYS A 316 21.02 -19.76 0.45
C LYS A 316 19.66 -19.12 0.71
N LEU A 317 18.61 -19.75 0.19
CA LEU A 317 17.26 -19.27 0.44
C LEU A 317 16.92 -19.48 1.92
N HIS A 318 17.32 -20.64 2.45
CA HIS A 318 17.14 -20.98 3.86
C HIS A 318 17.71 -19.86 4.73
N ARG A 319 18.91 -19.40 4.36
CA ARG A 319 19.63 -18.44 5.18
C ARG A 319 18.98 -17.07 5.06
N CYS A 320 18.32 -16.80 3.93
CA CYS A 320 17.57 -15.57 3.75
C CYS A 320 16.36 -15.51 4.70
N VAL A 321 15.68 -16.65 4.84
CA VAL A 321 14.57 -16.79 5.76
C VAL A 321 15.07 -16.63 7.20
N LYS A 322 16.22 -17.27 7.48
CA LYS A 322 16.75 -17.27 8.83
C LYS A 322 17.20 -15.87 9.23
N GLU A 323 17.69 -15.09 8.27
CA GLU A 323 18.20 -13.77 8.57
C GLU A 323 17.03 -12.79 8.74
N ALA A 324 15.94 -13.00 8.01
CA ALA A 324 14.73 -12.23 8.26
C ALA A 324 14.21 -12.53 9.66
N LEU A 325 14.35 -13.79 10.07
CA LEU A 325 13.88 -14.22 11.38
C LEU A 325 14.78 -13.63 12.47
N ARG A 326 16.09 -13.59 12.20
CA ARG A 326 17.03 -13.01 13.15
C ARG A 326 16.67 -11.56 13.44
N MET A 327 16.28 -10.83 12.39
CA MET A 327 16.20 -9.38 12.48
C MET A 327 14.83 -8.92 12.96
N TYR A 328 13.76 -9.62 12.56
CA TYR A 328 12.41 -9.23 12.95
C TYR A 328 11.64 -10.46 13.43
N PRO A 329 12.05 -11.05 14.57
CA PRO A 329 11.40 -12.25 15.09
C PRO A 329 9.95 -11.96 15.43
N PRO A 330 8.99 -12.83 15.08
CA PRO A 330 7.56 -12.52 15.24
C PRO A 330 7.05 -12.56 16.67
N LEU A 331 7.69 -13.38 17.52
CA LEU A 331 7.34 -13.42 18.93
C LEU A 331 8.26 -12.48 19.68
N LEU A 332 7.67 -11.45 20.31
CA LEU A 332 8.42 -10.45 21.04
C LEU A 332 9.16 -11.09 22.21
N PHE A 333 8.43 -11.90 22.97
CA PHE A 333 8.96 -12.54 24.16
C PHE A 333 8.54 -14.01 24.17
N VAL A 334 9.38 -14.83 24.82
CA VAL A 334 8.94 -16.07 25.42
C VAL A 334 9.15 -15.96 26.93
N MET A 335 8.34 -16.67 27.72
CA MET A 335 8.20 -16.36 29.12
C MET A 335 8.06 -17.66 29.92
N ARG A 336 8.51 -17.63 31.18
CA ARG A 336 8.27 -18.69 32.14
C ARG A 336 8.04 -18.07 33.52
N LYS A 337 7.20 -18.72 34.32
CA LYS A 337 7.17 -18.51 35.76
C LYS A 337 8.26 -19.34 36.42
N VAL A 338 9.10 -18.70 37.26
CA VAL A 338 10.17 -19.39 37.96
C VAL A 338 9.58 -20.20 39.12
N ILE A 339 9.94 -21.47 39.19
CA ILE A 339 9.49 -22.34 40.27
C ILE A 339 10.65 -22.61 41.22
N LYS A 340 11.82 -23.00 40.67
CA LYS A 340 13.02 -23.16 41.46
C LYS A 340 13.97 -21.99 41.23
N PRO A 341 14.32 -21.24 42.30
CA PRO A 341 15.17 -20.06 42.15
C PRO A 341 16.51 -20.42 41.53
N PHE A 342 17.17 -19.41 40.97
CA PHE A 342 18.50 -19.59 40.41
C PHE A 342 19.23 -18.26 40.50
N SER A 343 20.54 -18.33 40.30
CA SER A 343 21.36 -17.13 40.20
C SER A 343 22.06 -17.14 38.85
N TYR A 344 22.21 -15.95 38.27
CA TYR A 344 23.04 -15.78 37.10
C TYR A 344 23.99 -14.61 37.36
N LYS A 345 25.29 -14.85 37.19
CA LYS A 345 26.30 -14.06 37.87
C LYS A 345 26.03 -14.12 39.38
N ASP A 346 25.87 -12.95 40.00
CA ASP A 346 25.48 -12.86 41.41
C ASP A 346 24.12 -12.18 41.49
N TYR A 347 23.30 -12.40 40.46
CA TYR A 347 21.95 -11.84 40.39
C TYR A 347 20.96 -12.95 40.66
N TYR A 348 20.17 -12.77 41.73
CA TYR A 348 19.30 -13.81 42.24
C TYR A 348 17.91 -13.63 41.64
N VAL A 349 17.34 -14.74 41.15
CA VAL A 349 15.99 -14.71 40.60
C VAL A 349 15.12 -15.62 41.44
N PRO A 350 14.23 -15.04 42.29
CA PRO A 350 13.42 -15.82 43.22
C PRO A 350 12.25 -16.54 42.55
N GLU A 351 11.74 -17.54 43.27
CA GLU A 351 10.48 -18.19 42.93
C GLU A 351 9.39 -17.13 42.79
N GLY A 352 8.55 -17.31 41.76
CA GLY A 352 7.42 -16.42 41.54
C GLY A 352 7.73 -15.32 40.52
N ASP A 353 9.01 -15.14 40.19
CA ASP A 353 9.39 -14.21 39.13
C ASP A 353 8.87 -14.74 37.80
N THR A 354 8.57 -13.83 36.87
CA THR A 354 8.40 -14.21 35.48
C THR A 354 9.66 -13.82 34.70
N VAL A 355 10.33 -14.81 34.13
CA VAL A 355 11.50 -14.56 33.30
C VAL A 355 11.07 -14.45 31.83
N PHE A 356 11.75 -13.53 31.11
CA PHE A 356 11.49 -13.23 29.72
C PHE A 356 12.78 -13.35 28.92
N VAL A 357 12.70 -13.92 27.72
CA VAL A 357 13.69 -13.66 26.70
C VAL A 357 13.00 -12.95 25.53
N SER A 358 13.65 -11.90 25.03
CA SER A 358 13.25 -11.25 23.80
C SER A 358 14.18 -11.68 22.68
N PRO A 359 13.72 -12.53 21.74
CA PRO A 359 14.56 -12.90 20.61
C PRO A 359 15.06 -11.71 19.81
N ALA A 360 14.23 -10.65 19.71
CA ALA A 360 14.61 -9.45 19.00
C ALA A 360 15.86 -8.83 19.64
N LEU A 361 15.78 -8.56 20.95
CA LEU A 361 16.88 -7.94 21.68
C LEU A 361 18.12 -8.83 21.61
N SER A 362 17.95 -10.12 21.96
CA SER A 362 19.09 -11.01 22.13
C SER A 362 19.87 -11.14 20.82
N MET A 363 19.20 -10.95 19.68
CA MET A 363 19.81 -11.26 18.40
C MET A 363 20.22 -9.96 17.69
N ARG A 364 20.19 -8.84 18.44
CA ARG A 364 20.80 -7.61 17.99
C ARG A 364 22.06 -7.28 18.81
N VAL A 365 22.47 -8.19 19.70
CA VAL A 365 23.68 -8.01 20.48
C VAL A 365 24.91 -8.17 19.58
N GLU A 366 25.79 -7.14 19.57
CA GLU A 366 26.89 -7.06 18.62
C GLU A 366 27.91 -8.16 18.90
N GLU A 367 28.19 -8.43 20.19
CA GLU A 367 29.21 -9.40 20.57
C GLU A 367 28.87 -10.77 19.97
N VAL A 368 27.58 -11.04 19.75
CA VAL A 368 27.13 -12.32 19.24
C VAL A 368 27.06 -12.26 17.72
N PHE A 369 26.47 -11.17 17.20
CA PHE A 369 26.25 -11.04 15.78
C PHE A 369 26.92 -9.77 15.27
N PRO A 370 28.17 -9.87 14.74
CA PRO A 370 28.81 -8.75 14.07
C PRO A 370 27.88 -8.09 13.05
N ASN A 371 27.85 -6.76 13.05
CA ASN A 371 26.94 -5.98 12.22
C ASN A 371 25.51 -6.45 12.47
N ALA A 372 25.14 -6.53 13.75
CA ALA A 372 23.87 -7.08 14.19
C ALA A 372 22.71 -6.45 13.44
N ASP A 373 22.87 -5.19 13.03
CA ASP A 373 21.76 -4.41 12.51
C ASP A 373 21.83 -4.38 10.98
N GLN A 374 22.73 -5.19 10.41
CA GLN A 374 22.86 -5.35 8.97
C GLN A 374 22.25 -6.68 8.49
N TYR A 375 21.60 -6.64 7.33
CA TYR A 375 21.12 -7.83 6.65
C TYR A 375 22.28 -8.58 6.00
N ASN A 376 22.62 -9.75 6.54
CA ASN A 376 23.67 -10.56 5.95
C ASN A 376 23.34 -12.05 6.12
N PRO A 377 22.55 -12.64 5.20
CA PRO A 377 22.22 -14.05 5.24
C PRO A 377 23.42 -14.97 5.44
N GLU A 378 24.56 -14.61 4.83
CA GLU A 378 25.66 -15.55 4.70
C GLU A 378 26.49 -15.56 5.99
N ARG A 379 26.06 -14.77 6.99
CA ARG A 379 26.61 -14.87 8.33
C ARG A 379 26.42 -16.28 8.87
N PHE A 380 25.43 -17.01 8.36
CA PHE A 380 25.01 -18.26 8.97
C PHE A 380 25.87 -19.42 8.49
N VAL A 381 26.68 -19.20 7.44
CA VAL A 381 27.68 -20.18 7.06
C VAL A 381 28.60 -20.43 8.26
N GLU A 382 29.08 -19.34 8.88
CA GLU A 382 29.99 -19.45 10.00
C GLU A 382 29.20 -19.60 11.30
N GLU A 383 28.12 -18.84 11.46
CA GLU A 383 27.38 -18.82 12.72
C GLU A 383 26.86 -20.22 13.03
N ASP A 384 26.51 -20.98 12.00
CA ASP A 384 25.88 -22.28 12.18
C ASP A 384 26.90 -23.27 12.74
N LYS A 385 28.18 -22.91 12.73
CA LYS A 385 29.24 -23.82 13.12
C LYS A 385 29.66 -23.55 14.57
N GLN A 386 29.10 -22.49 15.16
CA GLN A 386 29.40 -22.11 16.53
C GLN A 386 28.93 -23.18 17.51
N ALA A 387 29.71 -23.42 18.56
CA ALA A 387 29.42 -24.49 19.51
C ALA A 387 28.53 -23.96 20.64
N GLN A 388 28.65 -22.66 20.95
CA GLN A 388 27.94 -22.07 22.05
C GLN A 388 26.43 -22.05 21.77
N LYS A 389 25.66 -22.54 22.74
CA LYS A 389 24.22 -22.70 22.60
C LYS A 389 23.53 -21.36 22.84
N TYR A 390 22.33 -21.22 22.23
CA TYR A 390 21.38 -20.19 22.57
C TYR A 390 21.84 -18.83 22.05
N ARG A 391 22.54 -18.83 20.91
CA ARG A 391 22.91 -17.61 20.23
C ARG A 391 21.77 -17.15 19.33
N PHE A 392 21.31 -18.06 18.46
CA PHE A 392 20.11 -17.86 17.66
C PHE A 392 18.94 -18.48 18.41
N VAL A 393 17.87 -17.71 18.63
CA VAL A 393 16.74 -18.17 19.44
C VAL A 393 15.43 -17.73 18.80
N GLY A 394 15.40 -17.62 17.46
CA GLY A 394 14.18 -17.30 16.75
C GLY A 394 13.11 -18.38 16.89
N PHE A 395 13.55 -19.64 17.00
CA PHE A 395 12.65 -20.75 17.22
C PHE A 395 12.73 -21.27 18.64
N GLY A 396 13.16 -20.40 19.57
CA GLY A 396 13.36 -20.84 20.94
C GLY A 396 14.48 -21.90 20.97
N ALA A 397 14.47 -22.72 22.03
CA ALA A 397 15.44 -23.78 22.19
C ALA A 397 15.05 -24.64 23.39
N GLY A 398 15.77 -25.77 23.53
CA GLY A 398 15.56 -26.67 24.65
C GLY A 398 14.22 -27.38 24.57
N ARG A 399 13.69 -27.74 25.74
CA ARG A 399 12.56 -28.65 25.87
C ARG A 399 11.37 -28.15 25.04
N HIS A 400 11.15 -26.83 24.98
CA HIS A 400 9.94 -26.30 24.37
C HIS A 400 10.27 -25.48 23.12
N GLY A 401 11.35 -25.86 22.44
CA GLY A 401 11.64 -25.24 21.15
C GLY A 401 10.54 -25.53 20.12
N CYS A 402 10.52 -24.77 19.03
CA CYS A 402 9.44 -24.87 18.00
C CYS A 402 9.40 -26.26 17.34
N MET A 403 8.24 -26.88 17.46
CA MET A 403 8.00 -28.18 16.79
C MET A 403 7.62 -27.92 15.33
N GLY A 404 7.39 -26.66 14.96
CA GLY A 404 6.93 -26.31 13.60
C GLY A 404 8.02 -25.71 12.75
N GLU A 405 9.26 -25.78 13.23
CA GLU A 405 10.36 -25.14 12.52
C GLU A 405 10.44 -25.63 11.08
N ASN A 406 10.49 -26.94 10.89
CA ASN A 406 10.74 -27.51 9.56
C ASN A 406 9.56 -27.23 8.63
N PHE A 407 8.34 -27.30 9.17
CA PHE A 407 7.16 -26.93 8.40
C PHE A 407 7.25 -25.49 7.93
N ALA A 408 7.69 -24.60 8.82
CA ALA A 408 7.75 -23.17 8.51
C ALA A 408 8.73 -22.94 7.37
N TYR A 409 9.92 -23.55 7.45
CA TYR A 409 10.92 -23.38 6.41
C TYR A 409 10.39 -23.91 5.08
N LEU A 410 9.71 -25.06 5.08
CA LEU A 410 9.22 -25.63 3.83
C LEU A 410 8.16 -24.71 3.23
N GLN A 411 7.24 -24.24 4.08
CA GLN A 411 6.17 -23.36 3.64
C GLN A 411 6.75 -22.06 3.05
N ILE A 412 7.81 -21.52 3.67
CA ILE A 412 8.25 -20.19 3.29
C ILE A 412 9.19 -20.29 2.10
N LYS A 413 10.01 -21.34 2.05
CA LYS A 413 10.87 -21.58 0.92
C LYS A 413 10.04 -21.95 -0.32
N THR A 414 8.92 -22.65 -0.11
CA THR A 414 8.04 -22.97 -1.23
C THR A 414 7.56 -21.67 -1.87
N ILE A 415 7.03 -20.78 -1.03
CA ILE A 415 6.48 -19.52 -1.48
C ILE A 415 7.50 -18.77 -2.32
N TRP A 416 8.74 -18.67 -1.83
CA TRP A 416 9.71 -17.81 -2.48
C TRP A 416 10.37 -18.53 -3.66
N SER A 417 10.39 -19.86 -3.65
CA SER A 417 10.85 -20.61 -4.80
C SER A 417 9.91 -20.36 -5.99
N VAL A 418 8.60 -20.49 -5.74
CA VAL A 418 7.60 -20.24 -6.75
C VAL A 418 7.70 -18.80 -7.25
N LEU A 419 7.86 -17.85 -6.31
CA LEU A 419 7.86 -16.44 -6.68
C LEU A 419 9.11 -16.10 -7.48
N LEU A 420 10.27 -16.63 -7.06
CA LEU A 420 11.54 -16.32 -7.69
C LEU A 420 11.55 -16.83 -9.12
N ARG A 421 10.88 -17.97 -9.34
CA ARG A 421 10.98 -18.70 -10.60
C ARG A 421 10.04 -18.08 -11.63
N ASN A 422 9.08 -17.25 -11.20
CA ASN A 422 7.97 -16.86 -12.05
C ASN A 422 7.86 -15.34 -12.17
N PHE A 423 8.65 -14.59 -11.37
CA PHE A 423 8.50 -13.14 -11.32
C PHE A 423 9.86 -12.48 -11.10
N ASP A 424 9.96 -11.23 -11.58
CA ASP A 424 10.96 -10.28 -11.09
C ASP A 424 10.27 -9.33 -10.11
N ILE A 425 10.93 -9.06 -8.99
CA ILE A 425 10.28 -8.43 -7.85
C ILE A 425 11.15 -7.27 -7.37
N GLU A 426 10.50 -6.19 -6.92
CA GLU A 426 11.18 -5.02 -6.38
C GLU A 426 10.42 -4.51 -5.17
N LEU A 427 11.15 -4.01 -4.16
CA LEU A 427 10.54 -3.33 -3.03
C LEU A 427 10.06 -1.96 -3.47
N VAL A 428 8.83 -1.63 -3.09
CA VAL A 428 8.27 -0.30 -3.27
C VAL A 428 8.55 0.53 -2.02
N GLY A 429 9.45 1.52 -2.16
CA GLY A 429 9.63 2.53 -1.14
C GLY A 429 10.63 2.09 -0.07
N GLU A 430 10.43 2.58 1.15
CA GLU A 430 11.26 2.22 2.28
C GLU A 430 10.93 0.81 2.74
N LEU A 431 11.93 0.13 3.33
CA LEU A 431 11.68 -1.06 4.12
C LEU A 431 10.73 -0.71 5.27
N PRO A 432 9.61 -1.45 5.44
CA PRO A 432 8.67 -1.14 6.52
C PRO A 432 9.34 -1.25 7.89
N LYS A 433 8.75 -0.57 8.87
CA LYS A 433 9.17 -0.69 10.25
C LYS A 433 8.29 -1.73 10.94
N PRO A 434 8.78 -2.39 12.01
CA PRO A 434 7.95 -3.27 12.83
C PRO A 434 6.72 -2.55 13.36
N ASP A 435 5.57 -3.20 13.29
CA ASP A 435 4.32 -2.67 13.82
C ASP A 435 3.88 -3.54 14.99
N TYR A 436 3.72 -2.91 16.16
CA TYR A 436 3.62 -3.63 17.43
C TYR A 436 2.18 -3.64 17.95
N THR A 437 1.21 -3.42 17.05
CA THR A 437 -0.18 -3.23 17.52
C THR A 437 -0.86 -4.58 17.74
N ALA A 438 -0.75 -5.49 16.79
CA ALA A 438 -1.32 -6.80 17.09
C ALA A 438 -0.50 -7.42 18.22
N MET A 439 -0.86 -8.64 18.62
CA MET A 439 0.00 -9.40 19.53
C MET A 439 1.15 -10.03 18.76
N VAL A 440 1.39 -9.50 17.55
CA VAL A 440 2.42 -10.02 16.66
C VAL A 440 3.18 -8.84 16.06
N VAL A 441 4.51 -9.02 15.96
CA VAL A 441 5.40 -8.07 15.32
C VAL A 441 5.52 -8.43 13.84
N GLY A 442 4.73 -7.75 13.01
CA GLY A 442 4.87 -7.86 11.57
C GLY A 442 5.34 -6.56 10.94
N PRO A 443 5.68 -6.55 9.63
CA PRO A 443 5.96 -5.32 8.91
C PRO A 443 4.73 -4.43 8.78
N ALA A 444 4.91 -3.13 8.98
CA ALA A 444 3.82 -2.17 8.99
C ALA A 444 3.27 -1.99 7.58
N HIS A 445 1.94 -1.97 7.46
CA HIS A 445 1.27 -1.72 6.20
C HIS A 445 1.50 -0.26 5.77
N PRO A 446 1.64 0.01 4.46
CA PRO A 446 1.59 -1.02 3.42
C PRO A 446 2.95 -1.69 3.20
N CYS A 447 2.91 -2.99 2.87
CA CYS A 447 4.11 -3.75 2.56
C CYS A 447 4.12 -4.12 1.09
N LEU A 448 4.59 -3.19 0.24
CA LEU A 448 4.30 -3.27 -1.18
C LEU A 448 5.49 -3.87 -1.92
N LEU A 449 5.22 -4.86 -2.76
CA LEU A 449 6.17 -5.33 -3.75
C LEU A 449 5.59 -5.14 -5.16
N ARG A 450 6.46 -4.80 -6.10
CA ARG A 450 6.13 -4.75 -7.52
C ARG A 450 6.61 -6.05 -8.17
N TYR A 451 5.79 -6.62 -9.05
CA TYR A 451 6.16 -7.85 -9.73
C TYR A 451 5.98 -7.70 -11.25
N THR A 452 6.83 -8.41 -12.00
CA THR A 452 6.62 -8.64 -13.42
C THR A 452 6.95 -10.10 -13.73
N ARG A 453 6.05 -10.75 -14.49
CA ARG A 453 6.24 -12.14 -14.85
C ARG A 453 7.45 -12.30 -15.77
N LYS A 454 8.16 -13.42 -15.61
CA LYS A 454 9.22 -13.82 -16.53
C LYS A 454 8.61 -14.61 -17.70
N LYS B 42 9.52 -22.26 -47.31
CA LYS B 42 10.23 -21.17 -46.60
C LYS B 42 11.31 -20.57 -47.49
N TYR B 43 10.94 -19.98 -48.64
CA TYR B 43 11.95 -19.30 -49.43
C TYR B 43 11.42 -17.97 -49.99
N GLY B 44 10.46 -17.37 -49.28
CA GLY B 44 10.15 -15.96 -49.43
C GLY B 44 11.31 -15.09 -48.95
N ASP B 45 11.68 -14.11 -49.77
CA ASP B 45 12.89 -13.34 -49.57
C ASP B 45 12.60 -11.86 -49.79
N ILE B 46 11.33 -11.51 -50.03
CA ILE B 46 10.88 -10.14 -50.07
C ILE B 46 9.39 -10.10 -49.75
N PHE B 47 8.98 -9.14 -48.91
CA PHE B 47 7.57 -8.98 -48.57
C PHE B 47 7.32 -7.59 -48.02
N THR B 48 6.04 -7.22 -47.97
CA THR B 48 5.61 -5.89 -47.59
C THR B 48 4.52 -5.98 -46.54
N MET B 49 4.68 -5.18 -45.47
CA MET B 49 3.59 -4.82 -44.58
C MET B 49 3.16 -3.40 -44.89
N LYS B 50 1.88 -3.10 -44.63
CA LYS B 50 1.45 -1.74 -44.43
C LYS B 50 1.16 -1.57 -42.93
N VAL B 51 1.94 -0.69 -42.29
CA VAL B 51 1.77 -0.38 -40.88
C VAL B 51 1.87 1.13 -40.71
N PHE B 52 0.96 1.70 -39.91
CA PHE B 52 0.96 3.12 -39.62
C PHE B 52 1.02 3.91 -40.92
N GLY B 53 0.27 3.43 -41.93
CA GLY B 53 0.13 4.14 -43.18
C GLY B 53 1.39 4.06 -44.04
N GLN B 54 2.33 3.18 -43.68
CA GLN B 54 3.60 3.11 -44.38
C GLN B 54 3.78 1.73 -44.99
N ARG B 55 4.39 1.68 -46.19
CA ARG B 55 4.78 0.41 -46.78
C ARG B 55 6.20 0.04 -46.32
N LEU B 56 6.30 -1.04 -45.54
CA LEU B 56 7.58 -1.58 -45.11
C LEU B 56 7.91 -2.80 -45.97
N THR B 57 9.07 -2.77 -46.63
CA THR B 57 9.50 -3.86 -47.50
C THR B 57 10.75 -4.51 -46.93
N PHE B 58 10.68 -5.81 -46.67
CA PHE B 58 11.76 -6.55 -46.06
C PHE B 58 12.50 -7.37 -47.12
N LEU B 59 13.84 -7.37 -47.00
CA LEU B 59 14.72 -8.05 -47.93
C LEU B 59 15.54 -9.06 -47.15
N VAL B 60 15.45 -10.34 -47.53
CA VAL B 60 16.07 -11.40 -46.75
C VAL B 60 16.98 -12.22 -47.67
N GLY B 61 18.23 -12.37 -47.25
CA GLY B 61 19.19 -13.20 -47.98
C GLY B 61 19.95 -12.41 -49.04
N PRO B 62 21.05 -13.01 -49.56
CA PRO B 62 22.05 -12.27 -50.34
C PRO B 62 21.58 -11.65 -51.65
N ASP B 63 20.63 -12.30 -52.34
CA ASP B 63 20.13 -11.76 -53.59
C ASP B 63 19.27 -10.54 -53.29
N ALA B 64 18.40 -10.66 -52.28
CA ALA B 64 17.48 -9.59 -51.92
C ALA B 64 18.26 -8.42 -51.31
N HIS B 65 19.38 -8.71 -50.64
CA HIS B 65 20.23 -7.68 -50.06
C HIS B 65 20.77 -6.72 -51.12
N VAL B 66 20.92 -7.20 -52.36
CA VAL B 66 21.72 -6.47 -53.35
C VAL B 66 21.19 -5.04 -53.52
N PRO B 67 19.89 -4.83 -53.82
CA PRO B 67 19.37 -3.46 -53.96
C PRO B 67 19.50 -2.59 -52.72
N PHE B 68 19.63 -3.21 -51.53
CA PHE B 68 19.76 -2.45 -50.29
C PHE B 68 21.17 -1.91 -50.16
N PHE B 69 22.19 -2.79 -50.27
CA PHE B 69 23.54 -2.46 -49.88
C PHE B 69 24.35 -1.89 -51.04
N SER B 70 23.96 -2.22 -52.27
CA SER B 70 24.79 -1.95 -53.43
C SER B 70 24.59 -0.52 -53.93
N GLN B 71 23.47 0.10 -53.55
CA GLN B 71 23.14 1.43 -54.06
C GLN B 71 23.66 2.50 -53.11
N GLY B 72 23.35 3.77 -53.43
CA GLY B 72 23.94 4.92 -52.76
C GLY B 72 22.87 5.93 -52.35
N ASP B 73 23.31 7.15 -52.02
CA ASP B 73 22.49 8.07 -51.26
C ASP B 73 21.44 8.71 -52.17
N ALA B 74 21.65 8.65 -53.48
CA ALA B 74 20.70 9.20 -54.44
C ALA B 74 19.50 8.26 -54.60
N GLU B 75 19.72 6.97 -54.34
CA GLU B 75 18.71 5.94 -54.53
C GLU B 75 18.02 5.60 -53.21
N LEU B 76 18.78 5.69 -52.10
CA LEU B 76 18.30 5.29 -50.78
C LEU B 76 18.71 6.34 -49.76
N SER B 77 17.83 6.67 -48.82
CA SER B 77 18.05 7.73 -47.86
C SER B 77 17.95 7.20 -46.43
N GLN B 78 18.85 7.67 -45.54
CA GLN B 78 18.85 7.25 -44.14
C GLN B 78 18.06 8.22 -43.26
N ASP B 79 17.65 9.36 -43.80
CA ASP B 79 17.23 10.50 -43.00
C ASP B 79 16.01 10.14 -42.15
N GLU B 80 14.97 9.64 -42.81
CA GLU B 80 13.65 9.52 -42.20
C GLU B 80 13.64 8.35 -41.22
N PRO B 81 14.12 7.15 -41.60
CA PRO B 81 14.11 6.03 -40.67
C PRO B 81 14.91 6.29 -39.39
N TYR B 82 15.97 7.10 -39.48
CA TYR B 82 16.90 7.28 -38.36
C TYR B 82 16.71 8.64 -37.69
N GLN B 83 15.54 9.27 -37.91
CA GLN B 83 15.15 10.50 -37.23
C GLN B 83 15.35 10.40 -35.72
N PHE B 84 15.04 9.22 -35.17
CA PHE B 84 15.01 9.04 -33.73
C PHE B 84 16.32 9.51 -33.09
N SER B 85 17.41 9.47 -33.87
CA SER B 85 18.74 9.63 -33.33
C SER B 85 19.08 11.12 -33.20
N VAL B 86 18.34 11.97 -33.91
CA VAL B 86 18.77 13.34 -34.11
C VAL B 86 18.79 14.09 -32.79
N PRO B 87 17.74 14.02 -31.94
CA PRO B 87 17.79 14.73 -30.66
C PRO B 87 18.65 14.04 -29.60
N ILE B 88 19.19 12.85 -29.93
CA ILE B 88 20.11 12.18 -29.04
C ILE B 88 21.53 12.66 -29.33
N PHE B 89 21.95 12.64 -30.60
CA PHE B 89 23.29 13.05 -30.99
C PHE B 89 23.36 14.58 -31.07
N GLY B 90 22.25 15.21 -31.45
CA GLY B 90 22.14 16.65 -31.47
C GLY B 90 21.92 17.19 -32.87
N PRO B 91 21.58 18.49 -33.00
CA PRO B 91 21.33 19.09 -34.32
C PRO B 91 22.59 19.09 -35.18
N ASN B 92 22.39 18.95 -36.49
CA ASN B 92 23.44 19.21 -37.47
C ASN B 92 24.54 18.18 -37.33
N VAL B 93 24.19 17.03 -36.74
CA VAL B 93 25.13 15.95 -36.52
C VAL B 93 24.54 14.66 -37.08
N VAL B 94 25.33 14.01 -37.95
CA VAL B 94 25.03 12.73 -38.57
C VAL B 94 23.71 12.83 -39.33
N TYR B 95 22.66 12.13 -38.88
CA TYR B 95 21.44 12.04 -39.68
C TYR B 95 20.62 13.31 -39.51
N GLY B 96 21.13 14.25 -38.71
CA GLY B 96 20.54 15.57 -38.58
C GLY B 96 21.24 16.62 -39.46
N ALA B 97 22.27 16.21 -40.19
CA ALA B 97 23.00 17.10 -41.09
C ALA B 97 22.58 16.81 -42.52
N ASP B 98 22.76 17.79 -43.41
CA ASP B 98 22.58 17.57 -44.84
C ASP B 98 23.72 16.69 -45.34
N LEU B 99 23.54 16.11 -46.53
CA LEU B 99 24.48 15.12 -47.06
C LEU B 99 25.90 15.68 -47.10
N ALA B 100 26.03 16.95 -47.51
CA ALA B 100 27.33 17.56 -47.71
C ALA B 100 28.16 17.45 -46.43
N HIS B 101 27.55 17.88 -45.32
CA HIS B 101 28.20 17.89 -44.02
C HIS B 101 28.30 16.47 -43.45
N ARG B 102 27.23 15.68 -43.64
CA ARG B 102 27.19 14.32 -43.12
C ARG B 102 28.35 13.52 -43.69
N ASN B 103 28.57 13.67 -45.01
CA ASN B 103 29.58 12.87 -45.68
C ASN B 103 30.96 13.19 -45.12
N GLN B 104 31.14 14.42 -44.66
CA GLN B 104 32.43 14.86 -44.15
C GLN B 104 32.60 14.38 -42.70
N GLN B 105 31.51 14.49 -41.92
CA GLN B 105 31.48 14.00 -40.55
C GLN B 105 31.81 12.49 -40.53
N LEU B 106 31.32 11.76 -41.53
CA LEU B 106 31.56 10.33 -41.58
C LEU B 106 33.03 10.05 -41.88
N LYS B 107 33.66 10.96 -42.64
CA LYS B 107 35.09 10.83 -42.93
C LYS B 107 35.92 11.16 -41.68
N PHE B 108 35.46 12.12 -40.89
CA PHE B 108 36.10 12.41 -39.62
C PHE B 108 36.03 11.17 -38.73
N ILE B 109 34.84 10.55 -38.67
CA ILE B 109 34.64 9.38 -37.82
C ILE B 109 35.55 8.25 -38.30
N ALA B 110 35.61 8.06 -39.61
CA ALA B 110 36.45 7.01 -40.16
C ALA B 110 37.90 7.22 -39.76
N ALA B 111 38.35 8.48 -39.83
CA ALA B 111 39.72 8.82 -39.48
C ALA B 111 39.97 8.51 -38.01
N SER B 112 38.98 8.80 -37.16
CA SER B 112 39.12 8.60 -35.72
C SER B 112 39.18 7.12 -35.39
N LEU B 113 38.71 6.25 -36.30
CA LEU B 113 38.64 4.82 -36.03
C LEU B 113 39.46 4.01 -37.03
N SER B 114 40.37 4.68 -37.75
CA SER B 114 41.25 4.02 -38.71
C SER B 114 42.18 3.04 -37.99
N THR B 115 42.88 2.22 -38.79
CA THR B 115 43.91 1.33 -38.28
C THR B 115 44.96 2.12 -37.50
N LYS B 116 45.39 3.26 -38.06
CA LYS B 116 46.41 4.08 -37.43
C LYS B 116 45.96 4.46 -36.02
N ALA B 117 44.73 4.98 -35.91
CA ALA B 117 44.21 5.42 -34.63
C ALA B 117 44.14 4.23 -33.66
N LEU B 118 43.74 3.06 -34.18
CA LEU B 118 43.50 1.91 -33.32
C LEU B 118 44.79 1.43 -32.69
N GLN B 119 45.91 1.56 -33.43
CA GLN B 119 47.21 1.18 -32.93
C GLN B 119 47.47 1.86 -31.58
N SER B 120 47.05 3.12 -31.48
CA SER B 120 47.32 3.92 -30.31
C SER B 120 46.23 3.75 -29.24
N TYR B 121 45.08 3.18 -29.61
CA TYR B 121 44.02 2.98 -28.63
C TYR B 121 44.21 1.63 -27.92
N VAL B 122 44.82 0.66 -28.60
CA VAL B 122 44.84 -0.70 -28.12
C VAL B 122 45.50 -0.78 -26.74
N PRO B 123 46.66 -0.13 -26.51
CA PRO B 123 47.26 -0.07 -25.17
C PRO B 123 46.27 0.37 -24.09
N LEU B 124 45.48 1.40 -24.41
CA LEU B 124 44.48 1.93 -23.50
C LEU B 124 43.40 0.88 -23.24
N ILE B 125 43.02 0.16 -24.29
CA ILE B 125 41.93 -0.79 -24.21
C ILE B 125 42.35 -1.96 -23.31
N VAL B 126 43.62 -2.38 -23.48
CA VAL B 126 44.16 -3.48 -22.70
C VAL B 126 44.23 -3.08 -21.23
N LYS B 127 44.79 -1.89 -20.96
CA LYS B 127 45.00 -1.46 -19.60
C LYS B 127 43.66 -1.47 -18.85
N GLU B 128 42.66 -0.81 -19.43
CA GLU B 128 41.34 -0.69 -18.81
C GLU B 128 40.82 -2.07 -18.43
N ALA B 129 40.96 -3.04 -19.35
CA ALA B 129 40.41 -4.37 -19.17
C ALA B 129 41.11 -5.06 -18.00
N GLU B 130 42.44 -4.95 -17.98
CA GLU B 130 43.25 -5.63 -16.98
C GLU B 130 42.99 -5.04 -15.60
N ASP B 131 42.86 -3.71 -15.55
CA ASP B 131 42.58 -3.02 -14.29
C ASP B 131 41.21 -3.45 -13.76
N PHE B 132 40.28 -3.69 -14.69
CA PHE B 132 38.88 -3.88 -14.36
C PHE B 132 38.67 -5.28 -13.78
N PHE B 133 39.34 -6.25 -14.41
CA PHE B 133 39.17 -7.66 -14.05
C PHE B 133 40.11 -8.04 -12.91
N ALA B 134 41.16 -7.22 -12.71
CA ALA B 134 42.02 -7.33 -11.55
C ALA B 134 41.18 -7.14 -10.28
N LYS B 135 40.17 -6.28 -10.34
CA LYS B 135 39.35 -5.95 -9.19
C LYS B 135 38.52 -7.15 -8.74
N TRP B 136 38.53 -8.23 -9.53
CA TRP B 136 37.65 -9.37 -9.28
C TRP B 136 38.25 -10.29 -8.22
N ASP B 137 37.37 -10.94 -7.45
CA ASP B 137 37.84 -11.82 -6.36
C ASP B 137 38.42 -13.12 -6.91
N LYS B 138 38.71 -14.08 -6.04
CA LYS B 138 39.28 -15.35 -6.43
C LYS B 138 38.22 -16.25 -7.07
N SER B 139 36.97 -16.09 -6.63
CA SER B 139 35.84 -16.66 -7.33
C SER B 139 34.57 -15.87 -6.98
N GLY B 140 33.48 -16.19 -7.68
CA GLY B 140 32.23 -15.48 -7.49
C GLY B 140 31.32 -15.61 -8.71
N THR B 141 30.28 -14.76 -8.75
CA THR B 141 29.31 -14.78 -9.83
C THR B 141 29.06 -13.35 -10.31
N VAL B 142 28.96 -13.18 -11.63
CA VAL B 142 28.79 -11.87 -12.24
C VAL B 142 27.73 -11.96 -13.34
N ASP B 143 26.91 -10.91 -13.43
CA ASP B 143 26.13 -10.64 -14.64
C ASP B 143 27.05 -10.03 -15.70
N ILE B 144 27.36 -10.84 -16.72
CA ILE B 144 28.42 -10.50 -17.67
C ILE B 144 28.00 -9.29 -18.49
N ARG B 145 26.69 -9.16 -18.73
CA ARG B 145 26.18 -8.07 -19.55
C ARG B 145 26.37 -6.75 -18.82
N ASP B 146 26.03 -6.72 -17.53
CA ASP B 146 26.20 -5.53 -16.71
C ASP B 146 27.68 -5.15 -16.67
N ALA B 147 28.53 -6.16 -16.53
CA ALA B 147 29.96 -5.92 -16.33
C ALA B 147 30.58 -5.32 -17.59
N LEU B 148 30.25 -5.90 -18.75
CA LEU B 148 30.89 -5.51 -20.00
C LEU B 148 30.37 -4.14 -20.43
N ALA B 149 29.11 -3.83 -20.11
CA ALA B 149 28.57 -2.51 -20.39
C ALA B 149 29.37 -1.46 -19.62
N GLU B 150 29.75 -1.77 -18.37
CA GLU B 150 30.52 -0.86 -17.53
C GLU B 150 31.91 -0.68 -18.11
N LEU B 151 32.57 -1.79 -18.45
CA LEU B 151 33.93 -1.74 -18.91
C LEU B 151 34.02 -1.03 -20.25
N ILE B 152 33.03 -1.28 -21.13
CA ILE B 152 33.09 -0.75 -22.48
C ILE B 152 32.87 0.76 -22.46
N ILE B 153 32.04 1.25 -21.53
CA ILE B 153 31.79 2.69 -21.46
C ILE B 153 32.96 3.39 -20.77
N LEU B 154 33.65 2.69 -19.87
CA LEU B 154 34.88 3.18 -19.29
C LEU B 154 35.91 3.39 -20.40
N THR B 155 36.16 2.32 -21.15
CA THR B 155 37.16 2.34 -22.20
C THR B 155 36.82 3.42 -23.23
N ALA B 156 35.53 3.52 -23.56
CA ALA B 156 35.10 4.41 -24.62
C ALA B 156 35.30 5.86 -24.18
N SER B 157 34.96 6.15 -22.92
CA SER B 157 35.20 7.47 -22.37
C SER B 157 36.66 7.86 -22.57
N ARG B 158 37.59 6.90 -22.39
CA ARG B 158 39.01 7.20 -22.59
C ARG B 158 39.29 7.46 -24.07
N CYS B 159 38.97 6.50 -24.96
CA CYS B 159 39.44 6.57 -26.33
C CYS B 159 38.69 7.63 -27.12
N LEU B 160 37.38 7.79 -26.80
CA LEU B 160 36.53 8.73 -27.51
C LEU B 160 36.79 10.15 -27.00
N MET B 161 36.82 10.29 -25.67
CA MET B 161 36.56 11.56 -25.04
C MET B 161 37.81 12.11 -24.37
N GLY B 162 38.79 11.24 -24.10
CA GLY B 162 40.11 11.67 -23.68
C GLY B 162 40.33 11.53 -22.17
N LYS B 163 41.58 11.77 -21.76
CA LYS B 163 42.07 11.48 -20.42
C LYS B 163 41.37 12.36 -19.39
N GLU B 164 41.15 13.63 -19.74
CA GLU B 164 40.56 14.59 -18.81
C GLU B 164 39.25 14.04 -18.29
N ILE B 165 38.37 13.65 -19.23
CA ILE B 165 37.04 13.17 -18.89
C ILE B 165 37.14 11.82 -18.19
N ARG B 166 37.99 10.94 -18.73
CA ARG B 166 38.13 9.60 -18.19
C ARG B 166 38.43 9.70 -16.69
N GLU B 167 39.34 10.61 -16.33
CA GLU B 167 39.99 10.58 -15.03
C GLU B 167 39.29 11.51 -14.06
N ASN B 168 38.54 12.49 -14.58
CA ASN B 168 37.98 13.55 -13.74
C ASN B 168 36.46 13.44 -13.70
N LEU B 169 35.83 13.03 -14.81
CA LEU B 169 34.42 13.34 -15.02
C LEU B 169 33.63 12.10 -15.47
N PHE B 170 34.19 10.91 -15.26
CA PHE B 170 33.56 9.71 -15.80
C PHE B 170 32.12 9.59 -15.27
N THR B 171 31.96 9.69 -13.96
CA THR B 171 30.69 9.43 -13.31
C THR B 171 29.62 10.36 -13.86
N GLU B 172 30.03 11.60 -14.16
CA GLU B 172 29.11 12.62 -14.64
C GLU B 172 28.70 12.29 -16.08
N VAL B 173 29.65 11.79 -16.87
CA VAL B 173 29.42 11.49 -18.27
C VAL B 173 28.53 10.26 -18.39
N ALA B 174 28.75 9.26 -17.53
CA ALA B 174 27.96 8.03 -17.54
C ALA B 174 26.50 8.34 -17.20
N LYS B 175 26.30 9.24 -16.25
CA LYS B 175 24.98 9.59 -15.74
C LYS B 175 24.23 10.36 -16.83
N LEU B 176 24.94 11.29 -17.48
CA LEU B 176 24.38 12.07 -18.56
C LEU B 176 24.03 11.16 -19.73
N TYR B 177 24.86 10.14 -20.00
CA TYR B 177 24.59 9.22 -21.11
C TYR B 177 23.34 8.42 -20.80
N GLN B 178 23.26 7.89 -19.57
CA GLN B 178 22.13 7.08 -19.15
C GLN B 178 20.83 7.85 -19.38
N THR B 179 20.85 9.16 -19.12
CA THR B 179 19.68 10.00 -19.26
C THR B 179 19.31 10.12 -20.74
N LEU B 180 20.32 10.38 -21.57
CA LEU B 180 20.15 10.41 -23.02
C LEU B 180 19.42 9.16 -23.48
N ASP B 181 19.90 8.02 -22.97
CA ASP B 181 19.50 6.71 -23.46
C ASP B 181 18.06 6.42 -23.03
N GLU B 182 17.66 6.98 -21.89
CA GLU B 182 16.33 6.72 -21.34
C GLU B 182 15.28 7.59 -22.04
N GLY B 183 15.74 8.55 -22.85
CA GLY B 183 14.85 9.33 -23.69
C GLY B 183 14.70 8.73 -25.08
N LEU B 184 15.10 7.44 -25.20
CA LEU B 184 14.84 6.67 -26.40
C LEU B 184 13.78 5.61 -26.10
N LEU B 185 12.53 5.98 -26.39
CA LEU B 185 11.38 5.12 -26.16
C LEU B 185 10.78 4.76 -27.51
N PRO B 186 9.92 3.70 -27.56
CA PRO B 186 9.24 3.33 -28.80
C PRO B 186 8.56 4.50 -29.51
N ILE B 187 7.97 5.41 -28.71
CA ILE B 187 7.26 6.57 -29.23
C ILE B 187 8.26 7.51 -29.91
N SER B 188 9.51 7.46 -29.43
CA SER B 188 10.56 8.36 -29.87
C SER B 188 10.94 8.11 -31.32
N VAL B 189 10.72 6.87 -31.83
CA VAL B 189 11.10 6.59 -33.20
C VAL B 189 10.11 7.27 -34.15
N PHE B 190 8.92 7.57 -33.64
CA PHE B 190 7.87 8.18 -34.44
C PHE B 190 7.85 9.69 -34.19
N PHE B 191 7.86 10.08 -32.91
CA PHE B 191 7.75 11.48 -32.54
C PHE B 191 8.94 11.85 -31.65
N PRO B 192 10.12 12.12 -32.26
CA PRO B 192 11.34 12.40 -31.49
C PRO B 192 11.25 13.65 -30.61
N TYR B 193 10.47 14.63 -31.05
CA TYR B 193 10.39 15.93 -30.38
C TYR B 193 9.06 16.08 -29.66
N LEU B 194 8.50 14.96 -29.20
CA LEU B 194 7.32 14.97 -28.35
C LEU B 194 7.70 15.56 -26.99
N PRO B 195 6.92 16.52 -26.45
CA PRO B 195 7.27 17.18 -25.19
C PRO B 195 6.88 16.41 -23.93
N ILE B 196 7.31 15.15 -23.87
CA ILE B 196 7.11 14.32 -22.69
C ILE B 196 8.34 14.41 -21.80
N PRO B 197 8.26 13.98 -20.52
CA PRO B 197 9.34 14.19 -19.55
C PRO B 197 10.69 13.61 -19.98
N ALA B 198 10.69 12.35 -20.43
CA ALA B 198 11.92 11.66 -20.80
C ALA B 198 12.68 12.42 -21.88
N HIS B 199 11.93 13.09 -22.77
CA HIS B 199 12.51 13.86 -23.86
C HIS B 199 13.11 15.16 -23.34
N LYS B 200 12.48 15.73 -22.30
CA LYS B 200 12.98 16.96 -21.68
C LYS B 200 14.34 16.67 -21.05
N ARG B 201 14.40 15.60 -20.26
CA ARG B 201 15.59 15.23 -19.52
C ARG B 201 16.71 14.87 -20.51
N ARG B 202 16.32 14.21 -21.60
CA ARG B 202 17.24 13.90 -22.69
C ARG B 202 17.89 15.18 -23.22
N ASP B 203 17.07 16.17 -23.53
CA ASP B 203 17.56 17.38 -24.17
C ASP B 203 18.47 18.14 -23.20
N GLU B 204 18.11 18.11 -21.91
CA GLU B 204 18.86 18.79 -20.87
C GLU B 204 20.21 18.09 -20.70
N ALA B 205 20.17 16.75 -20.70
CA ALA B 205 21.39 15.96 -20.53
C ALA B 205 22.37 16.24 -21.66
N ARG B 206 21.83 16.38 -22.88
CA ARG B 206 22.69 16.67 -24.02
C ARG B 206 23.36 18.02 -23.85
N LEU B 207 22.58 19.05 -23.47
CA LEU B 207 23.10 20.39 -23.35
C LEU B 207 24.16 20.45 -22.25
N ALA B 208 23.93 19.71 -21.15
CA ALA B 208 24.89 19.60 -20.06
C ALA B 208 26.20 19.01 -20.58
N MET B 209 26.08 17.94 -21.36
CA MET B 209 27.25 17.28 -21.94
C MET B 209 28.03 18.26 -22.82
N VAL B 210 27.35 19.14 -23.56
CA VAL B 210 28.04 20.08 -24.41
C VAL B 210 28.83 21.07 -23.54
N ARG B 211 28.22 21.51 -22.43
CA ARG B 211 28.86 22.48 -21.55
C ARG B 211 30.13 21.87 -20.96
N MET B 212 30.05 20.58 -20.64
CA MET B 212 31.17 19.87 -20.04
C MET B 212 32.35 19.79 -21.01
N PHE B 213 32.06 19.57 -22.30
CA PHE B 213 33.10 19.40 -23.30
C PHE B 213 33.66 20.76 -23.73
N LYS B 214 32.82 21.79 -23.63
CA LYS B 214 33.23 23.15 -23.95
C LYS B 214 34.46 23.53 -23.13
N LYS B 215 34.46 23.13 -21.85
CA LYS B 215 35.56 23.42 -20.95
C LYS B 215 36.83 22.68 -21.41
N ILE B 216 36.69 21.38 -21.68
CA ILE B 216 37.83 20.57 -22.09
C ILE B 216 38.40 21.13 -23.39
N ILE B 217 37.52 21.52 -24.31
CA ILE B 217 37.93 21.95 -25.63
C ILE B 217 38.66 23.28 -25.53
N ASP B 218 38.14 24.20 -24.72
CA ASP B 218 38.75 25.50 -24.51
C ASP B 218 40.17 25.34 -23.94
N GLU B 219 40.31 24.43 -22.97
CA GLU B 219 41.59 24.19 -22.33
C GLU B 219 42.60 23.66 -23.37
N ARG B 220 42.11 22.85 -24.31
CA ARG B 220 42.98 22.23 -25.30
C ARG B 220 43.39 23.25 -26.36
N ARG B 221 42.48 24.14 -26.75
CA ARG B 221 42.79 25.16 -27.73
C ARG B 221 43.77 26.16 -27.14
N ALA B 222 43.72 26.33 -25.82
CA ALA B 222 44.63 27.22 -25.11
C ALA B 222 46.06 26.71 -25.19
N ASN B 223 46.21 25.38 -25.33
CA ASN B 223 47.51 24.74 -25.24
C ASN B 223 47.66 23.79 -26.43
N PRO B 224 47.59 24.28 -27.68
CA PRO B 224 47.33 23.41 -28.84
C PRO B 224 48.53 22.59 -29.31
N GLU B 225 49.69 22.78 -28.68
CA GLU B 225 50.88 22.05 -29.09
C GLU B 225 50.97 20.73 -28.31
N VAL B 226 50.20 20.62 -27.23
CA VAL B 226 50.04 19.36 -26.52
C VAL B 226 49.19 18.42 -27.38
N LYS B 227 49.77 17.26 -27.75
CA LYS B 227 49.08 16.24 -28.51
C LYS B 227 48.23 15.40 -27.56
N HIS B 228 47.10 14.91 -28.08
CA HIS B 228 46.19 14.07 -27.32
C HIS B 228 45.77 12.86 -28.15
N ASN B 229 45.59 11.71 -27.48
CA ASN B 229 45.28 10.47 -28.17
C ASN B 229 43.83 10.06 -27.88
N ASP B 230 42.92 10.55 -28.73
CA ASP B 230 41.49 10.33 -28.58
C ASP B 230 40.78 10.86 -29.81
N CYS B 231 39.49 10.51 -29.92
CA CYS B 231 38.68 10.91 -31.06
C CYS B 231 38.41 12.41 -31.01
N LEU B 232 38.29 12.94 -29.78
CA LEU B 232 38.05 14.36 -29.58
C LEU B 232 39.08 15.20 -30.34
N GLN B 233 40.36 14.78 -30.25
CA GLN B 233 41.43 15.49 -30.91
C GLN B 233 41.18 15.52 -32.41
N VAL B 234 40.77 14.37 -32.96
CA VAL B 234 40.54 14.26 -34.39
C VAL B 234 39.42 15.22 -34.78
N PHE B 235 38.39 15.30 -33.93
CA PHE B 235 37.21 16.10 -34.26
C PHE B 235 37.53 17.58 -34.11
N MET B 236 38.52 17.90 -33.27
CA MET B 236 38.94 19.28 -33.08
C MET B 236 39.80 19.76 -34.25
N ASP B 237 40.58 18.84 -34.84
CA ASP B 237 41.44 19.17 -35.97
C ASP B 237 40.67 19.11 -37.29
N ALA B 238 39.46 18.53 -37.26
CA ALA B 238 38.69 18.35 -38.46
C ALA B 238 38.25 19.71 -38.99
N ARG B 239 38.21 19.86 -40.32
CA ARG B 239 37.67 21.06 -40.95
C ARG B 239 36.75 20.65 -42.11
N TYR B 240 35.60 21.32 -42.22
CA TYR B 240 34.78 21.24 -43.42
C TYR B 240 35.51 21.90 -44.58
N ARG B 241 35.25 21.40 -45.80
CA ARG B 241 35.90 21.90 -46.99
C ARG B 241 35.24 23.22 -47.42
N GLY B 242 36.05 24.06 -48.10
CA GLY B 242 35.58 25.33 -48.61
C GLY B 242 35.49 26.41 -47.53
N GLU B 243 36.11 26.12 -46.37
CA GLU B 243 35.98 27.05 -45.22
C GLU B 243 37.06 26.78 -44.18
N GLU B 244 37.30 27.76 -43.30
CA GLU B 244 38.25 27.58 -42.18
C GLU B 244 37.37 27.34 -40.97
N GLN B 245 36.27 26.60 -41.19
CA GLN B 245 35.31 26.43 -40.08
C GLN B 245 35.49 25.11 -39.35
N ALA B 246 36.18 25.15 -38.22
CA ALA B 246 36.15 23.95 -37.39
C ALA B 246 34.73 23.67 -36.96
N LEU B 247 34.48 22.43 -36.50
CA LEU B 247 33.23 22.08 -35.86
C LEU B 247 33.10 22.90 -34.58
N ASN B 248 31.88 23.38 -34.32
CA ASN B 248 31.55 23.98 -33.03
C ASN B 248 31.41 22.87 -32.00
N ASP B 249 31.14 23.25 -30.76
CA ASP B 249 31.21 22.34 -29.63
C ASP B 249 30.01 21.39 -29.64
N GLU B 250 28.88 21.86 -30.20
CA GLU B 250 27.69 21.04 -30.31
C GLU B 250 27.97 19.85 -31.22
N GLU B 251 28.51 20.13 -32.41
CA GLU B 251 28.82 19.12 -33.41
C GLU B 251 29.86 18.14 -32.85
N ILE B 252 30.94 18.65 -32.25
CA ILE B 252 32.00 17.79 -31.73
C ILE B 252 31.42 16.89 -30.64
N THR B 253 30.62 17.47 -29.74
CA THR B 253 30.03 16.68 -28.67
C THR B 253 29.12 15.60 -29.26
N GLY B 254 28.39 15.99 -30.31
CA GLY B 254 27.39 15.12 -30.92
C GLY B 254 28.04 13.90 -31.57
N LEU B 255 29.17 14.11 -32.22
CA LEU B 255 29.90 13.01 -32.84
C LEU B 255 30.35 12.01 -31.79
N MET B 256 30.67 12.49 -30.59
CA MET B 256 31.18 11.60 -29.56
C MET B 256 30.05 10.88 -28.84
N ILE B 257 28.90 11.55 -28.66
CA ILE B 257 27.71 10.89 -28.17
C ILE B 257 27.35 9.74 -29.12
N ALA B 258 27.35 10.04 -30.42
CA ALA B 258 27.06 9.03 -31.44
C ALA B 258 27.91 7.79 -31.20
N LEU B 259 29.22 7.98 -31.05
CA LEU B 259 30.15 6.86 -30.99
C LEU B 259 30.03 6.14 -29.65
N LEU B 260 29.69 6.87 -28.59
CA LEU B 260 29.46 6.26 -27.29
C LEU B 260 28.22 5.38 -27.35
N PHE B 261 27.18 5.91 -27.99
CA PHE B 261 25.91 5.22 -28.18
C PHE B 261 26.15 3.92 -28.95
N ALA B 262 26.97 4.00 -30.00
CA ALA B 262 27.27 2.83 -30.82
C ALA B 262 27.82 1.70 -29.95
N GLY B 263 28.87 2.01 -29.17
CA GLY B 263 29.52 1.02 -28.32
C GLY B 263 28.55 0.35 -27.34
N GLN B 264 27.66 1.15 -26.74
CA GLN B 264 26.77 0.62 -25.72
C GLN B 264 25.66 -0.22 -26.35
N HIS B 265 25.31 0.07 -27.61
CA HIS B 265 24.18 -0.60 -28.25
C HIS B 265 24.65 -1.83 -29.03
N THR B 266 25.94 -1.95 -29.34
CA THR B 266 26.38 -3.04 -30.19
C THR B 266 27.48 -3.85 -29.49
N SER B 267 28.63 -3.22 -29.25
CA SER B 267 29.80 -3.91 -28.76
C SER B 267 29.48 -4.63 -27.44
N SER B 268 28.79 -3.93 -26.53
CA SER B 268 28.56 -4.46 -25.21
C SER B 268 27.67 -5.70 -25.25
N VAL B 269 26.74 -5.77 -26.22
CA VAL B 269 25.84 -6.91 -26.29
C VAL B 269 26.55 -8.08 -26.98
N THR B 270 27.22 -7.82 -28.11
CA THR B 270 27.94 -8.89 -28.81
C THR B 270 29.07 -9.41 -27.93
N GLY B 271 29.65 -8.53 -27.09
CA GLY B 271 30.66 -8.91 -26.13
C GLY B 271 30.11 -9.91 -25.11
N SER B 272 28.88 -9.67 -24.65
CA SER B 272 28.22 -10.53 -23.69
C SER B 272 27.89 -11.88 -24.32
N TRP B 273 27.20 -11.86 -25.47
CA TRP B 273 26.84 -13.09 -26.17
C TRP B 273 28.08 -13.95 -26.41
N THR B 274 29.20 -13.32 -26.75
CA THR B 274 30.41 -14.06 -27.13
C THR B 274 30.72 -15.09 -26.04
N GLY B 275 30.60 -14.66 -24.78
CA GLY B 275 30.95 -15.49 -23.64
C GLY B 275 29.82 -16.44 -23.24
N LEU B 276 28.58 -15.92 -23.25
CA LEU B 276 27.43 -16.73 -22.92
C LEU B 276 27.40 -17.98 -23.81
N LEU B 277 27.71 -17.79 -25.10
CA LEU B 277 27.67 -18.89 -26.07
C LEU B 277 28.84 -19.83 -25.86
N LEU B 278 30.03 -19.29 -25.65
CA LEU B 278 31.24 -20.11 -25.63
C LEU B 278 31.25 -21.00 -24.39
N PHE B 279 30.68 -20.52 -23.28
CA PHE B 279 30.82 -21.18 -21.98
C PHE B 279 29.54 -21.91 -21.62
N GLU B 280 28.66 -22.11 -22.60
CA GLU B 280 27.61 -23.11 -22.51
C GLU B 280 28.24 -24.49 -22.67
N ALA B 281 27.65 -25.47 -21.99
CA ALA B 281 28.33 -26.73 -21.68
C ALA B 281 28.77 -27.42 -22.97
N ASN B 282 27.85 -27.53 -23.93
CA ASN B 282 28.12 -28.20 -25.20
C ASN B 282 29.18 -27.42 -25.97
N ASN B 283 28.90 -26.14 -26.21
CA ASN B 283 29.76 -25.28 -27.02
C ASN B 283 31.14 -25.24 -26.41
N LYS B 284 31.18 -25.10 -25.08
CA LYS B 284 32.43 -25.06 -24.33
C LYS B 284 33.27 -26.30 -24.63
N LYS B 285 32.62 -27.47 -24.59
CA LYS B 285 33.29 -28.73 -24.83
C LYS B 285 33.97 -28.70 -26.20
N LYS B 286 33.23 -28.26 -27.21
CA LYS B 286 33.66 -28.41 -28.61
C LYS B 286 34.77 -27.41 -28.93
N PHE B 287 34.67 -26.19 -28.40
CA PHE B 287 35.27 -25.03 -29.06
C PHE B 287 36.30 -24.36 -28.17
N LEU B 288 36.17 -24.48 -26.84
CA LEU B 288 37.03 -23.76 -25.91
C LEU B 288 38.45 -24.30 -25.97
N PRO B 289 38.66 -25.62 -26.17
CA PRO B 289 40.01 -26.15 -26.33
C PRO B 289 40.82 -25.42 -27.40
N GLY B 290 40.26 -25.31 -28.62
CA GLY B 290 40.93 -24.64 -29.73
C GLY B 290 41.28 -23.19 -29.38
N VAL B 291 40.43 -22.55 -28.58
CA VAL B 291 40.60 -21.15 -28.23
C VAL B 291 41.75 -21.02 -27.23
N LEU B 292 41.72 -21.86 -26.19
CA LEU B 292 42.72 -21.80 -25.13
C LEU B 292 44.10 -22.17 -25.69
N GLU B 293 44.12 -23.14 -26.61
CA GLU B 293 45.34 -23.54 -27.29
C GLU B 293 45.92 -22.34 -28.03
N GLU B 294 45.05 -21.62 -28.76
CA GLU B 294 45.45 -20.49 -29.58
C GLU B 294 46.06 -19.39 -28.71
N GLN B 295 45.46 -19.17 -27.53
CA GLN B 295 45.93 -18.14 -26.61
C GLN B 295 47.38 -18.40 -26.23
N GLU B 296 47.73 -19.67 -25.98
CA GLU B 296 49.09 -20.03 -25.50
C GLU B 296 50.12 -19.93 -26.63
N GLU B 297 49.75 -20.30 -27.85
CA GLU B 297 50.65 -20.14 -29.02
C GLU B 297 51.01 -18.67 -29.18
N ILE B 298 50.02 -17.78 -29.10
CA ILE B 298 50.26 -16.32 -29.23
C ILE B 298 51.18 -15.88 -28.09
N ARG B 299 50.90 -16.35 -26.87
CA ARG B 299 51.70 -15.93 -25.69
C ARG B 299 53.16 -16.34 -25.89
N LYS B 300 53.39 -17.49 -26.53
CA LYS B 300 54.77 -17.98 -26.77
C LYS B 300 55.45 -17.11 -27.83
N GLU B 301 54.75 -16.72 -28.89
CA GLU B 301 55.35 -15.97 -29.98
C GLU B 301 55.51 -14.50 -29.58
N PHE B 302 54.72 -14.03 -28.62
CA PHE B 302 54.52 -12.59 -28.42
C PHE B 302 54.74 -12.21 -26.96
N GLY B 303 54.45 -13.13 -26.04
CA GLY B 303 54.61 -12.85 -24.62
C GLY B 303 53.27 -12.61 -23.94
N ASP B 304 53.31 -12.20 -22.67
CA ASP B 304 52.12 -12.02 -21.86
C ASP B 304 51.40 -10.73 -22.26
N GLU B 305 52.12 -9.85 -22.96
CA GLU B 305 51.63 -8.52 -23.27
C GLU B 305 50.68 -8.60 -24.47
N LEU B 306 49.52 -7.94 -24.34
CA LEU B 306 48.51 -7.93 -25.39
C LEU B 306 48.76 -6.73 -26.30
N THR B 307 49.00 -7.01 -27.58
CA THR B 307 49.27 -5.96 -28.55
C THR B 307 48.34 -6.12 -29.74
N MET B 308 48.27 -5.06 -30.55
CA MET B 308 47.53 -5.06 -31.80
C MET B 308 47.84 -6.34 -32.57
N GLU B 309 49.14 -6.66 -32.66
CA GLU B 309 49.62 -7.71 -33.55
C GLU B 309 49.18 -9.07 -32.99
N ALA B 310 49.17 -9.19 -31.67
CA ALA B 310 48.78 -10.41 -30.99
C ALA B 310 47.27 -10.63 -31.15
N LEU B 311 46.48 -9.57 -30.93
CA LEU B 311 45.04 -9.65 -31.06
C LEU B 311 44.65 -9.99 -32.50
N ASN B 312 45.42 -9.46 -33.45
CA ASN B 312 45.13 -9.65 -34.87
C ASN B 312 45.35 -11.11 -35.28
N LYS B 313 45.95 -11.91 -34.40
CA LYS B 313 46.33 -13.28 -34.75
C LYS B 313 45.31 -14.26 -34.18
N MET B 314 44.45 -13.78 -33.27
CA MET B 314 43.54 -14.65 -32.53
C MET B 314 42.33 -14.98 -33.40
N ASP B 315 42.53 -15.88 -34.38
CA ASP B 315 41.55 -16.15 -35.41
C ASP B 315 40.35 -16.90 -34.80
N LYS B 316 40.63 -17.87 -33.94
CA LYS B 316 39.58 -18.72 -33.38
C LYS B 316 38.69 -17.89 -32.47
N LEU B 317 39.30 -16.96 -31.72
CA LEU B 317 38.54 -16.08 -30.86
C LEU B 317 37.72 -15.13 -31.73
N HIS B 318 38.33 -14.64 -32.81
CA HIS B 318 37.67 -13.77 -33.78
C HIS B 318 36.38 -14.43 -34.24
N ARG B 319 36.47 -15.72 -34.57
CA ARG B 319 35.36 -16.44 -35.16
C ARG B 319 34.28 -16.69 -34.12
N CYS B 320 34.67 -16.79 -32.84
CA CYS B 320 33.72 -16.91 -31.75
C CYS B 320 32.87 -15.63 -31.62
N VAL B 321 33.52 -14.48 -31.76
CA VAL B 321 32.85 -13.19 -31.73
C VAL B 321 31.94 -13.10 -32.95
N LYS B 322 32.43 -13.54 -34.10
CA LYS B 322 31.69 -13.41 -35.33
C LYS B 322 30.45 -14.30 -35.31
N GLU B 323 30.55 -15.45 -34.65
CA GLU B 323 29.45 -16.40 -34.62
C GLU B 323 28.41 -15.95 -33.60
N ALA B 324 28.84 -15.28 -32.53
CA ALA B 324 27.91 -14.66 -31.61
C ALA B 324 27.16 -13.55 -32.33
N LEU B 325 27.86 -12.86 -33.22
CA LEU B 325 27.27 -11.75 -33.97
C LEU B 325 26.31 -12.30 -35.00
N ARG B 326 26.69 -13.43 -35.64
CA ARG B 326 25.81 -14.05 -36.62
C ARG B 326 24.47 -14.39 -35.98
N MET B 327 24.52 -14.92 -34.75
CA MET B 327 23.36 -15.58 -34.17
C MET B 327 22.47 -14.58 -33.43
N TYR B 328 23.06 -13.58 -32.77
CA TYR B 328 22.28 -12.60 -32.01
C TYR B 328 22.76 -11.19 -32.34
N PRO B 329 22.54 -10.74 -33.60
CA PRO B 329 23.00 -9.42 -34.02
C PRO B 329 22.30 -8.34 -33.21
N PRO B 330 23.03 -7.31 -32.71
CA PRO B 330 22.43 -6.32 -31.81
C PRO B 330 21.46 -5.33 -32.45
N LEU B 331 21.65 -5.06 -33.74
CA LEU B 331 20.74 -4.19 -34.47
C LEU B 331 19.73 -5.05 -35.21
N LEU B 332 18.46 -4.94 -34.82
CA LEU B 332 17.40 -5.76 -35.38
C LEU B 332 17.26 -5.50 -36.88
N PHE B 333 17.22 -4.22 -37.25
CA PHE B 333 17.04 -3.81 -38.63
C PHE B 333 18.02 -2.70 -38.97
N VAL B 334 18.39 -2.62 -40.26
CA VAL B 334 18.87 -1.40 -40.87
C VAL B 334 17.89 -1.02 -41.97
N MET B 335 17.77 0.28 -42.27
CA MET B 335 16.60 0.79 -42.99
C MET B 335 17.03 1.90 -43.95
N ARG B 336 16.26 2.06 -45.04
CA ARG B 336 16.38 3.18 -45.94
C ARG B 336 14.98 3.57 -46.42
N LYS B 337 14.80 4.86 -46.68
CA LYS B 337 13.68 5.34 -47.48
C LYS B 337 14.06 5.24 -48.96
N VAL B 338 13.19 4.62 -49.77
CA VAL B 338 13.45 4.48 -51.20
C VAL B 338 13.19 5.80 -51.90
N ILE B 339 14.17 6.23 -52.71
CA ILE B 339 14.04 7.46 -53.49
C ILE B 339 13.83 7.10 -54.97
N LYS B 340 14.67 6.22 -55.50
CA LYS B 340 14.49 5.72 -56.86
C LYS B 340 13.94 4.30 -56.83
N PRO B 341 12.76 4.06 -57.45
CA PRO B 341 12.12 2.74 -57.40
C PRO B 341 13.03 1.69 -58.00
N PHE B 342 12.78 0.43 -57.64
CA PHE B 342 13.50 -0.68 -58.21
C PHE B 342 12.60 -1.90 -58.20
N SER B 343 13.01 -2.93 -58.94
CA SER B 343 12.34 -4.22 -58.92
C SER B 343 13.35 -5.28 -58.50
N TYR B 344 12.88 -6.24 -57.69
CA TYR B 344 13.67 -7.41 -57.40
C TYR B 344 12.83 -8.65 -57.71
N LYS B 345 13.37 -9.51 -58.57
CA LYS B 345 12.55 -10.43 -59.34
C LYS B 345 11.53 -9.61 -60.13
N ASP B 346 10.24 -9.92 -59.93
CA ASP B 346 9.16 -9.16 -60.54
C ASP B 346 8.35 -8.49 -59.44
N TYR B 347 9.05 -8.11 -58.36
CA TYR B 347 8.44 -7.42 -57.24
C TYR B 347 8.89 -5.97 -57.25
N TYR B 348 7.92 -5.05 -57.36
CA TYR B 348 8.20 -3.64 -57.54
C TYR B 348 8.22 -2.95 -56.17
N VAL B 349 9.25 -2.12 -55.95
CA VAL B 349 9.34 -1.35 -54.72
C VAL B 349 9.28 0.12 -55.08
N PRO B 350 8.14 0.80 -54.81
CA PRO B 350 7.96 2.20 -55.21
C PRO B 350 8.71 3.19 -54.33
N GLU B 351 8.92 4.39 -54.89
CA GLU B 351 9.41 5.53 -54.14
C GLU B 351 8.52 5.74 -52.91
N GLY B 352 9.16 6.04 -51.77
CA GLY B 352 8.46 6.34 -50.53
C GLY B 352 8.34 5.13 -49.62
N ASP B 353 8.63 3.94 -50.15
CA ASP B 353 8.71 2.73 -49.33
C ASP B 353 9.88 2.87 -48.36
N THR B 354 9.76 2.21 -47.20
CA THR B 354 10.91 2.00 -46.34
C THR B 354 11.37 0.56 -46.50
N VAL B 355 12.61 0.36 -46.96
CA VAL B 355 13.18 -0.98 -47.08
C VAL B 355 13.98 -1.31 -45.82
N PHE B 356 13.90 -2.59 -45.41
CA PHE B 356 14.51 -3.12 -44.22
C PHE B 356 15.38 -4.33 -44.58
N VAL B 357 16.54 -4.45 -43.92
CA VAL B 357 17.20 -5.73 -43.78
C VAL B 357 17.27 -6.07 -42.30
N SER B 358 16.91 -7.31 -41.95
CA SER B 358 17.12 -7.83 -40.62
C SER B 358 18.33 -8.76 -40.62
N PRO B 359 19.48 -8.35 -40.07
CA PRO B 359 20.63 -9.24 -39.98
C PRO B 359 20.30 -10.57 -39.28
N ALA B 360 19.43 -10.52 -38.28
CA ALA B 360 19.04 -11.71 -37.54
C ALA B 360 18.40 -12.72 -38.50
N LEU B 361 17.35 -12.28 -39.22
CA LEU B 361 16.63 -13.12 -40.14
C LEU B 361 17.55 -13.62 -41.26
N SER B 362 18.26 -12.69 -41.91
CA SER B 362 19.04 -13.02 -43.10
C SER B 362 20.10 -14.07 -42.77
N MET B 363 20.55 -14.12 -41.50
CA MET B 363 21.72 -14.92 -41.17
C MET B 363 21.26 -16.19 -40.42
N ARG B 364 19.95 -16.45 -40.43
CA ARG B 364 19.42 -17.75 -40.02
C ARG B 364 18.88 -18.54 -41.21
N VAL B 365 19.06 -18.03 -42.44
CA VAL B 365 18.64 -18.72 -43.64
C VAL B 365 19.56 -19.92 -43.87
N GLU B 366 18.97 -21.12 -44.01
CA GLU B 366 19.70 -22.37 -44.09
C GLU B 366 20.52 -22.46 -45.38
N GLU B 367 19.95 -22.00 -46.49
CA GLU B 367 20.62 -22.09 -47.78
C GLU B 367 21.96 -21.35 -47.74
N VAL B 368 22.06 -20.33 -46.87
CA VAL B 368 23.27 -19.53 -46.77
C VAL B 368 24.19 -20.12 -45.71
N PHE B 369 23.60 -20.47 -44.55
CA PHE B 369 24.35 -20.95 -43.40
C PHE B 369 23.83 -22.32 -42.99
N PRO B 370 24.47 -23.41 -43.47
CA PRO B 370 24.16 -24.76 -42.98
C PRO B 370 24.14 -24.82 -41.46
N ASN B 371 23.14 -25.50 -40.90
CA ASN B 371 22.93 -25.57 -39.46
C ASN B 371 22.86 -24.16 -38.88
N ALA B 372 22.05 -23.31 -39.54
CA ALA B 372 21.93 -21.90 -39.22
C ALA B 372 21.72 -21.67 -37.72
N ASP B 373 21.05 -22.62 -37.04
CA ASP B 373 20.61 -22.39 -35.68
C ASP B 373 21.56 -23.07 -34.70
N GLN B 374 22.69 -23.57 -35.23
CA GLN B 374 23.74 -24.18 -34.42
C GLN B 374 24.92 -23.21 -34.26
N TYR B 375 25.49 -23.20 -33.05
CA TYR B 375 26.72 -22.48 -32.76
C TYR B 375 27.90 -23.22 -33.37
N ASN B 376 28.51 -22.65 -34.40
CA ASN B 376 29.69 -23.24 -35.02
C ASN B 376 30.64 -22.16 -35.52
N PRO B 377 31.51 -21.63 -34.64
CA PRO B 377 32.51 -20.63 -35.03
C PRO B 377 33.28 -20.98 -36.30
N GLU B 378 33.57 -22.27 -36.49
CA GLU B 378 34.57 -22.67 -37.47
C GLU B 378 33.93 -22.75 -38.85
N ARG B 379 32.64 -22.43 -38.93
CA ARG B 379 31.97 -22.26 -40.21
C ARG B 379 32.65 -21.17 -41.03
N PHE B 380 33.36 -20.25 -40.35
CA PHE B 380 33.83 -19.03 -41.01
C PHE B 380 35.16 -19.28 -41.71
N VAL B 381 35.81 -20.42 -41.42
CA VAL B 381 36.97 -20.84 -42.19
C VAL B 381 36.57 -20.91 -43.66
N GLU B 382 35.44 -21.59 -43.94
CA GLU B 382 34.98 -21.76 -45.31
C GLU B 382 34.13 -20.57 -45.74
N GLU B 383 33.26 -20.07 -44.87
CA GLU B 383 32.31 -19.03 -45.24
C GLU B 383 33.07 -17.79 -45.70
N ASP B 384 34.25 -17.54 -45.08
CA ASP B 384 34.98 -16.32 -45.35
C ASP B 384 35.56 -16.34 -46.75
N LYS B 385 35.55 -17.50 -47.39
CA LYS B 385 36.20 -17.68 -48.69
C LYS B 385 35.17 -17.56 -49.82
N GLN B 386 33.88 -17.43 -49.44
CA GLN B 386 32.80 -17.30 -50.41
C GLN B 386 32.94 -15.98 -51.17
N ALA B 387 32.58 -16.00 -52.46
CA ALA B 387 32.74 -14.84 -53.32
C ALA B 387 31.47 -13.98 -53.28
N GLN B 388 30.32 -14.63 -53.06
CA GLN B 388 29.03 -13.95 -53.14
C GLN B 388 28.91 -12.94 -52.00
N LYS B 389 28.51 -11.72 -52.36
CA LYS B 389 28.45 -10.59 -51.43
C LYS B 389 27.19 -10.67 -50.58
N TYR B 390 27.27 -10.08 -49.38
CA TYR B 390 26.12 -9.78 -48.56
C TYR B 390 25.52 -11.05 -47.95
N ARG B 391 26.36 -12.02 -47.64
CA ARG B 391 25.93 -13.22 -46.94
C ARG B 391 25.94 -12.98 -45.44
N PHE B 392 27.07 -12.51 -44.93
CA PHE B 392 27.18 -12.03 -43.56
C PHE B 392 26.96 -10.52 -43.57
N VAL B 393 26.02 -10.03 -42.75
CA VAL B 393 25.66 -8.62 -42.75
C VAL B 393 25.51 -8.11 -41.32
N GLY B 394 26.28 -8.69 -40.39
CA GLY B 394 26.23 -8.24 -39.01
C GLY B 394 26.72 -6.80 -38.85
N PHE B 395 27.66 -6.40 -39.70
CA PHE B 395 28.19 -5.04 -39.71
C PHE B 395 27.67 -4.27 -40.92
N GLY B 396 26.53 -4.69 -41.47
CA GLY B 396 26.04 -4.12 -42.71
C GLY B 396 27.03 -4.35 -43.84
N ALA B 397 26.97 -3.49 -44.86
CA ALA B 397 27.85 -3.60 -46.02
C ALA B 397 27.68 -2.37 -46.90
N GLY B 398 28.53 -2.28 -47.94
CA GLY B 398 28.44 -1.20 -48.91
C GLY B 398 28.82 0.15 -48.31
N ARG B 399 28.23 1.20 -48.88
CA ARG B 399 28.62 2.58 -48.63
C ARG B 399 28.57 2.90 -47.13
N HIS B 400 27.60 2.34 -46.40
CA HIS B 400 27.37 2.74 -45.02
C HIS B 400 27.62 1.59 -44.05
N GLY B 401 28.49 0.65 -44.44
CA GLY B 401 28.94 -0.40 -43.54
C GLY B 401 29.63 0.14 -42.30
N CYS B 402 29.66 -0.65 -41.21
CA CYS B 402 30.22 -0.21 -39.89
C CYS B 402 31.68 0.28 -39.97
N MET B 403 31.90 1.51 -39.52
CA MET B 403 33.27 2.09 -39.49
C MET B 403 33.95 1.73 -38.16
N GLY B 404 33.21 1.13 -37.24
CA GLY B 404 33.72 0.74 -35.92
C GLY B 404 33.95 -0.75 -35.80
N GLU B 405 33.90 -1.49 -36.92
CA GLU B 405 34.01 -2.96 -36.89
C GLU B 405 35.34 -3.40 -36.27
N ASN B 406 36.43 -2.83 -36.74
CA ASN B 406 37.78 -3.21 -36.26
C ASN B 406 37.97 -2.85 -34.78
N PHE B 407 37.39 -1.74 -34.34
CA PHE B 407 37.46 -1.34 -32.91
C PHE B 407 36.66 -2.33 -32.07
N ALA B 408 35.52 -2.76 -32.61
CA ALA B 408 34.66 -3.67 -31.87
C ALA B 408 35.37 -5.00 -31.64
N TYR B 409 35.98 -5.54 -32.70
CA TYR B 409 36.71 -6.80 -32.60
C TYR B 409 37.86 -6.68 -31.61
N LEU B 410 38.60 -5.57 -31.64
CA LEU B 410 39.75 -5.41 -30.76
C LEU B 410 39.27 -5.34 -29.31
N GLN B 411 38.20 -4.58 -29.08
CA GLN B 411 37.65 -4.38 -27.75
C GLN B 411 37.17 -5.72 -27.21
N ILE B 412 36.55 -6.55 -28.06
CA ILE B 412 35.86 -7.72 -27.55
C ILE B 412 36.86 -8.85 -27.37
N LYS B 413 37.83 -8.94 -28.29
CA LYS B 413 38.90 -9.93 -28.17
C LYS B 413 39.79 -9.60 -26.98
N THR B 414 39.99 -8.31 -26.69
CA THR B 414 40.78 -7.93 -25.53
C THR B 414 40.12 -8.48 -24.28
N ILE B 415 38.82 -8.18 -24.13
CA ILE B 415 38.06 -8.59 -22.96
C ILE B 415 38.22 -10.10 -22.73
N TRP B 416 38.04 -10.89 -23.80
CA TRP B 416 37.97 -12.33 -23.61
C TRP B 416 39.36 -12.94 -23.52
N SER B 417 40.37 -12.27 -24.10
CA SER B 417 41.75 -12.68 -23.92
C SER B 417 42.12 -12.60 -22.44
N VAL B 418 41.85 -11.43 -21.85
CA VAL B 418 42.13 -11.20 -20.44
C VAL B 418 41.37 -12.21 -19.58
N LEU B 419 40.09 -12.43 -19.91
CA LEU B 419 39.25 -13.28 -19.07
C LEU B 419 39.71 -14.73 -19.18
N LEU B 420 40.03 -15.18 -20.40
CA LEU B 420 40.41 -16.57 -20.64
C LEU B 420 41.71 -16.89 -19.91
N ARG B 421 42.60 -15.89 -19.82
CA ARG B 421 43.96 -16.10 -19.36
C ARG B 421 44.00 -16.11 -17.83
N ASN B 422 42.93 -15.62 -17.19
CA ASN B 422 42.99 -15.30 -15.76
C ASN B 422 41.90 -16.05 -14.99
N PHE B 423 40.98 -16.72 -15.69
CA PHE B 423 39.84 -17.33 -15.03
C PHE B 423 39.43 -18.62 -15.73
N ASP B 424 38.82 -19.51 -14.96
CA ASP B 424 37.95 -20.56 -15.48
C ASP B 424 36.51 -20.11 -15.30
N ILE B 425 35.70 -20.31 -16.35
CA ILE B 425 34.40 -19.68 -16.44
C ILE B 425 33.36 -20.75 -16.81
N GLU B 426 32.17 -20.64 -16.22
CA GLU B 426 31.07 -21.54 -16.53
C GLU B 426 29.78 -20.74 -16.65
N LEU B 427 28.92 -21.15 -17.58
CA LEU B 427 27.59 -20.59 -17.67
C LEU B 427 26.74 -21.10 -16.51
N VAL B 428 26.01 -20.18 -15.86
CA VAL B 428 25.03 -20.51 -14.85
C VAL B 428 23.67 -20.67 -15.51
N GLY B 429 23.19 -21.91 -15.56
CA GLY B 429 21.84 -22.20 -16.01
C GLY B 429 21.74 -22.30 -17.54
N GLU B 430 20.56 -21.96 -18.05
CA GLU B 430 20.29 -21.98 -19.48
C GLU B 430 20.98 -20.79 -20.14
N LEU B 431 21.31 -20.94 -21.42
CA LEU B 431 21.63 -19.83 -22.29
C LEU B 431 20.45 -18.84 -22.30
N PRO B 432 20.69 -17.54 -22.02
CA PRO B 432 19.60 -16.56 -22.01
C PRO B 432 18.95 -16.44 -23.38
N LYS B 433 17.69 -16.01 -23.38
CA LYS B 433 17.00 -15.69 -24.62
C LYS B 433 17.17 -14.20 -24.91
N PRO B 434 17.09 -13.80 -26.21
CA PRO B 434 17.08 -12.40 -26.58
C PRO B 434 15.96 -11.66 -25.88
N ASP B 435 16.28 -10.47 -25.36
CA ASP B 435 15.30 -9.62 -24.71
C ASP B 435 15.08 -8.36 -25.55
N TYR B 436 13.82 -8.16 -25.96
CA TYR B 436 13.49 -7.20 -27.01
C TYR B 436 12.81 -5.98 -26.39
N THR B 437 13.26 -5.57 -25.19
CA THR B 437 12.55 -4.58 -24.39
C THR B 437 13.48 -3.40 -24.07
N ALA B 438 14.60 -3.29 -24.80
CA ALA B 438 15.21 -1.99 -25.05
C ALA B 438 15.14 -1.72 -26.55
N MET B 439 15.81 -0.66 -27.03
CA MET B 439 15.99 -0.48 -28.46
C MET B 439 17.16 -1.35 -28.93
N VAL B 440 17.52 -2.33 -28.10
CA VAL B 440 18.67 -3.19 -28.34
C VAL B 440 18.30 -4.63 -28.00
N VAL B 441 18.75 -5.56 -28.86
CA VAL B 441 18.61 -6.98 -28.62
C VAL B 441 19.82 -7.49 -27.86
N GLY B 442 19.69 -7.59 -26.53
CA GLY B 442 20.72 -8.19 -25.70
C GLY B 442 20.24 -9.46 -25.04
N PRO B 443 21.14 -10.25 -24.40
CA PRO B 443 20.73 -11.39 -23.60
C PRO B 443 19.95 -10.97 -22.35
N ALA B 444 18.87 -11.72 -22.05
CA ALA B 444 17.95 -11.38 -20.98
C ALA B 444 18.62 -11.58 -19.62
N HIS B 445 18.44 -10.60 -18.73
CA HIS B 445 18.93 -10.68 -17.36
C HIS B 445 18.16 -11.74 -16.59
N PRO B 446 18.80 -12.47 -15.64
CA PRO B 446 20.22 -12.32 -15.37
C PRO B 446 21.09 -13.13 -16.32
N CYS B 447 22.28 -12.60 -16.64
CA CYS B 447 23.25 -13.27 -17.50
C CYS B 447 24.46 -13.66 -16.67
N LEU B 448 24.38 -14.80 -15.98
CA LEU B 448 25.30 -15.11 -14.91
C LEU B 448 26.40 -16.03 -15.42
N LEU B 449 27.64 -15.63 -15.13
CA LEU B 449 28.79 -16.51 -15.26
C LEU B 449 29.42 -16.71 -13.90
N ARG B 450 29.89 -17.95 -13.64
CA ARG B 450 30.74 -18.26 -12.50
C ARG B 450 32.20 -18.23 -12.93
N TYR B 451 33.05 -17.62 -12.08
CA TYR B 451 34.47 -17.54 -12.38
C TYR B 451 35.30 -18.07 -11.21
N THR B 452 36.46 -18.66 -11.54
CA THR B 452 37.50 -18.97 -10.57
C THR B 452 38.85 -18.62 -11.18
N ARG B 453 39.70 -17.93 -10.41
CA ARG B 453 41.01 -17.51 -10.87
C ARG B 453 41.89 -18.74 -11.11
N LYS B 454 42.76 -18.64 -12.12
CA LYS B 454 43.80 -19.63 -12.36
C LYS B 454 45.04 -19.29 -11.51
N LYS C 42 -6.27 23.25 46.42
CA LYS C 42 -4.92 23.18 45.79
C LYS C 42 -3.85 23.73 46.74
N TYR C 43 -3.51 22.99 47.80
CA TYR C 43 -2.37 23.41 48.67
C TYR C 43 -1.43 22.22 48.87
N GLY C 44 -1.92 21.01 48.63
CA GLY C 44 -1.03 19.86 48.71
C GLY C 44 0.39 20.26 48.30
N ASP C 45 1.35 19.99 49.20
CA ASP C 45 2.71 20.45 49.00
C ASP C 45 3.70 19.30 49.23
N ILE C 46 3.16 18.11 49.54
CA ILE C 46 3.95 16.89 49.59
C ILE C 46 3.03 15.71 49.32
N PHE C 47 3.48 14.76 48.50
CA PHE C 47 2.71 13.57 48.22
C PHE C 47 3.62 12.48 47.66
N THR C 48 3.10 11.24 47.66
CA THR C 48 3.86 10.07 47.27
C THR C 48 3.05 9.27 46.26
N MET C 49 3.72 8.89 45.17
CA MET C 49 3.27 7.80 44.30
C MET C 49 4.12 6.57 44.61
N LYS C 50 3.52 5.40 44.44
CA LYS C 50 4.27 4.17 44.25
C LYS C 50 4.12 3.76 42.79
N VAL C 51 5.24 3.77 42.06
CA VAL C 51 5.27 3.39 40.67
C VAL C 51 6.50 2.51 40.46
N PHE C 52 6.31 1.39 39.74
CA PHE C 52 7.41 0.49 39.41
C PHE C 52 8.15 0.11 40.68
N GLY C 53 7.38 -0.12 41.75
CA GLY C 53 7.93 -0.59 43.02
C GLY C 53 8.75 0.49 43.74
N GLN C 54 8.62 1.75 43.31
CA GLN C 54 9.41 2.81 43.90
C GLN C 54 8.48 3.84 44.55
N ARG C 55 8.90 4.37 45.69
CA ARG C 55 8.19 5.48 46.32
C ARG C 55 8.79 6.79 45.80
N LEU C 56 7.98 7.54 45.04
CA LEU C 56 8.32 8.88 44.60
C LEU C 56 7.61 9.91 45.48
N THR C 57 8.39 10.80 46.10
CA THR C 57 7.84 11.82 46.96
C THR C 57 8.11 13.20 46.36
N PHE C 58 7.04 13.96 46.11
CA PHE C 58 7.13 15.26 45.48
C PHE C 58 7.01 16.37 46.54
N LEU C 59 7.84 17.41 46.37
CA LEU C 59 7.90 18.54 47.28
C LEU C 59 7.60 19.80 46.47
N VAL C 60 6.59 20.56 46.88
CA VAL C 60 6.11 21.69 46.10
C VAL C 60 6.08 22.93 47.00
N GLY C 61 6.74 24.01 46.53
CA GLY C 61 6.73 25.29 47.22
C GLY C 61 7.85 25.41 48.26
N PRO C 62 8.11 26.64 48.76
CA PRO C 62 9.33 26.95 49.49
C PRO C 62 9.55 26.22 50.81
N ASP C 63 8.47 25.91 51.53
CA ASP C 63 8.58 25.20 52.79
C ASP C 63 8.99 23.76 52.51
N ALA C 64 8.34 23.14 51.52
CA ALA C 64 8.58 21.75 51.17
C ALA C 64 9.96 21.59 50.54
N HIS C 65 10.42 22.64 49.85
CA HIS C 65 11.72 22.64 49.20
C HIS C 65 12.84 22.48 50.22
N VAL C 66 12.61 22.92 51.47
CA VAL C 66 13.69 23.11 52.43
C VAL C 66 14.49 21.80 52.57
N PRO C 67 13.85 20.65 52.89
CA PRO C 67 14.59 19.40 53.05
C PRO C 67 15.30 18.94 51.78
N PHE C 68 14.87 19.40 50.61
CA PHE C 68 15.49 19.01 49.35
C PHE C 68 16.81 19.76 49.16
N PHE C 69 16.76 21.09 49.25
CA PHE C 69 17.85 21.95 48.80
C PHE C 69 18.84 22.22 49.94
N SER C 70 18.37 22.16 51.19
CA SER C 70 19.14 22.65 52.32
C SER C 70 20.12 21.58 52.80
N GLN C 71 19.88 20.32 52.45
CA GLN C 71 20.72 19.23 52.96
C GLN C 71 21.84 18.93 51.97
N GLY C 72 22.68 17.94 52.32
CA GLY C 72 23.91 17.65 51.60
C GLY C 72 24.02 16.18 51.21
N ASP C 73 25.23 15.75 50.84
CA ASP C 73 25.40 14.51 50.09
C ASP C 73 25.27 13.29 51.00
N ALA C 74 25.40 13.51 52.31
CA ALA C 74 25.24 12.43 53.28
C ALA C 74 23.77 12.11 53.48
N GLU C 75 22.90 13.09 53.25
CA GLU C 75 21.47 12.96 53.47
C GLU C 75 20.74 12.64 52.16
N LEU C 76 21.25 13.16 51.03
CA LEU C 76 20.61 13.04 49.73
C LEU C 76 21.66 12.66 48.68
N SER C 77 21.30 11.74 47.77
CA SER C 77 22.23 11.23 46.77
C SER C 77 21.69 11.46 45.37
N GLN C 78 22.58 11.85 44.43
CA GLN C 78 22.19 12.11 43.05
C GLN C 78 22.43 10.86 42.18
N ASP C 79 23.11 9.85 42.71
CA ASP C 79 23.70 8.79 41.89
C ASP C 79 22.62 8.05 41.11
N GLU C 80 21.60 7.56 41.81
CA GLU C 80 20.67 6.60 41.26
C GLU C 80 19.70 7.29 40.30
N PRO C 81 19.07 8.41 40.68
CA PRO C 81 18.16 9.10 39.77
C PRO C 81 18.80 9.54 38.45
N TYR C 82 20.12 9.85 38.48
CA TYR C 82 20.78 10.44 37.33
C TYR C 82 21.69 9.42 36.63
N GLN C 83 21.47 8.13 36.88
CA GLN C 83 22.15 7.04 36.18
C GLN C 83 22.12 7.25 34.66
N PHE C 84 20.99 7.74 34.14
CA PHE C 84 20.77 7.83 32.71
C PHE C 84 21.93 8.55 32.03
N SER C 85 22.61 9.42 32.77
CA SER C 85 23.58 10.34 32.20
C SER C 85 24.93 9.65 32.02
N VAL C 86 25.15 8.54 32.74
CA VAL C 86 26.49 8.01 32.90
C VAL C 86 27.04 7.52 31.56
N PRO C 87 26.27 6.77 30.75
CA PRO C 87 26.77 6.35 29.45
C PRO C 87 26.75 7.44 28.39
N ILE C 88 26.22 8.62 28.73
CA ILE C 88 26.26 9.75 27.83
C ILE C 88 27.55 10.54 28.06
N PHE C 89 27.84 10.88 29.31
CA PHE C 89 29.02 11.67 29.65
C PHE C 89 30.25 10.76 29.70
N GLY C 90 30.03 9.51 30.11
CA GLY C 90 31.08 8.51 30.13
C GLY C 90 31.41 8.04 31.55
N PRO C 91 32.19 6.94 31.67
CA PRO C 91 32.55 6.39 32.98
C PRO C 91 33.37 7.38 33.80
N ASN C 92 33.19 7.33 35.12
CA ASN C 92 34.08 7.98 36.05
C ASN C 92 33.98 9.50 35.89
N VAL C 93 32.85 9.95 35.33
CA VAL C 93 32.61 11.37 35.11
C VAL C 93 31.26 11.75 35.70
N VAL C 94 31.29 12.79 36.55
CA VAL C 94 30.12 13.39 37.19
C VAL C 94 29.37 12.32 37.99
N TYR C 95 28.16 11.95 37.58
CA TYR C 95 27.34 11.08 38.42
C TYR C 95 27.80 9.64 38.26
N GLY C 96 28.82 9.41 37.42
CA GLY C 96 29.47 8.12 37.30
C GLY C 96 30.74 8.01 38.15
N ALA C 97 31.10 9.09 38.85
CA ALA C 97 32.28 9.11 39.69
C ALA C 97 31.86 8.97 41.16
N ASP C 98 32.77 8.49 42.01
CA ASP C 98 32.55 8.51 43.44
C ASP C 98 32.61 9.96 43.93
N LEU C 99 32.09 10.20 45.14
CA LEU C 99 31.93 11.55 45.66
C LEU C 99 33.25 12.30 45.65
N ALA C 100 34.33 11.61 46.03
CA ALA C 100 35.63 12.23 46.18
C ALA C 100 36.04 12.92 44.89
N HIS C 101 35.95 12.16 43.79
CA HIS C 101 36.34 12.64 42.46
C HIS C 101 35.29 13.60 41.91
N ARG C 102 34.01 13.27 42.14
CA ARG C 102 32.93 14.08 41.62
C ARG C 102 33.04 15.49 42.19
N ASN C 103 33.33 15.60 43.49
CA ASN C 103 33.35 16.89 44.14
C ASN C 103 34.46 17.75 43.54
N GLN C 104 35.53 17.10 43.06
CA GLN C 104 36.66 17.83 42.50
C GLN C 104 36.34 18.23 41.06
N GLN C 105 35.72 17.31 40.31
CA GLN C 105 35.26 17.58 38.96
C GLN C 105 34.30 18.78 38.95
N LEU C 106 33.46 18.88 39.98
CA LEU C 106 32.49 19.98 40.04
C LEU C 106 33.21 21.29 40.31
N LYS C 107 34.34 21.23 41.01
CA LYS C 107 35.15 22.41 41.27
C LYS C 107 35.88 22.83 40.00
N PHE C 108 36.33 21.86 39.20
CA PHE C 108 36.92 22.17 37.92
C PHE C 108 35.88 22.87 37.04
N ILE C 109 34.66 22.34 37.03
CA ILE C 109 33.60 22.91 36.20
C ILE C 109 33.31 24.34 36.66
N ALA C 110 33.24 24.53 37.97
CA ALA C 110 32.96 25.86 38.52
C ALA C 110 34.05 26.84 38.08
N ALA C 111 35.31 26.39 38.12
CA ALA C 111 36.42 27.24 37.71
C ALA C 111 36.27 27.61 36.23
N SER C 112 35.86 26.64 35.41
CA SER C 112 35.75 26.86 33.98
C SER C 112 34.62 27.84 33.67
N LEU C 113 33.68 28.03 34.61
CA LEU C 113 32.51 28.86 34.36
C LEU C 113 32.44 30.03 35.34
N SER C 114 33.54 30.33 36.04
CA SER C 114 33.59 31.45 36.96
C SER C 114 33.40 32.78 36.22
N THR C 115 33.24 33.85 37.00
CA THR C 115 33.21 35.21 36.46
C THR C 115 34.47 35.50 35.65
N LYS C 116 35.63 35.11 36.22
CA LYS C 116 36.91 35.36 35.55
C LYS C 116 36.88 34.75 34.16
N ALA C 117 36.47 33.47 34.08
CA ALA C 117 36.49 32.76 32.81
C ALA C 117 35.52 33.44 31.84
N LEU C 118 34.37 33.90 32.35
CA LEU C 118 33.33 34.44 31.50
C LEU C 118 33.79 35.74 30.86
N GLN C 119 34.63 36.50 31.56
CA GLN C 119 35.18 37.74 31.03
C GLN C 119 35.85 37.47 29.68
N SER C 120 36.53 36.32 29.58
CA SER C 120 37.28 35.99 28.38
C SER C 120 36.41 35.28 27.34
N TYR C 121 35.23 34.77 27.75
CA TYR C 121 34.37 34.07 26.82
C TYR C 121 33.43 35.05 26.13
N VAL C 122 33.09 36.15 26.81
CA VAL C 122 32.01 37.01 26.34
C VAL C 122 32.33 37.56 24.96
N PRO C 123 33.55 38.06 24.68
CA PRO C 123 33.94 38.46 23.32
C PRO C 123 33.64 37.39 22.26
N LEU C 124 33.95 36.13 22.60
CA LEU C 124 33.71 35.00 21.72
C LEU C 124 32.20 34.83 21.50
N ILE C 125 31.43 35.00 22.58
CA ILE C 125 29.99 34.75 22.55
C ILE C 125 29.34 35.81 21.66
N VAL C 126 29.81 37.06 21.78
CA VAL C 126 29.26 38.17 21.02
C VAL C 126 29.57 37.96 19.53
N LYS C 127 30.84 37.64 19.23
CA LYS C 127 31.26 37.52 17.85
C LYS C 127 30.39 36.48 17.15
N GLU C 128 30.28 35.29 17.74
CA GLU C 128 29.52 34.19 17.15
C GLU C 128 28.10 34.64 16.83
N ALA C 129 27.48 35.38 17.77
CA ALA C 129 26.09 35.79 17.64
C ALA C 129 25.95 36.75 16.47
N GLU C 130 26.87 37.72 16.39
CA GLU C 130 26.81 38.77 15.39
C GLU C 130 27.06 38.17 14.01
N ASP C 131 28.02 37.24 13.92
CA ASP C 131 28.33 36.56 12.67
C ASP C 131 27.12 35.77 12.19
N PHE C 132 26.36 35.21 13.15
CA PHE C 132 25.32 34.25 12.87
C PHE C 132 24.08 34.97 12.33
N PHE C 133 23.77 36.11 12.96
CA PHE C 133 22.56 36.87 12.66
C PHE C 133 22.83 37.82 11.49
N ALA C 134 24.11 38.11 11.23
CA ALA C 134 24.52 38.83 10.04
C ALA C 134 24.10 38.05 8.79
N LYS C 135 24.14 36.72 8.88
CA LYS C 135 23.82 35.86 7.75
C LYS C 135 22.34 35.97 7.36
N TRP C 136 21.55 36.67 8.18
CA TRP C 136 20.11 36.70 7.99
C TRP C 136 19.73 37.74 6.93
N ASP C 137 18.60 37.48 6.25
CA ASP C 137 18.14 38.31 5.14
C ASP C 137 17.60 39.63 5.70
N LYS C 138 16.98 40.43 4.81
CA LYS C 138 16.41 41.71 5.18
C LYS C 138 15.08 41.47 5.88
N SER C 139 14.39 40.39 5.49
CA SER C 139 13.26 39.89 6.24
C SER C 139 13.06 38.41 5.92
N GLY C 140 12.14 37.77 6.66
CA GLY C 140 11.90 36.35 6.51
C GLY C 140 11.24 35.75 7.74
N THR C 141 11.20 34.41 7.79
CA THR C 141 10.58 33.68 8.88
C THR C 141 11.49 32.54 9.31
N VAL C 142 11.64 32.39 10.63
CA VAL C 142 12.60 31.45 11.20
C VAL C 142 11.93 30.73 12.37
N ASP C 143 12.23 29.43 12.47
CA ASP C 143 11.99 28.68 13.69
C ASP C 143 13.08 29.04 14.70
N ILE C 144 12.69 29.78 15.75
CA ILE C 144 13.65 30.38 16.65
C ILE C 144 14.36 29.29 17.45
N ARG C 145 13.65 28.20 17.73
CA ARG C 145 14.20 27.13 18.53
C ARG C 145 15.32 26.43 17.76
N ASP C 146 15.07 26.15 16.47
CA ASP C 146 16.07 25.54 15.61
C ASP C 146 17.30 26.44 15.51
N ALA C 147 17.05 27.75 15.40
CA ALA C 147 18.11 28.71 15.15
C ALA C 147 19.02 28.81 16.37
N LEU C 148 18.41 28.92 17.56
CA LEU C 148 19.16 29.17 18.78
C LEU C 148 19.91 27.91 19.20
N ALA C 149 19.34 26.74 18.89
CA ALA C 149 20.04 25.49 19.14
C ALA C 149 21.34 25.45 18.34
N GLU C 150 21.28 25.92 17.09
CA GLU C 150 22.45 25.93 16.21
C GLU C 150 23.50 26.90 16.75
N LEU C 151 23.06 28.10 17.10
CA LEU C 151 23.98 29.15 17.51
C LEU C 151 24.64 28.77 18.84
N ILE C 152 23.85 28.19 19.75
CA ILE C 152 24.34 27.92 21.09
C ILE C 152 25.36 26.77 21.05
N ILE C 153 25.19 25.81 20.13
CA ILE C 153 26.13 24.71 20.04
C ILE C 153 27.40 25.16 19.31
N LEU C 154 27.26 26.12 18.39
CA LEU C 154 28.42 26.75 17.77
C LEU C 154 29.26 27.43 18.83
N THR C 155 28.61 28.32 19.59
CA THR C 155 29.29 29.09 20.62
C THR C 155 29.94 28.16 21.65
N ALA C 156 29.22 27.09 22.02
CA ALA C 156 29.66 26.22 23.09
C ALA C 156 30.88 25.44 22.61
N SER C 157 30.85 24.98 21.36
CA SER C 157 32.00 24.30 20.78
C SER C 157 33.24 25.19 20.93
N ARG C 158 33.08 26.51 20.74
CA ARG C 158 34.22 27.40 20.88
C ARG C 158 34.66 27.48 22.34
N CYS C 159 33.75 27.86 23.25
CA CYS C 159 34.16 28.19 24.61
C CYS C 159 34.52 26.93 25.39
N LEU C 160 33.80 25.85 25.13
CA LEU C 160 33.99 24.59 25.84
C LEU C 160 35.23 23.88 25.29
N MET C 161 35.31 23.79 23.96
CA MET C 161 36.09 22.76 23.31
C MET C 161 37.30 23.36 22.59
N GLY C 162 37.24 24.66 22.29
CA GLY C 162 38.42 25.39 21.83
C GLY C 162 38.39 25.63 20.32
N LYS C 163 39.38 26.41 19.86
CA LYS C 163 39.42 26.96 18.51
C LYS C 163 39.60 25.84 17.49
N GLU C 164 40.45 24.86 17.83
CA GLU C 164 40.79 23.79 16.90
C GLU C 164 39.50 23.11 16.43
N ILE C 165 38.67 22.72 17.40
CA ILE C 165 37.44 21.99 17.13
C ILE C 165 36.45 22.93 16.45
N ARG C 166 36.33 24.15 16.98
CA ARG C 166 35.37 25.11 16.45
C ARG C 166 35.59 25.27 14.94
N GLU C 167 36.86 25.36 14.54
CA GLU C 167 37.20 25.85 13.21
C GLU C 167 37.43 24.69 12.25
N ASN C 168 37.73 23.49 12.78
CA ASN C 168 38.17 22.39 11.95
C ASN C 168 37.13 21.26 11.96
N LEU C 169 36.44 21.06 13.10
CA LEU C 169 35.78 19.80 13.36
C LEU C 169 34.36 20.02 13.86
N PHE C 170 33.79 21.22 13.65
CA PHE C 170 32.48 21.51 14.21
C PHE C 170 31.46 20.47 13.76
N THR C 171 31.38 20.25 12.44
CA THR C 171 30.34 19.42 11.86
C THR C 171 30.42 18.01 12.44
N GLU C 172 31.65 17.55 12.69
CA GLU C 172 31.90 16.22 13.22
C GLU C 172 31.41 16.13 14.66
N VAL C 173 31.63 17.20 15.42
CA VAL C 173 31.31 17.24 16.84
C VAL C 173 29.79 17.33 17.01
N ALA C 174 29.13 18.12 16.15
CA ALA C 174 27.69 18.30 16.21
C ALA C 174 27.00 16.97 15.91
N LYS C 175 27.55 16.22 14.95
CA LYS C 175 26.94 15.00 14.47
C LYS C 175 27.10 13.94 15.54
N LEU C 176 28.28 13.87 16.14
CA LEU C 176 28.56 12.96 17.24
C LEU C 176 27.66 13.28 18.43
N TYR C 177 27.42 14.57 18.69
CA TYR C 177 26.57 14.97 19.80
C TYR C 177 25.13 14.51 19.54
N GLN C 178 24.64 14.78 18.32
CA GLN C 178 23.29 14.41 17.95
C GLN C 178 23.06 12.92 18.21
N THR C 179 24.07 12.10 17.92
CA THR C 179 23.99 10.66 18.10
C THR C 179 23.89 10.33 19.59
N LEU C 180 24.75 10.95 20.41
CA LEU C 180 24.71 10.82 21.85
C LEU C 180 23.29 11.09 22.35
N ASP C 181 22.70 12.16 21.83
CA ASP C 181 21.45 12.70 22.36
C ASP C 181 20.30 11.79 21.95
N GLU C 182 20.44 11.08 20.83
CA GLU C 182 19.39 10.21 20.31
C GLU C 182 19.41 8.87 21.05
N GLY C 183 20.46 8.62 21.83
CA GLY C 183 20.53 7.47 22.71
C GLY C 183 19.99 7.78 24.11
N LEU C 184 19.25 8.89 24.21
CA LEU C 184 18.54 9.22 25.43
C LEU C 184 17.05 9.09 25.18
N LEU C 185 16.52 7.89 25.48
CA LEU C 185 15.11 7.58 25.30
C LEU C 185 14.49 7.36 26.67
N PRO C 186 13.14 7.38 26.77
CA PRO C 186 12.46 7.12 28.04
C PRO C 186 12.95 5.85 28.73
N ILE C 187 13.24 4.82 27.95
CA ILE C 187 13.66 3.53 28.46
C ILE C 187 15.04 3.68 29.08
N SER C 188 15.80 4.66 28.58
CA SER C 188 17.19 4.88 28.96
C SER C 188 17.29 5.36 30.40
N VAL C 189 16.24 5.99 30.94
CA VAL C 189 16.32 6.48 32.31
C VAL C 189 16.23 5.30 33.26
N PHE C 190 15.66 4.18 32.79
CA PHE C 190 15.46 3.00 33.60
C PHE C 190 16.58 2.00 33.34
N PHE C 191 16.85 1.73 32.05
CA PHE C 191 17.84 0.75 31.65
C PHE C 191 18.86 1.41 30.73
N PRO C 192 19.85 2.14 31.30
CA PRO C 192 20.83 2.88 30.51
C PRO C 192 21.69 2.01 29.59
N TYR C 193 21.94 0.77 30.03
CA TYR C 193 22.88 -0.12 29.35
C TYR C 193 22.12 -1.23 28.63
N LEU C 194 20.89 -0.93 28.20
CA LEU C 194 20.12 -1.85 27.38
C LEU C 194 20.75 -1.94 25.99
N PRO C 195 20.98 -3.16 25.44
CA PRO C 195 21.68 -3.31 24.17
C PRO C 195 20.80 -3.11 22.93
N ILE C 196 20.11 -1.98 22.88
CA ILE C 196 19.29 -1.61 21.73
C ILE C 196 20.12 -0.74 20.79
N PRO C 197 19.66 -0.49 19.55
CA PRO C 197 20.47 0.19 18.54
C PRO C 197 20.97 1.58 18.96
N ALA C 198 20.03 2.40 19.47
CA ALA C 198 20.31 3.77 19.84
C ALA C 198 21.43 3.84 20.87
N HIS C 199 21.50 2.83 21.76
CA HIS C 199 22.50 2.79 22.82
C HIS C 199 23.86 2.39 22.25
N LYS C 200 23.85 1.53 21.21
CA LYS C 200 25.07 1.11 20.54
C LYS C 200 25.73 2.33 19.90
N ARG C 201 24.92 3.07 19.13
CA ARG C 201 25.40 4.21 18.38
C ARG C 201 25.87 5.29 19.34
N ARG C 202 25.15 5.44 20.47
CA ARG C 202 25.54 6.37 21.52
C ARG C 202 26.94 6.04 22.01
N ASP C 203 27.19 4.76 22.34
CA ASP C 203 28.45 4.37 22.95
C ASP C 203 29.58 4.57 21.95
N GLU C 204 29.30 4.29 20.68
CA GLU C 204 30.28 4.44 19.61
C GLU C 204 30.60 5.92 19.41
N ALA C 205 29.56 6.76 19.42
CA ALA C 205 29.71 8.19 19.24
C ALA C 205 30.57 8.77 20.36
N ARG C 206 30.37 8.28 21.59
CA ARG C 206 31.16 8.78 22.71
C ARG C 206 32.62 8.44 22.50
N LEU C 207 32.91 7.17 22.15
CA LEU C 207 34.28 6.71 21.99
C LEU C 207 34.98 7.49 20.87
N ALA C 208 34.23 7.77 19.79
CA ALA C 208 34.73 8.57 18.68
C ALA C 208 35.13 9.96 19.16
N MET C 209 34.24 10.57 19.96
CA MET C 209 34.48 11.89 20.52
C MET C 209 35.75 11.89 21.37
N VAL C 210 36.00 10.81 22.12
CA VAL C 210 37.20 10.78 22.96
C VAL C 210 38.44 10.76 22.06
N ARG C 211 38.37 9.96 20.98
CA ARG C 211 39.51 9.82 20.08
C ARG C 211 39.83 11.17 19.46
N MET C 212 38.77 11.93 19.13
CA MET C 212 38.92 13.22 18.49
C MET C 212 39.65 14.20 19.42
N PHE C 213 39.33 14.15 20.72
CA PHE C 213 39.89 15.09 21.67
C PHE C 213 41.30 14.67 22.09
N LYS C 214 41.55 13.35 22.05
CA LYS C 214 42.87 12.81 22.33
C LYS C 214 43.93 13.48 21.45
N LYS C 215 43.58 13.68 20.17
CA LYS C 215 44.49 14.30 19.21
C LYS C 215 44.75 15.75 19.60
N ILE C 216 43.67 16.50 19.88
CA ILE C 216 43.78 17.91 20.24
C ILE C 216 44.64 18.03 21.50
N ILE C 217 44.40 17.14 22.47
CA ILE C 217 45.04 17.24 23.78
C ILE C 217 46.52 16.95 23.65
N ASP C 218 46.86 15.92 22.85
CA ASP C 218 48.25 15.54 22.62
C ASP C 218 49.00 16.70 21.98
N GLU C 219 48.38 17.35 20.99
CA GLU C 219 48.98 18.45 20.27
C GLU C 219 49.26 19.61 21.24
N ARG C 220 48.37 19.80 22.22
CA ARG C 220 48.49 20.92 23.15
C ARG C 220 49.57 20.63 24.19
N ARG C 221 49.68 19.38 24.63
CA ARG C 221 50.71 19.01 25.59
C ARG C 221 52.09 19.11 24.93
N ALA C 222 52.13 18.88 23.61
CA ALA C 222 53.36 18.98 22.84
C ALA C 222 53.87 20.43 22.82
N ASN C 223 52.94 21.39 22.94
CA ASN C 223 53.23 22.81 22.76
C ASN C 223 52.66 23.60 23.93
N PRO C 224 53.08 23.30 25.19
CA PRO C 224 52.32 23.71 26.38
C PRO C 224 52.46 25.18 26.75
N GLU C 225 53.29 25.93 26.02
CA GLU C 225 53.51 27.33 26.33
C GLU C 225 52.50 28.18 25.58
N VAL C 226 51.85 27.59 24.57
CA VAL C 226 50.73 28.24 23.91
C VAL C 226 49.53 28.25 24.85
N LYS C 227 49.03 29.47 25.16
CA LYS C 227 47.84 29.65 25.98
C LYS C 227 46.59 29.42 25.15
N HIS C 228 45.55 28.88 25.79
CA HIS C 228 44.27 28.62 25.15
C HIS C 228 43.14 29.11 26.06
N ASN C 229 42.09 29.66 25.43
CA ASN C 229 40.96 30.22 26.16
C ASN C 229 39.73 29.35 25.91
N ASP C 230 39.57 28.33 26.77
CA ASP C 230 38.46 27.39 26.68
C ASP C 230 38.44 26.51 27.93
N CYS C 231 37.35 25.75 28.08
CA CYS C 231 37.16 24.91 29.26
C CYS C 231 38.13 23.73 29.21
N LEU C 232 38.42 23.27 27.99
CA LEU C 232 39.37 22.19 27.77
C LEU C 232 40.70 22.47 28.48
N GLN C 233 41.18 23.70 28.34
CA GLN C 233 42.44 24.11 28.95
C GLN C 233 42.34 23.94 30.47
N VAL C 234 41.22 24.39 31.04
CA VAL C 234 41.02 24.31 32.48
C VAL C 234 41.06 22.84 32.91
N PHE C 235 40.45 21.97 32.11
CA PHE C 235 40.32 20.57 32.48
C PHE C 235 41.67 19.86 32.30
N MET C 236 42.51 20.40 31.41
CA MET C 236 43.83 19.83 31.18
C MET C 236 44.78 20.20 32.32
N ASP C 237 44.59 21.40 32.88
CA ASP C 237 45.44 21.90 33.96
C ASP C 237 44.93 21.40 35.32
N ALA C 238 43.73 20.82 35.34
CA ALA C 238 43.13 20.39 36.59
C ALA C 238 43.92 19.20 37.13
N ARG C 239 44.05 19.12 38.46
CA ARG C 239 44.67 17.96 39.10
C ARG C 239 43.80 17.53 40.29
N TYR C 240 43.61 16.21 40.44
CA TYR C 240 43.06 15.65 41.66
C TYR C 240 44.08 15.82 42.79
N ARG C 241 43.58 15.96 44.02
CA ARG C 241 44.42 16.19 45.18
C ARG C 241 45.05 14.87 45.63
N GLY C 242 46.23 14.98 46.25
CA GLY C 242 46.94 13.84 46.79
C GLY C 242 47.67 13.05 45.70
N GLU C 243 47.76 13.63 44.49
CA GLU C 243 48.10 12.85 43.32
C GLU C 243 48.76 13.74 42.26
N GLU C 244 49.78 13.24 41.58
CA GLU C 244 50.32 14.05 40.45
C GLU C 244 49.45 13.71 39.25
N GLN C 245 48.34 13.00 39.50
CA GLN C 245 47.51 12.49 38.38
C GLN C 245 46.63 13.56 37.75
N ALA C 246 46.73 13.66 36.43
CA ALA C 246 45.87 14.60 35.70
C ALA C 246 44.68 13.80 35.19
N LEU C 247 43.64 14.49 34.76
CA LEU C 247 42.50 13.76 34.18
C LEU C 247 42.94 13.11 32.87
N ASN C 248 42.59 11.85 32.66
CA ASN C 248 42.80 11.20 31.38
C ASN C 248 41.84 11.78 30.36
N ASP C 249 41.94 11.30 29.11
CA ASP C 249 41.24 11.92 27.98
C ASP C 249 39.75 11.60 28.06
N GLU C 250 39.42 10.44 28.63
CA GLU C 250 38.02 10.05 28.78
C GLU C 250 37.30 11.04 29.69
N GLU C 251 37.88 11.28 30.87
CA GLU C 251 37.33 12.18 31.86
C GLU C 251 37.20 13.59 31.29
N ILE C 252 38.27 14.09 30.65
CA ILE C 252 38.27 15.44 30.11
C ILE C 252 37.16 15.57 29.07
N THR C 253 37.07 14.57 28.17
CA THR C 253 36.06 14.58 27.13
C THR C 253 34.68 14.58 27.78
N GLY C 254 34.54 13.78 28.85
CA GLY C 254 33.26 13.55 29.49
C GLY C 254 32.72 14.83 30.12
N LEU C 255 33.62 15.60 30.75
CA LEU C 255 33.23 16.86 31.36
C LEU C 255 32.72 17.83 30.31
N MET C 256 33.26 17.75 29.09
CA MET C 256 32.86 18.69 28.05
C MET C 256 31.57 18.25 27.37
N ILE C 257 31.37 16.94 27.22
CA ILE C 257 30.09 16.43 26.77
C ILE C 257 29.00 16.88 27.74
N ALA C 258 29.26 16.72 29.04
CA ALA C 258 28.33 17.15 30.05
C ALA C 258 27.90 18.60 29.83
N LEU C 259 28.87 19.50 29.63
CA LEU C 259 28.59 20.92 29.54
C LEU C 259 27.93 21.26 28.21
N LEU C 260 28.25 20.51 27.15
CA LEU C 260 27.60 20.71 25.87
C LEU C 260 26.12 20.30 25.97
N PHE C 261 25.90 19.16 26.65
CA PHE C 261 24.57 18.63 26.90
C PHE C 261 23.74 19.65 27.68
N ALA C 262 24.34 20.24 28.72
CA ALA C 262 23.65 21.22 29.53
C ALA C 262 23.12 22.36 28.66
N GLY C 263 23.99 22.96 27.84
CA GLY C 263 23.62 24.10 27.01
C GLY C 263 22.48 23.78 26.06
N GLN C 264 22.50 22.58 25.46
CA GLN C 264 21.50 22.21 24.48
C GLN C 264 20.17 21.91 25.18
N HIS C 265 20.19 21.46 26.43
CA HIS C 265 18.99 21.01 27.12
C HIS C 265 18.34 22.12 27.92
N THR C 266 19.07 23.20 28.19
CA THR C 266 18.54 24.25 29.06
C THR C 266 18.59 25.59 28.34
N SER C 267 19.79 26.08 28.04
CA SER C 267 19.96 27.43 27.55
C SER C 267 19.18 27.62 26.27
N SER C 268 19.28 26.67 25.34
CA SER C 268 18.67 26.82 24.03
C SER C 268 17.14 26.90 24.14
N VAL C 269 16.53 26.22 25.14
CA VAL C 269 15.08 26.24 25.24
C VAL C 269 14.63 27.52 25.95
N THR C 270 15.28 27.88 27.06
CA THR C 270 14.95 29.11 27.75
C THR C 270 15.22 30.32 26.85
N GLY C 271 16.24 30.20 26.00
CA GLY C 271 16.55 31.23 25.02
C GLY C 271 15.41 31.41 24.01
N SER C 272 14.80 30.30 23.60
CA SER C 272 13.69 30.32 22.67
C SER C 272 12.44 30.92 23.32
N TRP C 273 12.07 30.40 24.50
CA TRP C 273 10.91 30.91 25.23
C TRP C 273 11.04 32.42 25.44
N THR C 274 12.25 32.89 25.75
CA THR C 274 12.45 34.28 26.10
C THR C 274 11.82 35.17 25.04
N GLY C 275 12.04 34.80 23.76
CA GLY C 275 11.59 35.58 22.63
C GLY C 275 10.13 35.31 22.29
N LEU C 276 9.74 34.03 22.30
CA LEU C 276 8.38 33.64 22.02
C LEU C 276 7.42 34.41 22.92
N LEU C 277 7.80 34.54 24.21
CA LEU C 277 6.93 35.18 25.19
C LEU C 277 6.93 36.70 24.99
N LEU C 278 8.11 37.28 24.75
CA LEU C 278 8.24 38.73 24.73
C LEU C 278 7.51 39.30 23.51
N PHE C 279 7.51 38.56 22.39
CA PHE C 279 7.03 39.07 21.11
C PHE C 279 5.64 38.52 20.78
N GLU C 280 4.97 37.97 21.80
CA GLU C 280 3.53 37.79 21.76
C GLU C 280 2.87 39.16 21.92
N ALA C 281 1.71 39.33 21.28
CA ALA C 281 1.17 40.65 20.99
C ALA C 281 0.96 41.44 22.28
N ASN C 282 0.30 40.81 23.25
CA ASN C 282 -0.02 41.43 24.53
C ASN C 282 1.27 41.78 25.28
N ASN C 283 2.10 40.75 25.49
CA ASN C 283 3.32 40.87 26.27
C ASN C 283 4.23 41.92 25.62
N LYS C 284 4.31 41.86 24.29
CA LYS C 284 5.12 42.77 23.50
C LYS C 284 4.70 44.21 23.81
N LYS C 285 3.39 44.45 23.80
CA LYS C 285 2.84 45.78 24.04
C LYS C 285 3.34 46.29 25.38
N LYS C 286 3.22 45.46 26.42
CA LYS C 286 3.43 45.90 27.80
C LYS C 286 4.91 46.14 28.07
N PHE C 287 5.79 45.28 27.53
CA PHE C 287 7.08 45.03 28.14
C PHE C 287 8.23 45.39 27.22
N LEU C 288 8.00 45.33 25.90
CA LEU C 288 9.07 45.52 24.93
C LEU C 288 9.56 46.98 24.94
N PRO C 289 8.67 47.98 25.15
CA PRO C 289 9.11 49.36 25.27
C PRO C 289 10.23 49.55 26.29
N GLY C 290 10.01 49.08 27.52
CA GLY C 290 10.99 49.20 28.59
C GLY C 290 12.32 48.56 28.21
N VAL C 291 12.25 47.47 27.44
CA VAL C 291 13.43 46.71 27.05
C VAL C 291 14.21 47.50 26.00
N LEU C 292 13.51 47.99 24.96
CA LEU C 292 14.14 48.71 23.88
C LEU C 292 14.75 50.01 24.39
N GLU C 293 14.04 50.66 25.31
CA GLU C 293 14.53 51.87 25.97
C GLU C 293 15.86 51.59 26.66
N GLU C 294 15.89 50.47 27.40
CA GLU C 294 17.05 50.08 28.19
C GLU C 294 18.24 49.82 27.28
N GLN C 295 18.00 49.20 26.12
CA GLN C 295 19.04 48.88 25.16
C GLN C 295 19.76 50.16 24.74
N GLU C 296 19.01 51.25 24.57
CA GLU C 296 19.55 52.46 23.98
C GLU C 296 20.20 53.33 25.06
N GLU C 297 19.70 53.24 26.30
CA GLU C 297 20.40 53.81 27.45
C GLU C 297 21.77 53.16 27.59
N ILE C 298 21.83 51.84 27.33
CA ILE C 298 23.05 51.08 27.47
C ILE C 298 24.06 51.55 26.41
N ARG C 299 23.58 51.72 25.17
CA ARG C 299 24.45 52.13 24.06
C ARG C 299 25.05 53.50 24.33
N LYS C 300 24.22 54.42 24.83
CA LYS C 300 24.65 55.77 25.15
C LYS C 300 25.88 55.70 26.05
N GLU C 301 25.81 54.84 27.07
CA GLU C 301 26.81 54.86 28.14
C GLU C 301 28.04 54.04 27.73
N PHE C 302 27.86 53.08 26.81
CA PHE C 302 28.82 52.02 26.62
C PHE C 302 29.23 51.89 25.16
N GLY C 303 28.32 52.23 24.23
CA GLY C 303 28.60 52.15 22.81
C GLY C 303 27.89 50.97 22.17
N ASP C 304 28.17 50.76 20.87
CA ASP C 304 27.53 49.71 20.09
C ASP C 304 28.11 48.35 20.45
N GLU C 305 29.28 48.36 21.09
CA GLU C 305 30.01 47.14 21.37
C GLU C 305 29.43 46.48 22.61
N LEU C 306 29.18 45.17 22.51
CA LEU C 306 28.58 44.40 23.59
C LEU C 306 29.67 43.85 24.49
N THR C 307 29.63 44.23 25.77
CA THR C 307 30.63 43.80 26.73
C THR C 307 29.96 43.22 27.96
N MET C 308 30.75 42.48 28.73
CA MET C 308 30.32 41.95 30.02
C MET C 308 29.58 43.02 30.80
N GLU C 309 30.16 44.23 30.85
CA GLU C 309 29.67 45.28 31.74
C GLU C 309 28.32 45.78 31.25
N ALA C 310 28.18 45.84 29.91
CA ALA C 310 26.95 46.28 29.27
C ALA C 310 25.83 45.27 29.52
N LEU C 311 26.15 43.98 29.31
CA LEU C 311 25.20 42.90 29.49
C LEU C 311 24.73 42.86 30.95
N ASN C 312 25.66 43.12 31.87
CA ASN C 312 25.38 43.04 33.29
C ASN C 312 24.41 44.14 33.73
N LYS C 313 24.13 45.10 32.84
CA LYS C 313 23.32 46.25 33.20
C LYS C 313 21.90 46.09 32.67
N MET C 314 21.70 45.12 31.78
CA MET C 314 20.42 44.96 31.09
C MET C 314 19.43 44.23 32.00
N ASP C 315 18.90 44.96 32.99
CA ASP C 315 18.11 44.38 34.05
C ASP C 315 16.76 43.89 33.50
N LYS C 316 16.14 44.70 32.64
CA LYS C 316 14.80 44.41 32.15
C LYS C 316 14.86 43.18 31.24
N LEU C 317 15.93 43.09 30.44
CA LEU C 317 16.11 41.92 29.60
C LEU C 317 16.36 40.69 30.48
N HIS C 318 17.18 40.87 31.53
CA HIS C 318 17.46 39.83 32.50
C HIS C 318 16.14 39.25 33.00
N ARG C 319 15.21 40.13 33.36
CA ARG C 319 13.98 39.72 34.01
C ARG C 319 13.06 39.04 33.00
N CYS C 320 13.21 39.38 31.71
CA CYS C 320 12.46 38.70 30.66
C CYS C 320 12.91 37.24 30.52
N VAL C 321 14.23 37.03 30.61
CA VAL C 321 14.81 35.69 30.59
C VAL C 321 14.34 34.93 31.82
N LYS C 322 14.35 35.61 32.97
CA LYS C 322 14.04 34.96 34.22
C LYS C 322 12.57 34.56 34.26
N GLU C 323 11.71 35.34 33.61
CA GLU C 323 10.28 35.09 33.65
C GLU C 323 9.93 33.98 32.66
N ALA C 324 10.67 33.90 31.56
CA ALA C 324 10.54 32.76 30.66
C ALA C 324 10.95 31.49 31.39
N LEU C 325 11.98 31.61 32.24
CA LEU C 325 12.49 30.47 32.98
C LEU C 325 11.48 30.08 34.07
N ARG C 326 10.88 31.08 34.72
CA ARG C 326 9.88 30.81 35.74
C ARG C 326 8.74 29.98 35.16
N MET C 327 8.33 30.32 33.93
CA MET C 327 7.07 29.83 33.40
C MET C 327 7.24 28.50 32.68
N TYR C 328 8.37 28.32 31.97
CA TYR C 328 8.59 27.10 31.22
C TYR C 328 10.00 26.57 31.51
N PRO C 329 10.28 26.15 32.78
CA PRO C 329 11.60 25.68 33.15
C PRO C 329 11.97 24.43 32.37
N PRO C 330 13.20 24.36 31.79
CA PRO C 330 13.55 23.27 30.88
C PRO C 330 13.75 21.91 31.54
N LEU C 331 14.12 21.89 32.82
CA LEU C 331 14.24 20.66 33.57
C LEU C 331 12.95 20.45 34.34
N LEU C 332 12.21 19.38 33.99
CA LEU C 332 10.92 19.08 34.58
C LEU C 332 11.07 18.83 36.08
N PHE C 333 12.05 17.99 36.43
CA PHE C 333 12.30 17.60 37.80
C PHE C 333 13.79 17.67 38.09
N VAL C 334 14.13 17.90 39.36
CA VAL C 334 15.40 17.51 39.93
C VAL C 334 15.10 16.50 41.04
N MET C 335 16.04 15.59 41.30
CA MET C 335 15.73 14.39 42.06
C MET C 335 16.89 14.05 42.99
N ARG C 336 16.58 13.37 44.10
CA ARG C 336 17.57 12.77 44.98
C ARG C 336 17.01 11.45 45.50
N LYS C 337 17.90 10.49 45.74
CA LYS C 337 17.61 9.34 46.59
C LYS C 337 17.82 9.75 48.05
N VAL C 338 16.82 9.47 48.90
CA VAL C 338 16.91 9.80 50.31
C VAL C 338 17.81 8.78 51.00
N ILE C 339 18.80 9.26 51.77
CA ILE C 339 19.69 8.39 52.51
C ILE C 339 19.34 8.45 53.99
N LYS C 340 19.21 9.68 54.54
CA LYS C 340 18.78 9.87 55.91
C LYS C 340 17.33 10.34 55.92
N PRO C 341 16.42 9.57 56.57
CA PRO C 341 15.00 9.93 56.59
C PRO C 341 14.79 11.31 57.19
N PHE C 342 13.64 11.91 56.85
CA PHE C 342 13.29 13.19 57.42
C PHE C 342 11.76 13.27 57.49
N SER C 343 11.27 14.26 58.24
CA SER C 343 9.85 14.55 58.29
C SER C 343 9.63 15.98 57.84
N TYR C 344 8.56 16.20 57.08
CA TYR C 344 8.12 17.54 56.76
C TYR C 344 6.65 17.66 57.13
N LYS C 345 6.33 18.65 57.98
CA LYS C 345 5.15 18.60 58.80
C LYS C 345 5.19 17.32 59.63
N ASP C 346 4.14 16.50 59.51
CA ASP C 346 4.10 15.20 60.15
C ASP C 346 4.06 14.12 59.08
N TYR C 347 4.70 14.41 57.94
CA TYR C 347 4.81 13.47 56.83
C TYR C 347 6.23 12.92 56.82
N TYR C 348 6.34 11.59 56.95
CA TYR C 348 7.63 10.94 57.07
C TYR C 348 8.11 10.48 55.70
N VAL C 349 9.39 10.76 55.39
CA VAL C 349 9.98 10.33 54.13
C VAL C 349 11.12 9.37 54.44
N PRO C 350 10.92 8.05 54.20
CA PRO C 350 11.91 7.05 54.59
C PRO C 350 13.11 6.98 53.65
N GLU C 351 14.18 6.38 54.16
CA GLU C 351 15.35 6.01 53.38
C GLU C 351 14.89 5.19 52.17
N GLY C 352 15.49 5.47 51.01
CA GLY C 352 15.23 4.72 49.79
C GLY C 352 14.17 5.38 48.90
N ASP C 353 13.46 6.37 49.44
CA ASP C 353 12.54 7.17 48.64
C ASP C 353 13.34 7.97 47.62
N THR C 354 12.72 8.26 46.48
CA THR C 354 13.24 9.26 45.57
C THR C 354 12.41 10.53 45.74
N VAL C 355 13.05 11.62 46.17
CA VAL C 355 12.37 12.90 46.31
C VAL C 355 12.57 13.72 45.03
N PHE C 356 11.51 14.45 44.67
CA PHE C 356 11.44 15.25 43.45
C PHE C 356 11.07 16.69 43.81
N VAL C 357 11.69 17.65 43.13
CA VAL C 357 11.11 18.97 43.00
C VAL C 357 10.83 19.21 41.52
N SER C 358 9.64 19.71 41.22
CA SER C 358 9.33 20.20 39.88
C SER C 358 9.37 21.72 39.89
N PRO C 359 10.41 22.34 39.29
CA PRO C 359 10.44 23.80 39.17
C PRO C 359 9.19 24.38 38.52
N ALA C 360 8.63 23.66 37.54
CA ALA C 360 7.43 24.12 36.86
C ALA C 360 6.29 24.28 37.86
N LEU C 361 6.00 23.20 38.59
CA LEU C 361 4.92 23.19 39.56
C LEU C 361 5.17 24.22 40.65
N SER C 362 6.35 24.19 41.27
CA SER C 362 6.64 25.02 42.43
C SER C 362 6.50 26.51 42.10
N MET C 363 6.69 26.87 40.83
CA MET C 363 6.78 28.27 40.47
C MET C 363 5.48 28.72 39.78
N ARG C 364 4.46 27.85 39.84
CA ARG C 364 3.10 28.23 39.46
C ARG C 364 2.19 28.31 40.68
N VAL C 365 2.76 28.16 41.89
CA VAL C 365 2.02 28.30 43.12
C VAL C 365 1.67 29.77 43.34
N GLU C 366 0.37 30.04 43.53
CA GLU C 366 -0.15 31.40 43.58
C GLU C 366 0.34 32.13 44.82
N GLU C 367 0.39 31.42 45.95
CA GLU C 367 0.77 32.02 47.23
C GLU C 367 2.18 32.61 47.13
N VAL C 368 3.00 32.05 46.24
CA VAL C 368 4.39 32.49 46.08
C VAL C 368 4.45 33.55 44.98
N PHE C 369 3.78 33.29 43.86
CA PHE C 369 3.85 34.16 42.69
C PHE C 369 2.43 34.60 42.31
N PRO C 370 1.98 35.78 42.79
CA PRO C 370 0.72 36.36 42.33
C PRO C 370 0.61 36.36 40.81
N ASN C 371 -0.56 35.98 40.31
CA ASN C 371 -0.80 35.84 38.88
C ASN C 371 0.25 34.90 38.28
N ALA C 372 0.43 33.75 38.95
CA ALA C 372 1.46 32.78 38.62
C ALA C 372 1.45 32.43 37.13
N ASP C 373 0.28 32.51 36.50
CA ASP C 373 0.11 31.99 35.14
C ASP C 373 0.15 33.14 34.14
N GLN C 374 0.50 34.34 34.63
CA GLN C 374 0.64 35.52 33.80
C GLN C 374 2.12 35.84 33.57
N TYR C 375 2.45 36.26 32.34
CA TYR C 375 3.77 36.76 31.99
C TYR C 375 3.96 38.16 32.57
N ASN C 376 4.81 38.30 33.59
CA ASN C 376 5.10 39.60 34.17
C ASN C 376 6.55 39.66 34.62
N PRO C 377 7.49 39.99 33.70
CA PRO C 377 8.90 40.13 34.05
C PRO C 377 9.16 40.97 35.29
N GLU C 378 8.36 42.02 35.49
CA GLU C 378 8.70 43.06 36.44
C GLU C 378 8.27 42.63 37.85
N ARG C 379 7.72 41.42 37.96
CA ARG C 379 7.46 40.82 39.26
C ARG C 379 8.77 40.68 40.04
N PHE C 380 9.90 40.64 39.32
CA PHE C 380 11.16 40.25 39.93
C PHE C 380 11.83 41.46 40.61
N VAL C 381 11.33 42.67 40.32
CA VAL C 381 11.76 43.84 41.05
C VAL C 381 11.49 43.61 42.54
N GLU C 382 10.27 43.15 42.86
CA GLU C 382 9.87 42.92 44.24
C GLU C 382 10.31 41.53 44.70
N GLU C 383 10.13 40.52 43.84
CA GLU C 383 10.38 39.15 44.22
C GLU C 383 11.83 38.98 44.63
N ASP C 384 12.73 39.73 43.98
CA ASP C 384 14.15 39.54 44.18
C ASP C 384 14.56 40.04 45.57
N LYS C 385 13.66 40.75 46.25
CA LYS C 385 13.98 41.37 47.52
C LYS C 385 13.49 40.50 48.67
N GLN C 386 12.78 39.42 48.34
CA GLN C 386 12.24 38.49 49.33
C GLN C 386 13.37 37.79 50.08
N ALA C 387 13.17 37.54 51.38
CA ALA C 387 14.19 36.92 52.21
C ALA C 387 14.04 35.40 52.21
N GLN C 388 12.81 34.91 52.00
CA GLN C 388 12.53 33.49 52.13
C GLN C 388 13.20 32.72 50.98
N LYS C 389 13.91 31.64 51.34
CA LYS C 389 14.69 30.88 50.38
C LYS C 389 13.80 29.93 49.57
N TYR C 390 14.26 29.61 48.36
CA TYR C 390 13.75 28.49 47.58
C TYR C 390 12.38 28.83 46.99
N ARG C 391 12.17 30.11 46.66
CA ARG C 391 10.95 30.53 46.01
C ARG C 391 11.09 30.36 44.50
N PHE C 392 12.15 30.95 43.95
CA PHE C 392 12.55 30.71 42.57
C PHE C 392 13.58 29.59 42.55
N VAL C 393 13.34 28.55 41.75
CA VAL C 393 14.20 27.38 41.74
C VAL C 393 14.47 26.92 40.31
N GLY C 394 14.47 27.85 39.35
CA GLY C 394 14.74 27.52 37.97
C GLY C 394 16.17 27.01 37.77
N PHE C 395 17.09 27.50 38.61
CA PHE C 395 18.48 27.08 38.59
C PHE C 395 18.79 26.20 39.80
N GLY C 396 17.76 25.56 40.36
CA GLY C 396 17.94 24.82 41.60
C GLY C 396 18.41 25.76 42.71
N ALA C 397 19.04 25.18 43.73
CA ALA C 397 19.53 25.94 44.86
C ALA C 397 20.39 25.04 45.74
N GLY C 398 21.04 25.65 46.74
CA GLY C 398 21.85 24.91 47.69
C GLY C 398 23.11 24.32 47.04
N ARG C 399 23.58 23.21 47.62
CA ARG C 399 24.88 22.65 47.32
C ARG C 399 25.05 22.39 45.82
N HIS C 400 23.98 21.99 45.13
CA HIS C 400 24.09 21.52 43.76
C HIS C 400 23.32 22.44 42.81
N GLY C 401 23.14 23.70 43.19
CA GLY C 401 22.60 24.72 42.28
C GLY C 401 23.46 24.93 41.03
N CYS C 402 22.82 25.45 39.97
CA CYS C 402 23.47 25.61 38.64
C CYS C 402 24.78 26.41 38.65
N MET C 403 25.86 25.79 38.20
CA MET C 403 27.16 26.47 38.09
C MET C 403 27.21 27.25 36.77
N GLY C 404 26.29 26.98 35.84
CA GLY C 404 26.29 27.63 34.52
C GLY C 404 25.25 28.73 34.39
N GLU C 405 24.78 29.24 35.51
CA GLU C 405 23.68 30.25 35.49
C GLU C 405 24.16 31.54 34.85
N ASN C 406 25.32 32.02 35.27
CA ASN C 406 25.79 33.30 34.75
C ASN C 406 26.09 33.18 33.27
N PHE C 407 26.67 32.06 32.86
CA PHE C 407 26.94 31.79 31.46
C PHE C 407 25.64 31.82 30.66
N ALA C 408 24.59 31.19 31.21
CA ALA C 408 23.32 31.08 30.52
C ALA C 408 22.72 32.47 30.29
N TYR C 409 22.74 33.31 31.33
CA TYR C 409 22.21 34.67 31.22
C TYR C 409 23.00 35.47 30.19
N LEU C 410 24.34 35.34 30.19
CA LEU C 410 25.16 36.11 29.27
C LEU C 410 24.87 35.66 27.84
N GLN C 411 24.79 34.35 27.65
CA GLN C 411 24.57 33.77 26.33
C GLN C 411 23.21 34.24 25.80
N ILE C 412 22.20 34.29 26.67
CA ILE C 412 20.84 34.50 26.21
C ILE C 412 20.60 36.00 26.02
N LYS C 413 21.15 36.81 26.92
CA LYS C 413 21.05 38.26 26.78
C LYS C 413 21.85 38.74 25.57
N THR C 414 22.97 38.07 25.26
CA THR C 414 23.74 38.42 24.08
C THR C 414 22.85 38.25 22.85
N ILE C 415 22.24 37.07 22.73
CA ILE C 415 21.42 36.72 21.59
C ILE C 415 20.34 37.78 21.38
N TRP C 416 19.65 38.18 22.47
CA TRP C 416 18.47 39.01 22.32
C TRP C 416 18.89 40.48 22.21
N SER C 417 20.05 40.84 22.74
CA SER C 417 20.59 42.18 22.54
C SER C 417 20.85 42.40 21.05
N VAL C 418 21.55 41.45 20.43
CA VAL C 418 21.88 41.50 19.02
C VAL C 418 20.58 41.54 18.21
N LEU C 419 19.61 40.70 18.57
CA LEU C 419 18.39 40.56 17.79
C LEU C 419 17.55 41.84 17.90
N LEU C 420 17.45 42.39 19.13
CA LEU C 420 16.63 43.56 19.38
C LEU C 420 17.18 44.76 18.62
N ARG C 421 18.51 44.82 18.47
CA ARG C 421 19.19 46.00 17.98
C ARG C 421 19.16 46.02 16.45
N ASN C 422 18.84 44.88 15.83
CA ASN C 422 19.08 44.71 14.40
C ASN C 422 17.79 44.33 13.67
N PHE C 423 16.71 44.03 14.41
CA PHE C 423 15.50 43.51 13.80
C PHE C 423 14.27 44.02 14.54
N ASP C 424 13.16 44.12 13.80
CA ASP C 424 11.82 44.12 14.36
C ASP C 424 11.24 42.72 14.23
N ILE C 425 10.62 42.24 15.31
CA ILE C 425 10.27 40.83 15.43
C ILE C 425 8.81 40.72 15.85
N GLU C 426 8.13 39.70 15.30
CA GLU C 426 6.74 39.41 15.65
C GLU C 426 6.57 37.91 15.80
N LEU C 427 5.74 37.50 16.77
CA LEU C 427 5.32 36.12 16.89
C LEU C 427 4.35 35.77 15.76
N VAL C 428 4.60 34.63 15.10
CA VAL C 428 3.69 34.07 14.11
C VAL C 428 2.73 33.12 14.82
N GLY C 429 1.45 33.54 14.90
CA GLY C 429 0.39 32.65 15.35
C GLY C 429 0.28 32.63 16.88
N GLU C 430 -0.16 31.48 17.40
CA GLU C 430 -0.33 31.30 18.84
C GLU C 430 1.06 31.11 19.48
N LEU C 431 1.16 31.48 20.76
CA LEU C 431 2.27 31.05 21.60
C LEU C 431 2.30 29.52 21.62
N PRO C 432 3.45 28.88 21.31
CA PRO C 432 3.54 27.42 21.31
C PRO C 432 3.26 26.85 22.71
N LYS C 433 2.80 25.59 22.74
CA LYS C 433 2.63 24.88 23.99
C LYS C 433 3.90 24.09 24.29
N PRO C 434 4.17 23.81 25.57
CA PRO C 434 5.27 22.91 25.95
C PRO C 434 5.14 21.56 25.26
N ASP C 435 6.26 21.06 24.74
CA ASP C 435 6.30 19.75 24.12
C ASP C 435 7.19 18.84 24.97
N TYR C 436 6.60 17.72 25.43
CA TYR C 436 7.20 16.93 26.50
C TYR C 436 7.81 15.65 25.96
N THR C 437 8.25 15.64 24.69
CA THR C 437 8.45 14.38 23.99
C THR C 437 9.95 14.11 23.76
N ALA C 438 10.79 15.14 23.91
CA ALA C 438 12.20 14.92 24.21
C ALA C 438 12.34 14.75 25.72
N MET C 439 13.58 14.57 26.19
CA MET C 439 13.85 14.57 27.62
C MET C 439 13.98 16.02 28.09
N VAL C 440 13.45 16.94 27.26
CA VAL C 440 13.53 18.37 27.54
C VAL C 440 12.18 19.01 27.21
N VAL C 441 11.76 19.94 28.07
CA VAL C 441 10.55 20.72 27.87
C VAL C 441 10.88 21.98 27.08
N GLY C 442 10.71 21.92 25.76
CA GLY C 442 10.85 23.10 24.92
C GLY C 442 9.52 23.50 24.28
N PRO C 443 9.45 24.68 23.62
CA PRO C 443 8.28 25.07 22.84
C PRO C 443 8.09 24.18 21.62
N ALA C 444 6.83 23.80 21.36
CA ALA C 444 6.50 22.85 20.32
C ALA C 444 6.71 23.49 18.94
N HIS C 445 7.33 22.73 18.04
CA HIS C 445 7.51 23.15 16.65
C HIS C 445 6.16 23.22 15.94
N PRO C 446 5.96 24.18 15.00
CA PRO C 446 6.96 25.20 14.68
C PRO C 446 6.93 26.38 15.64
N CYS C 447 8.10 26.95 15.91
CA CYS C 447 8.24 28.15 16.72
C CYS C 447 8.68 29.32 15.84
N LEU C 448 7.71 29.96 15.19
CA LEU C 448 8.02 30.86 14.08
C LEU C 448 8.03 32.30 14.57
N LEU C 449 9.11 33.01 14.24
CA LEU C 449 9.17 34.46 14.37
C LEU C 449 9.36 35.07 12.98
N ARG C 450 8.70 36.22 12.75
CA ARG C 450 8.95 37.05 11.58
C ARG C 450 9.93 38.16 11.97
N TYR C 451 10.90 38.42 11.09
CA TYR C 451 11.88 39.47 11.34
C TYR C 451 11.95 40.43 10.15
N THR C 452 12.22 41.70 10.45
CA THR C 452 12.61 42.69 9.46
C THR C 452 13.75 43.53 10.01
N ARG C 453 14.81 43.72 9.20
CA ARG C 453 15.97 44.49 9.61
C ARG C 453 15.58 45.94 9.82
N LYS C 454 16.23 46.58 10.82
CA LYS C 454 16.10 48.01 11.05
C LYS C 454 17.09 48.77 10.16
N LYS D 42 -25.90 -3.76 -27.34
CA LYS D 42 -25.07 -4.84 -27.94
C LYS D 42 -25.82 -5.45 -29.13
N TYR D 43 -26.36 -4.62 -30.03
CA TYR D 43 -26.96 -5.11 -31.25
C TYR D 43 -26.33 -4.46 -32.48
N GLY D 44 -25.04 -4.08 -32.36
CA GLY D 44 -24.16 -4.02 -33.52
C GLY D 44 -23.88 -5.41 -34.07
N ASP D 45 -24.07 -5.59 -35.38
CA ASP D 45 -24.07 -6.92 -35.97
C ASP D 45 -23.24 -6.91 -37.26
N ILE D 46 -22.62 -5.76 -37.56
CA ILE D 46 -21.65 -5.66 -38.64
C ILE D 46 -20.75 -4.46 -38.36
N PHE D 47 -19.45 -4.63 -38.58
CA PHE D 47 -18.50 -3.54 -38.41
C PHE D 47 -17.21 -3.86 -39.16
N THR D 48 -16.39 -2.81 -39.33
CA THR D 48 -15.17 -2.91 -40.12
C THR D 48 -14.01 -2.34 -39.30
N MET D 49 -12.90 -3.09 -39.28
CA MET D 49 -11.59 -2.56 -38.93
C MET D 49 -10.80 -2.35 -40.22
N LYS D 50 -9.91 -1.35 -40.21
CA LYS D 50 -8.79 -1.34 -41.12
C LYS D 50 -7.54 -1.64 -40.31
N VAL D 51 -6.91 -2.78 -40.63
CA VAL D 51 -5.68 -3.20 -39.97
C VAL D 51 -4.73 -3.70 -41.06
N PHE D 52 -3.46 -3.27 -40.95
CA PHE D 52 -2.43 -3.68 -41.90
C PHE D 52 -2.92 -3.42 -43.31
N GLY D 53 -3.59 -2.28 -43.50
CA GLY D 53 -4.04 -1.82 -44.80
C GLY D 53 -5.16 -2.69 -45.37
N GLN D 54 -5.80 -3.50 -44.53
CA GLN D 54 -6.84 -4.40 -44.98
C GLN D 54 -8.16 -4.06 -44.30
N ARG D 55 -9.26 -4.17 -45.04
CA ARG D 55 -10.58 -3.97 -44.47
C ARG D 55 -11.11 -5.32 -44.00
N LEU D 56 -11.26 -5.46 -42.68
CA LEU D 56 -11.85 -6.64 -42.07
C LEU D 56 -13.30 -6.32 -41.68
N THR D 57 -14.25 -7.10 -42.19
CA THR D 57 -15.66 -6.88 -41.89
C THR D 57 -16.21 -8.07 -41.11
N PHE D 58 -16.74 -7.80 -39.92
CA PHE D 58 -17.25 -8.83 -39.03
C PHE D 58 -18.77 -8.90 -39.11
N LEU D 59 -19.29 -10.13 -39.15
CA LEU D 59 -20.71 -10.39 -39.24
C LEU D 59 -21.12 -11.21 -38.01
N VAL D 60 -22.08 -10.68 -37.24
CA VAL D 60 -22.45 -11.28 -35.98
C VAL D 60 -23.95 -11.54 -35.97
N GLY D 61 -24.32 -12.79 -35.70
CA GLY D 61 -25.72 -13.17 -35.56
C GLY D 61 -26.32 -13.62 -36.88
N PRO D 62 -27.51 -14.27 -36.82
CA PRO D 62 -28.06 -15.02 -37.96
C PRO D 62 -28.37 -14.22 -39.21
N ASP D 63 -28.80 -12.97 -39.05
CA ASP D 63 -29.12 -12.12 -40.19
C ASP D 63 -27.84 -11.76 -40.92
N ALA D 64 -26.82 -11.37 -40.15
CA ALA D 64 -25.55 -10.93 -40.70
C ALA D 64 -24.81 -12.13 -41.32
N HIS D 65 -25.02 -13.32 -40.75
CA HIS D 65 -24.40 -14.54 -41.25
C HIS D 65 -24.80 -14.82 -42.69
N VAL D 66 -26.00 -14.36 -43.10
CA VAL D 66 -26.61 -14.85 -44.33
C VAL D 66 -25.66 -14.65 -45.51
N PRO D 67 -25.14 -13.43 -45.77
CA PRO D 67 -24.25 -13.23 -46.91
C PRO D 67 -22.94 -14.02 -46.83
N PHE D 68 -22.55 -14.47 -45.63
CA PHE D 68 -21.33 -15.24 -45.48
C PHE D 68 -21.55 -16.68 -45.95
N PHE D 69 -22.59 -17.33 -45.40
CA PHE D 69 -22.73 -18.78 -45.50
C PHE D 69 -23.55 -19.16 -46.73
N SER D 70 -24.42 -18.25 -47.19
CA SER D 70 -25.43 -18.58 -48.18
C SER D 70 -24.85 -18.52 -49.59
N GLN D 71 -23.72 -17.84 -49.77
CA GLN D 71 -23.16 -17.64 -51.09
C GLN D 71 -22.12 -18.73 -51.39
N GLY D 72 -21.48 -18.61 -52.56
CA GLY D 72 -20.62 -19.65 -53.09
C GLY D 72 -19.26 -19.11 -53.54
N ASP D 73 -18.52 -19.91 -54.31
CA ASP D 73 -17.10 -19.70 -54.53
C ASP D 73 -16.88 -18.54 -55.50
N ALA D 74 -17.91 -18.19 -56.29
CA ALA D 74 -17.82 -17.10 -57.24
C ALA D 74 -17.93 -15.76 -56.52
N GLU D 75 -18.62 -15.76 -55.36
CA GLU D 75 -18.88 -14.55 -54.60
C GLU D 75 -17.87 -14.39 -53.46
N LEU D 76 -17.41 -15.52 -52.89
CA LEU D 76 -16.54 -15.54 -51.73
C LEU D 76 -15.40 -16.53 -51.95
N SER D 77 -14.18 -16.17 -51.57
CA SER D 77 -13.01 -16.98 -51.82
C SER D 77 -12.30 -17.33 -50.51
N GLN D 78 -11.80 -18.56 -50.39
CA GLN D 78 -11.12 -19.03 -49.20
C GLN D 78 -9.60 -18.87 -49.34
N ASP D 79 -9.12 -18.59 -50.56
CA ASP D 79 -7.72 -18.78 -50.91
C ASP D 79 -6.82 -17.94 -50.01
N GLU D 80 -7.09 -16.64 -49.96
CA GLU D 80 -6.16 -15.67 -49.41
C GLU D 80 -6.15 -15.75 -47.88
N PRO D 81 -7.32 -15.77 -47.20
CA PRO D 81 -7.33 -15.86 -45.75
C PRO D 81 -6.65 -17.11 -45.21
N TYR D 82 -6.71 -18.22 -45.97
CA TYR D 82 -6.28 -19.51 -45.47
C TYR D 82 -4.94 -19.93 -46.09
N GLN D 83 -4.21 -18.96 -46.65
CA GLN D 83 -2.85 -19.16 -47.14
C GLN D 83 -1.99 -19.88 -46.10
N PHE D 84 -2.17 -19.55 -44.82
CA PHE D 84 -1.29 -20.04 -43.77
C PHE D 84 -1.19 -21.57 -43.83
N SER D 85 -2.22 -22.22 -44.37
CA SER D 85 -2.34 -23.66 -44.27
C SER D 85 -1.53 -24.36 -45.36
N VAL D 86 -1.18 -23.60 -46.42
CA VAL D 86 -0.70 -24.22 -47.64
C VAL D 86 0.63 -24.91 -47.40
N PRO D 87 1.62 -24.30 -46.71
CA PRO D 87 2.87 -24.98 -46.44
C PRO D 87 2.78 -26.01 -45.31
N ILE D 88 1.62 -26.11 -44.66
CA ILE D 88 1.41 -27.14 -43.67
C ILE D 88 0.89 -28.41 -44.34
N PHE D 89 -0.16 -28.27 -45.17
CA PHE D 89 -0.77 -29.42 -45.82
C PHE D 89 0.05 -29.78 -47.07
N GLY D 90 0.65 -28.76 -47.70
CA GLY D 90 1.54 -28.98 -48.82
C GLY D 90 1.01 -28.37 -50.11
N PRO D 91 1.83 -28.30 -51.18
CA PRO D 91 1.42 -27.70 -52.44
C PRO D 91 0.28 -28.48 -53.08
N ASN D 92 -0.61 -27.77 -53.79
CA ASN D 92 -1.58 -28.39 -54.67
C ASN D 92 -2.58 -29.21 -53.87
N VAL D 93 -2.70 -28.86 -52.58
CA VAL D 93 -3.60 -29.55 -51.68
C VAL D 93 -4.50 -28.52 -50.99
N VAL D 94 -5.81 -28.75 -51.10
CA VAL D 94 -6.84 -27.95 -50.45
C VAL D 94 -6.71 -26.49 -50.89
N TYR D 95 -6.35 -25.57 -49.99
CA TYR D 95 -6.43 -24.16 -50.33
C TYR D 95 -5.21 -23.76 -51.16
N GLY D 96 -4.33 -24.74 -51.41
CA GLY D 96 -3.20 -24.56 -52.32
C GLY D 96 -3.50 -25.08 -53.73
N ALA D 97 -4.69 -25.64 -53.94
CA ALA D 97 -5.11 -26.14 -55.24
C ALA D 97 -6.07 -25.16 -55.90
N ASP D 98 -6.16 -25.20 -57.24
CA ASP D 98 -7.18 -24.43 -57.94
C ASP D 98 -8.54 -25.05 -57.66
N LEU D 99 -9.61 -24.30 -57.93
CA LEU D 99 -10.96 -24.71 -57.55
C LEU D 99 -11.31 -26.08 -58.14
N ALA D 100 -10.91 -26.31 -59.38
CA ALA D 100 -11.26 -27.52 -60.09
C ALA D 100 -10.82 -28.75 -59.30
N HIS D 101 -9.54 -28.73 -58.90
CA HIS D 101 -8.93 -29.83 -58.16
C HIS D 101 -9.42 -29.84 -56.71
N ARG D 102 -9.53 -28.64 -56.11
CA ARG D 102 -9.93 -28.50 -54.73
C ARG D 102 -11.31 -29.13 -54.55
N ASN D 103 -12.22 -28.84 -55.49
CA ASN D 103 -13.59 -29.30 -55.37
C ASN D 103 -13.64 -30.83 -55.38
N GLN D 104 -12.68 -31.45 -56.06
CA GLN D 104 -12.64 -32.90 -56.17
C GLN D 104 -12.01 -33.50 -54.91
N GLN D 105 -10.94 -32.85 -54.42
CA GLN D 105 -10.29 -33.24 -53.18
C GLN D 105 -11.30 -33.20 -52.02
N LEU D 106 -12.20 -32.21 -52.05
CA LEU D 106 -13.17 -32.07 -50.98
C LEU D 106 -14.18 -33.21 -51.06
N LYS D 107 -14.44 -33.70 -52.27
CA LYS D 107 -15.35 -34.81 -52.47
C LYS D 107 -14.70 -36.11 -52.00
N PHE D 108 -13.38 -36.24 -52.23
CA PHE D 108 -12.64 -37.37 -51.70
C PHE D 108 -12.75 -37.39 -50.18
N ILE D 109 -12.54 -36.21 -49.57
CA ILE D 109 -12.58 -36.10 -48.12
C ILE D 109 -13.97 -36.47 -47.62
N ALA D 110 -15.01 -35.95 -48.29
CA ALA D 110 -16.38 -36.23 -47.89
C ALA D 110 -16.65 -37.73 -47.93
N ALA D 111 -16.14 -38.39 -48.97
CA ALA D 111 -16.32 -39.84 -49.12
C ALA D 111 -15.65 -40.55 -47.95
N SER D 112 -14.46 -40.07 -47.58
CA SER D 112 -13.67 -40.72 -46.55
C SER D 112 -14.34 -40.57 -45.19
N LEU D 113 -15.25 -39.60 -45.05
CA LEU D 113 -15.88 -39.31 -43.77
C LEU D 113 -17.40 -39.45 -43.83
N SER D 114 -17.91 -40.10 -44.87
CA SER D 114 -19.35 -40.33 -45.00
C SER D 114 -19.87 -41.22 -43.86
N THR D 115 -21.20 -41.32 -43.76
CA THR D 115 -21.83 -42.25 -42.82
C THR D 115 -21.35 -43.68 -43.07
N LYS D 116 -21.27 -44.07 -44.35
CA LYS D 116 -20.83 -45.41 -44.73
C LYS D 116 -19.45 -45.66 -44.12
N ALA D 117 -18.51 -44.72 -44.35
CA ALA D 117 -17.14 -44.91 -43.88
C ALA D 117 -17.13 -44.96 -42.35
N LEU D 118 -17.98 -44.16 -41.70
CA LEU D 118 -17.96 -44.06 -40.25
C LEU D 118 -18.41 -45.37 -39.62
N GLN D 119 -19.31 -46.10 -40.30
CA GLN D 119 -19.75 -47.40 -39.82
C GLN D 119 -18.55 -48.31 -39.58
N SER D 120 -17.54 -48.21 -40.44
CA SER D 120 -16.36 -49.05 -40.35
C SER D 120 -15.30 -48.46 -39.41
N TYR D 121 -15.42 -47.17 -39.07
CA TYR D 121 -14.43 -46.54 -38.21
C TYR D 121 -14.83 -46.70 -36.75
N VAL D 122 -16.14 -46.78 -36.48
CA VAL D 122 -16.63 -46.67 -35.11
C VAL D 122 -16.05 -47.79 -34.24
N PRO D 123 -16.03 -49.06 -34.70
CA PRO D 123 -15.35 -50.12 -33.97
C PRO D 123 -13.93 -49.77 -33.54
N LEU D 124 -13.18 -49.17 -34.49
CA LEU D 124 -11.81 -48.74 -34.24
C LEU D 124 -11.77 -47.66 -33.17
N ILE D 125 -12.74 -46.74 -33.24
CA ILE D 125 -12.76 -45.60 -32.33
C ILE D 125 -13.03 -46.09 -30.91
N VAL D 126 -13.96 -47.05 -30.79
CA VAL D 126 -14.34 -47.58 -29.49
C VAL D 126 -13.16 -48.34 -28.88
N LYS D 127 -12.53 -49.19 -29.69
CA LYS D 127 -11.44 -50.03 -29.20
C LYS D 127 -10.35 -49.14 -28.60
N GLU D 128 -9.89 -48.16 -29.39
CA GLU D 128 -8.82 -47.26 -28.97
C GLU D 128 -9.15 -46.62 -27.62
N ALA D 129 -10.40 -46.18 -27.46
CA ALA D 129 -10.81 -45.47 -26.26
C ALA D 129 -10.75 -46.40 -25.06
N GLU D 130 -11.27 -47.62 -25.24
CA GLU D 130 -11.38 -48.57 -24.16
C GLU D 130 -9.99 -49.04 -23.74
N ASP D 131 -9.11 -49.26 -24.72
CA ASP D 131 -7.74 -49.66 -24.46
C ASP D 131 -7.02 -48.56 -23.68
N PHE D 132 -7.34 -47.31 -23.99
CA PHE D 132 -6.59 -46.16 -23.52
C PHE D 132 -6.94 -45.88 -22.06
N PHE D 133 -8.24 -46.00 -21.75
CA PHE D 133 -8.74 -45.67 -20.42
C PHE D 133 -8.64 -46.87 -19.49
N ALA D 134 -8.50 -48.06 -20.09
CA ALA D 134 -8.18 -49.27 -19.35
C ALA D 134 -6.83 -49.10 -18.64
N LYS D 135 -5.90 -48.38 -19.29
CA LYS D 135 -4.57 -48.20 -18.76
C LYS D 135 -4.59 -47.36 -17.47
N TRP D 136 -5.75 -46.80 -17.12
CA TRP D 136 -5.84 -45.87 -16.02
C TRP D 136 -5.94 -46.61 -14.69
N ASP D 137 -5.45 -45.97 -13.62
CA ASP D 137 -5.38 -46.57 -12.29
C ASP D 137 -6.78 -46.66 -11.70
N LYS D 138 -6.85 -47.02 -10.40
CA LYS D 138 -8.11 -47.13 -9.69
C LYS D 138 -8.59 -45.73 -9.31
N SER D 139 -7.64 -44.83 -9.07
CA SER D 139 -7.92 -43.41 -8.96
C SER D 139 -6.65 -42.62 -9.26
N GLY D 140 -6.80 -41.29 -9.36
CA GLY D 140 -5.70 -40.41 -9.71
C GLY D 140 -6.19 -39.09 -10.27
N THR D 141 -5.25 -38.33 -10.87
CA THR D 141 -5.56 -37.02 -11.42
C THR D 141 -4.90 -36.91 -12.81
N VAL D 142 -5.65 -36.33 -13.76
CA VAL D 142 -5.21 -36.25 -15.13
C VAL D 142 -5.52 -34.86 -15.67
N ASP D 143 -4.60 -34.32 -16.49
CA ASP D 143 -4.90 -33.22 -17.38
C ASP D 143 -5.70 -33.76 -18.57
N ILE D 144 -6.99 -33.44 -18.62
CA ILE D 144 -7.91 -34.06 -19.57
C ILE D 144 -7.55 -33.63 -20.99
N ARG D 145 -7.05 -32.39 -21.13
CA ARG D 145 -6.72 -31.86 -22.44
C ARG D 145 -5.54 -32.63 -23.03
N ASP D 146 -4.52 -32.86 -22.22
CA ASP D 146 -3.35 -33.61 -22.64
C ASP D 146 -3.77 -35.03 -23.04
N ALA D 147 -4.66 -35.62 -22.25
CA ALA D 147 -5.05 -37.01 -22.41
C ALA D 147 -5.82 -37.19 -23.72
N LEU D 148 -6.80 -36.29 -23.96
CA LEU D 148 -7.69 -36.44 -25.09
C LEU D 148 -6.96 -36.11 -26.39
N ALA D 149 -5.98 -35.20 -26.32
CA ALA D 149 -5.15 -34.91 -27.48
C ALA D 149 -4.40 -36.17 -27.90
N GLU D 150 -3.91 -36.93 -26.91
CA GLU D 150 -3.16 -38.16 -27.16
C GLU D 150 -4.09 -39.19 -27.80
N LEU D 151 -5.26 -39.38 -27.20
CA LEU D 151 -6.17 -40.45 -27.62
C LEU D 151 -6.69 -40.14 -29.03
N ILE D 152 -6.98 -38.86 -29.30
CA ILE D 152 -7.61 -38.48 -30.55
C ILE D 152 -6.60 -38.61 -31.69
N ILE D 153 -5.32 -38.37 -31.43
CA ILE D 153 -4.32 -38.48 -32.48
C ILE D 153 -3.97 -39.95 -32.69
N LEU D 154 -4.09 -40.77 -31.63
CA LEU D 154 -3.94 -42.22 -31.77
C LEU D 154 -5.02 -42.74 -32.71
N THR D 155 -6.28 -42.41 -32.37
CA THR D 155 -7.42 -42.87 -33.12
C THR D 155 -7.31 -42.40 -34.57
N ALA D 156 -6.89 -41.15 -34.77
CA ALA D 156 -6.87 -40.54 -36.08
C ALA D 156 -5.81 -41.22 -36.94
N SER D 157 -4.65 -41.48 -36.33
CA SER D 157 -3.60 -42.19 -37.03
C SER D 157 -4.14 -43.51 -37.57
N ARG D 158 -5.00 -44.19 -36.81
CA ARG D 158 -5.58 -45.45 -37.27
C ARG D 158 -6.53 -45.19 -38.43
N CYS D 159 -7.55 -44.35 -38.23
CA CYS D 159 -8.64 -44.23 -39.20
C CYS D 159 -8.16 -43.50 -40.46
N LEU D 160 -7.31 -42.49 -40.27
CA LEU D 160 -6.85 -41.66 -41.36
C LEU D 160 -5.76 -42.39 -42.15
N MET D 161 -4.80 -42.97 -41.41
CA MET D 161 -3.49 -43.25 -41.96
C MET D 161 -3.27 -44.77 -42.07
N GLY D 162 -4.03 -45.55 -41.30
CA GLY D 162 -4.07 -46.99 -41.49
C GLY D 162 -3.26 -47.74 -40.44
N LYS D 163 -3.38 -49.08 -40.49
CA LYS D 163 -2.88 -49.97 -39.45
C LYS D 163 -1.35 -49.93 -39.40
N GLU D 164 -0.72 -49.89 -40.58
CA GLU D 164 0.73 -49.94 -40.67
C GLU D 164 1.32 -48.83 -39.80
N ILE D 165 0.85 -47.60 -40.02
CA ILE D 165 1.36 -46.43 -39.34
C ILE D 165 0.97 -46.50 -37.87
N ARG D 166 -0.30 -46.85 -37.60
CA ARG D 166 -0.79 -46.89 -36.23
C ARG D 166 0.12 -47.77 -35.39
N GLU D 167 0.52 -48.92 -35.93
CA GLU D 167 1.08 -49.99 -35.13
C GLU D 167 2.61 -49.95 -35.17
N ASN D 168 3.18 -49.31 -36.20
CA ASN D 168 4.61 -49.39 -36.43
C ASN D 168 5.26 -48.01 -36.21
N LEU D 169 4.55 -46.93 -36.56
CA LEU D 169 5.20 -45.65 -36.82
C LEU D 169 4.48 -44.51 -36.11
N PHE D 170 3.66 -44.82 -35.10
CA PHE D 170 2.88 -43.78 -34.47
C PHE D 170 3.78 -42.66 -33.94
N THR D 171 4.81 -43.05 -33.18
CA THR D 171 5.64 -42.08 -32.48
C THR D 171 6.29 -41.14 -33.50
N GLU D 172 6.65 -41.69 -34.68
CA GLU D 172 7.31 -40.94 -35.73
C GLU D 172 6.33 -39.93 -36.33
N VAL D 173 5.07 -40.34 -36.48
CA VAL D 173 4.06 -39.53 -37.13
C VAL D 173 3.64 -38.40 -36.19
N ALA D 174 3.52 -38.72 -34.89
CA ALA D 174 3.14 -37.74 -33.89
C ALA D 174 4.20 -36.64 -33.79
N LYS D 175 5.47 -37.05 -33.88
CA LYS D 175 6.59 -36.15 -33.70
C LYS D 175 6.66 -35.22 -34.92
N LEU D 176 6.50 -35.80 -36.11
CA LEU D 176 6.49 -35.05 -37.34
C LEU D 176 5.32 -34.07 -37.34
N TYR D 177 4.16 -34.48 -36.79
CA TYR D 177 3.01 -33.60 -36.76
C TYR D 177 3.28 -32.43 -35.82
N GLN D 178 3.82 -32.73 -34.64
CA GLN D 178 4.12 -31.71 -33.64
C GLN D 178 5.00 -30.63 -34.25
N THR D 179 5.94 -31.04 -35.11
CA THR D 179 6.86 -30.12 -35.77
C THR D 179 6.09 -29.24 -36.75
N LEU D 180 5.24 -29.87 -37.57
CA LEU D 180 4.36 -29.15 -38.48
C LEU D 180 3.62 -28.06 -37.73
N ASP D 181 3.09 -28.43 -36.56
CA ASP D 181 2.15 -27.59 -35.83
C ASP D 181 2.90 -26.42 -35.19
N GLU D 182 4.19 -26.62 -34.88
CA GLU D 182 5.00 -25.60 -34.22
C GLU D 182 5.49 -24.59 -35.25
N GLY D 183 5.32 -24.90 -36.54
CA GLY D 183 5.61 -23.96 -37.62
C GLY D 183 4.36 -23.15 -37.99
N LEU D 184 3.36 -23.16 -37.11
CA LEU D 184 2.23 -22.28 -37.22
C LEU D 184 2.29 -21.25 -36.09
N LEU D 185 2.88 -20.10 -36.42
CA LEU D 185 3.03 -18.99 -35.49
C LEU D 185 2.17 -17.84 -35.98
N PRO D 186 1.89 -16.84 -35.12
CA PRO D 186 1.10 -15.66 -35.54
C PRO D 186 1.62 -15.03 -36.83
N ILE D 187 2.95 -15.00 -36.98
CA ILE D 187 3.58 -14.38 -38.13
C ILE D 187 3.28 -15.21 -39.38
N SER D 188 3.03 -16.50 -39.15
CA SER D 188 2.82 -17.46 -40.22
C SER D 188 1.52 -17.19 -40.97
N VAL D 189 0.55 -16.55 -40.32
CA VAL D 189 -0.72 -16.28 -40.99
C VAL D 189 -0.51 -15.16 -42.01
N PHE D 190 0.52 -14.35 -41.80
CA PHE D 190 0.80 -13.21 -42.68
C PHE D 190 1.87 -13.59 -43.69
N PHE D 191 2.95 -14.20 -43.21
CA PHE D 191 4.08 -14.55 -44.06
C PHE D 191 4.37 -16.05 -43.92
N PRO D 192 3.59 -16.91 -44.61
CA PRO D 192 3.73 -18.36 -44.48
C PRO D 192 5.10 -18.90 -44.90
N TYR D 193 5.74 -18.23 -45.86
CA TYR D 193 6.97 -18.71 -46.46
C TYR D 193 8.15 -17.86 -45.99
N LEU D 194 8.05 -17.30 -44.77
CA LEU D 194 9.16 -16.60 -44.15
C LEU D 194 10.25 -17.61 -43.79
N PRO D 195 11.53 -17.33 -44.13
CA PRO D 195 12.62 -18.29 -43.87
C PRO D 195 13.16 -18.24 -42.44
N ILE D 196 12.26 -18.39 -41.47
CA ILE D 196 12.64 -18.49 -40.06
C ILE D 196 12.77 -19.97 -39.69
N PRO D 197 13.36 -20.30 -38.51
CA PRO D 197 13.67 -21.69 -38.17
C PRO D 197 12.47 -22.63 -38.15
N ALA D 198 11.39 -22.19 -37.48
CA ALA D 198 10.19 -23.00 -37.30
C ALA D 198 9.62 -23.41 -38.66
N HIS D 199 9.76 -22.53 -39.67
CA HIS D 199 9.23 -22.79 -41.00
C HIS D 199 10.12 -23.79 -41.73
N LYS D 200 11.39 -23.83 -41.39
CA LYS D 200 12.28 -24.74 -42.12
C LYS D 200 12.04 -26.15 -41.58
N ARG D 201 11.86 -26.25 -40.25
CA ARG D 201 11.61 -27.53 -39.63
C ARG D 201 10.25 -28.06 -40.07
N ARG D 202 9.28 -27.14 -40.21
CA ARG D 202 7.96 -27.46 -40.72
C ARG D 202 8.07 -28.11 -42.10
N ASP D 203 8.82 -27.45 -43.00
CA ASP D 203 8.88 -27.89 -44.39
C ASP D 203 9.59 -29.25 -44.46
N GLU D 204 10.59 -29.43 -43.59
CA GLU D 204 11.37 -30.65 -43.56
C GLU D 204 10.49 -31.78 -43.02
N ALA D 205 9.71 -31.48 -41.97
CA ALA D 205 8.82 -32.45 -41.36
C ALA D 205 7.79 -32.91 -42.37
N ARG D 206 7.28 -32.00 -43.20
CA ARG D 206 6.29 -32.36 -44.20
C ARG D 206 6.91 -33.32 -45.21
N LEU D 207 8.12 -33.00 -45.69
CA LEU D 207 8.77 -33.80 -46.71
C LEU D 207 9.08 -35.19 -46.15
N ALA D 208 9.49 -35.25 -44.89
CA ALA D 208 9.73 -36.51 -44.20
C ALA D 208 8.44 -37.34 -44.18
N MET D 209 7.33 -36.70 -43.83
CA MET D 209 6.03 -37.36 -43.77
C MET D 209 5.67 -37.92 -45.15
N VAL D 210 6.00 -37.21 -46.23
CA VAL D 210 5.67 -37.70 -47.56
C VAL D 210 6.48 -38.97 -47.84
N ARG D 211 7.76 -38.96 -47.45
CA ARG D 211 8.65 -40.08 -47.72
C ARG D 211 8.14 -41.30 -46.95
N MET D 212 7.63 -41.08 -45.74
CA MET D 212 7.13 -42.14 -44.89
C MET D 212 5.92 -42.80 -45.55
N PHE D 213 5.04 -42.00 -46.16
CA PHE D 213 3.81 -42.52 -46.74
C PHE D 213 4.08 -43.14 -48.11
N LYS D 214 5.13 -42.65 -48.78
CA LYS D 214 5.56 -43.20 -50.07
C LYS D 214 5.83 -44.70 -49.91
N LYS D 215 6.47 -45.07 -48.80
CA LYS D 215 6.79 -46.47 -48.50
C LYS D 215 5.50 -47.25 -48.32
N ILE D 216 4.59 -46.74 -47.47
CA ILE D 216 3.35 -47.42 -47.18
C ILE D 216 2.55 -47.60 -48.47
N ILE D 217 2.53 -46.57 -49.31
CA ILE D 217 1.70 -46.57 -50.51
C ILE D 217 2.26 -47.58 -51.51
N ASP D 218 3.59 -47.59 -51.66
CA ASP D 218 4.26 -48.52 -52.56
C ASP D 218 3.99 -49.96 -52.14
N GLU D 219 4.06 -50.21 -50.83
CA GLU D 219 3.83 -51.53 -50.27
C GLU D 219 2.39 -51.98 -50.57
N ARG D 220 1.45 -51.03 -50.56
CA ARG D 220 0.04 -51.36 -50.76
C ARG D 220 -0.23 -51.64 -52.23
N ARG D 221 0.42 -50.88 -53.13
CA ARG D 221 0.23 -51.09 -54.55
C ARG D 221 0.85 -52.42 -54.96
N ALA D 222 1.89 -52.83 -54.23
CA ALA D 222 2.56 -54.11 -54.47
C ALA D 222 1.63 -55.27 -54.15
N ASN D 223 0.68 -55.06 -53.23
CA ASN D 223 -0.17 -56.11 -52.71
C ASN D 223 -1.62 -55.68 -52.75
N PRO D 224 -2.17 -55.35 -53.95
CA PRO D 224 -3.39 -54.57 -54.07
C PRO D 224 -4.68 -55.32 -53.76
N GLU D 225 -4.58 -56.62 -53.51
CA GLU D 225 -5.76 -57.43 -53.24
C GLU D 225 -6.08 -57.41 -51.75
N VAL D 226 -5.10 -56.98 -50.94
CA VAL D 226 -5.34 -56.75 -49.52
C VAL D 226 -6.20 -55.50 -49.36
N LYS D 227 -7.36 -55.66 -48.72
CA LYS D 227 -8.26 -54.54 -48.43
C LYS D 227 -7.78 -53.80 -47.18
N HIS D 228 -8.00 -52.48 -47.15
CA HIS D 228 -7.62 -51.65 -46.02
C HIS D 228 -8.77 -50.71 -45.66
N ASN D 229 -8.98 -50.50 -44.36
CA ASN D 229 -10.05 -49.65 -43.86
C ASN D 229 -9.43 -48.38 -43.26
N ASP D 230 -9.30 -47.35 -44.11
CA ASP D 230 -8.74 -46.06 -43.70
C ASP D 230 -8.93 -45.05 -44.81
N CYS D 231 -8.64 -43.78 -44.50
CA CYS D 231 -8.84 -42.70 -45.45
C CYS D 231 -7.78 -42.78 -46.55
N LEU D 232 -6.58 -43.25 -46.18
CA LEU D 232 -5.49 -43.42 -47.12
C LEU D 232 -5.95 -44.23 -48.33
N GLN D 233 -6.68 -45.33 -48.07
CA GLN D 233 -7.15 -46.22 -49.11
C GLN D 233 -8.05 -45.42 -50.06
N VAL D 234 -8.96 -44.63 -49.49
CA VAL D 234 -9.90 -43.85 -50.29
C VAL D 234 -9.11 -42.89 -51.17
N PHE D 235 -8.04 -42.30 -50.63
CA PHE D 235 -7.30 -41.27 -51.35
C PHE D 235 -6.44 -41.93 -52.44
N MET D 236 -6.09 -43.20 -52.23
CA MET D 236 -5.30 -43.95 -53.20
C MET D 236 -6.18 -44.36 -54.38
N ASP D 237 -7.45 -44.64 -54.12
CA ASP D 237 -8.36 -45.14 -55.16
C ASP D 237 -9.03 -43.96 -55.84
N ALA D 238 -8.77 -42.76 -55.35
CA ALA D 238 -9.44 -41.56 -55.89
C ALA D 238 -8.81 -41.18 -57.23
N ARG D 239 -9.62 -40.65 -58.12
CA ARG D 239 -9.13 -40.20 -59.42
C ARG D 239 -9.76 -38.85 -59.75
N TYR D 240 -8.94 -37.92 -60.28
CA TYR D 240 -9.45 -36.70 -60.89
C TYR D 240 -10.18 -37.06 -62.18
N ARG D 241 -11.16 -36.23 -62.51
CA ARG D 241 -11.98 -36.49 -63.71
C ARG D 241 -11.22 -36.11 -64.97
N GLY D 242 -11.56 -36.73 -66.09
CA GLY D 242 -10.99 -36.43 -67.39
C GLY D 242 -9.58 -37.00 -67.55
N GLU D 243 -9.17 -37.87 -66.61
CA GLU D 243 -7.76 -38.18 -66.45
C GLU D 243 -7.58 -39.56 -65.85
N GLU D 244 -6.59 -40.31 -66.36
CA GLU D 244 -6.26 -41.60 -65.73
C GLU D 244 -5.24 -41.25 -64.65
N GLN D 245 -5.51 -40.16 -63.91
CA GLN D 245 -4.45 -39.72 -62.96
C GLN D 245 -4.83 -39.82 -61.50
N ALA D 246 -4.21 -40.77 -60.80
CA ALA D 246 -4.33 -40.80 -59.36
C ALA D 246 -3.59 -39.62 -58.74
N LEU D 247 -3.91 -39.32 -57.48
CA LEU D 247 -3.13 -38.39 -56.69
C LEU D 247 -1.71 -38.95 -56.53
N ASN D 248 -0.72 -38.07 -56.63
CA ASN D 248 0.65 -38.43 -56.26
C ASN D 248 0.74 -38.49 -54.74
N ASP D 249 1.92 -38.84 -54.23
CA ASP D 249 2.12 -39.13 -52.82
C ASP D 249 2.07 -37.84 -51.99
N GLU D 250 2.46 -36.72 -52.61
CA GLU D 250 2.43 -35.43 -51.94
C GLU D 250 1.00 -35.06 -51.61
N GLU D 251 0.12 -35.13 -52.62
CA GLU D 251 -1.27 -34.77 -52.48
C GLU D 251 -1.95 -35.69 -51.46
N ILE D 252 -1.72 -37.00 -51.57
CA ILE D 252 -2.34 -37.96 -50.67
C ILE D 252 -1.92 -37.66 -49.24
N THR D 253 -0.61 -37.43 -49.04
CA THR D 253 -0.08 -37.14 -47.72
C THR D 253 -0.72 -35.86 -47.19
N GLY D 254 -0.87 -34.89 -48.10
CA GLY D 254 -1.35 -33.57 -47.72
C GLY D 254 -2.80 -33.61 -47.20
N LEU D 255 -3.63 -34.42 -47.87
CA LEU D 255 -5.01 -34.57 -47.48
C LEU D 255 -5.09 -35.15 -46.07
N MET D 256 -4.13 -36.00 -45.72
CA MET D 256 -4.19 -36.67 -44.42
C MET D 256 -3.65 -35.79 -43.31
N ILE D 257 -2.61 -34.98 -43.63
CA ILE D 257 -2.15 -33.96 -42.71
C ILE D 257 -3.31 -33.01 -42.39
N ALA D 258 -4.01 -32.57 -43.44
CA ALA D 258 -5.17 -31.70 -43.26
C ALA D 258 -6.14 -32.26 -42.22
N LEU D 259 -6.49 -33.53 -42.37
CA LEU D 259 -7.52 -34.16 -41.55
C LEU D 259 -7.00 -34.40 -40.13
N LEU D 260 -5.70 -34.70 -40.02
CA LEU D 260 -5.07 -34.87 -38.71
C LEU D 260 -5.08 -33.54 -37.97
N PHE D 261 -4.76 -32.48 -38.71
CA PHE D 261 -4.73 -31.12 -38.19
C PHE D 261 -6.11 -30.73 -37.67
N ALA D 262 -7.15 -31.07 -38.44
CA ALA D 262 -8.52 -30.76 -38.04
C ALA D 262 -8.83 -31.35 -36.67
N GLY D 263 -8.57 -32.65 -36.50
CA GLY D 263 -8.89 -33.36 -35.28
C GLY D 263 -8.18 -32.76 -34.07
N GLN D 264 -6.91 -32.38 -34.24
CA GLN D 264 -6.13 -31.87 -33.12
C GLN D 264 -6.55 -30.45 -32.78
N HIS D 265 -7.07 -29.69 -33.76
CA HIS D 265 -7.39 -28.29 -33.54
C HIS D 265 -8.83 -28.09 -33.10
N THR D 266 -9.69 -29.10 -33.30
CA THR D 266 -11.10 -28.91 -33.00
C THR D 266 -11.58 -29.97 -32.01
N SER D 267 -11.55 -31.23 -32.46
CA SER D 267 -12.16 -32.32 -31.71
C SER D 267 -11.55 -32.38 -30.31
N SER D 268 -10.23 -32.32 -30.23
CA SER D 268 -9.54 -32.53 -28.96
C SER D 268 -9.87 -31.43 -27.96
N VAL D 269 -10.16 -30.20 -28.44
CA VAL D 269 -10.45 -29.12 -27.51
C VAL D 269 -11.90 -29.21 -27.08
N THR D 270 -12.83 -29.40 -28.03
CA THR D 270 -14.24 -29.51 -27.68
C THR D 270 -14.47 -30.76 -26.82
N GLY D 271 -13.66 -31.79 -27.05
CA GLY D 271 -13.69 -32.99 -26.24
C GLY D 271 -13.33 -32.71 -24.78
N SER D 272 -12.31 -31.85 -24.59
CA SER D 272 -11.85 -31.46 -23.26
C SER D 272 -12.91 -30.61 -22.56
N TRP D 273 -13.37 -29.56 -23.23
CA TRP D 273 -14.40 -28.68 -22.67
C TRP D 273 -15.62 -29.49 -22.24
N THR D 274 -15.99 -30.49 -23.05
CA THR D 274 -17.22 -31.22 -22.80
C THR D 274 -17.25 -31.71 -21.35
N GLY D 275 -16.09 -32.22 -20.90
CA GLY D 275 -15.97 -32.79 -19.57
C GLY D 275 -15.74 -31.74 -18.49
N LEU D 276 -14.87 -30.76 -18.79
CA LEU D 276 -14.59 -29.68 -17.86
C LEU D 276 -15.90 -29.02 -17.44
N LEU D 277 -16.80 -28.81 -18.41
CA LEU D 277 -18.05 -28.11 -18.17
C LEU D 277 -19.01 -29.00 -17.39
N LEU D 278 -19.11 -30.28 -17.77
CA LEU D 278 -20.13 -31.15 -17.22
C LEU D 278 -19.84 -31.45 -15.75
N PHE D 279 -18.55 -31.51 -15.39
CA PHE D 279 -18.14 -32.01 -14.09
C PHE D 279 -17.72 -30.86 -13.18
N GLU D 280 -18.09 -29.63 -13.58
CA GLU D 280 -18.12 -28.50 -12.66
C GLU D 280 -19.32 -28.67 -11.73
N ALA D 281 -19.17 -28.20 -10.48
CA ALA D 281 -20.01 -28.63 -9.38
C ALA D 281 -21.48 -28.34 -9.68
N ASN D 282 -21.76 -27.10 -10.11
CA ASN D 282 -23.12 -26.67 -10.39
C ASN D 282 -23.69 -27.47 -11.56
N ASN D 283 -22.97 -27.42 -12.69
CA ASN D 283 -23.41 -28.06 -13.93
C ASN D 283 -23.61 -29.54 -13.69
N LYS D 284 -22.66 -30.15 -12.97
CA LYS D 284 -22.70 -31.56 -12.65
C LYS D 284 -24.00 -31.90 -11.94
N LYS D 285 -24.35 -31.07 -10.94
CA LYS D 285 -25.56 -31.27 -10.15
C LYS D 285 -26.76 -31.34 -11.09
N LYS D 286 -26.87 -30.36 -12.00
CA LYS D 286 -28.08 -30.15 -12.78
C LYS D 286 -28.23 -31.23 -13.84
N PHE D 287 -27.13 -31.65 -14.46
CA PHE D 287 -27.17 -32.19 -15.82
C PHE D 287 -26.65 -33.62 -15.87
N LEU D 288 -25.74 -33.99 -14.96
CA LEU D 288 -25.08 -35.29 -15.01
C LEU D 288 -26.07 -36.40 -14.72
N PRO D 289 -27.06 -36.22 -13.82
CA PRO D 289 -28.09 -37.24 -13.58
C PRO D 289 -28.73 -37.72 -14.88
N GLY D 290 -29.27 -36.78 -15.67
CA GLY D 290 -29.94 -37.09 -16.91
C GLY D 290 -29.03 -37.87 -17.87
N VAL D 291 -27.73 -37.55 -17.83
CA VAL D 291 -26.76 -38.16 -18.73
C VAL D 291 -26.51 -39.60 -18.30
N LEU D 292 -26.27 -39.81 -16.99
CA LEU D 292 -25.96 -41.13 -16.45
C LEU D 292 -27.17 -42.05 -16.63
N GLU D 293 -28.36 -41.49 -16.43
CA GLU D 293 -29.61 -42.23 -16.62
C GLU D 293 -29.69 -42.71 -18.06
N GLU D 294 -29.37 -41.81 -19.01
CA GLU D 294 -29.49 -42.08 -20.43
C GLU D 294 -28.53 -43.20 -20.82
N GLN D 295 -27.33 -43.20 -20.24
CA GLN D 295 -26.32 -44.21 -20.51
C GLN D 295 -26.86 -45.60 -20.20
N GLU D 296 -27.64 -45.71 -19.12
CA GLU D 296 -28.06 -47.02 -18.63
C GLU D 296 -29.33 -47.47 -19.35
N GLU D 297 -30.16 -46.52 -19.78
CA GLU D 297 -31.25 -46.82 -20.69
C GLU D 297 -30.70 -47.40 -22.00
N ILE D 298 -29.56 -46.85 -22.44
CA ILE D 298 -28.92 -47.28 -23.68
C ILE D 298 -28.45 -48.73 -23.52
N ARG D 299 -27.80 -49.03 -22.38
CA ARG D 299 -27.25 -50.34 -22.11
C ARG D 299 -28.37 -51.39 -22.09
N LYS D 300 -29.52 -51.03 -21.58
CA LYS D 300 -30.62 -52.01 -21.45
C LYS D 300 -31.07 -52.42 -22.85
N GLU D 301 -31.16 -51.47 -23.77
CA GLU D 301 -31.70 -51.77 -25.12
C GLU D 301 -30.58 -52.17 -26.09
N PHE D 302 -29.32 -52.13 -25.68
CA PHE D 302 -28.27 -52.36 -26.66
C PHE D 302 -27.15 -53.22 -26.09
N GLY D 303 -26.93 -53.16 -24.77
CA GLY D 303 -25.89 -53.92 -24.11
C GLY D 303 -24.67 -53.07 -23.78
N ASP D 304 -23.59 -53.73 -23.34
CA ASP D 304 -22.40 -53.04 -22.87
C ASP D 304 -21.59 -52.54 -24.07
N GLU D 305 -21.89 -53.07 -25.25
CA GLU D 305 -21.11 -52.81 -26.45
C GLU D 305 -21.52 -51.45 -27.04
N LEU D 306 -20.51 -50.64 -27.37
CA LEU D 306 -20.74 -49.32 -27.95
C LEU D 306 -20.77 -49.46 -29.46
N THR D 307 -21.89 -49.05 -30.06
CA THR D 307 -22.05 -49.14 -31.50
C THR D 307 -22.54 -47.80 -32.04
N MET D 308 -22.40 -47.62 -33.36
CA MET D 308 -22.93 -46.47 -34.06
C MET D 308 -24.34 -46.16 -33.57
N GLU D 309 -25.18 -47.20 -33.50
CA GLU D 309 -26.61 -47.02 -33.27
C GLU D 309 -26.84 -46.56 -31.83
N ALA D 310 -26.01 -47.08 -30.92
CA ALA D 310 -26.10 -46.73 -29.51
C ALA D 310 -25.66 -45.29 -29.30
N LEU D 311 -24.53 -44.91 -29.92
CA LEU D 311 -24.00 -43.56 -29.82
C LEU D 311 -25.01 -42.57 -30.39
N ASN D 312 -25.67 -42.96 -31.49
CA ASN D 312 -26.60 -42.09 -32.19
C ASN D 312 -27.86 -41.83 -31.35
N LYS D 313 -28.01 -42.54 -30.21
CA LYS D 313 -29.20 -42.42 -29.40
C LYS D 313 -28.94 -41.53 -28.19
N MET D 314 -27.65 -41.25 -27.91
CA MET D 314 -27.27 -40.56 -26.69
C MET D 314 -27.48 -39.05 -26.86
N ASP D 315 -28.76 -38.63 -26.80
CA ASP D 315 -29.14 -37.27 -27.13
C ASP D 315 -28.63 -36.29 -26.09
N LYS D 316 -28.72 -36.66 -24.80
CA LYS D 316 -28.36 -35.76 -23.73
C LYS D 316 -26.86 -35.54 -23.74
N LEU D 317 -26.09 -36.59 -24.02
CA LEU D 317 -24.65 -36.46 -24.15
C LEU D 317 -24.31 -35.62 -25.37
N HIS D 318 -25.04 -35.85 -26.48
CA HIS D 318 -24.89 -35.07 -27.69
C HIS D 318 -24.98 -33.59 -27.36
N ARG D 319 -25.99 -33.24 -26.56
CA ARG D 319 -26.30 -31.85 -26.30
C ARG D 319 -25.25 -31.25 -25.37
N CYS D 320 -24.61 -32.09 -24.54
CA CYS D 320 -23.51 -31.66 -23.69
C CYS D 320 -22.30 -31.26 -24.54
N VAL D 321 -22.02 -32.07 -25.57
CA VAL D 321 -20.96 -31.77 -26.52
C VAL D 321 -21.28 -30.49 -27.27
N LYS D 322 -22.55 -30.38 -27.68
CA LYS D 322 -22.96 -29.26 -28.51
C LYS D 322 -22.89 -27.97 -27.71
N GLU D 323 -23.16 -28.04 -26.40
CA GLU D 323 -23.19 -26.85 -25.56
C GLU D 323 -21.76 -26.43 -25.21
N ALA D 324 -20.85 -27.40 -25.08
CA ALA D 324 -19.45 -27.08 -24.93
C ALA D 324 -18.94 -26.39 -26.19
N LEU D 325 -19.46 -26.83 -27.34
CA LEU D 325 -19.06 -26.26 -28.62
C LEU D 325 -19.64 -24.86 -28.74
N ARG D 326 -20.89 -24.68 -28.30
CA ARG D 326 -21.52 -23.37 -28.37
C ARG D 326 -20.70 -22.34 -27.58
N MET D 327 -20.17 -22.75 -26.42
CA MET D 327 -19.64 -21.80 -25.45
C MET D 327 -18.16 -21.53 -25.70
N TYR D 328 -17.40 -22.55 -26.11
CA TYR D 328 -15.97 -22.39 -26.34
C TYR D 328 -15.60 -22.99 -27.70
N PRO D 329 -16.11 -22.42 -28.81
CA PRO D 329 -15.85 -22.95 -30.14
C PRO D 329 -14.36 -22.88 -30.46
N PRO D 330 -13.75 -23.96 -30.98
CA PRO D 330 -12.29 -24.01 -31.15
C PRO D 330 -11.74 -23.13 -32.27
N LEU D 331 -12.55 -22.86 -33.30
CA LEU D 331 -12.15 -21.97 -34.36
C LEU D 331 -12.69 -20.58 -34.06
N LEU D 332 -11.79 -19.63 -33.83
CA LEU D 332 -12.16 -18.27 -33.44
C LEU D 332 -12.95 -17.62 -34.58
N PHE D 333 -12.43 -17.74 -35.80
CA PHE D 333 -13.03 -17.12 -36.97
C PHE D 333 -13.05 -18.11 -38.13
N VAL D 334 -14.02 -17.94 -39.02
CA VAL D 334 -13.92 -18.40 -40.40
C VAL D 334 -13.99 -17.17 -41.30
N MET D 335 -13.37 -17.24 -42.48
CA MET D 335 -13.06 -16.05 -43.23
C MET D 335 -13.27 -16.30 -44.72
N ARG D 336 -13.58 -15.23 -45.46
CA ARG D 336 -13.60 -15.24 -46.92
C ARG D 336 -13.10 -13.89 -47.42
N LYS D 337 -12.42 -13.90 -48.58
CA LYS D 337 -12.22 -12.70 -49.38
C LYS D 337 -13.44 -12.44 -50.23
N VAL D 338 -13.98 -11.22 -50.18
CA VAL D 338 -15.15 -10.85 -50.96
C VAL D 338 -14.75 -10.64 -52.42
N ILE D 339 -15.46 -11.29 -53.34
CA ILE D 339 -15.22 -11.14 -54.76
C ILE D 339 -16.33 -10.29 -55.39
N LYS D 340 -17.59 -10.64 -55.10
CA LYS D 340 -18.73 -9.85 -55.55
C LYS D 340 -19.29 -9.05 -54.38
N PRO D 341 -19.31 -7.70 -54.48
CA PRO D 341 -19.76 -6.86 -53.37
C PRO D 341 -21.20 -7.20 -52.98
N PHE D 342 -21.57 -6.82 -51.75
CA PHE D 342 -22.94 -7.01 -51.30
C PHE D 342 -23.24 -5.93 -50.28
N SER D 343 -24.53 -5.78 -49.95
CA SER D 343 -24.97 -4.91 -48.87
C SER D 343 -25.73 -5.74 -47.85
N TYR D 344 -25.56 -5.40 -46.58
CA TYR D 344 -26.40 -5.96 -45.53
C TYR D 344 -26.96 -4.80 -44.71
N LYS D 345 -28.28 -4.75 -44.58
CA LYS D 345 -28.98 -3.51 -44.29
C LYS D 345 -28.58 -2.48 -45.35
N ASP D 346 -28.05 -1.34 -44.89
CA ASP D 346 -27.55 -0.31 -45.79
C ASP D 346 -26.04 -0.17 -45.59
N TYR D 347 -25.40 -1.29 -45.22
CA TYR D 347 -23.95 -1.35 -45.03
C TYR D 347 -23.33 -2.07 -46.21
N TYR D 348 -22.45 -1.37 -46.93
CA TYR D 348 -21.87 -1.88 -48.16
C TYR D 348 -20.55 -2.57 -47.87
N VAL D 349 -20.37 -3.77 -48.43
CA VAL D 349 -19.12 -4.51 -48.27
C VAL D 349 -18.48 -4.67 -49.64
N PRO D 350 -17.40 -3.91 -49.93
CA PRO D 350 -16.80 -3.90 -51.26
C PRO D 350 -15.93 -5.13 -51.55
N GLU D 351 -15.69 -5.34 -52.84
CA GLU D 351 -14.73 -6.31 -53.33
C GLU D 351 -13.38 -6.05 -52.65
N GLY D 352 -12.71 -7.14 -52.24
CA GLY D 352 -11.39 -7.06 -51.65
C GLY D 352 -11.42 -7.04 -50.12
N ASP D 353 -12.60 -6.86 -49.54
CA ASP D 353 -12.78 -6.98 -48.09
C ASP D 353 -12.55 -8.44 -47.69
N THR D 354 -12.07 -8.66 -46.46
CA THR D 354 -12.11 -9.98 -45.86
C THR D 354 -13.24 -9.98 -44.84
N VAL D 355 -14.25 -10.85 -45.06
CA VAL D 355 -15.35 -10.99 -44.13
C VAL D 355 -15.03 -12.12 -43.14
N PHE D 356 -15.46 -11.91 -41.89
CA PHE D 356 -15.23 -12.83 -40.79
C PHE D 356 -16.56 -13.17 -40.12
N VAL D 357 -16.72 -14.43 -39.72
CA VAL D 357 -17.68 -14.79 -38.69
C VAL D 357 -16.93 -15.38 -37.51
N SER D 358 -17.26 -14.91 -36.32
CA SER D 358 -16.76 -15.50 -35.09
C SER D 358 -17.86 -16.35 -34.46
N PRO D 359 -17.74 -17.69 -34.51
CA PRO D 359 -18.69 -18.56 -33.81
C PRO D 359 -18.83 -18.23 -32.33
N ALA D 360 -17.72 -17.85 -31.68
CA ALA D 360 -17.75 -17.51 -30.26
C ALA D 360 -18.69 -16.33 -30.02
N LEU D 361 -18.46 -15.23 -30.74
CA LEU D 361 -19.25 -14.03 -30.60
C LEU D 361 -20.71 -14.30 -30.94
N SER D 362 -20.94 -14.88 -32.13
CA SER D 362 -22.29 -15.02 -32.66
C SER D 362 -23.15 -15.88 -31.73
N MET D 363 -22.52 -16.76 -30.95
CA MET D 363 -23.26 -17.74 -30.18
C MET D 363 -23.30 -17.33 -28.70
N ARG D 364 -22.87 -16.09 -28.41
CA ARG D 364 -23.09 -15.49 -27.10
C ARG D 364 -24.11 -14.36 -27.19
N VAL D 365 -24.72 -14.18 -28.37
CA VAL D 365 -25.77 -13.18 -28.55
C VAL D 365 -27.03 -13.63 -27.81
N GLU D 366 -27.55 -12.75 -26.94
CA GLU D 366 -28.64 -13.09 -26.04
C GLU D 366 -29.94 -13.30 -26.81
N GLU D 367 -30.18 -12.48 -27.83
CA GLU D 367 -31.42 -12.54 -28.60
C GLU D 367 -31.58 -13.94 -29.22
N VAL D 368 -30.45 -14.60 -29.48
CA VAL D 368 -30.45 -15.90 -30.14
C VAL D 368 -30.48 -17.00 -29.08
N PHE D 369 -29.62 -16.85 -28.05
CA PHE D 369 -29.47 -17.85 -27.03
C PHE D 369 -29.73 -17.23 -25.66
N PRO D 370 -30.97 -17.33 -25.13
CA PRO D 370 -31.27 -16.91 -23.76
C PRO D 370 -30.27 -17.49 -22.77
N ASN D 371 -29.82 -16.66 -21.82
CA ASN D 371 -28.77 -17.02 -20.87
C ASN D 371 -27.55 -17.52 -21.63
N ALA D 372 -27.14 -16.74 -22.65
CA ALA D 372 -26.07 -17.12 -23.57
C ALA D 372 -24.82 -17.57 -22.80
N ASP D 373 -24.60 -17.03 -21.61
CA ASP D 373 -23.34 -17.20 -20.92
C ASP D 373 -23.49 -18.27 -19.84
N GLN D 374 -24.64 -18.96 -19.85
CA GLN D 374 -24.93 -20.05 -18.93
C GLN D 374 -24.82 -21.40 -19.67
N TYR D 375 -24.22 -22.38 -18.98
CA TYR D 375 -24.19 -23.76 -19.45
C TYR D 375 -25.57 -24.40 -19.32
N ASN D 376 -26.23 -24.65 -20.45
CA ASN D 376 -27.53 -25.29 -20.44
C ASN D 376 -27.70 -26.19 -21.67
N PRO D 377 -27.17 -27.43 -21.62
CA PRO D 377 -27.33 -28.39 -22.72
C PRO D 377 -28.74 -28.49 -23.28
N GLU D 378 -29.74 -28.38 -22.41
CA GLU D 378 -31.09 -28.78 -22.77
C GLU D 378 -31.79 -27.64 -23.51
N ARG D 379 -31.06 -26.55 -23.73
CA ARG D 379 -31.53 -25.47 -24.60
C ARG D 379 -31.77 -26.01 -26.01
N PHE D 380 -31.09 -27.11 -26.35
CA PHE D 380 -31.04 -27.57 -27.74
C PHE D 380 -32.26 -28.41 -28.08
N VAL D 381 -33.03 -28.81 -27.06
CA VAL D 381 -34.32 -29.44 -27.29
C VAL D 381 -35.17 -28.49 -28.14
N GLU D 382 -35.24 -27.22 -27.71
CA GLU D 382 -36.05 -26.22 -28.38
C GLU D 382 -35.28 -25.60 -29.53
N GLU D 383 -33.99 -25.30 -29.30
CA GLU D 383 -33.21 -24.57 -30.29
C GLU D 383 -33.15 -25.37 -31.59
N ASP D 384 -33.13 -26.70 -31.48
CA ASP D 384 -32.91 -27.55 -32.65
C ASP D 384 -34.14 -27.52 -33.55
N LYS D 385 -35.25 -26.97 -33.05
CA LYS D 385 -36.50 -27.00 -33.77
C LYS D 385 -36.72 -25.68 -34.51
N GLN D 386 -35.82 -24.71 -34.27
CA GLN D 386 -35.88 -23.40 -34.91
C GLN D 386 -35.66 -23.54 -36.42
N ALA D 387 -36.38 -22.73 -37.20
CA ALA D 387 -36.33 -22.81 -38.65
C ALA D 387 -35.25 -21.88 -39.19
N GLN D 388 -34.97 -20.80 -38.46
CA GLN D 388 -34.06 -19.77 -38.92
C GLN D 388 -32.64 -20.31 -38.99
N LYS D 389 -32.00 -20.10 -40.14
CA LYS D 389 -30.69 -20.66 -40.44
C LYS D 389 -29.60 -19.86 -39.75
N TYR D 390 -28.47 -20.53 -39.47
CA TYR D 390 -27.23 -19.87 -39.13
C TYR D 390 -27.28 -19.31 -37.71
N ARG D 391 -28.02 -19.99 -36.83
CA ARG D 391 -28.05 -19.60 -35.42
C ARG D 391 -26.90 -20.27 -34.69
N PHE D 392 -26.80 -21.59 -34.83
CA PHE D 392 -25.64 -22.34 -34.37
C PHE D 392 -24.68 -22.49 -35.53
N VAL D 393 -23.41 -22.08 -35.34
CA VAL D 393 -22.44 -22.11 -36.44
C VAL D 393 -21.10 -22.65 -35.94
N GLY D 394 -21.14 -23.54 -34.93
CA GLY D 394 -19.93 -24.19 -34.45
C GLY D 394 -19.25 -25.02 -35.54
N PHE D 395 -20.04 -25.58 -36.46
CA PHE D 395 -19.51 -26.36 -37.57
C PHE D 395 -19.63 -25.59 -38.88
N GLY D 396 -19.71 -24.26 -38.80
CA GLY D 396 -19.96 -23.47 -39.99
C GLY D 396 -21.32 -23.83 -40.58
N ALA D 397 -21.47 -23.57 -41.89
CA ALA D 397 -22.72 -23.86 -42.58
C ALA D 397 -22.53 -23.61 -44.07
N GLY D 398 -23.55 -23.99 -44.86
CA GLY D 398 -23.52 -23.77 -46.30
C GLY D 398 -22.47 -24.63 -47.00
N ARG D 399 -21.99 -24.11 -48.13
CA ARG D 399 -21.18 -24.87 -49.08
C ARG D 399 -19.97 -25.49 -48.38
N HIS D 400 -19.36 -24.77 -47.43
CA HIS D 400 -18.09 -25.20 -46.87
C HIS D 400 -18.23 -25.53 -45.38
N GLY D 401 -19.43 -25.93 -44.95
CA GLY D 401 -19.64 -26.47 -43.63
C GLY D 401 -18.86 -27.75 -43.36
N CYS D 402 -18.67 -28.09 -42.09
CA CYS D 402 -17.78 -29.21 -41.68
C CYS D 402 -18.18 -30.58 -42.22
N MET D 403 -17.23 -31.24 -42.87
CA MET D 403 -17.44 -32.62 -43.37
C MET D 403 -17.04 -33.61 -42.26
N GLY D 404 -16.44 -33.12 -41.18
CA GLY D 404 -16.03 -33.98 -40.05
C GLY D 404 -17.00 -33.93 -38.90
N GLU D 405 -18.15 -33.29 -39.07
CA GLU D 405 -19.08 -33.08 -37.93
C GLU D 405 -19.48 -34.43 -37.32
N ASN D 406 -19.92 -35.37 -38.13
CA ASN D 406 -20.45 -36.61 -37.58
C ASN D 406 -19.33 -37.40 -36.91
N PHE D 407 -18.14 -37.40 -37.52
CA PHE D 407 -16.97 -38.05 -36.94
C PHE D 407 -16.67 -37.44 -35.58
N ALA D 408 -16.75 -36.11 -35.47
CA ALA D 408 -16.39 -35.42 -34.25
C ALA D 408 -17.33 -35.83 -33.12
N TYR D 409 -18.63 -35.85 -33.41
CA TYR D 409 -19.62 -36.24 -32.42
C TYR D 409 -19.40 -37.70 -31.98
N LEU D 410 -19.12 -38.59 -32.93
CA LEU D 410 -18.94 -40.00 -32.59
C LEU D 410 -17.71 -40.15 -31.71
N GLN D 411 -16.62 -39.49 -32.10
CA GLN D 411 -15.36 -39.57 -31.38
C GLN D 411 -15.55 -39.06 -29.96
N ILE D 412 -16.32 -37.99 -29.79
CA ILE D 412 -16.34 -37.31 -28.50
C ILE D 412 -17.34 -38.01 -27.58
N LYS D 413 -18.45 -38.47 -28.15
CA LYS D 413 -19.43 -39.23 -27.39
C LYS D 413 -18.85 -40.59 -26.96
N THR D 414 -18.00 -41.17 -27.81
CA THR D 414 -17.35 -42.42 -27.46
C THR D 414 -16.53 -42.20 -26.18
N ILE D 415 -15.67 -41.17 -26.22
CA ILE D 415 -14.78 -40.87 -25.12
C ILE D 415 -15.57 -40.74 -23.81
N TRP D 416 -16.66 -40.00 -23.84
CA TRP D 416 -17.35 -39.67 -22.60
C TRP D 416 -18.27 -40.80 -22.17
N SER D 417 -18.73 -41.62 -23.13
CA SER D 417 -19.48 -42.82 -22.80
C SER D 417 -18.59 -43.77 -22.00
N VAL D 418 -17.40 -44.04 -22.52
CA VAL D 418 -16.44 -44.91 -21.86
C VAL D 418 -16.10 -44.34 -20.48
N LEU D 419 -15.87 -43.03 -20.39
CA LEU D 419 -15.42 -42.43 -19.14
C LEU D 419 -16.54 -42.46 -18.11
N LEU D 420 -17.77 -42.15 -18.55
CA LEU D 420 -18.91 -42.08 -17.64
C LEU D 420 -19.20 -43.46 -17.05
N ARG D 421 -18.95 -44.50 -17.84
CA ARG D 421 -19.39 -45.85 -17.52
C ARG D 421 -18.39 -46.50 -16.56
N ASN D 422 -17.18 -45.93 -16.45
CA ASN D 422 -16.07 -46.63 -15.82
C ASN D 422 -15.49 -45.82 -14.66
N PHE D 423 -15.92 -44.57 -14.50
CA PHE D 423 -15.31 -43.68 -13.52
C PHE D 423 -16.35 -42.74 -12.91
N ASP D 424 -16.08 -42.33 -11.67
CA ASP D 424 -16.65 -41.11 -11.10
C ASP D 424 -15.61 -40.00 -11.20
N ILE D 425 -16.08 -38.82 -11.64
CA ILE D 425 -15.17 -37.77 -12.07
C ILE D 425 -15.58 -36.47 -11.38
N GLU D 426 -14.56 -35.67 -11.01
CA GLU D 426 -14.76 -34.36 -10.43
C GLU D 426 -13.81 -33.37 -11.08
N LEU D 427 -14.28 -32.13 -11.26
CA LEU D 427 -13.41 -31.03 -11.64
C LEU D 427 -12.54 -30.64 -10.43
N VAL D 428 -11.24 -30.49 -10.69
CA VAL D 428 -10.31 -29.95 -9.71
C VAL D 428 -10.24 -28.44 -9.88
N GLY D 429 -10.79 -27.71 -8.89
CA GLY D 429 -10.63 -26.26 -8.82
C GLY D 429 -11.65 -25.53 -9.69
N GLU D 430 -11.23 -24.35 -10.19
CA GLU D 430 -12.07 -23.52 -11.03
C GLU D 430 -12.14 -24.14 -12.43
N LEU D 431 -13.26 -23.86 -13.12
CA LEU D 431 -13.34 -24.05 -14.56
C LEU D 431 -12.22 -23.25 -15.24
N PRO D 432 -11.40 -23.88 -16.10
CA PRO D 432 -10.35 -23.16 -16.82
C PRO D 432 -10.90 -22.04 -17.70
N LYS D 433 -10.05 -21.04 -17.95
CA LYS D 433 -10.39 -19.97 -18.87
C LYS D 433 -9.85 -20.34 -20.26
N PRO D 434 -10.46 -19.82 -21.34
CA PRO D 434 -9.90 -19.97 -22.69
C PRO D 434 -8.48 -19.45 -22.76
N ASP D 435 -7.60 -20.23 -23.40
CA ASP D 435 -6.21 -19.83 -23.60
C ASP D 435 -5.96 -19.64 -25.10
N TYR D 436 -5.62 -18.44 -25.51
CA TYR D 436 -5.47 -18.19 -26.96
C TYR D 436 -3.98 -18.22 -27.34
N THR D 437 -3.20 -19.09 -26.70
CA THR D 437 -1.72 -19.09 -26.95
C THR D 437 -1.39 -19.96 -28.16
N ALA D 438 -2.41 -20.42 -28.89
CA ALA D 438 -2.13 -21.14 -30.14
C ALA D 438 -3.09 -20.57 -31.18
N MET D 439 -3.13 -21.16 -32.37
CA MET D 439 -4.17 -20.69 -33.33
C MET D 439 -5.46 -21.38 -32.89
N VAL D 440 -5.47 -21.87 -31.66
CA VAL D 440 -6.62 -22.64 -31.21
C VAL D 440 -7.02 -22.20 -29.80
N VAL D 441 -8.33 -22.08 -29.60
CA VAL D 441 -8.90 -21.74 -28.32
C VAL D 441 -9.21 -23.02 -27.55
N GLY D 442 -8.28 -23.44 -26.69
CA GLY D 442 -8.51 -24.55 -25.77
C GLY D 442 -8.57 -24.09 -24.31
N PRO D 443 -8.99 -24.97 -23.37
CA PRO D 443 -8.92 -24.67 -21.94
C PRO D 443 -7.48 -24.56 -21.45
N ALA D 444 -7.25 -23.57 -20.58
CA ALA D 444 -5.92 -23.25 -20.09
C ALA D 444 -5.44 -24.32 -19.13
N HIS D 445 -4.18 -24.75 -19.30
CA HIS D 445 -3.54 -25.70 -18.42
C HIS D 445 -3.33 -25.07 -17.04
N PRO D 446 -3.43 -25.84 -15.94
CA PRO D 446 -3.80 -27.25 -16.00
C PRO D 446 -5.31 -27.47 -16.06
N CYS D 447 -5.71 -28.53 -16.79
CA CYS D 447 -7.11 -28.92 -16.88
C CYS D 447 -7.30 -30.25 -16.15
N LEU D 448 -7.46 -30.18 -14.82
CA LEU D 448 -7.33 -31.36 -13.98
C LEU D 448 -8.70 -31.93 -13.69
N LEU D 449 -8.84 -33.24 -13.92
CA LEU D 449 -9.97 -34.01 -13.43
C LEU D 449 -9.46 -35.09 -12.47
N ARG D 450 -10.22 -35.32 -11.39
CA ARG D 450 -10.01 -36.44 -10.49
C ARG D 450 -10.95 -37.58 -10.87
N TYR D 451 -10.43 -38.81 -10.89
CA TYR D 451 -11.22 -39.96 -11.27
C TYR D 451 -11.11 -41.05 -10.19
N THR D 452 -12.22 -41.80 -10.03
CA THR D 452 -12.21 -43.05 -9.28
C THR D 452 -13.02 -44.08 -10.05
N ARG D 453 -12.48 -45.29 -10.19
CA ARG D 453 -13.15 -46.37 -10.91
C ARG D 453 -14.41 -46.78 -10.16
N LYS D 454 -15.45 -47.16 -10.91
CA LYS D 454 -16.67 -47.73 -10.33
C LYS D 454 -16.48 -49.24 -10.13
N LYS E 42 12.21 18.73 -28.05
CA LYS E 42 10.94 18.64 -27.29
C LYS E 42 10.10 19.90 -27.51
N TYR E 43 9.91 20.37 -28.76
CA TYR E 43 9.01 21.49 -28.94
C TYR E 43 8.25 21.37 -30.26
N GLY E 44 7.86 20.14 -30.60
CA GLY E 44 6.78 19.91 -31.56
C GLY E 44 5.41 20.28 -30.98
N ASP E 45 4.51 20.77 -31.84
CA ASP E 45 3.23 21.26 -31.37
C ASP E 45 2.09 20.75 -32.26
N ILE E 46 2.41 19.96 -33.28
CA ILE E 46 1.39 19.29 -34.08
C ILE E 46 2.03 18.07 -34.75
N PHE E 47 1.31 16.95 -34.76
CA PHE E 47 1.79 15.75 -35.44
C PHE E 47 0.64 14.79 -35.70
N THR E 48 0.88 13.83 -36.61
CA THR E 48 -0.14 12.92 -37.07
C THR E 48 0.36 11.49 -36.99
N MET E 49 -0.47 10.61 -36.43
CA MET E 49 -0.35 9.17 -36.61
C MET E 49 -1.41 8.72 -37.61
N LYS E 50 -1.11 7.65 -38.36
CA LYS E 50 -2.14 6.87 -39.00
C LYS E 50 -2.21 5.53 -38.27
N VAL E 51 -3.38 5.28 -37.66
CA VAL E 51 -3.63 4.07 -36.92
C VAL E 51 -5.02 3.56 -37.30
N PHE E 52 -5.12 2.26 -37.57
CA PHE E 52 -6.37 1.62 -37.94
C PHE E 52 -7.05 2.43 -39.05
N GLY E 53 -6.23 2.87 -40.01
CA GLY E 53 -6.74 3.54 -41.19
C GLY E 53 -7.26 4.96 -40.90
N GLN E 54 -6.94 5.48 -39.71
CA GLN E 54 -7.44 6.78 -39.29
C GLN E 54 -6.28 7.74 -39.08
N ARG E 55 -6.46 9.01 -39.48
CA ARG E 55 -5.45 10.01 -39.24
C ARG E 55 -5.77 10.72 -37.92
N LEU E 56 -4.88 10.54 -36.92
CA LEU E 56 -5.00 11.21 -35.64
C LEU E 56 -4.01 12.37 -35.59
N THR E 57 -4.53 13.58 -35.37
CA THR E 57 -3.71 14.77 -35.32
C THR E 57 -3.74 15.37 -33.92
N PHE E 58 -2.55 15.51 -33.32
CA PHE E 58 -2.42 16.01 -31.96
C PHE E 58 -1.98 17.48 -32.00
N LEU E 59 -2.60 18.27 -31.10
CA LEU E 59 -2.33 19.69 -30.99
C LEU E 59 -1.85 19.97 -29.57
N VAL E 60 -0.66 20.57 -29.44
CA VAL E 60 -0.05 20.78 -28.14
C VAL E 60 0.28 22.25 -27.98
N GLY E 61 -0.19 22.86 -26.88
CA GLY E 61 0.15 24.23 -26.56
C GLY E 61 -0.85 25.22 -27.13
N PRO E 62 -0.82 26.49 -26.65
CA PRO E 62 -1.91 27.45 -26.86
C PRO E 62 -2.18 27.85 -28.30
N ASP E 63 -1.14 27.93 -29.12
CA ASP E 63 -1.29 28.29 -30.52
C ASP E 63 -1.99 27.16 -31.26
N ALA E 64 -1.55 25.92 -30.99
CA ALA E 64 -2.09 24.75 -31.67
C ALA E 64 -3.52 24.50 -31.19
N HIS E 65 -3.81 24.85 -29.93
CA HIS E 65 -5.14 24.68 -29.37
C HIS E 65 -6.20 25.48 -30.13
N VAL E 66 -5.79 26.58 -30.76
CA VAL E 66 -6.74 27.58 -31.24
C VAL E 66 -7.77 26.93 -32.16
N PRO E 67 -7.36 26.22 -33.23
CA PRO E 67 -8.33 25.60 -34.13
C PRO E 67 -9.23 24.55 -33.48
N PHE E 68 -8.79 23.99 -32.33
CA PHE E 68 -9.58 22.98 -31.64
C PHE E 68 -10.72 23.64 -30.88
N PHE E 69 -10.40 24.64 -30.06
CA PHE E 69 -11.33 25.16 -29.07
C PHE E 69 -12.15 26.33 -29.61
N SER E 70 -11.63 27.03 -30.63
CA SER E 70 -12.19 28.30 -31.07
C SER E 70 -13.36 28.07 -32.02
N GLN E 71 -13.45 26.88 -32.63
CA GLN E 71 -14.45 26.63 -33.65
C GLN E 71 -15.69 26.00 -33.03
N GLY E 72 -16.66 25.66 -33.89
CA GLY E 72 -17.98 25.20 -33.45
C GLY E 72 -18.40 23.92 -34.18
N ASP E 73 -19.69 23.60 -34.11
CA ASP E 73 -20.17 22.26 -34.40
C ASP E 73 -20.21 22.00 -35.90
N ALA E 74 -20.20 23.08 -36.70
CA ALA E 74 -20.20 22.96 -38.15
C ALA E 74 -18.81 22.59 -38.64
N GLU E 75 -17.78 22.97 -37.87
CA GLU E 75 -16.39 22.75 -38.25
C GLU E 75 -15.83 21.49 -37.59
N LEU E 76 -16.30 21.19 -36.36
CA LEU E 76 -15.79 20.07 -35.56
C LEU E 76 -16.96 19.30 -34.96
N SER E 77 -16.87 17.96 -34.96
CA SER E 77 -17.95 17.10 -34.51
C SER E 77 -17.49 16.20 -33.37
N GLN E 78 -18.36 15.99 -32.37
CA GLN E 78 -18.03 15.17 -31.21
C GLN E 78 -18.58 13.75 -31.39
N ASP E 79 -19.38 13.52 -32.42
CA ASP E 79 -20.21 12.33 -32.51
C ASP E 79 -19.36 11.07 -32.51
N GLU E 80 -18.39 11.02 -33.44
CA GLU E 80 -17.69 9.78 -33.75
C GLU E 80 -16.70 9.44 -32.65
N PRO E 81 -15.85 10.39 -32.18
CA PRO E 81 -14.89 10.09 -31.13
C PRO E 81 -15.54 9.59 -29.84
N TYR E 82 -16.75 10.09 -29.55
CA TYR E 82 -17.38 9.84 -28.26
C TYR E 82 -18.52 8.83 -28.37
N GLN E 83 -18.53 8.04 -29.46
CA GLN E 83 -19.45 6.93 -29.64
C GLN E 83 -19.49 6.02 -28.42
N PHE E 84 -18.33 5.82 -27.79
CA PHE E 84 -18.20 4.85 -26.73
C PHE E 84 -19.25 5.08 -25.64
N SER E 85 -19.70 6.34 -25.52
CA SER E 85 -20.51 6.76 -24.39
C SER E 85 -21.98 6.41 -24.61
N VAL E 86 -22.37 6.14 -25.86
CA VAL E 86 -23.77 6.11 -26.22
C VAL E 86 -24.48 4.97 -25.52
N PRO E 87 -23.93 3.74 -25.50
CA PRO E 87 -24.60 2.65 -24.79
C PRO E 87 -24.43 2.71 -23.28
N ILE E 88 -23.66 3.69 -22.79
CA ILE E 88 -23.53 3.90 -21.36
C ILE E 88 -24.62 4.84 -20.89
N PHE E 89 -24.77 6.00 -21.55
CA PHE E 89 -25.77 6.99 -21.17
C PHE E 89 -27.14 6.59 -21.73
N GLY E 90 -27.14 5.93 -22.89
CA GLY E 90 -28.35 5.43 -23.49
C GLY E 90 -28.66 6.10 -24.82
N PRO E 91 -29.64 5.58 -25.59
CA PRO E 91 -30.03 6.15 -26.88
C PRO E 91 -30.58 7.56 -26.73
N ASN E 92 -30.33 8.40 -27.75
CA ASN E 92 -31.02 9.67 -27.90
C ASN E 92 -30.61 10.62 -26.78
N VAL E 93 -29.46 10.34 -26.17
CA VAL E 93 -28.97 11.15 -25.07
C VAL E 93 -27.52 11.57 -25.35
N VAL E 94 -27.29 12.89 -25.27
CA VAL E 94 -25.99 13.52 -25.44
C VAL E 94 -25.43 13.17 -26.82
N TYR E 95 -24.34 12.40 -26.89
CA TYR E 95 -23.65 12.22 -28.16
C TYR E 95 -24.39 11.17 -28.98
N GLY E 96 -25.48 10.62 -28.42
CA GLY E 96 -26.37 9.72 -29.13
C GLY E 96 -27.59 10.43 -29.71
N ALA E 97 -27.69 11.75 -29.49
CA ALA E 97 -28.78 12.55 -30.02
C ALA E 97 -28.27 13.36 -31.22
N ASP E 98 -29.18 13.78 -32.09
CA ASP E 98 -28.84 14.74 -33.14
C ASP E 98 -28.59 16.09 -32.49
N LEU E 99 -27.93 16.99 -33.24
CA LEU E 99 -27.49 18.27 -32.71
C LEU E 99 -28.65 19.05 -32.10
N ALA E 100 -29.81 19.01 -32.78
CA ALA E 100 -30.95 19.83 -32.38
C ALA E 100 -31.33 19.50 -30.94
N HIS E 101 -31.47 18.20 -30.65
CA HIS E 101 -31.86 17.72 -29.34
C HIS E 101 -30.71 17.84 -28.36
N ARG E 102 -29.49 17.51 -28.83
CA ARG E 102 -28.31 17.55 -27.99
C ARG E 102 -28.11 18.96 -27.44
N ASN E 103 -28.28 19.96 -28.30
CA ASN E 103 -28.02 21.34 -27.90
C ASN E 103 -29.00 21.74 -26.80
N GLN E 104 -30.19 21.14 -26.79
CA GLN E 104 -31.21 21.49 -25.81
C GLN E 104 -30.92 20.73 -24.51
N GLN E 105 -30.53 19.46 -24.63
CA GLN E 105 -30.12 18.65 -23.49
C GLN E 105 -28.96 19.32 -22.75
N LEU E 106 -28.04 19.93 -23.50
CA LEU E 106 -26.90 20.59 -22.89
C LEU E 106 -27.36 21.82 -22.12
N LYS E 107 -28.44 22.46 -22.61
CA LYS E 107 -28.99 23.62 -21.93
C LYS E 107 -29.72 23.19 -20.67
N PHE E 108 -30.39 22.04 -20.71
CA PHE E 108 -31.00 21.47 -19.51
C PHE E 108 -29.92 21.20 -18.47
N ILE E 109 -28.80 20.60 -18.91
CA ILE E 109 -27.72 20.26 -18.01
C ILE E 109 -27.14 21.54 -17.41
N ALA E 110 -26.94 22.56 -18.25
CA ALA E 110 -26.39 23.81 -17.78
C ALA E 110 -27.31 24.43 -16.74
N ALA E 111 -28.63 24.34 -16.96
CA ALA E 111 -29.60 24.88 -16.02
C ALA E 111 -29.48 24.14 -14.69
N SER E 112 -29.29 22.82 -14.77
CA SER E 112 -29.23 22.00 -13.57
C SER E 112 -27.97 22.28 -12.78
N LEU E 113 -26.96 22.90 -13.42
CA LEU E 113 -25.67 23.15 -12.77
C LEU E 113 -25.35 24.64 -12.74
N SER E 114 -26.35 25.50 -12.94
CA SER E 114 -26.17 26.94 -12.89
C SER E 114 -25.78 27.38 -11.48
N THR E 115 -25.36 28.65 -11.36
CA THR E 115 -25.09 29.26 -10.06
C THR E 115 -26.31 29.14 -9.16
N LYS E 116 -27.49 29.44 -9.72
CA LYS E 116 -28.72 29.41 -8.94
C LYS E 116 -28.89 28.02 -8.33
N ALA E 117 -28.77 26.99 -9.17
CA ALA E 117 -28.97 25.62 -8.71
C ALA E 117 -27.93 25.28 -7.65
N LEU E 118 -26.71 25.75 -7.83
CA LEU E 118 -25.61 25.36 -6.95
C LEU E 118 -25.84 25.94 -5.56
N GLN E 119 -26.46 27.13 -5.48
CA GLN E 119 -26.77 27.76 -4.21
C GLN E 119 -27.57 26.79 -3.33
N SER E 120 -28.48 26.05 -3.97
CA SER E 120 -29.37 25.15 -3.26
C SER E 120 -28.74 23.78 -3.05
N TYR E 121 -27.67 23.47 -3.79
CA TYR E 121 -27.03 22.17 -3.64
C TYR E 121 -25.97 22.24 -2.54
N VAL E 122 -25.37 23.41 -2.33
CA VAL E 122 -24.20 23.53 -1.47
C VAL E 122 -24.52 23.03 -0.07
N PRO E 123 -25.65 23.42 0.56
CA PRO E 123 -26.06 22.86 1.85
C PRO E 123 -26.04 21.33 1.87
N LEU E 124 -26.57 20.72 0.80
CA LEU E 124 -26.60 19.27 0.67
C LEU E 124 -25.19 18.72 0.57
N ILE E 125 -24.31 19.43 -0.14
CA ILE E 125 -22.95 18.96 -0.38
C ILE E 125 -22.19 18.98 0.95
N VAL E 126 -22.41 20.03 1.73
CA VAL E 126 -21.76 20.18 3.02
C VAL E 126 -22.24 19.09 3.96
N LYS E 127 -23.57 18.89 4.03
CA LYS E 127 -24.14 17.92 4.95
C LYS E 127 -23.53 16.55 4.70
N GLU E 128 -23.56 16.10 3.43
CA GLU E 128 -23.05 14.80 3.05
C GLU E 128 -21.60 14.63 3.53
N ALA E 129 -20.80 15.68 3.34
CA ALA E 129 -19.38 15.62 3.66
C ALA E 129 -19.22 15.45 5.17
N GLU E 130 -19.98 16.24 5.94
CA GLU E 130 -19.85 16.26 7.38
C GLU E 130 -20.34 14.94 7.97
N ASP E 131 -21.44 14.40 7.41
CA ASP E 131 -21.97 13.12 7.86
C ASP E 131 -20.96 12.00 7.56
N PHE E 132 -20.22 12.15 6.46
CA PHE E 132 -19.38 11.08 5.94
C PHE E 132 -18.10 11.00 6.77
N PHE E 133 -17.54 12.17 7.09
CA PHE E 133 -16.27 12.27 7.79
C PHE E 133 -16.50 12.19 9.30
N ALA E 134 -17.74 12.43 9.73
CA ALA E 134 -18.15 12.17 11.11
C ALA E 134 -17.97 10.69 11.43
N LYS E 135 -18.20 9.83 10.44
CA LYS E 135 -18.11 8.38 10.62
C LYS E 135 -16.68 7.95 10.93
N TRP E 136 -15.71 8.88 10.81
CA TRP E 136 -14.30 8.54 10.90
C TRP E 136 -13.88 8.48 12.37
N ASP E 137 -12.93 7.60 12.66
CA ASP E 137 -12.48 7.41 14.06
C ASP E 137 -11.60 8.60 14.49
N LYS E 138 -11.00 8.50 15.68
CA LYS E 138 -10.16 9.57 16.21
C LYS E 138 -8.81 9.64 15.50
N SER E 139 -8.34 8.48 15.00
CA SER E 139 -7.25 8.44 14.04
C SER E 139 -7.33 7.13 13.25
N GLY E 140 -6.47 7.01 12.23
CA GLY E 140 -6.47 5.86 11.35
C GLY E 140 -5.83 6.16 10.01
N THR E 141 -6.03 5.24 9.05
CA THR E 141 -5.46 5.37 7.72
C THR E 141 -6.53 5.03 6.68
N VAL E 142 -6.56 5.82 5.60
CA VAL E 142 -7.59 5.69 4.59
C VAL E 142 -6.95 5.82 3.20
N ASP E 143 -7.44 5.01 2.26
CA ASP E 143 -7.23 5.25 0.84
C ASP E 143 -8.15 6.40 0.40
N ILE E 144 -7.54 7.55 0.12
CA ILE E 144 -8.30 8.77 -0.09
C ILE E 144 -9.10 8.66 -1.39
N ARG E 145 -8.56 7.93 -2.37
CA ARG E 145 -9.22 7.81 -3.66
C ARG E 145 -10.51 7.00 -3.50
N ASP E 146 -10.43 5.89 -2.76
CA ASP E 146 -11.59 5.05 -2.49
C ASP E 146 -12.64 5.87 -1.73
N ALA E 147 -12.18 6.67 -0.77
CA ALA E 147 -13.08 7.39 0.11
C ALA E 147 -13.84 8.46 -0.66
N LEU E 148 -13.12 9.24 -1.49
CA LEU E 148 -13.71 10.38 -2.16
C LEU E 148 -14.60 9.91 -3.30
N ALA E 149 -14.27 8.76 -3.90
CA ALA E 149 -15.15 8.14 -4.88
C ALA E 149 -16.51 7.83 -4.25
N GLU E 150 -16.48 7.32 -3.00
CA GLU E 150 -17.69 6.95 -2.29
C GLU E 150 -18.49 8.21 -1.96
N LEU E 151 -17.81 9.23 -1.43
CA LEU E 151 -18.49 10.43 -0.95
C LEU E 151 -19.08 11.18 -2.14
N ILE E 152 -18.35 11.22 -3.26
CA ILE E 152 -18.78 12.01 -4.39
C ILE E 152 -20.00 11.35 -5.05
N ILE E 153 -20.07 10.02 -5.05
CA ILE E 153 -21.21 9.36 -5.64
C ILE E 153 -22.41 9.41 -4.70
N LEU E 154 -22.16 9.48 -3.39
CA LEU E 154 -23.21 9.71 -2.42
C LEU E 154 -23.83 11.08 -2.67
N THR E 155 -22.97 12.11 -2.68
CA THR E 155 -23.42 13.48 -2.88
C THR E 155 -24.16 13.61 -4.20
N ALA E 156 -23.64 12.96 -5.25
CA ALA E 156 -24.18 13.10 -6.58
C ALA E 156 -25.57 12.47 -6.63
N SER E 157 -25.70 11.29 -6.02
CA SER E 157 -27.01 10.65 -5.94
C SER E 157 -28.03 11.61 -5.33
N ARG E 158 -27.62 12.41 -4.32
CA ARG E 158 -28.54 13.35 -3.71
C ARG E 158 -28.87 14.47 -4.70
N CYS E 159 -27.85 15.19 -5.19
CA CYS E 159 -28.07 16.42 -5.93
C CYS E 159 -28.62 16.12 -7.32
N LEU E 160 -28.15 15.03 -7.92
CA LEU E 160 -28.55 14.64 -9.26
C LEU E 160 -29.93 14.01 -9.22
N MET E 161 -30.11 13.05 -8.31
CA MET E 161 -31.12 12.01 -8.47
C MET E 161 -32.24 12.18 -7.44
N GLY E 162 -31.95 12.91 -6.35
CA GLY E 162 -32.98 13.33 -5.41
C GLY E 162 -32.99 12.47 -4.14
N LYS E 163 -33.83 12.90 -3.18
CA LYS E 163 -33.85 12.38 -1.83
C LYS E 163 -34.31 10.92 -1.84
N GLU E 164 -35.32 10.61 -2.65
CA GLU E 164 -35.91 9.30 -2.66
C GLU E 164 -34.82 8.26 -2.92
N ILE E 165 -34.04 8.48 -3.99
CA ILE E 165 -33.01 7.53 -4.39
C ILE E 165 -31.88 7.55 -3.37
N ARG E 166 -31.49 8.75 -2.94
CA ARG E 166 -30.39 8.88 -2.00
C ARG E 166 -30.66 8.01 -0.78
N GLU E 167 -31.91 8.04 -0.28
CA GLU E 167 -32.21 7.57 1.06
C GLU E 167 -32.74 6.14 1.01
N ASN E 168 -33.24 5.71 -0.16
CA ASN E 168 -33.91 4.42 -0.27
C ASN E 168 -33.08 3.45 -1.10
N LEU E 169 -32.39 3.95 -2.14
CA LEU E 169 -31.97 3.08 -3.23
C LEU E 169 -30.50 3.32 -3.59
N PHE E 170 -29.74 3.94 -2.69
CA PHE E 170 -28.36 4.28 -3.00
C PHE E 170 -27.59 3.03 -3.41
N THR E 171 -27.65 1.98 -2.59
CA THR E 171 -26.82 0.81 -2.77
C THR E 171 -27.10 0.19 -4.13
N GLU E 172 -28.36 0.25 -4.56
CA GLU E 172 -28.80 -0.32 -5.82
C GLU E 172 -28.23 0.50 -6.98
N VAL E 173 -28.20 1.83 -6.80
CA VAL E 173 -27.77 2.74 -7.85
C VAL E 173 -26.25 2.64 -8.02
N ALA E 174 -25.53 2.51 -6.90
CA ALA E 174 -24.08 2.41 -6.93
C ALA E 174 -23.65 1.14 -7.65
N LYS E 175 -24.39 0.05 -7.39
CA LYS E 175 -24.05 -1.26 -7.91
C LYS E 175 -24.32 -1.26 -9.42
N LEU E 176 -25.45 -0.68 -9.80
CA LEU E 176 -25.82 -0.57 -11.21
C LEU E 176 -24.83 0.31 -11.94
N TYR E 177 -24.33 1.36 -11.29
CA TYR E 177 -23.36 2.24 -11.92
C TYR E 177 -22.04 1.49 -12.15
N GLN E 178 -21.59 0.77 -11.10
CA GLN E 178 -20.35 0.02 -11.18
C GLN E 178 -20.39 -0.93 -12.38
N THR E 179 -21.55 -1.52 -12.64
CA THR E 179 -21.73 -2.44 -13.75
C THR E 179 -21.60 -1.71 -15.08
N LEU E 180 -22.28 -0.56 -15.19
CA LEU E 180 -22.17 0.31 -16.35
C LEU E 180 -20.69 0.56 -16.65
N ASP E 181 -19.95 0.89 -15.60
CA ASP E 181 -18.59 1.41 -15.74
C ASP E 181 -17.64 0.27 -16.13
N GLU E 182 -17.99 -0.97 -15.75
CA GLU E 182 -17.16 -2.13 -16.04
C GLU E 182 -17.38 -2.59 -17.48
N GLY E 183 -18.41 -2.04 -18.14
CA GLY E 183 -18.66 -2.29 -19.55
C GLY E 183 -18.00 -1.22 -20.43
N LEU E 184 -17.07 -0.48 -19.83
CA LEU E 184 -16.23 0.44 -20.58
C LEU E 184 -14.81 -0.11 -20.63
N LEU E 185 -14.53 -0.85 -21.71
CA LEU E 185 -13.24 -1.48 -21.93
C LEU E 185 -12.58 -0.84 -23.14
N PRO E 186 -11.26 -1.05 -23.33
CA PRO E 186 -10.55 -0.55 -24.51
C PRO E 186 -11.26 -0.88 -25.83
N ILE E 187 -11.83 -2.09 -25.90
CA ILE E 187 -12.49 -2.56 -27.11
C ILE E 187 -13.75 -1.74 -27.35
N SER E 188 -14.31 -1.22 -26.24
CA SER E 188 -15.58 -0.53 -26.25
C SER E 188 -15.48 0.80 -27.00
N VAL E 189 -14.28 1.39 -27.05
CA VAL E 189 -14.14 2.68 -27.71
C VAL E 189 -14.22 2.47 -29.23
N PHE E 190 -13.94 1.24 -29.67
CA PHE E 190 -13.95 0.92 -31.10
C PHE E 190 -15.28 0.26 -31.47
N PHE E 191 -15.67 -0.74 -30.69
CA PHE E 191 -16.87 -1.51 -30.98
C PHE E 191 -17.80 -1.48 -29.76
N PRO E 192 -18.58 -0.38 -29.58
CA PRO E 192 -19.41 -0.20 -28.40
C PRO E 192 -20.48 -1.28 -28.24
N TYR E 193 -20.98 -1.80 -29.37
CA TYR E 193 -22.12 -2.70 -29.37
C TYR E 193 -21.67 -4.14 -29.67
N LEU E 194 -20.44 -4.46 -29.28
CA LEU E 194 -19.93 -5.81 -29.39
C LEU E 194 -20.65 -6.68 -28.37
N PRO E 195 -21.17 -7.87 -28.75
CA PRO E 195 -21.96 -8.71 -27.84
C PRO E 195 -21.10 -9.59 -26.91
N ILE E 196 -20.20 -8.94 -26.18
CA ILE E 196 -19.37 -9.62 -25.18
C ILE E 196 -20.04 -9.50 -23.82
N PRO E 197 -19.61 -10.26 -22.78
CA PRO E 197 -20.31 -10.29 -21.49
C PRO E 197 -20.47 -8.93 -20.82
N ALA E 198 -19.36 -8.17 -20.74
CA ALA E 198 -19.34 -6.90 -20.05
C ALA E 198 -20.37 -5.94 -20.64
N HIS E 199 -20.58 -6.04 -21.96
CA HIS E 199 -21.51 -5.18 -22.67
C HIS E 199 -22.95 -5.59 -22.39
N LYS E 200 -23.17 -6.90 -22.22
CA LYS E 200 -24.48 -7.42 -21.88
C LYS E 200 -24.91 -6.87 -20.53
N ARG E 201 -24.03 -7.02 -19.54
CA ARG E 201 -24.31 -6.62 -18.17
C ARG E 201 -24.50 -5.10 -18.12
N ARG E 202 -23.69 -4.37 -18.90
CA ARG E 202 -23.82 -2.93 -19.03
C ARG E 202 -25.24 -2.57 -19.49
N ASP E 203 -25.71 -3.21 -20.56
CA ASP E 203 -26.98 -2.85 -21.17
C ASP E 203 -28.12 -3.17 -20.22
N GLU E 204 -27.96 -4.29 -19.49
CA GLU E 204 -28.97 -4.73 -18.54
C GLU E 204 -29.01 -3.76 -17.36
N ALA E 205 -27.83 -3.34 -16.90
CA ALA E 205 -27.73 -2.42 -15.78
C ALA E 205 -28.39 -1.08 -16.14
N ARG E 206 -28.21 -0.64 -17.39
CA ARG E 206 -28.81 0.60 -17.82
C ARG E 206 -30.33 0.48 -17.78
N LEU E 207 -30.86 -0.61 -18.32
CA LEU E 207 -32.31 -0.79 -18.41
C LEU E 207 -32.90 -0.89 -17.01
N ALA E 208 -32.19 -1.55 -16.09
CA ALA E 208 -32.60 -1.64 -14.70
C ALA E 208 -32.68 -0.25 -14.09
N MET E 209 -31.66 0.57 -14.35
CA MET E 209 -31.61 1.93 -13.85
C MET E 209 -32.79 2.74 -14.38
N VAL E 210 -33.21 2.50 -15.62
CA VAL E 210 -34.35 3.23 -16.19
C VAL E 210 -35.61 2.84 -15.41
N ARG E 211 -35.75 1.54 -15.12
CA ARG E 211 -36.95 1.03 -14.47
C ARG E 211 -37.03 1.64 -13.06
N MET E 212 -35.87 1.79 -12.42
CA MET E 212 -35.79 2.34 -11.06
C MET E 212 -36.28 3.79 -11.07
N PHE E 213 -35.90 4.57 -12.10
CA PHE E 213 -36.21 5.98 -12.14
C PHE E 213 -37.65 6.20 -12.60
N LYS E 214 -38.16 5.25 -13.39
CA LYS E 214 -39.54 5.28 -13.87
C LYS E 214 -40.48 5.36 -12.67
N LYS E 215 -40.18 4.60 -11.62
CA LYS E 215 -40.98 4.58 -10.40
C LYS E 215 -40.94 5.96 -9.73
N ILE E 216 -39.74 6.50 -9.54
CA ILE E 216 -39.58 7.77 -8.85
C ILE E 216 -40.29 8.85 -9.64
N ILE E 217 -40.17 8.81 -10.97
CA ILE E 217 -40.70 9.86 -11.81
C ILE E 217 -42.23 9.81 -11.79
N ASP E 218 -42.79 8.59 -11.86
CA ASP E 218 -44.24 8.40 -11.83
C ASP E 218 -44.80 8.93 -10.51
N GLU E 219 -44.10 8.65 -9.41
CA GLU E 219 -44.54 9.09 -8.09
C GLU E 219 -44.53 10.60 -8.01
N ARG E 220 -43.57 11.24 -8.68
CA ARG E 220 -43.44 12.69 -8.63
C ARG E 220 -44.51 13.35 -9.51
N ARG E 221 -44.84 12.74 -10.65
CA ARG E 221 -45.87 13.27 -11.51
C ARG E 221 -47.23 13.14 -10.84
N ALA E 222 -47.37 12.12 -9.99
CA ALA E 222 -48.59 11.89 -9.24
C ALA E 222 -48.82 13.02 -8.22
N ASN E 223 -47.72 13.64 -7.77
CA ASN E 223 -47.76 14.61 -6.68
C ASN E 223 -46.98 15.86 -7.08
N PRO E 224 -47.36 16.53 -8.19
CA PRO E 224 -46.47 17.49 -8.87
C PRO E 224 -46.32 18.82 -8.17
N GLU E 225 -47.07 19.04 -7.08
CA GLU E 225 -47.05 20.33 -6.40
C GLU E 225 -45.96 20.32 -5.32
N VAL E 226 -45.48 19.11 -4.97
CA VAL E 226 -44.32 18.97 -4.11
C VAL E 226 -43.07 19.40 -4.88
N LYS E 227 -42.37 20.41 -4.34
CA LYS E 227 -41.12 20.89 -4.92
C LYS E 227 -39.98 19.95 -4.53
N HIS E 228 -39.00 19.80 -5.43
CA HIS E 228 -37.84 18.96 -5.20
C HIS E 228 -36.58 19.70 -5.65
N ASN E 229 -35.49 19.52 -4.89
CA ASN E 229 -34.24 20.22 -5.15
C ASN E 229 -33.20 19.22 -5.64
N ASP E 230 -33.17 19.05 -6.96
CA ASP E 230 -32.27 18.10 -7.62
C ASP E 230 -32.34 18.31 -9.13
N CYS E 231 -31.42 17.67 -9.84
CA CYS E 231 -31.32 17.79 -11.29
C CYS E 231 -32.49 17.08 -11.94
N LEU E 232 -32.94 15.98 -11.31
CA LEU E 232 -34.07 15.21 -11.80
C LEU E 232 -35.27 16.13 -12.04
N GLN E 233 -35.52 17.03 -11.09
CA GLN E 233 -36.64 17.94 -11.17
C GLN E 233 -36.48 18.81 -12.42
N VAL E 234 -35.26 19.32 -12.64
CA VAL E 234 -34.99 20.18 -13.78
C VAL E 234 -35.26 19.39 -15.06
N PHE E 235 -34.89 18.11 -15.08
CA PHE E 235 -35.00 17.31 -16.29
C PHE E 235 -36.46 16.92 -16.53
N MET E 236 -37.25 16.90 -15.45
CA MET E 236 -38.66 16.58 -15.55
C MET E 236 -39.45 17.78 -16.07
N ASP E 237 -39.00 18.98 -15.71
CA ASP E 237 -39.64 20.22 -16.13
C ASP E 237 -39.15 20.65 -17.51
N ALA E 238 -38.07 20.03 -17.99
CA ALA E 238 -37.47 20.43 -19.25
C ALA E 238 -38.43 20.11 -20.39
N ARG E 239 -38.48 20.98 -21.41
CA ARG E 239 -39.26 20.73 -22.60
C ARG E 239 -38.43 21.08 -23.83
N TYR E 240 -38.44 20.19 -24.84
CA TYR E 240 -37.93 20.52 -26.16
C TYR E 240 -38.83 21.57 -26.80
N ARG E 241 -38.24 22.42 -27.64
CA ARG E 241 -38.96 23.54 -28.23
C ARG E 241 -39.81 23.06 -29.40
N GLY E 242 -40.90 23.78 -29.66
CA GLY E 242 -41.79 23.48 -30.78
C GLY E 242 -42.72 22.30 -30.48
N GLU E 243 -42.76 21.89 -29.21
CA GLU E 243 -43.32 20.59 -28.86
C GLU E 243 -43.85 20.60 -27.43
N GLU E 244 -45.02 20.01 -27.22
CA GLU E 244 -45.45 19.89 -25.80
C GLU E 244 -44.79 18.59 -25.34
N GLN E 245 -43.60 18.32 -25.90
CA GLN E 245 -42.97 17.01 -25.58
C GLN E 245 -41.87 17.17 -24.54
N ALA E 246 -42.03 16.46 -23.43
CA ALA E 246 -41.04 16.47 -22.37
C ALA E 246 -40.14 15.26 -22.61
N LEU E 247 -39.10 15.11 -21.79
CA LEU E 247 -38.24 13.96 -21.92
C LEU E 247 -38.96 12.72 -21.38
N ASN E 248 -38.83 11.61 -22.09
CA ASN E 248 -39.25 10.31 -21.57
C ASN E 248 -38.25 9.85 -20.52
N ASP E 249 -38.50 8.67 -19.94
CA ASP E 249 -37.76 8.20 -18.78
C ASP E 249 -36.35 7.75 -19.18
N GLU E 250 -36.21 7.29 -20.43
CA GLU E 250 -34.92 6.85 -20.93
C GLU E 250 -33.97 8.05 -20.99
N GLU E 251 -34.44 9.14 -21.60
CA GLU E 251 -33.66 10.35 -21.77
C GLU E 251 -33.31 10.92 -20.40
N ILE E 252 -34.29 11.03 -19.49
CA ILE E 252 -34.06 11.61 -18.18
C ILE E 252 -33.01 10.78 -17.44
N THR E 253 -33.17 9.46 -17.48
CA THR E 253 -32.24 8.57 -16.81
C THR E 253 -30.84 8.75 -17.40
N GLY E 254 -30.79 8.92 -18.73
CA GLY E 254 -29.54 8.98 -19.45
C GLY E 254 -28.75 10.23 -19.08
N LEU E 255 -29.45 11.35 -18.93
CA LEU E 255 -28.81 12.60 -18.57
C LEU E 255 -28.18 12.48 -17.19
N MET E 256 -28.84 11.74 -16.29
CA MET E 256 -28.32 11.58 -14.90
C MET E 256 -27.14 10.61 -14.87
N ILE E 257 -27.20 9.52 -15.64
CA ILE E 257 -26.06 8.63 -15.77
C ILE E 257 -24.86 9.44 -16.26
N ALA E 258 -25.07 10.25 -17.31
CA ALA E 258 -24.01 11.09 -17.84
C ALA E 258 -23.35 11.90 -16.72
N LEU E 259 -24.15 12.57 -15.89
CA LEU E 259 -23.63 13.47 -14.88
C LEU E 259 -22.98 12.69 -13.73
N LEU E 260 -23.50 11.49 -13.45
CA LEU E 260 -22.92 10.63 -12.43
C LEU E 260 -21.54 10.16 -12.91
N PHE E 261 -21.47 9.79 -14.19
CA PHE E 261 -20.26 9.35 -14.85
C PHE E 261 -19.21 10.46 -14.80
N ALA E 262 -19.64 11.69 -15.06
CA ALA E 262 -18.73 12.82 -15.05
C ALA E 262 -18.03 12.92 -13.69
N GLY E 263 -18.84 12.94 -12.61
CA GLY E 263 -18.33 13.12 -11.27
C GLY E 263 -17.32 12.03 -10.89
N GLN E 264 -17.60 10.79 -11.29
CA GLN E 264 -16.76 9.67 -10.89
C GLN E 264 -15.46 9.67 -11.72
N HIS E 265 -15.50 10.22 -12.94
CA HIS E 265 -14.35 10.12 -13.82
C HIS E 265 -13.44 11.34 -13.67
N THR E 266 -13.94 12.44 -13.09
CA THR E 266 -13.15 13.65 -13.05
C THR E 266 -13.00 14.13 -11.61
N SER E 267 -14.12 14.53 -10.99
CA SER E 267 -14.10 15.20 -9.71
C SER E 267 -13.39 14.33 -8.68
N SER E 268 -13.72 13.04 -8.66
CA SER E 268 -13.21 12.15 -7.64
C SER E 268 -11.70 11.98 -7.76
N VAL E 269 -11.14 12.07 -8.98
CA VAL E 269 -9.70 11.88 -9.13
C VAL E 269 -8.99 13.19 -8.78
N THR E 270 -9.45 14.31 -9.32
CA THR E 270 -8.83 15.59 -9.02
C THR E 270 -8.98 15.90 -7.53
N GLY E 271 -10.08 15.44 -6.92
CA GLY E 271 -10.30 15.56 -5.49
C GLY E 271 -9.24 14.82 -4.69
N SER E 272 -8.88 13.62 -5.16
CA SER E 272 -7.86 12.79 -4.53
C SER E 272 -6.49 13.44 -4.66
N TRP E 273 -6.09 13.76 -5.91
CA TRP E 273 -4.80 14.41 -6.16
C TRP E 273 -4.65 15.65 -5.30
N THR E 274 -5.72 16.43 -5.14
CA THR E 274 -5.64 17.71 -4.45
C THR E 274 -4.97 17.51 -3.09
N GLY E 275 -5.37 16.43 -2.39
CA GLY E 275 -4.89 16.14 -1.05
C GLY E 275 -3.55 15.42 -1.05
N LEU E 276 -3.39 14.45 -1.96
CA LEU E 276 -2.14 13.71 -2.11
C LEU E 276 -0.99 14.69 -2.29
N LEU E 277 -1.22 15.72 -3.12
CA LEU E 277 -0.18 16.67 -3.47
C LEU E 277 0.07 17.62 -2.30
N LEU E 278 -1.00 18.10 -1.66
CA LEU E 278 -0.86 19.14 -0.65
C LEU E 278 -0.16 18.59 0.60
N PHE E 279 -0.39 17.31 0.91
CA PHE E 279 0.05 16.72 2.17
C PHE E 279 1.29 15.86 1.98
N GLU E 280 1.95 16.01 0.82
CA GLU E 280 3.32 15.57 0.63
C GLU E 280 4.23 16.53 1.39
N ALA E 281 5.35 16.00 1.92
CA ALA E 281 6.09 16.65 2.99
C ALA E 281 6.55 18.04 2.55
N ASN E 282 7.17 18.10 1.36
CA ASN E 282 7.68 19.35 0.82
C ASN E 282 6.55 20.33 0.59
N ASN E 283 5.57 19.90 -0.21
CA ASN E 283 4.46 20.74 -0.63
C ASN E 283 3.71 21.23 0.60
N LYS E 284 3.50 20.31 1.55
CA LYS E 284 2.81 20.60 2.80
C LYS E 284 3.51 21.76 3.51
N LYS E 285 4.84 21.68 3.60
CA LYS E 285 5.64 22.69 4.27
C LYS E 285 5.34 24.05 3.64
N LYS E 286 5.39 24.12 2.30
CA LYS E 286 5.39 25.39 1.59
C LYS E 286 4.01 26.04 1.64
N PHE E 287 2.95 25.22 1.53
CA PHE E 287 1.69 25.70 0.98
C PHE E 287 0.55 25.55 1.98
N LEU E 288 0.66 24.59 2.90
CA LEU E 288 -0.45 24.28 3.81
C LEU E 288 -0.66 25.43 4.80
N PRO E 289 0.42 26.13 5.26
CA PRO E 289 0.25 27.29 6.13
C PRO E 289 -0.74 28.31 5.57
N GLY E 290 -0.50 28.74 4.32
CA GLY E 290 -1.36 29.72 3.68
C GLY E 290 -2.81 29.26 3.60
N VAL E 291 -3.00 27.94 3.45
CA VAL E 291 -4.33 27.35 3.31
C VAL E 291 -5.03 27.39 4.67
N LEU E 292 -4.34 26.93 5.71
CA LEU E 292 -4.89 26.85 7.06
C LEU E 292 -5.23 28.26 7.56
N GLU E 293 -4.34 29.21 7.26
CA GLU E 293 -4.54 30.61 7.61
C GLU E 293 -5.83 31.11 6.98
N GLU E 294 -6.00 30.79 5.69
CA GLU E 294 -7.13 31.26 4.90
C GLU E 294 -8.44 30.72 5.49
N GLN E 295 -8.41 29.46 5.92
CA GLN E 295 -9.59 28.80 6.49
C GLN E 295 -10.09 29.59 7.70
N GLU E 296 -9.15 30.11 8.51
CA GLU E 296 -9.50 30.71 9.79
C GLU E 296 -9.88 32.17 9.60
N GLU E 297 -9.31 32.84 8.58
CA GLU E 297 -9.76 34.15 8.16
C GLU E 297 -11.22 34.06 7.69
N ILE E 298 -11.54 32.95 7.02
CA ILE E 298 -12.89 32.74 6.49
C ILE E 298 -13.86 32.59 7.66
N ARG E 299 -13.48 31.80 8.67
CA ARG E 299 -14.33 31.54 9.82
C ARG E 299 -14.63 32.84 10.57
N LYS E 300 -13.62 33.69 10.69
CA LYS E 300 -13.80 34.94 11.47
C LYS E 300 -14.80 35.85 10.77
N GLU E 301 -14.87 35.78 9.44
CA GLU E 301 -15.74 36.69 8.71
C GLU E 301 -17.14 36.09 8.56
N PHE E 302 -17.24 34.75 8.61
CA PHE E 302 -18.42 34.05 8.11
C PHE E 302 -18.97 33.09 9.16
N GLY E 303 -18.09 32.54 10.01
CA GLY E 303 -18.48 31.57 11.02
C GLY E 303 -18.10 30.15 10.63
N ASP E 304 -18.54 29.18 11.44
CA ASP E 304 -18.14 27.79 11.29
C ASP E 304 -18.89 27.16 10.11
N GLU E 305 -19.97 27.81 9.67
CA GLU E 305 -20.86 27.25 8.67
C GLU E 305 -20.25 27.44 7.29
N LEU E 306 -20.27 26.37 6.49
CA LEU E 306 -19.77 26.39 5.13
C LEU E 306 -20.90 26.80 4.18
N THR E 307 -20.70 27.92 3.48
CA THR E 307 -21.70 28.42 2.56
C THR E 307 -21.04 28.71 1.22
N MET E 308 -21.88 28.86 0.19
CA MET E 308 -21.44 29.25 -1.13
C MET E 308 -20.44 30.40 -1.04
N GLU E 309 -20.79 31.41 -0.23
CA GLU E 309 -20.05 32.67 -0.21
C GLU E 309 -18.68 32.43 0.43
N ALA E 310 -18.65 31.56 1.43
CA ALA E 310 -17.43 31.22 2.14
C ALA E 310 -16.50 30.42 1.22
N LEU E 311 -17.06 29.42 0.54
CA LEU E 311 -16.29 28.57 -0.36
C LEU E 311 -15.72 29.42 -1.49
N ASN E 312 -16.50 30.40 -1.95
CA ASN E 312 -16.11 31.24 -3.08
C ASN E 312 -14.93 32.15 -2.72
N LYS E 313 -14.55 32.18 -1.43
CA LYS E 313 -13.52 33.09 -0.96
C LYS E 313 -12.20 32.34 -0.78
N MET E 314 -12.25 31.00 -0.80
CA MET E 314 -11.10 30.18 -0.48
C MET E 314 -10.17 30.09 -1.69
N ASP E 315 -9.45 31.17 -1.96
CA ASP E 315 -8.67 31.31 -3.20
C ASP E 315 -7.49 30.35 -3.19
N LYS E 316 -6.81 30.24 -2.04
CA LYS E 316 -5.59 29.45 -1.96
C LYS E 316 -5.93 27.97 -2.11
N LEU E 317 -7.07 27.56 -1.53
CA LEU E 317 -7.52 26.19 -1.69
C LEU E 317 -7.92 25.94 -3.14
N HIS E 318 -8.60 26.93 -3.74
CA HIS E 318 -8.99 26.88 -5.14
C HIS E 318 -7.77 26.57 -6.00
N ARG E 319 -6.66 27.26 -5.71
CA ARG E 319 -5.48 27.16 -6.54
C ARG E 319 -4.79 25.82 -6.32
N CYS E 320 -4.97 25.22 -5.14
CA CYS E 320 -4.46 23.90 -4.86
C CYS E 320 -5.17 22.86 -5.72
N VAL E 321 -6.49 23.01 -5.85
CA VAL E 321 -7.30 22.15 -6.70
C VAL E 321 -6.86 22.33 -8.16
N LYS E 322 -6.65 23.59 -8.54
CA LYS E 322 -6.35 23.90 -9.92
C LYS E 322 -4.98 23.34 -10.30
N GLU E 323 -4.05 23.31 -9.34
CA GLU E 323 -2.70 22.88 -9.63
C GLU E 323 -2.65 21.36 -9.67
N ALA E 324 -3.49 20.69 -8.85
CA ALA E 324 -3.63 19.25 -8.96
C ALA E 324 -4.20 18.90 -10.35
N LEU E 325 -5.11 19.76 -10.83
CA LEU E 325 -5.75 19.53 -12.11
C LEU E 325 -4.75 19.79 -13.23
N ARG E 326 -3.92 20.82 -13.07
CA ARG E 326 -2.91 21.12 -14.08
C ARG E 326 -1.99 19.92 -14.28
N MET E 327 -1.63 19.25 -13.17
CA MET E 327 -0.52 18.32 -13.18
C MET E 327 -1.01 16.92 -13.54
N TYR E 328 -2.20 16.54 -13.06
CA TYR E 328 -2.72 15.20 -13.32
C TYR E 328 -4.16 15.29 -13.81
N PRO E 329 -4.40 15.86 -15.02
CA PRO E 329 -5.74 16.06 -15.53
C PRO E 329 -6.42 14.72 -15.77
N PRO E 330 -7.68 14.53 -15.34
CA PRO E 330 -8.32 13.21 -15.36
C PRO E 330 -8.70 12.70 -16.76
N LEU E 331 -8.97 13.62 -17.68
CA LEU E 331 -9.26 13.27 -19.06
C LEU E 331 -8.00 13.38 -19.88
N LEU E 332 -7.54 12.25 -20.41
CA LEU E 332 -6.28 12.20 -21.14
C LEU E 332 -6.37 13.05 -22.40
N PHE E 333 -7.44 12.87 -23.15
CA PHE E 333 -7.66 13.58 -24.40
C PHE E 333 -9.09 14.11 -24.45
N VAL E 334 -9.26 15.21 -25.19
CA VAL E 334 -10.54 15.56 -25.78
C VAL E 334 -10.35 15.56 -27.29
N MET E 335 -11.43 15.28 -28.03
CA MET E 335 -11.32 14.87 -29.42
C MET E 335 -12.44 15.49 -30.26
N ARG E 336 -12.16 15.71 -31.55
CA ARG E 336 -13.18 16.09 -32.51
C ARG E 336 -12.87 15.41 -33.84
N LYS E 337 -13.92 15.08 -34.59
CA LYS E 337 -13.80 14.79 -36.02
C LYS E 337 -13.83 16.10 -36.80
N VAL E 338 -12.83 16.29 -37.68
CA VAL E 338 -12.75 17.51 -38.49
C VAL E 338 -13.77 17.43 -39.62
N ILE E 339 -14.58 18.48 -39.77
CA ILE E 339 -15.56 18.55 -40.84
C ILE E 339 -15.10 19.56 -41.90
N LYS E 340 -14.68 20.75 -41.46
CA LYS E 340 -14.10 21.74 -42.35
C LYS E 340 -12.59 21.79 -42.17
N PRO E 341 -11.81 21.52 -43.23
CA PRO E 341 -10.34 21.47 -43.12
C PRO E 341 -9.79 22.80 -42.64
N PHE E 342 -8.58 22.76 -42.08
CA PHE E 342 -7.91 23.97 -41.65
C PHE E 342 -6.40 23.73 -41.74
N SER E 343 -5.63 24.82 -41.64
CA SER E 343 -4.19 24.74 -41.58
C SER E 343 -3.71 25.40 -40.29
N TYR E 344 -2.68 24.82 -39.69
CA TYR E 344 -2.00 25.47 -38.58
C TYR E 344 -0.50 25.51 -38.90
N LYS E 345 0.06 26.71 -38.86
CA LYS E 345 1.28 27.01 -39.60
C LYS E 345 1.02 26.69 -41.07
N ASP E 346 1.86 25.83 -41.66
CA ASP E 346 1.65 25.35 -43.01
C ASP E 346 1.40 23.84 -42.97
N TYR E 347 0.76 23.39 -41.89
CA TYR E 347 0.40 22.00 -41.70
C TYR E 347 -1.10 21.86 -41.91
N TYR E 348 -1.48 21.03 -42.89
CA TYR E 348 -2.87 20.93 -43.32
C TYR E 348 -3.55 19.78 -42.58
N VAL E 349 -4.76 20.05 -42.07
CA VAL E 349 -5.55 19.02 -41.42
C VAL E 349 -6.82 18.82 -42.22
N PRO E 350 -6.93 17.70 -42.97
CA PRO E 350 -8.07 17.46 -43.85
C PRO E 350 -9.33 17.02 -43.12
N GLU E 351 -10.46 17.17 -43.82
CA GLU E 351 -11.73 16.60 -43.42
C GLU E 351 -11.55 15.11 -43.14
N GLY E 352 -12.16 14.63 -42.05
CA GLY E 352 -12.16 13.21 -41.72
C GLY E 352 -11.06 12.86 -40.70
N ASP E 353 -10.13 13.78 -40.47
CA ASP E 353 -9.14 13.64 -39.42
C ASP E 353 -9.83 13.68 -38.06
N THR E 354 -9.27 12.98 -37.08
CA THR E 354 -9.64 13.17 -35.69
C THR E 354 -8.55 14.00 -35.01
N VAL E 355 -8.91 15.20 -34.54
CA VAL E 355 -7.98 16.03 -33.79
C VAL E 355 -8.11 15.76 -32.29
N PHE E 356 -6.96 15.81 -31.61
CA PHE E 356 -6.84 15.53 -30.18
C PHE E 356 -6.12 16.68 -29.49
N VAL E 357 -6.59 17.05 -28.29
CA VAL E 357 -5.76 17.78 -27.34
C VAL E 357 -5.58 16.92 -26.09
N SER E 358 -4.35 16.84 -25.61
CA SER E 358 -4.05 16.23 -24.33
C SER E 358 -3.79 17.31 -23.29
N PRO E 359 -4.72 17.54 -22.34
CA PRO E 359 -4.47 18.50 -21.27
C PRO E 359 -3.18 18.21 -20.50
N ALA E 360 -2.87 16.93 -20.31
CA ALA E 360 -1.67 16.54 -19.59
C ALA E 360 -0.43 17.08 -20.31
N LEU E 361 -0.29 16.74 -21.61
CA LEU E 361 0.84 17.18 -22.41
C LEU E 361 0.91 18.70 -22.44
N SER E 362 -0.20 19.34 -22.84
CA SER E 362 -0.21 20.76 -23.13
C SER E 362 0.17 21.57 -21.89
N MET E 363 -0.07 21.02 -20.70
CA MET E 363 0.07 21.80 -19.48
C MET E 363 1.35 21.37 -18.74
N ARG E 364 2.21 20.62 -19.43
CA ARG E 364 3.58 20.36 -18.97
C ARG E 364 4.59 21.07 -19.86
N VAL E 365 4.11 21.88 -20.81
CA VAL E 365 4.99 22.64 -21.70
C VAL E 365 5.63 23.78 -20.90
N GLU E 366 6.97 23.83 -20.92
CA GLU E 366 7.73 24.75 -20.08
C GLU E 366 7.49 26.20 -20.49
N GLU E 367 7.41 26.45 -21.81
CA GLU E 367 7.25 27.79 -22.35
C GLU E 367 5.98 28.43 -21.79
N VAL E 368 4.98 27.59 -21.46
CA VAL E 368 3.71 28.07 -20.96
C VAL E 368 3.74 28.13 -19.44
N PHE E 369 4.25 27.06 -18.82
CA PHE E 369 4.24 26.92 -17.37
C PHE E 369 5.66 26.71 -16.87
N PRO E 370 6.36 27.79 -16.44
CA PRO E 370 7.66 27.66 -15.78
C PRO E 370 7.62 26.62 -14.66
N ASN E 371 8.66 25.78 -14.59
CA ASN E 371 8.72 24.68 -13.65
C ASN E 371 7.47 23.81 -13.79
N ALA E 372 7.17 23.46 -15.05
CA ALA E 372 5.94 22.75 -15.40
C ALA E 372 5.74 21.52 -14.52
N ASP E 373 6.85 20.92 -14.06
CA ASP E 373 6.79 19.61 -13.42
C ASP E 373 6.86 19.79 -11.90
N GLN E 374 6.76 21.05 -11.45
CA GLN E 374 6.78 21.37 -10.02
C GLN E 374 5.38 21.75 -9.54
N TYR E 375 5.04 21.30 -8.32
CA TYR E 375 3.81 21.69 -7.64
C TYR E 375 3.93 23.12 -7.12
N ASN E 376 3.19 24.05 -7.74
CA ASN E 376 3.21 25.44 -7.29
C ASN E 376 1.84 26.07 -7.49
N PRO E 377 0.90 25.87 -6.53
CA PRO E 377 -0.43 26.49 -6.61
C PRO E 377 -0.42 27.98 -6.95
N GLU E 378 0.58 28.70 -6.43
CA GLU E 378 0.53 30.15 -6.41
C GLU E 378 1.00 30.71 -7.76
N ARG E 379 1.34 29.80 -8.68
CA ARG E 379 1.61 30.19 -10.06
C ARG E 379 0.38 30.86 -10.66
N PHE E 380 -0.81 30.57 -10.10
CA PHE E 380 -2.05 30.95 -10.75
C PHE E 380 -2.44 32.38 -10.40
N VAL E 381 -1.76 32.96 -9.41
CA VAL E 381 -1.93 34.38 -9.14
C VAL E 381 -1.58 35.15 -10.40
N GLU E 382 -0.43 34.81 -11.00
CA GLU E 382 0.05 35.50 -12.20
C GLU E 382 -0.58 34.89 -13.45
N GLU E 383 -0.63 33.55 -13.50
CA GLU E 383 -1.07 32.87 -14.71
C GLU E 383 -2.50 33.30 -15.05
N ASP E 384 -3.32 33.57 -14.02
CA ASP E 384 -4.72 33.84 -14.23
C ASP E 384 -4.90 35.20 -14.89
N LYS E 385 -3.83 36.00 -14.95
CA LYS E 385 -3.91 37.36 -15.46
C LYS E 385 -3.45 37.41 -16.91
N GLN E 386 -2.95 36.28 -17.42
CA GLN E 386 -2.52 36.17 -18.81
C GLN E 386 -3.70 36.33 -19.76
N ALA E 387 -3.47 37.00 -20.89
CA ALA E 387 -4.55 37.33 -21.82
C ALA E 387 -4.70 36.23 -22.86
N GLN E 388 -3.60 35.53 -23.16
CA GLN E 388 -3.58 34.52 -24.21
C GLN E 388 -4.47 33.34 -23.82
N LYS E 389 -5.35 32.95 -24.74
CA LYS E 389 -6.36 31.93 -24.48
C LYS E 389 -5.73 30.54 -24.59
N TYR E 390 -6.34 29.58 -23.88
CA TYR E 390 -6.12 28.16 -24.10
C TYR E 390 -4.75 27.74 -23.57
N ARG E 391 -4.32 28.38 -22.48
CA ARG E 391 -3.08 27.98 -21.81
C ARG E 391 -3.37 26.86 -20.82
N PHE E 392 -4.34 27.11 -19.94
CA PHE E 392 -4.89 26.10 -19.05
C PHE E 392 -6.11 25.50 -19.73
N VAL E 393 -6.16 24.17 -19.86
CA VAL E 393 -7.26 23.52 -20.57
C VAL E 393 -7.72 22.28 -19.80
N GLY E 394 -7.61 22.30 -18.48
CA GLY E 394 -8.10 21.21 -17.64
C GLY E 394 -9.60 21.02 -17.75
N PHE E 395 -10.33 22.13 -17.95
CA PHE E 395 -11.77 22.06 -18.13
C PHE E 395 -12.16 22.33 -19.58
N GLY E 396 -11.24 22.06 -20.50
CA GLY E 396 -11.48 22.40 -21.90
C GLY E 396 -11.66 23.91 -22.05
N ALA E 397 -12.33 24.31 -23.13
CA ALA E 397 -12.58 25.71 -23.44
C ALA E 397 -13.51 25.81 -24.64
N GLY E 398 -13.97 27.04 -24.89
CA GLY E 398 -14.87 27.31 -26.00
C GLY E 398 -16.25 26.70 -25.80
N ARG E 399 -16.90 26.38 -26.93
CA ARG E 399 -18.32 26.05 -26.96
C ARG E 399 -18.62 24.87 -26.02
N HIS E 400 -17.70 23.91 -25.92
CA HIS E 400 -17.98 22.67 -25.21
C HIS E 400 -17.07 22.54 -23.98
N GLY E 401 -16.60 23.66 -23.44
CA GLY E 401 -15.97 23.69 -22.13
C GLY E 401 -16.88 23.19 -21.01
N CYS E 402 -16.27 22.81 -19.88
CA CYS E 402 -16.96 22.07 -18.83
C CYS E 402 -18.10 22.91 -18.26
N MET E 403 -19.31 22.35 -18.30
CA MET E 403 -20.47 22.91 -17.63
C MET E 403 -20.46 22.56 -16.14
N GLY E 404 -19.56 21.66 -15.73
CA GLY E 404 -19.53 21.16 -14.36
C GLY E 404 -18.46 21.85 -13.52
N GLU E 405 -17.74 22.80 -14.10
CA GLU E 405 -16.56 23.37 -13.48
C GLU E 405 -16.86 23.86 -12.06
N ASN E 406 -17.89 24.71 -11.92
CA ASN E 406 -18.16 25.36 -10.64
C ASN E 406 -18.59 24.35 -9.59
N PHE E 407 -19.40 23.38 -10.01
CA PHE E 407 -19.82 22.29 -9.14
C PHE E 407 -18.60 21.53 -8.63
N ALA E 408 -17.65 21.26 -9.53
CA ALA E 408 -16.47 20.47 -9.18
C ALA E 408 -15.67 21.19 -8.11
N TYR E 409 -15.43 22.49 -8.31
CA TYR E 409 -14.67 23.28 -7.34
C TYR E 409 -15.39 23.31 -5.99
N LEU E 410 -16.72 23.48 -6.00
CA LEU E 410 -17.46 23.57 -4.75
C LEU E 410 -17.38 22.23 -4.02
N GLN E 411 -17.58 21.14 -4.77
CA GLN E 411 -17.55 19.80 -4.21
C GLN E 411 -16.18 19.53 -3.60
N ILE E 412 -15.11 19.97 -4.25
CA ILE E 412 -13.78 19.53 -3.86
C ILE E 412 -13.28 20.42 -2.72
N LYS E 413 -13.61 21.71 -2.79
CA LYS E 413 -13.26 22.64 -1.72
C LYS E 413 -14.06 22.31 -0.46
N THR E 414 -15.31 21.84 -0.62
CA THR E 414 -16.09 21.45 0.53
C THR E 414 -15.38 20.32 1.26
N ILE E 415 -15.00 19.28 0.50
CA ILE E 415 -14.35 18.11 1.05
C ILE E 415 -13.15 18.52 1.87
N TRP E 416 -12.30 19.39 1.32
CA TRP E 416 -11.02 19.66 1.95
C TRP E 416 -11.17 20.71 3.05
N SER E 417 -12.20 21.55 2.96
CA SER E 417 -12.51 22.47 4.03
C SER E 417 -12.91 21.69 5.29
N VAL E 418 -13.84 20.74 5.12
CA VAL E 418 -14.28 19.88 6.20
C VAL E 418 -13.09 19.11 6.76
N LEU E 419 -12.24 18.56 5.89
CA LEU E 419 -11.14 17.70 6.31
C LEU E 419 -10.12 18.53 7.07
N LEU E 420 -9.79 19.71 6.55
CA LEU E 420 -8.76 20.56 7.13
C LEU E 420 -9.18 21.01 8.53
N ARG E 421 -10.49 21.21 8.71
CA ARG E 421 -11.01 21.85 9.92
C ARG E 421 -11.15 20.82 11.04
N ASN E 422 -11.09 19.53 10.71
CA ASN E 422 -11.50 18.48 11.64
C ASN E 422 -10.38 17.46 11.85
N PHE E 423 -9.30 17.55 11.06
CA PHE E 423 -8.26 16.54 11.09
C PHE E 423 -6.89 17.17 10.85
N ASP E 424 -5.84 16.53 11.37
CA ASP E 424 -4.48 16.69 10.92
C ASP E 424 -4.12 15.51 10.02
N ILE E 425 -3.47 15.78 8.89
CA ILE E 425 -3.36 14.81 7.81
C ILE E 425 -1.92 14.74 7.35
N GLU E 426 -1.47 13.53 6.99
CA GLU E 426 -0.12 13.30 6.47
C GLU E 426 -0.19 12.31 5.32
N LEU E 427 0.67 12.50 4.31
CA LEU E 427 0.83 11.50 3.26
C LEU E 427 1.62 10.31 3.81
N VAL E 428 1.11 9.10 3.51
CA VAL E 428 1.82 7.86 3.80
C VAL E 428 2.66 7.48 2.58
N GLY E 429 3.98 7.60 2.71
CA GLY E 429 4.89 7.03 1.72
C GLY E 429 5.13 7.99 0.56
N GLU E 430 5.38 7.44 -0.63
CA GLU E 430 5.63 8.23 -1.82
C GLU E 430 4.31 8.80 -2.34
N LEU E 431 4.39 9.94 -3.02
CA LEU E 431 3.32 10.42 -3.90
C LEU E 431 3.04 9.34 -4.95
N PRO E 432 1.76 8.91 -5.12
CA PRO E 432 1.43 7.89 -6.11
C PRO E 432 1.77 8.36 -7.53
N LYS E 433 1.97 7.38 -8.42
CA LYS E 433 2.13 7.66 -9.83
C LYS E 433 0.76 7.55 -10.51
N PRO E 434 0.53 8.29 -11.63
CA PRO E 434 -0.68 8.11 -12.44
C PRO E 434 -0.83 6.66 -12.87
N ASP E 435 -2.07 6.16 -12.77
CA ASP E 435 -2.39 4.81 -13.21
C ASP E 435 -3.32 4.88 -14.42
N TYR E 436 -2.86 4.30 -15.54
CA TYR E 436 -3.47 4.55 -16.83
C TYR E 436 -4.29 3.35 -17.30
N THR E 437 -4.82 2.56 -16.35
CA THR E 437 -5.28 1.22 -16.69
C THR E 437 -6.81 1.13 -16.63
N ALA E 438 -7.46 2.11 -15.98
CA ALA E 438 -8.86 2.42 -16.26
C ALA E 438 -8.90 3.35 -17.45
N MET E 439 -10.12 3.74 -17.87
CA MET E 439 -10.25 4.76 -18.91
C MET E 439 -10.14 6.14 -18.24
N VAL E 440 -9.60 6.15 -17.02
CA VAL E 440 -9.42 7.37 -16.26
C VAL E 440 -8.04 7.38 -15.62
N VAL E 441 -7.40 8.56 -15.65
CA VAL E 441 -6.09 8.77 -15.05
C VAL E 441 -6.28 9.21 -13.60
N GLY E 442 -6.22 8.25 -12.67
CA GLY E 442 -6.20 8.56 -11.25
C GLY E 442 -4.88 8.19 -10.60
N PRO E 443 -4.67 8.57 -9.32
CA PRO E 443 -3.50 8.11 -8.55
C PRO E 443 -3.57 6.61 -8.27
N ALA E 444 -2.43 5.93 -8.42
CA ALA E 444 -2.35 4.48 -8.29
C ALA E 444 -2.54 4.07 -6.83
N HIS E 445 -3.34 3.02 -6.63
CA HIS E 445 -3.56 2.45 -5.31
C HIS E 445 -2.29 1.76 -4.82
N PRO E 446 -1.99 1.79 -3.49
CA PRO E 446 -2.83 2.48 -2.52
C PRO E 446 -2.50 3.97 -2.41
N CYS E 447 -3.53 4.78 -2.14
CA CYS E 447 -3.38 6.22 -1.93
C CYS E 447 -3.68 6.56 -0.48
N LEU E 448 -2.68 6.41 0.39
CA LEU E 448 -2.94 6.36 1.82
C LEU E 448 -2.68 7.73 2.45
N LEU E 449 -3.64 8.20 3.25
CA LEU E 449 -3.43 9.33 4.15
C LEU E 449 -3.67 8.88 5.59
N ARG E 450 -2.85 9.43 6.51
CA ARG E 450 -3.05 9.27 7.95
C ARG E 450 -3.77 10.49 8.49
N TYR E 451 -4.76 10.26 9.38
CA TYR E 451 -5.52 11.36 9.96
C TYR E 451 -5.54 11.25 11.49
N THR E 452 -5.60 12.41 12.15
CA THR E 452 -5.92 12.51 13.57
C THR E 452 -6.88 13.68 13.79
N ARG E 453 -7.94 13.44 14.56
CA ARG E 453 -8.94 14.47 14.83
C ARG E 453 -8.33 15.60 15.66
N LYS E 454 -8.79 16.82 15.39
CA LYS E 454 -8.47 17.99 16.18
C LYS E 454 -9.45 18.10 17.37
N LYS F 42 -16.02 -17.35 30.91
CA LYS F 42 -16.22 -15.90 31.13
C LYS F 42 -16.71 -15.70 32.57
N TYR F 43 -16.40 -16.65 33.45
CA TYR F 43 -16.86 -16.57 34.88
C TYR F 43 -15.76 -16.14 35.85
N GLY F 44 -15.09 -15.02 35.60
CA GLY F 44 -14.14 -14.50 36.60
C GLY F 44 -14.89 -13.55 37.51
N ASP F 45 -15.63 -14.07 38.49
CA ASP F 45 -16.51 -13.21 39.33
C ASP F 45 -15.69 -12.27 40.23
N ILE F 46 -14.42 -12.59 40.48
CA ILE F 46 -13.59 -11.77 41.40
C ILE F 46 -12.12 -11.83 41.00
N PHE F 47 -11.41 -10.70 41.04
CA PHE F 47 -9.98 -10.68 40.76
C PHE F 47 -9.35 -9.43 41.35
N THR F 48 -8.02 -9.44 41.43
CA THR F 48 -7.28 -8.37 42.07
C THR F 48 -6.16 -7.92 41.13
N MET F 49 -6.03 -6.60 40.99
CA MET F 49 -4.82 -5.96 40.51
C MET F 49 -4.08 -5.35 41.69
N LYS F 50 -2.75 -5.28 41.58
CA LYS F 50 -1.98 -4.32 42.35
C LYS F 50 -1.51 -3.23 41.40
N VAL F 51 -2.00 -2.00 41.65
CA VAL F 51 -1.64 -0.85 40.86
C VAL F 51 -1.36 0.31 41.82
N PHE F 52 -0.25 1.01 41.56
CA PHE F 52 0.17 2.14 42.38
C PHE F 52 0.18 1.73 43.84
N GLY F 53 0.67 0.51 44.09
CA GLY F 53 0.85 0.00 45.44
C GLY F 53 -0.47 -0.30 46.15
N GLN F 54 -1.57 -0.35 45.39
CA GLN F 54 -2.89 -0.56 45.97
C GLN F 54 -3.49 -1.85 45.44
N ARG F 55 -4.20 -2.57 46.31
CA ARG F 55 -4.92 -3.77 45.90
C ARG F 55 -6.34 -3.37 45.48
N LEU F 56 -6.62 -3.52 44.19
CA LEU F 56 -7.95 -3.29 43.64
C LEU F 56 -8.63 -4.64 43.40
N THR F 57 -9.79 -4.84 44.01
CA THR F 57 -10.53 -6.08 43.87
C THR F 57 -11.85 -5.81 43.15
N PHE F 58 -12.07 -6.50 42.03
CA PHE F 58 -13.24 -6.31 41.21
C PHE F 58 -14.25 -7.42 41.46
N LEU F 59 -15.53 -7.03 41.54
CA LEU F 59 -16.63 -7.94 41.79
C LEU F 59 -17.59 -7.86 40.62
N VAL F 60 -17.87 -8.99 39.97
CA VAL F 60 -18.65 -9.00 38.75
C VAL F 60 -19.81 -9.99 38.91
N GLY F 61 -21.03 -9.49 38.67
CA GLY F 61 -22.22 -10.33 38.67
C GLY F 61 -22.86 -10.41 40.05
N PRO F 62 -24.11 -10.93 40.13
CA PRO F 62 -24.96 -10.77 41.31
C PRO F 62 -24.46 -11.41 42.59
N ASP F 63 -23.77 -12.54 42.47
CA ASP F 63 -23.25 -13.24 43.63
C ASP F 63 -22.11 -12.42 44.23
N ALA F 64 -21.21 -11.94 43.36
CA ALA F 64 -20.05 -11.17 43.78
C ALA F 64 -20.47 -9.81 44.30
N HIS F 65 -21.58 -9.27 43.76
CA HIS F 65 -22.10 -7.98 44.18
C HIS F 65 -22.48 -7.97 45.65
N VAL F 66 -22.86 -9.14 46.18
CA VAL F 66 -23.55 -9.19 47.46
C VAL F 66 -22.73 -8.49 48.54
N PRO F 67 -21.45 -8.85 48.76
CA PRO F 67 -20.64 -8.18 49.77
C PRO F 67 -20.45 -6.68 49.56
N PHE F 68 -20.62 -6.21 48.31
CA PHE F 68 -20.44 -4.80 48.00
C PHE F 68 -21.65 -4.00 48.46
N PHE F 69 -22.85 -4.43 48.03
CA PHE F 69 -24.05 -3.61 48.13
C PHE F 69 -24.79 -3.88 49.43
N SER F 70 -24.61 -5.08 50.00
CA SER F 70 -25.46 -5.55 51.08
C SER F 70 -24.99 -5.02 52.43
N GLN F 71 -23.73 -4.57 52.50
CA GLN F 71 -23.15 -4.15 53.78
C GLN F 71 -23.33 -2.64 53.96
N GLY F 72 -22.74 -2.11 55.04
CA GLY F 72 -22.96 -0.72 55.44
C GLY F 72 -21.66 0.01 55.72
N ASP F 73 -21.75 1.17 56.38
CA ASP F 73 -20.67 2.14 56.41
C ASP F 73 -19.56 1.68 57.37
N ALA F 74 -19.89 0.76 58.28
CA ALA F 74 -18.93 0.24 59.23
C ALA F 74 -18.01 -0.77 58.54
N GLU F 75 -18.53 -1.43 57.48
CA GLU F 75 -17.81 -2.48 56.79
C GLU F 75 -17.12 -1.94 55.54
N LEU F 76 -17.75 -0.93 54.90
CA LEU F 76 -17.26 -0.37 53.64
C LEU F 76 -17.33 1.15 53.72
N SER F 77 -16.29 1.82 53.21
CA SER F 77 -16.16 3.27 53.33
C SER F 77 -16.05 3.92 51.95
N GLN F 78 -16.72 5.06 51.76
CA GLN F 78 -16.70 5.78 50.49
C GLN F 78 -15.63 6.86 50.49
N ASP F 79 -15.05 7.15 51.67
CA ASP F 79 -14.29 8.37 51.87
C ASP F 79 -13.11 8.45 50.91
N GLU F 80 -12.28 7.39 50.90
CA GLU F 80 -10.97 7.45 50.28
C GLU F 80 -11.11 7.39 48.76
N PRO F 81 -11.91 6.44 48.20
CA PRO F 81 -12.08 6.38 46.75
C PRO F 81 -12.64 7.66 46.14
N TYR F 82 -13.49 8.37 46.89
CA TYR F 82 -14.23 9.51 46.35
C TYR F 82 -13.66 10.84 46.86
N GLN F 83 -12.41 10.81 47.34
CA GLN F 83 -11.67 12.01 47.70
C GLN F 83 -11.74 13.07 46.62
N PHE F 84 -11.69 12.63 45.35
CA PHE F 84 -11.56 13.53 44.23
C PHE F 84 -12.65 14.60 44.27
N SER F 85 -13.78 14.27 44.90
CA SER F 85 -14.98 15.09 44.79
C SER F 85 -14.94 16.24 45.80
N VAL F 86 -14.08 16.10 46.83
CA VAL F 86 -14.17 16.98 47.98
C VAL F 86 -13.88 18.43 47.57
N PRO F 87 -12.81 18.72 46.80
CA PRO F 87 -12.54 20.10 46.39
C PRO F 87 -13.44 20.57 45.25
N ILE F 88 -14.29 19.69 44.73
CA ILE F 88 -15.27 20.08 43.73
C ILE F 88 -16.55 20.55 44.41
N PHE F 89 -17.09 19.75 45.35
CA PHE F 89 -18.32 20.09 46.04
C PHE F 89 -18.02 21.05 47.17
N GLY F 90 -16.83 20.91 47.77
CA GLY F 90 -16.37 21.83 48.80
C GLY F 90 -16.18 21.14 50.14
N PRO F 91 -15.54 21.81 51.12
CA PRO F 91 -15.28 21.20 52.42
C PRO F 91 -16.58 20.89 53.16
N ASN F 92 -16.56 19.83 53.96
CA ASN F 92 -17.61 19.57 54.94
C ASN F 92 -18.91 19.24 54.22
N VAL F 93 -18.80 18.82 52.96
CA VAL F 93 -19.95 18.49 52.14
C VAL F 93 -19.77 17.10 51.54
N VAL F 94 -20.76 16.24 51.77
CA VAL F 94 -20.84 14.88 51.24
C VAL F 94 -19.60 14.10 51.70
N TYR F 95 -18.71 13.71 50.77
CA TYR F 95 -17.64 12.79 51.14
C TYR F 95 -16.54 13.55 51.86
N GLY F 96 -16.72 14.87 52.01
CA GLY F 96 -15.85 15.71 52.81
C GLY F 96 -16.35 15.90 54.24
N ALA F 97 -17.52 15.34 54.56
CA ALA F 97 -18.11 15.47 55.89
C ALA F 97 -17.93 14.16 56.64
N ASP F 98 -17.95 14.22 57.97
CA ASP F 98 -17.99 13.03 58.79
C ASP F 98 -19.35 12.36 58.62
N LEU F 99 -19.45 11.10 59.03
CA LEU F 99 -20.61 10.28 58.78
C LEU F 99 -21.87 10.95 59.33
N ALA F 100 -21.75 11.52 60.53
CA ALA F 100 -22.89 12.08 61.24
C ALA F 100 -23.57 13.13 60.37
N HIS F 101 -22.77 14.07 59.85
CA HIS F 101 -23.26 15.17 59.03
C HIS F 101 -23.62 14.67 57.63
N ARG F 102 -22.79 13.77 57.09
CA ARG F 102 -23.01 13.26 55.74
C ARG F 102 -24.37 12.59 55.68
N ASN F 103 -24.70 11.79 56.70
CA ASN F 103 -25.93 11.02 56.70
C ASN F 103 -27.13 11.97 56.69
N GLN F 104 -26.97 13.17 57.27
CA GLN F 104 -28.05 14.13 57.37
C GLN F 104 -28.17 14.89 56.04
N GLN F 105 -27.01 15.24 55.46
CA GLN F 105 -26.96 15.88 54.15
C GLN F 105 -27.64 14.99 53.10
N LEU F 106 -27.45 13.67 53.23
CA LEU F 106 -28.02 12.75 52.27
C LEU F 106 -29.54 12.71 52.44
N LYS F 107 -30.02 12.94 53.67
CA LYS F 107 -31.45 12.99 53.95
C LYS F 107 -32.05 14.28 53.39
N PHE F 108 -31.29 15.38 53.48
CA PHE F 108 -31.72 16.62 52.86
C PHE F 108 -31.87 16.42 51.36
N ILE F 109 -30.87 15.76 50.75
CA ILE F 109 -30.88 15.55 49.31
C ILE F 109 -32.07 14.68 48.94
N ALA F 110 -32.30 13.61 49.72
CA ALA F 110 -33.41 12.72 49.45
C ALA F 110 -34.73 13.48 49.49
N ALA F 111 -34.86 14.38 50.47
CA ALA F 111 -36.07 15.16 50.62
C ALA F 111 -36.26 16.05 49.38
N SER F 112 -35.16 16.63 48.90
CA SER F 112 -35.22 17.55 47.78
C SER F 112 -35.59 16.82 46.49
N LEU F 113 -35.42 15.48 46.47
CA LEU F 113 -35.66 14.70 45.26
C LEU F 113 -36.75 13.64 45.47
N SER F 114 -37.54 13.77 46.55
CA SER F 114 -38.64 12.84 46.81
C SER F 114 -39.70 12.93 45.72
N THR F 115 -40.63 11.98 45.72
CA THR F 115 -41.78 12.01 44.83
C THR F 115 -42.57 13.30 45.01
N LYS F 116 -42.76 13.72 46.27
CA LYS F 116 -43.52 14.92 46.55
C LYS F 116 -42.87 16.11 45.84
N ALA F 117 -41.55 16.26 46.01
CA ALA F 117 -40.83 17.37 45.41
C ALA F 117 -40.95 17.30 43.89
N LEU F 118 -40.90 16.09 43.33
CA LEU F 118 -40.85 15.91 41.89
C LEU F 118 -42.18 16.37 41.28
N GLN F 119 -43.28 16.19 42.02
CA GLN F 119 -44.59 16.63 41.55
C GLN F 119 -44.54 18.11 41.17
N SER F 120 -43.79 18.90 41.95
CA SER F 120 -43.71 20.33 41.71
C SER F 120 -42.63 20.69 40.70
N TYR F 121 -41.71 19.77 40.42
CA TYR F 121 -40.62 20.05 39.49
C TYR F 121 -41.06 19.72 38.05
N VAL F 122 -41.96 18.73 37.90
CA VAL F 122 -42.24 18.15 36.60
C VAL F 122 -42.76 19.22 35.65
N PRO F 123 -43.72 20.09 36.05
CA PRO F 123 -44.14 21.21 35.21
C PRO F 123 -42.97 22.03 34.67
N LEU F 124 -42.00 22.33 35.55
CA LEU F 124 -40.81 23.08 35.19
C LEU F 124 -39.98 22.31 34.16
N ILE F 125 -39.89 20.99 34.36
CA ILE F 125 -39.04 20.15 33.52
C ILE F 125 -39.64 20.10 32.11
N VAL F 126 -40.97 20.01 32.04
CA VAL F 126 -41.67 19.92 30.77
C VAL F 126 -41.52 21.24 30.02
N LYS F 127 -41.74 22.36 30.72
CA LYS F 127 -41.70 23.67 30.09
C LYS F 127 -40.34 23.86 29.42
N GLU F 128 -39.27 23.66 30.20
CA GLU F 128 -37.91 23.86 29.72
C GLU F 128 -37.67 23.05 28.44
N ALA F 129 -38.15 21.80 28.42
CA ALA F 129 -37.91 20.92 27.30
C ALA F 129 -38.63 21.44 26.05
N GLU F 130 -39.88 21.86 26.24
CA GLU F 130 -40.72 22.28 25.13
C GLU F 130 -40.19 23.59 24.56
N ASP F 131 -39.75 24.49 25.45
CA ASP F 131 -39.17 25.77 25.04
C ASP F 131 -37.90 25.53 24.24
N PHE F 132 -37.15 24.49 24.62
CA PHE F 132 -35.80 24.27 24.11
C PHE F 132 -35.88 23.69 22.71
N PHE F 133 -36.81 22.75 22.52
CA PHE F 133 -36.94 22.02 21.27
C PHE F 133 -37.82 22.79 20.29
N ALA F 134 -38.61 23.73 20.83
CA ALA F 134 -39.34 24.69 20.01
C ALA F 134 -38.36 25.51 19.17
N LYS F 135 -37.18 25.81 19.75
CA LYS F 135 -36.18 26.63 19.10
C LYS F 135 -35.60 25.93 17.87
N TRP F 136 -35.95 24.65 17.66
CA TRP F 136 -35.32 23.85 16.62
C TRP F 136 -36.01 24.12 15.28
N ASP F 137 -35.23 23.96 14.20
CA ASP F 137 -35.68 24.25 12.85
C ASP F 137 -36.68 23.18 12.38
N LYS F 138 -37.04 23.23 11.09
CA LYS F 138 -37.96 22.27 10.53
C LYS F 138 -37.23 20.97 10.24
N SER F 139 -35.93 21.09 9.94
CA SER F 139 -35.04 19.94 9.93
C SER F 139 -33.60 20.42 10.12
N GLY F 140 -32.67 19.46 10.29
CA GLY F 140 -31.28 19.76 10.57
C GLY F 140 -30.56 18.59 11.22
N THR F 141 -29.36 18.86 11.73
CA THR F 141 -28.52 17.84 12.35
C THR F 141 -27.95 18.39 13.65
N VAL F 142 -27.97 17.56 14.70
CA VAL F 142 -27.56 17.98 16.02
C VAL F 142 -26.70 16.90 16.65
N ASP F 143 -25.66 17.33 17.38
CA ASP F 143 -24.98 16.48 18.34
C ASP F 143 -25.86 16.35 19.58
N ILE F 144 -26.43 15.16 19.78
CA ILE F 144 -27.48 14.97 20.77
C ILE F 144 -26.87 15.13 22.17
N ARG F 145 -25.61 14.73 22.32
CA ARG F 145 -24.96 14.77 23.62
C ARG F 145 -24.76 16.23 24.05
N ASP F 146 -24.29 17.06 23.13
CA ASP F 146 -24.10 18.49 23.40
C ASP F 146 -25.44 19.12 23.74
N ALA F 147 -26.49 18.73 23.01
CA ALA F 147 -27.80 19.35 23.14
C ALA F 147 -28.40 19.05 24.51
N LEU F 148 -28.34 17.76 24.90
CA LEU F 148 -29.00 17.31 26.11
C LEU F 148 -28.24 17.80 27.33
N ALA F 149 -26.92 17.93 27.20
CA ALA F 149 -26.12 18.52 28.27
C ALA F 149 -26.59 19.95 28.54
N GLU F 150 -26.90 20.70 27.47
CA GLU F 150 -27.35 22.08 27.59
C GLU F 150 -28.71 22.13 28.26
N LEU F 151 -29.64 21.29 27.79
CA LEU F 151 -31.01 21.33 28.27
C LEU F 151 -31.06 20.89 29.74
N ILE F 152 -30.26 19.88 30.08
CA ILE F 152 -30.32 19.29 31.41
C ILE F 152 -29.73 20.26 32.43
N ILE F 153 -28.71 21.05 32.04
CA ILE F 153 -28.13 21.99 32.97
C ILE F 153 -29.03 23.23 33.10
N LEU F 154 -29.79 23.55 32.04
CA LEU F 154 -30.80 24.58 32.11
C LEU F 154 -31.86 24.20 33.14
N THR F 155 -32.44 23.02 32.92
CA THR F 155 -33.49 22.50 33.78
C THR F 155 -33.00 22.43 35.23
N ALA F 156 -31.76 21.96 35.41
CA ALA F 156 -31.23 21.72 36.73
C ALA F 156 -31.04 23.03 37.46
N SER F 157 -30.51 24.03 36.74
CA SER F 157 -30.36 25.36 37.31
C SER F 157 -31.71 25.84 37.88
N ARG F 158 -32.81 25.54 37.17
CA ARG F 158 -34.12 25.95 37.65
C ARG F 158 -34.48 25.15 38.91
N CYS F 159 -34.51 23.82 38.84
CA CYS F 159 -35.09 23.01 39.91
C CYS F 159 -34.16 23.00 41.13
N LEU F 160 -32.85 23.00 40.88
CA LEU F 160 -31.85 22.92 41.94
C LEU F 160 -31.70 24.30 42.59
N MET F 161 -31.56 25.33 41.76
CA MET F 161 -30.92 26.56 42.19
C MET F 161 -31.93 27.72 42.23
N GLY F 162 -33.04 27.57 41.52
CA GLY F 162 -34.17 28.46 41.67
C GLY F 162 -34.28 29.47 40.53
N LYS F 163 -35.37 30.24 40.55
CA LYS F 163 -35.78 31.11 39.45
C LYS F 163 -34.76 32.24 39.26
N GLU F 164 -34.28 32.80 40.37
CA GLU F 164 -33.37 33.94 40.32
C GLU F 164 -32.18 33.60 39.43
N ILE F 165 -31.54 32.46 39.72
CA ILE F 165 -30.34 32.05 39.03
C ILE F 165 -30.70 31.64 37.60
N ARG F 166 -31.79 30.89 37.45
CA ARG F 166 -32.21 30.41 36.15
C ARG F 166 -32.32 31.59 35.19
N GLU F 167 -32.92 32.69 35.67
CA GLU F 167 -33.41 33.74 34.78
C GLU F 167 -32.38 34.86 34.66
N ASN F 168 -31.48 34.98 35.65
CA ASN F 168 -30.61 36.14 35.74
C ASN F 168 -29.16 35.72 35.51
N LEU F 169 -28.77 34.52 35.94
CA LEU F 169 -27.36 34.23 36.18
C LEU F 169 -26.98 32.88 35.56
N PHE F 170 -27.78 32.37 34.62
CA PHE F 170 -27.53 31.05 34.08
C PHE F 170 -26.11 30.97 33.51
N THR F 171 -25.78 31.93 32.63
CA THR F 171 -24.55 31.87 31.87
C THR F 171 -23.36 31.86 32.83
N GLU F 172 -23.49 32.59 33.94
CA GLU F 172 -22.44 32.70 34.94
C GLU F 172 -22.25 31.37 35.66
N VAL F 173 -23.38 30.70 35.93
CA VAL F 173 -23.38 29.47 36.69
C VAL F 173 -22.82 28.33 35.83
N ALA F 174 -23.19 28.33 34.55
CA ALA F 174 -22.74 27.30 33.62
C ALA F 174 -21.23 27.40 33.44
N LYS F 175 -20.73 28.64 33.38
CA LYS F 175 -19.33 28.90 33.11
C LYS F 175 -18.51 28.48 34.33
N LEU F 176 -19.01 28.82 35.53
CA LEU F 176 -18.38 28.44 36.77
C LEU F 176 -18.36 26.92 36.92
N TYR F 177 -19.44 26.26 36.47
CA TYR F 177 -19.51 24.81 36.57
C TYR F 177 -18.48 24.19 35.64
N GLN F 178 -18.42 24.68 34.39
CA GLN F 178 -17.50 24.16 33.40
C GLN F 178 -16.07 24.20 33.94
N THR F 179 -15.75 25.25 34.70
CA THR F 179 -14.42 25.43 35.27
C THR F 179 -14.19 24.38 36.35
N LEU F 180 -15.17 24.20 37.24
CA LEU F 180 -15.13 23.15 38.25
C LEU F 180 -14.80 21.81 37.60
N ASP F 181 -15.49 21.54 36.48
CA ASP F 181 -15.47 20.23 35.85
C ASP F 181 -14.13 19.99 35.18
N GLU F 182 -13.47 21.08 34.74
CA GLU F 182 -12.21 20.99 34.03
C GLU F 182 -11.06 20.81 35.03
N GLY F 183 -11.35 20.97 36.32
CA GLY F 183 -10.39 20.66 37.38
C GLY F 183 -10.56 19.23 37.88
N LEU F 184 -11.25 18.40 37.09
CA LEU F 184 -11.34 16.98 37.35
C LEU F 184 -10.55 16.24 36.27
N LEU F 185 -9.27 15.99 36.57
CA LEU F 185 -8.37 15.29 35.68
C LEU F 185 -8.00 13.96 36.30
N PRO F 186 -7.45 13.00 35.51
CA PRO F 186 -7.00 11.72 36.05
C PRO F 186 -6.11 11.86 37.29
N ILE F 187 -5.26 12.88 37.29
CA ILE F 187 -4.32 13.12 38.38
C ILE F 187 -5.10 13.50 39.63
N SER F 188 -6.28 14.11 39.41
CA SER F 188 -7.10 14.67 40.47
C SER F 188 -7.67 13.58 41.36
N VAL F 189 -7.82 12.35 40.83
CA VAL F 189 -8.40 11.28 41.64
C VAL F 189 -7.37 10.83 42.67
N PHE F 190 -6.08 11.08 42.37
CA PHE F 190 -5.00 10.65 43.24
C PHE F 190 -4.57 11.82 44.13
N PHE F 191 -4.36 12.98 43.52
CA PHE F 191 -3.87 14.15 44.23
C PHE F 191 -4.83 15.32 44.01
N PRO F 192 -5.95 15.36 44.77
CA PRO F 192 -7.00 16.36 44.57
C PRO F 192 -6.52 17.80 44.80
N TYR F 193 -5.55 17.95 45.71
CA TYR F 193 -5.12 19.26 46.17
C TYR F 193 -3.74 19.60 45.59
N LEU F 194 -3.44 19.05 44.41
CA LEU F 194 -2.23 19.38 43.69
C LEU F 194 -2.33 20.81 43.17
N PRO F 195 -1.30 21.66 43.38
CA PRO F 195 -1.36 23.07 42.97
C PRO F 195 -1.01 23.29 41.50
N ILE F 196 -1.74 22.59 40.62
CA ILE F 196 -1.64 22.81 39.18
C ILE F 196 -2.70 23.82 38.75
N PRO F 197 -2.63 24.38 37.53
CA PRO F 197 -3.52 25.47 37.11
C PRO F 197 -5.00 25.12 37.19
N ALA F 198 -5.38 23.96 36.65
CA ALA F 198 -6.77 23.53 36.58
C ALA F 198 -7.39 23.50 37.97
N HIS F 199 -6.59 23.13 38.98
CA HIS F 199 -7.05 23.02 40.36
C HIS F 199 -7.22 24.40 40.98
N LYS F 200 -6.41 25.36 40.55
CA LYS F 200 -6.52 26.73 41.10
C LYS F 200 -7.79 27.36 40.56
N ARG F 201 -8.07 27.18 39.26
CA ARG F 201 -9.24 27.75 38.64
C ARG F 201 -10.49 27.09 39.22
N ARG F 202 -10.40 25.77 39.47
CA ARG F 202 -11.47 25.02 40.11
C ARG F 202 -11.81 25.66 41.46
N ASP F 203 -10.79 25.89 42.29
CA ASP F 203 -11.02 26.34 43.66
C ASP F 203 -11.60 27.75 43.62
N GLU F 204 -11.13 28.56 42.67
CA GLU F 204 -11.59 29.93 42.51
C GLU F 204 -13.05 29.93 42.05
N ALA F 205 -13.36 29.05 41.10
CA ALA F 205 -14.70 28.94 40.56
C ALA F 205 -15.69 28.54 41.67
N ARG F 206 -15.25 27.64 42.55
CA ARG F 206 -16.11 27.21 43.65
C ARG F 206 -16.41 28.39 44.57
N LEU F 207 -15.37 29.14 44.93
CA LEU F 207 -15.52 30.24 45.87
C LEU F 207 -16.42 31.32 45.27
N ALA F 208 -16.26 31.56 43.97
CA ALA F 208 -17.11 32.49 43.23
C ALA F 208 -18.57 32.05 43.33
N MET F 209 -18.80 30.76 43.10
CA MET F 209 -20.15 30.19 43.15
C MET F 209 -20.76 30.39 44.53
N VAL F 210 -19.94 30.27 45.60
CA VAL F 210 -20.47 30.44 46.95
C VAL F 210 -20.91 31.89 47.13
N ARG F 211 -20.10 32.83 46.63
CA ARG F 211 -20.38 34.24 46.80
C ARG F 211 -21.67 34.59 46.06
N MET F 212 -21.88 33.97 44.89
CA MET F 212 -23.05 34.21 44.08
C MET F 212 -24.30 33.77 44.81
N PHE F 213 -24.24 32.64 45.52
CA PHE F 213 -25.41 32.08 46.20
C PHE F 213 -25.65 32.79 47.52
N LYS F 214 -24.58 33.33 48.12
CA LYS F 214 -24.66 34.10 49.34
C LYS F 214 -25.63 35.28 49.14
N LYS F 215 -25.54 35.91 47.96
CA LYS F 215 -26.42 37.02 47.62
C LYS F 215 -27.87 36.55 47.52
N ILE F 216 -28.10 35.46 46.78
CA ILE F 216 -29.45 34.94 46.58
C ILE F 216 -30.03 34.56 47.93
N ILE F 217 -29.22 33.94 48.79
CA ILE F 217 -29.71 33.42 50.06
C ILE F 217 -30.07 34.58 50.99
N ASP F 218 -29.23 35.61 51.00
CA ASP F 218 -29.45 36.79 51.82
C ASP F 218 -30.75 37.48 51.39
N GLU F 219 -30.96 37.58 50.08
CA GLU F 219 -32.14 38.20 49.51
C GLU F 219 -33.39 37.43 49.92
N ARG F 220 -33.26 36.11 50.02
CA ARG F 220 -34.44 35.28 50.35
C ARG F 220 -34.77 35.44 51.83
N ARG F 221 -33.74 35.52 52.67
CA ARG F 221 -33.97 35.60 54.13
C ARG F 221 -34.55 36.97 54.42
N ALA F 222 -34.22 37.93 53.58
CA ALA F 222 -34.77 39.27 53.71
C ALA F 222 -36.28 39.28 53.45
N ASN F 223 -36.75 38.32 52.63
CA ASN F 223 -38.12 38.29 52.16
C ASN F 223 -38.72 36.91 52.39
N PRO F 224 -38.75 36.41 53.65
CA PRO F 224 -38.93 34.97 53.90
C PRO F 224 -40.36 34.45 53.71
N GLU F 225 -41.31 35.35 53.42
CA GLU F 225 -42.69 34.93 53.26
C GLU F 225 -42.96 34.54 51.82
N VAL F 226 -42.04 34.93 50.91
CA VAL F 226 -42.09 34.46 49.53
C VAL F 226 -41.68 33.00 49.49
N LYS F 227 -42.58 32.14 48.97
CA LYS F 227 -42.31 30.73 48.81
C LYS F 227 -41.49 30.51 47.54
N HIS F 228 -40.62 29.48 47.58
CA HIS F 228 -39.78 29.13 46.43
C HIS F 228 -39.81 27.62 46.20
N ASN F 229 -39.84 27.23 44.92
CA ASN F 229 -39.92 25.83 44.54
C ASN F 229 -38.59 25.39 43.91
N ASP F 230 -37.68 24.91 44.76
CA ASP F 230 -36.35 24.50 44.34
C ASP F 230 -35.63 23.80 45.50
N CYS F 231 -34.51 23.17 45.19
CA CYS F 231 -33.74 22.42 46.17
C CYS F 231 -33.07 23.38 47.14
N LEU F 232 -32.69 24.57 46.65
CA LEU F 232 -32.07 25.59 47.48
C LEU F 232 -32.93 25.86 48.71
N GLN F 233 -34.25 25.98 48.49
CA GLN F 233 -35.18 26.26 49.57
C GLN F 233 -35.10 25.13 50.60
N VAL F 234 -35.08 23.88 50.13
CA VAL F 234 -35.02 22.72 51.01
C VAL F 234 -33.75 22.81 51.84
N PHE F 235 -32.64 23.21 51.21
CA PHE F 235 -31.35 23.20 51.88
C PHE F 235 -31.26 24.36 52.86
N MET F 236 -32.05 25.41 52.61
CA MET F 236 -32.07 26.57 53.49
C MET F 236 -32.89 26.25 54.74
N ASP F 237 -33.93 25.42 54.58
CA ASP F 237 -34.81 25.05 55.68
C ASP F 237 -34.23 23.87 56.46
N ALA F 238 -33.22 23.21 55.90
CA ALA F 238 -32.65 22.03 56.52
C ALA F 238 -31.95 22.42 57.82
N ARG F 239 -32.04 21.55 58.84
CA ARG F 239 -31.32 21.75 60.09
C ARG F 239 -30.65 20.44 60.51
N TYR F 240 -29.39 20.52 60.95
CA TYR F 240 -28.74 19.41 61.65
C TYR F 240 -29.42 19.20 62.99
N ARG F 241 -29.45 17.93 63.41
CA ARG F 241 -30.13 17.56 64.69
C ARG F 241 -29.26 17.94 65.89
N GLY F 242 -29.89 18.21 67.03
CA GLY F 242 -29.19 18.54 68.26
C GLY F 242 -28.68 19.99 68.27
N GLU F 243 -29.15 20.79 67.31
CA GLU F 243 -28.50 22.05 67.02
C GLU F 243 -29.50 23.04 66.41
N GLU F 244 -29.38 24.32 66.76
CA GLU F 244 -30.23 25.33 66.10
C GLU F 244 -29.43 25.85 64.91
N GLN F 245 -28.48 25.05 64.43
CA GLN F 245 -27.58 25.52 63.34
C GLN F 245 -28.09 25.13 61.95
N ALA F 246 -28.19 26.12 61.07
CA ALA F 246 -28.60 25.87 59.69
C ALA F 246 -27.32 25.72 58.87
N LEU F 247 -27.39 25.07 57.72
CA LEU F 247 -26.21 25.00 56.88
C LEU F 247 -25.75 26.42 56.58
N ASN F 248 -24.43 26.62 56.60
CA ASN F 248 -23.84 27.86 56.10
C ASN F 248 -23.88 27.83 54.58
N ASP F 249 -23.41 28.91 53.96
CA ASP F 249 -23.59 29.13 52.52
C ASP F 249 -22.66 28.21 51.73
N GLU F 250 -21.52 27.84 52.33
CA GLU F 250 -20.58 26.93 51.69
C GLU F 250 -21.25 25.57 51.50
N GLU F 251 -21.80 25.04 52.59
CA GLU F 251 -22.45 23.73 52.59
C GLU F 251 -23.62 23.72 51.63
N ILE F 252 -24.48 24.76 51.69
CA ILE F 252 -25.66 24.82 50.83
C ILE F 252 -25.22 24.83 49.37
N THR F 253 -24.22 25.66 49.05
CA THR F 253 -23.72 25.75 47.69
C THR F 253 -23.16 24.40 47.26
N GLY F 254 -22.48 23.73 48.19
CA GLY F 254 -21.79 22.48 47.91
C GLY F 254 -22.77 21.36 47.55
N LEU F 255 -23.90 21.33 48.26
CA LEU F 255 -24.92 20.33 47.99
C LEU F 255 -25.50 20.53 46.59
N MET F 256 -25.53 21.77 46.12
CA MET F 256 -26.13 22.04 44.83
C MET F 256 -25.14 21.79 43.70
N ILE F 257 -23.86 22.08 43.95
CA ILE F 257 -22.82 21.69 43.01
C ILE F 257 -22.85 20.17 42.82
N ALA F 258 -22.94 19.44 43.94
CA ALA F 258 -23.02 17.99 43.90
C ALA F 258 -24.12 17.53 42.95
N LEU F 259 -25.32 18.10 43.10
CA LEU F 259 -26.49 17.65 42.37
C LEU F 259 -26.40 18.09 40.91
N LEU F 260 -25.79 19.24 40.66
CA LEU F 260 -25.58 19.70 39.30
C LEU F 260 -24.60 18.78 38.59
N PHE F 261 -23.55 18.40 39.31
CA PHE F 261 -22.51 17.49 38.83
C PHE F 261 -23.14 16.16 38.47
N ALA F 262 -24.03 15.66 39.34
CA ALA F 262 -24.69 14.38 39.11
C ALA F 262 -25.40 14.39 37.76
N GLY F 263 -26.25 15.41 37.53
CA GLY F 263 -27.05 15.49 36.32
C GLY F 263 -26.19 15.52 35.06
N GLN F 264 -25.08 16.26 35.12
CA GLN F 264 -24.23 16.41 33.94
C GLN F 264 -23.44 15.12 33.67
N HIS F 265 -23.14 14.34 34.72
CA HIS F 265 -22.27 13.18 34.58
C HIS F 265 -23.08 11.92 34.29
N THR F 266 -24.39 11.93 34.56
CA THR F 266 -25.15 10.69 34.44
C THR F 266 -26.35 10.90 33.50
N SER F 267 -27.27 11.77 33.90
CA SER F 267 -28.53 11.92 33.19
C SER F 267 -28.25 12.29 31.74
N SER F 268 -27.35 13.25 31.52
CA SER F 268 -27.13 13.76 30.18
C SER F 268 -26.54 12.69 29.27
N VAL F 269 -25.76 11.74 29.81
CA VAL F 269 -25.17 10.73 28.95
C VAL F 269 -26.18 9.61 28.69
N THR F 270 -26.87 9.14 29.73
CA THR F 270 -27.88 8.11 29.55
C THR F 270 -29.01 8.64 28.67
N GLY F 271 -29.28 9.95 28.78
CA GLY F 271 -30.25 10.61 27.93
C GLY F 271 -29.85 10.55 26.45
N SER F 272 -28.55 10.74 26.19
CA SER F 272 -28.02 10.70 24.84
C SER F 272 -28.10 9.28 24.28
N TRP F 273 -27.55 8.31 25.02
CA TRP F 273 -27.56 6.91 24.60
C TRP F 273 -28.99 6.46 24.28
N THR F 274 -29.95 6.91 25.10
CA THR F 274 -31.33 6.44 24.96
C THR F 274 -31.77 6.58 23.51
N GLY F 275 -31.44 7.74 22.92
CA GLY F 275 -31.85 8.07 21.57
C GLY F 275 -30.94 7.45 20.50
N LEU F 276 -29.62 7.51 20.74
CA LEU F 276 -28.65 6.93 19.83
C LEU F 276 -29.02 5.47 19.57
N LEU F 277 -29.41 4.75 20.63
CA LEU F 277 -29.70 3.33 20.53
C LEU F 277 -31.03 3.10 19.84
N LEU F 278 -32.05 3.89 20.20
CA LEU F 278 -33.40 3.62 19.73
C LEU F 278 -33.49 3.88 18.22
N PHE F 279 -32.72 4.87 17.73
CA PHE F 279 -32.89 5.37 16.38
C PHE F 279 -31.76 4.86 15.47
N GLU F 280 -31.07 3.82 15.95
CA GLU F 280 -30.27 2.97 15.07
C GLU F 280 -31.22 2.10 14.25
N ALA F 281 -30.81 1.78 13.02
CA ALA F 281 -31.72 1.32 11.99
C ALA F 281 -32.44 0.05 12.44
N ASN F 282 -31.67 -0.92 12.93
CA ASN F 282 -32.21 -2.20 13.37
C ASN F 282 -33.15 -1.99 14.56
N ASN F 283 -32.61 -1.37 15.61
CA ASN F 283 -33.32 -1.18 16.86
C ASN F 283 -34.60 -0.39 16.59
N LYS F 284 -34.47 0.66 15.76
CA LYS F 284 -35.58 1.52 15.40
C LYS F 284 -36.71 0.68 14.80
N LYS F 285 -36.34 -0.25 13.92
CA LYS F 285 -37.35 -1.08 13.21
C LYS F 285 -38.08 -2.03 14.17
N LYS F 286 -37.39 -2.48 15.21
CA LYS F 286 -37.99 -3.45 16.11
C LYS F 286 -38.88 -2.77 17.15
N PHE F 287 -38.45 -1.59 17.64
CA PHE F 287 -38.83 -1.15 18.97
C PHE F 287 -39.58 0.17 18.93
N LEU F 288 -39.32 1.01 17.91
CA LEU F 288 -39.88 2.34 17.86
C LEU F 288 -41.39 2.29 17.64
N PRO F 289 -41.93 1.32 16.86
CA PRO F 289 -43.37 1.16 16.72
C PRO F 289 -44.09 1.12 18.07
N GLY F 290 -43.67 0.19 18.94
CA GLY F 290 -44.28 0.02 20.24
C GLY F 290 -44.26 1.30 21.08
N VAL F 291 -43.18 2.09 20.90
CA VAL F 291 -42.98 3.30 21.67
C VAL F 291 -43.94 4.38 21.16
N LEU F 292 -43.99 4.55 19.82
CA LEU F 292 -44.82 5.58 19.21
C LEU F 292 -46.30 5.28 19.48
N GLU F 293 -46.66 4.00 19.43
CA GLU F 293 -48.00 3.55 19.72
C GLU F 293 -48.38 3.95 21.15
N GLU F 294 -47.46 3.70 22.08
CA GLU F 294 -47.67 3.95 23.49
C GLU F 294 -47.89 5.45 23.73
N GLN F 295 -47.12 6.29 23.02
CA GLN F 295 -47.22 7.74 23.17
C GLN F 295 -48.65 8.20 22.86
N GLU F 296 -49.27 7.57 21.86
CA GLU F 296 -50.55 8.06 21.35
C GLU F 296 -51.71 7.47 22.17
N GLU F 297 -51.51 6.28 22.73
CA GLU F 297 -52.43 5.74 23.73
C GLU F 297 -52.46 6.66 24.95
N ILE F 298 -51.29 7.21 25.30
CA ILE F 298 -51.15 8.09 26.45
C ILE F 298 -51.93 9.38 26.19
N ARG F 299 -51.78 9.94 24.98
CA ARG F 299 -52.43 11.19 24.62
C ARG F 299 -53.95 11.03 24.67
N LYS F 300 -54.42 9.89 24.20
CA LYS F 300 -55.89 9.64 24.14
C LYS F 300 -56.47 9.62 25.56
N GLU F 301 -55.69 9.18 26.55
CA GLU F 301 -56.21 9.04 27.90
C GLU F 301 -56.00 10.33 28.69
N PHE F 302 -55.02 11.14 28.30
CA PHE F 302 -54.49 12.19 29.16
C PHE F 302 -54.47 13.54 28.45
N GLY F 303 -54.29 13.53 27.12
CA GLY F 303 -54.22 14.75 26.34
C GLY F 303 -52.78 15.07 25.94
N ASP F 304 -52.59 16.26 25.37
CA ASP F 304 -51.31 16.67 24.80
C ASP F 304 -50.35 17.06 25.91
N GLU F 305 -50.89 17.33 27.11
CA GLU F 305 -50.13 17.89 28.19
C GLU F 305 -49.35 16.78 28.90
N LEU F 306 -48.06 17.03 29.14
CA LEU F 306 -47.17 16.07 29.76
C LEU F 306 -47.20 16.27 31.27
N THR F 307 -47.63 15.23 31.99
CA THR F 307 -47.74 15.30 33.44
C THR F 307 -47.03 14.11 34.07
N MET F 308 -46.76 14.24 35.36
CA MET F 308 -46.20 13.16 36.16
C MET F 308 -46.90 11.85 35.83
N GLU F 309 -48.24 11.89 35.80
CA GLU F 309 -49.05 10.68 35.72
C GLU F 309 -48.88 10.05 34.34
N ALA F 310 -48.76 10.91 33.33
CA ALA F 310 -48.61 10.47 31.95
C ALA F 310 -47.23 9.84 31.76
N LEU F 311 -46.19 10.52 32.28
CA LEU F 311 -44.82 10.05 32.18
C LEU F 311 -44.70 8.69 32.88
N ASN F 312 -45.40 8.54 34.01
CA ASN F 312 -45.31 7.35 34.83
C ASN F 312 -45.94 6.15 34.13
N LYS F 313 -46.61 6.38 33.01
CA LYS F 313 -47.34 5.32 32.32
C LYS F 313 -46.54 4.80 31.12
N MET F 314 -45.51 5.56 30.73
CA MET F 314 -44.78 5.28 29.50
C MET F 314 -43.77 4.16 29.75
N ASP F 315 -44.27 2.92 29.84
CA ASP F 315 -43.48 1.78 30.27
C ASP F 315 -42.42 1.44 29.21
N LYS F 316 -42.82 1.46 27.93
CA LYS F 316 -41.94 1.04 26.86
C LYS F 316 -40.80 2.04 26.72
N LEU F 317 -41.10 3.33 26.90
CA LEU F 317 -40.07 4.35 26.87
C LEU F 317 -39.15 4.17 28.07
N HIS F 318 -39.75 3.89 29.24
CA HIS F 318 -39.00 3.62 30.46
C HIS F 318 -37.94 2.55 30.18
N ARG F 319 -38.37 1.48 29.51
CA ARG F 319 -37.52 0.32 29.30
C ARG F 319 -36.42 0.63 28.29
N CYS F 320 -36.69 1.58 27.38
CA CYS F 320 -35.69 2.06 26.44
C CYS F 320 -34.57 2.78 27.17
N VAL F 321 -34.94 3.62 28.16
CA VAL F 321 -33.99 4.32 28.98
C VAL F 321 -33.19 3.31 29.80
N LYS F 322 -33.90 2.32 30.34
CA LYS F 322 -33.28 1.35 31.23
C LYS F 322 -32.28 0.49 30.45
N GLU F 323 -32.58 0.22 29.18
CA GLU F 323 -31.74 -0.66 28.37
C GLU F 323 -30.52 0.11 27.89
N ALA F 324 -30.68 1.43 27.64
CA ALA F 324 -29.53 2.27 27.36
C ALA F 324 -28.61 2.30 28.57
N LEU F 325 -29.22 2.31 29.76
CA LEU F 325 -28.47 2.38 31.00
C LEU F 325 -27.77 1.05 31.24
N ARG F 326 -28.45 -0.06 30.92
CA ARG F 326 -27.85 -1.38 31.09
C ARG F 326 -26.58 -1.48 30.25
N MET F 327 -26.62 -0.94 29.04
CA MET F 327 -25.58 -1.24 28.05
C MET F 327 -24.41 -0.26 28.17
N TYR F 328 -24.69 1.01 28.46
CA TYR F 328 -23.64 2.02 28.56
C TYR F 328 -23.80 2.85 29.83
N PRO F 329 -23.65 2.22 31.02
CA PRO F 329 -23.82 2.92 32.28
C PRO F 329 -22.79 4.03 32.43
N PRO F 330 -23.19 5.25 32.86
CA PRO F 330 -22.29 6.40 32.85
C PRO F 330 -21.18 6.38 33.90
N LEU F 331 -21.40 5.68 35.01
CA LEU F 331 -20.38 5.53 36.02
C LEU F 331 -19.66 4.20 35.79
N LEU F 332 -18.38 4.28 35.42
CA LEU F 332 -17.58 3.11 35.09
C LEU F 332 -17.52 2.17 36.29
N PHE F 333 -17.18 2.74 37.44
CA PHE F 333 -17.04 1.99 38.67
C PHE F 333 -17.76 2.72 39.81
N VAL F 334 -18.24 1.94 40.77
CA VAL F 334 -18.46 2.42 42.12
C VAL F 334 -17.51 1.66 43.04
N MET F 335 -17.08 2.31 44.14
CA MET F 335 -15.91 1.86 44.86
C MET F 335 -16.16 1.98 46.36
N ARG F 336 -15.48 1.12 47.14
CA ARG F 336 -15.41 1.25 48.58
C ARG F 336 -14.02 0.84 49.03
N LYS F 337 -13.56 1.47 50.12
CA LYS F 337 -12.45 0.96 50.92
C LYS F 337 -12.98 -0.08 51.90
N VAL F 338 -12.36 -1.26 51.92
CA VAL F 338 -12.79 -2.33 52.81
C VAL F 338 -12.29 -2.02 54.22
N ILE F 339 -13.21 -2.09 55.20
CA ILE F 339 -12.85 -1.87 56.58
C ILE F 339 -12.87 -3.19 57.34
N LYS F 340 -13.96 -3.97 57.18
CA LYS F 340 -14.04 -5.30 57.75
C LYS F 340 -13.85 -6.34 56.65
N PRO F 341 -12.82 -7.21 56.76
CA PRO F 341 -12.51 -8.18 55.71
C PRO F 341 -13.70 -9.09 55.44
N PHE F 342 -13.72 -9.73 54.28
CA PHE F 342 -14.73 -10.71 53.97
C PHE F 342 -14.15 -11.72 52.98
N SER F 343 -14.87 -12.84 52.81
CA SER F 343 -14.52 -13.82 51.80
C SER F 343 -15.69 -13.98 50.86
N TYR F 344 -15.38 -14.17 49.57
CA TYR F 344 -16.38 -14.54 48.61
C TYR F 344 -15.89 -15.76 47.85
N LYS F 345 -16.71 -16.83 47.85
CA LYS F 345 -16.20 -18.18 47.66
C LYS F 345 -15.10 -18.44 48.68
N ASP F 346 -13.90 -18.79 48.19
CA ASP F 346 -12.75 -18.99 49.05
C ASP F 346 -11.69 -17.94 48.73
N TYR F 347 -12.16 -16.77 48.29
CA TYR F 347 -11.30 -15.65 47.94
C TYR F 347 -11.41 -14.61 49.05
N TYR F 348 -10.27 -14.31 49.68
CA TYR F 348 -10.24 -13.45 50.85
C TYR F 348 -9.94 -12.02 50.40
N VAL F 349 -10.72 -11.06 50.92
CA VAL F 349 -10.52 -9.65 50.62
C VAL F 349 -10.15 -8.93 51.91
N PRO F 350 -8.87 -8.55 52.08
CA PRO F 350 -8.41 -7.97 53.35
C PRO F 350 -8.82 -6.52 53.53
N GLU F 351 -8.79 -6.08 54.80
CA GLU F 351 -8.91 -4.68 55.15
C GLU F 351 -7.90 -3.88 54.35
N GLY F 352 -8.32 -2.70 53.86
CA GLY F 352 -7.44 -1.79 53.14
C GLY F 352 -7.51 -1.97 51.62
N ASP F 353 -8.14 -3.05 51.16
CA ASP F 353 -8.43 -3.23 49.75
C ASP F 353 -9.44 -2.17 49.32
N THR F 354 -9.37 -1.77 48.04
CA THR F 354 -10.45 -1.03 47.42
C THR F 354 -11.23 -1.99 46.54
N VAL F 355 -12.52 -2.19 46.85
CA VAL F 355 -13.39 -3.02 46.03
C VAL F 355 -14.12 -2.15 45.01
N PHE F 356 -14.30 -2.73 43.82
CA PHE F 356 -14.92 -2.07 42.67
C PHE F 356 -16.08 -2.94 42.19
N VAL F 357 -17.19 -2.30 41.81
CA VAL F 357 -18.13 -2.90 40.89
C VAL F 357 -18.14 -2.04 39.63
N SER F 358 -18.06 -2.71 38.48
CA SER F 358 -18.28 -2.06 37.20
C SER F 358 -19.66 -2.42 36.70
N PRO F 359 -20.63 -1.48 36.71
CA PRO F 359 -21.96 -1.76 36.18
C PRO F 359 -21.91 -2.23 34.72
N ALA F 360 -20.97 -1.68 33.95
CA ALA F 360 -20.83 -2.06 32.55
C ALA F 360 -20.52 -3.56 32.44
N LEU F 361 -19.47 -4.01 33.13
CA LEU F 361 -19.05 -5.40 33.13
C LEU F 361 -20.19 -6.30 33.63
N SER F 362 -20.71 -5.97 34.82
CA SER F 362 -21.64 -6.85 35.51
C SER F 362 -22.90 -7.08 34.67
N MET F 363 -23.24 -6.12 33.81
CA MET F 363 -24.52 -6.16 33.13
C MET F 363 -24.32 -6.60 31.68
N ARG F 364 -23.11 -7.10 31.37
CA ARG F 364 -22.86 -7.77 30.11
C ARG F 364 -22.65 -9.28 30.32
N VAL F 365 -22.85 -9.75 31.57
CA VAL F 365 -22.73 -11.17 31.88
C VAL F 365 -23.92 -11.92 31.29
N GLU F 366 -23.63 -12.95 30.47
CA GLU F 366 -24.65 -13.63 29.68
C GLU F 366 -25.60 -14.41 30.58
N GLU F 367 -25.06 -15.05 31.64
CA GLU F 367 -25.85 -15.89 32.52
C GLU F 367 -26.98 -15.07 33.15
N VAL F 368 -26.75 -13.76 33.29
CA VAL F 368 -27.72 -12.87 33.92
C VAL F 368 -28.62 -12.28 32.85
N PHE F 369 -28.03 -11.80 31.75
CA PHE F 369 -28.76 -11.13 30.70
C PHE F 369 -28.54 -11.85 29.37
N PRO F 370 -29.46 -12.77 28.98
CA PRO F 370 -29.43 -13.38 27.65
C PRO F 370 -29.28 -12.33 26.55
N ASN F 371 -28.41 -12.62 25.58
CA ASN F 371 -28.07 -11.68 24.52
C ASN F 371 -27.60 -10.36 25.13
N ALA F 372 -26.69 -10.46 26.10
CA ALA F 372 -26.22 -9.33 26.89
C ALA F 372 -25.80 -8.15 26.00
N ASP F 373 -25.32 -8.46 24.78
CA ASP F 373 -24.68 -7.44 23.96
C ASP F 373 -25.67 -6.94 22.90
N GLN F 374 -26.92 -7.40 23.01
CA GLN F 374 -27.99 -6.98 22.13
C GLN F 374 -28.91 -5.97 22.83
N TYR F 375 -29.33 -4.95 22.08
CA TYR F 375 -30.32 -3.99 22.54
C TYR F 375 -31.70 -4.63 22.52
N ASN F 376 -32.27 -4.86 23.71
CA ASN F 376 -33.60 -5.43 23.82
C ASN F 376 -34.32 -4.84 25.03
N PRO F 377 -34.95 -3.65 24.89
CA PRO F 377 -35.73 -3.04 25.96
C PRO F 377 -36.71 -3.99 26.65
N GLU F 378 -37.30 -4.91 25.89
CA GLU F 378 -38.46 -5.66 26.39
C GLU F 378 -38.00 -6.84 27.23
N ARG F 379 -36.67 -6.98 27.40
CA ARG F 379 -36.11 -7.95 28.33
C ARG F 379 -36.60 -7.64 29.73
N PHE F 380 -36.99 -6.39 29.99
CA PHE F 380 -37.22 -5.93 31.36
C PHE F 380 -38.63 -6.28 31.82
N VAL F 381 -39.50 -6.68 30.88
CA VAL F 381 -40.79 -7.23 31.25
C VAL F 381 -40.55 -8.42 32.18
N GLU F 382 -39.66 -9.33 31.77
CA GLU F 382 -39.38 -10.54 32.53
C GLU F 382 -38.33 -10.25 33.62
N GLU F 383 -37.29 -9.50 33.25
CA GLU F 383 -36.16 -9.29 34.15
C GLU F 383 -36.65 -8.61 35.43
N ASP F 384 -37.67 -7.75 35.30
CA ASP F 384 -38.12 -6.94 36.42
C ASP F 384 -38.83 -7.81 37.45
N LYS F 385 -39.15 -9.06 37.08
CA LYS F 385 -39.91 -9.95 37.93
C LYS F 385 -38.99 -10.89 38.70
N GLN F 386 -37.68 -10.84 38.38
CA GLN F 386 -36.68 -11.66 39.04
C GLN F 386 -36.55 -11.26 40.51
N ALA F 387 -36.33 -12.26 41.37
CA ALA F 387 -36.26 -12.02 42.80
C ALA F 387 -34.82 -11.74 43.23
N GLN F 388 -33.86 -12.29 42.47
CA GLN F 388 -32.46 -12.23 42.88
C GLN F 388 -31.95 -10.79 42.79
N LYS F 389 -31.29 -10.33 43.87
CA LYS F 389 -30.88 -8.95 44.01
C LYS F 389 -29.60 -8.71 43.21
N TYR F 390 -29.42 -7.44 42.80
CA TYR F 390 -28.14 -6.94 42.33
C TYR F 390 -27.82 -7.48 40.93
N ARG F 391 -28.88 -7.70 40.13
CA ARG F 391 -28.71 -8.09 38.74
C ARG F 391 -28.53 -6.84 37.88
N PHE F 392 -29.48 -5.91 37.99
CA PHE F 392 -29.36 -4.60 37.39
C PHE F 392 -28.78 -3.65 38.44
N VAL F 393 -27.68 -2.95 38.10
CA VAL F 393 -26.99 -2.11 39.06
C VAL F 393 -26.59 -0.79 38.42
N GLY F 394 -27.38 -0.33 37.45
CA GLY F 394 -27.11 0.95 36.81
C GLY F 394 -27.26 2.13 37.80
N PHE F 395 -28.17 1.96 38.77
CA PHE F 395 -28.37 2.96 39.80
C PHE F 395 -27.80 2.49 41.13
N GLY F 396 -26.81 1.60 41.08
CA GLY F 396 -26.26 1.03 42.30
C GLY F 396 -27.34 0.22 43.01
N ALA F 397 -27.17 0.04 44.32
CA ALA F 397 -28.14 -0.64 45.14
C ALA F 397 -27.76 -0.50 46.61
N GLY F 398 -28.65 -0.96 47.50
CA GLY F 398 -28.40 -0.96 48.93
C GLY F 398 -28.35 0.45 49.50
N ARG F 399 -27.55 0.60 50.56
CA ARG F 399 -27.56 1.79 51.41
C ARG F 399 -27.34 3.05 50.58
N HIS F 400 -26.42 2.99 49.61
CA HIS F 400 -26.02 4.21 48.86
C HIS F 400 -26.48 4.18 47.40
N GLY F 401 -27.62 3.55 47.11
CA GLY F 401 -28.20 3.57 45.75
C GLY F 401 -28.67 4.96 45.33
N CYS F 402 -28.89 5.18 44.04
CA CYS F 402 -29.21 6.54 43.50
C CYS F 402 -30.48 7.15 44.13
N MET F 403 -30.33 8.36 44.67
CA MET F 403 -31.48 9.08 45.24
C MET F 403 -32.07 9.96 44.14
N GLY F 404 -31.43 10.00 42.97
CA GLY F 404 -31.90 10.82 41.84
C GLY F 404 -32.49 9.99 40.73
N GLU F 405 -32.71 8.70 40.97
CA GLU F 405 -33.17 7.78 39.91
C GLU F 405 -34.50 8.25 39.29
N ASN F 406 -35.50 8.55 40.11
CA ASN F 406 -36.85 8.93 39.62
C ASN F 406 -36.77 10.28 38.91
N PHE F 407 -35.99 11.21 39.44
CA PHE F 407 -35.76 12.47 38.73
C PHE F 407 -35.16 12.19 37.35
N ALA F 408 -34.19 11.27 37.29
CA ALA F 408 -33.48 10.99 36.05
C ALA F 408 -34.45 10.43 35.02
N TYR F 409 -35.29 9.48 35.43
CA TYR F 409 -36.26 8.87 34.54
C TYR F 409 -37.24 9.93 34.03
N LEU F 410 -37.71 10.82 34.92
CA LEU F 410 -38.70 11.81 34.53
C LEU F 410 -38.05 12.77 33.53
N GLN F 411 -36.83 13.20 33.83
CA GLN F 411 -36.11 14.16 32.99
C GLN F 411 -35.88 13.55 31.61
N ILE F 412 -35.57 12.26 31.55
CA ILE F 412 -35.13 11.67 30.30
C ILE F 412 -36.35 11.29 29.46
N LYS F 413 -37.40 10.79 30.13
CA LYS F 413 -38.63 10.47 29.44
C LYS F 413 -39.31 11.74 28.94
N THR F 414 -39.17 12.84 29.67
CA THR F 414 -39.73 14.11 29.22
C THR F 414 -39.09 14.47 27.89
N ILE F 415 -37.75 14.46 27.86
CA ILE F 415 -36.98 14.84 26.68
C ILE F 415 -37.46 14.02 25.47
N TRP F 416 -37.60 12.71 25.63
CA TRP F 416 -37.84 11.85 24.49
C TRP F 416 -39.33 11.84 24.13
N SER F 417 -40.20 12.12 25.11
CA SER F 417 -41.61 12.28 24.81
C SER F 417 -41.81 13.48 23.88
N VAL F 418 -41.21 14.61 24.27
CA VAL F 418 -41.29 15.83 23.47
C VAL F 418 -40.70 15.57 22.08
N LEU F 419 -39.54 14.89 22.02
CA LEU F 419 -38.84 14.70 20.78
C LEU F 419 -39.62 13.76 19.86
N LEU F 420 -40.16 12.67 20.44
CA LEU F 420 -40.88 11.67 19.68
C LEU F 420 -42.14 12.28 19.05
N ARG F 421 -42.75 13.23 19.77
CA ARG F 421 -44.07 13.73 19.42
C ARG F 421 -43.95 14.81 18.33
N ASN F 422 -42.74 15.34 18.14
CA ASN F 422 -42.57 16.57 17.38
C ASN F 422 -41.60 16.37 16.21
N PHE F 423 -40.93 15.22 16.15
CA PHE F 423 -39.88 15.01 15.16
C PHE F 423 -39.86 13.55 14.70
N ASP F 424 -39.41 13.36 13.45
CA ASP F 424 -38.87 12.08 13.00
C ASP F 424 -37.34 12.16 13.06
N ILE F 425 -36.73 11.09 13.60
CA ILE F 425 -35.33 11.13 13.96
C ILE F 425 -34.63 9.91 13.36
N GLU F 426 -33.39 10.13 12.91
CA GLU F 426 -32.56 9.06 12.39
C GLU F 426 -31.15 9.21 12.97
N LEU F 427 -30.51 8.07 13.23
CA LEU F 427 -29.10 8.06 13.55
C LEU F 427 -28.28 8.35 12.29
N VAL F 428 -27.30 9.25 12.43
CA VAL F 428 -26.33 9.53 11.39
C VAL F 428 -25.13 8.61 11.59
N GLY F 429 -24.98 7.63 10.68
CA GLY F 429 -23.79 6.81 10.62
C GLY F 429 -23.86 5.64 11.59
N GLU F 430 -22.68 5.23 12.09
CA GLU F 430 -22.58 4.14 13.03
C GLU F 430 -23.03 4.62 14.41
N LEU F 431 -23.52 3.67 15.23
CA LEU F 431 -23.66 3.89 16.66
C LEU F 431 -22.32 4.27 17.25
N PRO F 432 -22.21 5.40 17.99
CA PRO F 432 -20.93 5.83 18.57
C PRO F 432 -20.40 4.79 19.55
N LYS F 433 -19.07 4.81 19.73
CA LYS F 433 -18.42 3.96 20.69
C LYS F 433 -18.29 4.74 22.01
N PRO F 434 -18.25 4.04 23.16
CA PRO F 434 -17.94 4.68 24.44
C PRO F 434 -16.63 5.45 24.38
N ASP F 435 -16.64 6.67 24.91
CA ASP F 435 -15.44 7.50 25.01
C ASP F 435 -15.07 7.65 26.48
N TYR F 436 -13.85 7.22 26.83
CA TYR F 436 -13.48 6.98 28.22
C TYR F 436 -12.55 8.08 28.73
N THR F 437 -12.64 9.29 28.16
CA THR F 437 -11.55 10.25 28.27
C THR F 437 -11.93 11.43 29.19
N ALA F 438 -13.23 11.59 29.46
CA ALA F 438 -13.67 12.30 30.65
C ALA F 438 -13.69 11.32 31.82
N MET F 439 -14.11 11.79 33.00
CA MET F 439 -14.34 10.89 34.12
C MET F 439 -15.72 10.24 33.96
N VAL F 440 -16.24 10.32 32.73
CA VAL F 440 -17.58 9.83 32.43
C VAL F 440 -17.54 9.08 31.10
N VAL F 441 -18.27 7.96 31.05
CA VAL F 441 -18.44 7.18 29.83
C VAL F 441 -19.68 7.68 29.08
N GLY F 442 -19.43 8.57 28.12
CA GLY F 442 -20.46 9.00 27.20
C GLY F 442 -20.20 8.49 25.79
N PRO F 443 -21.19 8.65 24.86
CA PRO F 443 -20.96 8.35 23.45
C PRO F 443 -19.97 9.33 22.83
N ALA F 444 -19.07 8.81 21.99
CA ALA F 444 -17.96 9.58 21.43
C ALA F 444 -18.49 10.56 20.41
N HIS F 445 -18.00 11.81 20.49
CA HIS F 445 -18.34 12.85 19.53
C HIS F 445 -17.74 12.51 18.17
N PRO F 446 -18.43 12.85 17.05
CA PRO F 446 -19.75 13.46 17.09
C PRO F 446 -20.87 12.45 17.27
N CYS F 447 -21.93 12.85 17.98
CA CYS F 447 -23.11 12.02 18.19
C CYS F 447 -24.30 12.63 17.45
N LEU F 448 -24.42 12.32 16.16
CA LEU F 448 -25.27 13.10 15.28
C LEU F 448 -26.61 12.39 15.11
N LEU F 449 -27.70 13.16 15.32
CA LEU F 449 -29.03 12.75 14.92
C LEU F 449 -29.55 13.74 13.88
N ARG F 450 -30.27 13.21 12.89
CA ARG F 450 -31.04 14.00 11.94
C ARG F 450 -32.49 14.08 12.41
N TYR F 451 -33.09 15.28 12.31
CA TYR F 451 -34.48 15.46 12.71
C TYR F 451 -35.26 16.13 11.59
N THR F 452 -36.55 15.77 11.49
CA THR F 452 -37.52 16.49 10.69
C THR F 452 -38.82 16.62 11.47
N ARG F 453 -39.39 17.83 11.50
CA ARG F 453 -40.62 18.10 12.22
C ARG F 453 -41.77 17.33 11.58
N LYS F 454 -42.72 16.87 12.42
CA LYS F 454 -43.94 16.26 11.95
C LYS F 454 -44.99 17.34 11.67
CHA HEM G . 7.15 -23.02 19.90
CHB HEM G . 8.85 -19.65 16.90
CHC HEM G . 6.31 -21.61 13.27
CHD HEM G . 4.37 -24.78 16.34
C1A HEM G . 7.84 -21.96 19.38
C2A HEM G . 8.71 -21.15 20.11
C3A HEM G . 9.19 -20.20 19.27
C4A HEM G . 8.61 -20.41 18.03
CMA HEM G . 10.17 -19.11 19.63
CAA HEM G . 9.07 -21.31 21.56
CBA HEM G . 7.92 -20.79 22.43
CGA HEM G . 8.27 -20.88 23.88
O1A HEM G . 9.42 -21.20 24.24
O2A HEM G . 7.41 -20.65 24.75
C1B HEM G . 8.29 -19.92 15.66
C2B HEM G . 8.58 -19.14 14.51
C3B HEM G . 7.89 -19.68 13.48
C4B HEM G . 7.15 -20.83 14.04
CMB HEM G . 9.50 -17.95 14.48
CAB HEM G . 7.85 -19.21 12.09
CBB HEM G . 8.96 -18.96 11.40
C1C HEM G . 5.55 -22.65 13.78
C2C HEM G . 4.64 -23.42 13.05
C3C HEM G . 4.08 -24.33 13.93
C4C HEM G . 4.66 -24.09 15.20
CMC HEM G . 4.34 -23.30 11.58
CAC HEM G . 3.08 -25.36 13.60
CBC HEM G . 1.93 -25.02 13.02
C1D HEM G . 5.01 -24.51 17.55
C2D HEM G . 4.67 -25.30 18.74
C3D HEM G . 5.44 -24.84 19.73
C4D HEM G . 6.24 -23.75 19.16
CMD HEM G . 3.67 -26.42 18.82
CAD HEM G . 5.40 -25.33 21.15
CBD HEM G . 6.73 -25.73 21.74
CGD HEM G . 6.47 -26.23 23.13
O1D HEM G . 6.93 -27.34 23.49
O2D HEM G . 5.81 -25.56 23.96
NA HEM G . 7.78 -21.49 18.09
NB HEM G . 7.44 -20.90 15.33
NC HEM G . 5.54 -23.05 15.07
ND HEM G . 5.94 -23.60 17.84
FE HEM G . 6.70 -22.35 16.68
FBE VT1 H . 3.09 -8.74 27.21
CBD VT1 H . 3.41 -8.75 25.92
FBF VT1 H . 3.88 -7.54 25.63
FBG VT1 H . 2.28 -8.91 25.25
CBC VT1 H . 4.41 -9.81 25.60
OBB VT1 H . 4.39 -10.03 24.19
CBA VT1 H . 4.18 -11.32 23.79
CBH VT1 H . 3.27 -12.05 24.53
CBI VT1 H . 3.00 -13.36 24.20
CAZ VT1 H . 4.81 -11.91 22.71
CAY VT1 H . 4.52 -13.23 22.38
CAX VT1 H . 3.63 -13.97 23.13
CAW VT1 H . 3.29 -15.38 22.80
CBJ VT1 H . 2.45 -15.68 21.74
NBK VT1 H . 2.07 -16.92 21.42
CAV VT1 H . 3.72 -16.45 23.57
CAU VT1 H . 3.34 -17.73 23.25
CAT VT1 H . 2.53 -17.94 22.15
CAQ VT1 H . 2.04 -19.30 21.75
FAR VT1 H . 0.78 -19.24 21.27
FAS VT1 H . 1.96 -20.13 22.81
CAB VT1 H . 2.93 -19.96 20.68
CAC VT1 H . 2.99 -19.06 19.43
NAD VT1 H . 3.69 -19.74 18.35
NAH VT1 H . 3.39 -19.55 17.08
NAG VT1 H . 4.18 -20.31 16.41
NAF VT1 H . 5.01 -21.00 17.26
CAE VT1 H . 4.70 -20.63 18.46
OAA VT1 H . 4.25 -20.07 21.20
CAI VT1 H . 2.35 -21.34 20.35
CAO VT1 H . 1.37 -21.55 19.40
FAP VT1 H . 0.90 -20.49 18.70
CAN VT1 H . 0.83 -22.78 19.11
CAL VT1 H . 1.32 -23.84 19.81
FAM VT1 H . 0.81 -25.07 19.54
CAK VT1 H . 2.28 -23.72 20.77
CAJ VT1 H . 2.79 -22.47 21.03
CHA HEM I . 27.27 1.30 -38.97
CHB HEM I . 26.94 -2.93 -36.70
CHC HEM I . 30.23 -1.40 -33.48
CHD HEM I . 30.36 2.87 -35.61
C1A HEM I . 26.93 0.02 -38.64
C2A HEM I . 26.01 -0.77 -39.35
C3A HEM I . 25.92 -1.96 -38.70
C4A HEM I . 26.77 -1.90 -37.59
CMA HEM I . 25.06 -3.13 -39.10
CAA HEM I . 25.26 -0.40 -40.59
CBA HEM I . 24.08 0.51 -40.25
CGA HEM I . 23.31 0.89 -41.49
O1A HEM I . 23.50 0.28 -42.55
O2A HEM I . 22.48 1.80 -41.47
C1B HEM I . 27.84 -2.85 -35.62
C2B HEM I . 28.03 -3.92 -34.74
C3B HEM I . 28.96 -3.52 -33.83
C4B HEM I . 29.32 -2.15 -34.20
CMB HEM I . 27.35 -5.25 -34.80
CAB HEM I . 29.52 -4.25 -32.67
CBB HEM I . 29.91 -5.52 -32.75
C1C HEM I . 30.55 -0.10 -33.77
C2C HEM I . 31.42 0.70 -33.03
C3C HEM I . 31.45 1.93 -33.64
C4C HEM I . 30.58 1.86 -34.75
CMC HEM I . 32.18 0.29 -31.80
CAC HEM I . 32.23 3.12 -33.27
CBC HEM I . 32.11 3.72 -32.10
C1D HEM I . 29.52 2.74 -36.69
C2D HEM I . 29.32 3.86 -37.59
C3D HEM I . 28.48 3.44 -38.53
C4D HEM I . 28.14 2.06 -38.20
CMD HEM I . 29.96 5.22 -37.48
CAD HEM I . 27.98 4.33 -39.63
CBD HEM I . 28.14 3.79 -41.05
CGD HEM I . 27.61 4.88 -41.95
O1D HEM I . 28.30 5.24 -42.91
O2D HEM I . 26.51 5.42 -41.73
NA HEM I . 27.37 -0.69 -37.56
NB HEM I . 28.60 -1.82 -35.27
NC HEM I . 30.05 0.62 -34.79
ND HEM I . 28.80 1.69 -37.10
FE HEM I . 28.70 0.04 -36.28
FBE VT1 J . 11.16 -0.74 -34.59
CBD VT1 J . 12.32 -1.23 -34.15
FBF VT1 J . 12.05 -2.37 -33.52
FBG VT1 J . 12.78 -0.37 -33.24
CBC VT1 J . 13.29 -1.43 -35.27
OBB VT1 J . 14.50 -1.94 -34.70
CBA VT1 J . 15.62 -1.16 -34.84
CBH VT1 J . 15.44 0.20 -35.05
CBI VT1 J . 16.55 1.00 -35.19
CAZ VT1 J . 16.89 -1.69 -34.77
CAY VT1 J . 17.98 -0.86 -34.92
CAX VT1 J . 17.83 0.50 -35.13
CAW VT1 J . 19.00 1.41 -35.29
CBJ VT1 J . 19.69 1.93 -34.21
NBK VT1 J . 20.72 2.75 -34.31
CAV VT1 J . 19.46 1.79 -36.55
CAU VT1 J . 20.52 2.63 -36.67
CAT VT1 J . 21.16 3.09 -35.53
CAQ VT1 J . 22.32 4.04 -35.59
FAR VT1 J . 22.34 4.85 -34.50
FAS VT1 J . 22.22 4.87 -36.65
CAB VT1 J . 23.68 3.32 -35.68
CAC VT1 J . 23.81 2.27 -34.56
NAD VT1 J . 25.11 1.64 -34.55
NAH VT1 J . 25.68 1.25 -33.41
NAG VT1 J . 26.82 0.74 -33.75
NAF VT1 J . 27.00 0.77 -35.10
CAE VT1 J . 25.93 1.35 -35.59
OAA VT1 J . 23.75 2.62 -36.92
CAI VT1 J . 24.83 4.33 -35.62
CAO VT1 J . 25.34 4.84 -34.44
FAP VT1 J . 24.80 4.43 -33.27
CAN VT1 J . 26.36 5.75 -34.37
CAL VT1 J . 26.90 6.16 -35.55
FAM VT1 J . 27.90 7.06 -35.53
CAK VT1 J . 26.45 5.72 -36.76
CAJ VT1 J . 25.42 4.80 -36.79
CHA HEM K . 22.73 22.29 37.76
CHB HEM K . 19.18 24.67 35.51
CHC HEM K . 22.35 26.25 32.18
CHD HEM K . 25.78 23.59 34.24
C1A HEM K . 21.51 22.83 37.43
C2A HEM K . 20.33 22.61 38.16
C3A HEM K . 19.33 23.26 37.53
C4A HEM K . 19.87 23.91 36.41
CMA HEM K . 17.89 23.31 37.97
CAA HEM K . 20.20 21.79 39.41
CBA HEM K . 20.25 20.29 39.08
CGA HEM K . 20.08 19.48 40.35
O1A HEM K . 19.75 20.02 41.41
O2A HEM K . 20.27 18.26 40.33
C1B HEM K . 19.76 25.31 34.42
C2B HEM K . 19.03 26.13 33.54
C3B HEM K . 19.90 26.60 32.60
C4B HEM K . 21.20 26.01 32.93
CMB HEM K . 17.57 26.44 33.65
CAB HEM K . 19.61 27.49 31.46
CBB HEM K . 18.78 28.52 31.56
C1C HEM K . 23.57 25.64 32.43
C2C HEM K . 24.71 25.73 31.62
C3C HEM K . 25.68 24.97 32.22
C4C HEM K . 25.11 24.41 33.38
CMC HEM K . 24.80 26.54 30.36
CAC HEM K . 27.08 24.75 31.77
CBC HEM K . 27.47 24.84 30.51
C1D HEM K . 25.18 23.05 35.37
C2D HEM K . 25.96 22.20 36.26
C3D HEM K . 25.14 21.83 37.24
C4D HEM K . 23.84 22.46 36.94
CMD HEM K . 27.40 21.81 36.10
CAD HEM K . 25.54 20.89 38.35
CBD HEM K . 25.42 21.37 39.77
CGD HEM K . 25.78 20.15 40.59
O1D HEM K . 26.53 20.25 41.56
O2D HEM K . 25.35 19.03 40.27
NA HEM K . 21.21 23.62 36.36
NB HEM K . 21.04 25.25 34.02
NC HEM K . 23.82 24.82 33.49
ND HEM K . 23.92 23.17 35.81
FE HEM K . 22.54 24.16 35.01
FBE VT1 L . 10.16 11.50 32.47
CBD VT1 L . 10.55 12.45 33.32
FBF VT1 L . 10.47 11.94 34.55
FBG VT1 L . 9.65 13.43 33.26
CBC VT1 L . 11.92 12.93 33.01
OBB VT1 L . 12.18 14.03 33.89
CBA VT1 L . 13.48 14.44 33.99
CBH VT1 L . 14.46 13.77 33.30
CBI VT1 L . 15.78 14.18 33.41
CAZ VT1 L . 13.83 15.52 34.80
CAY VT1 L . 15.14 15.91 34.89
CAX VT1 L . 16.15 15.25 34.19
CAW VT1 L . 17.57 15.66 34.31
CBJ VT1 L . 18.34 15.89 33.17
NBK VT1 L . 19.63 16.24 33.22
CAV VT1 L . 18.20 15.78 35.53
CAU VT1 L . 19.53 16.14 35.59
CAT VT1 L . 20.22 16.37 34.42
CAQ VT1 L . 21.67 16.73 34.40
FAR VT1 L . 22.27 16.29 33.27
FAS VT1 L . 22.34 16.12 35.41
CAB VT1 L . 21.90 18.25 34.51
CAC VT1 L . 21.10 18.99 33.42
NAD VT1 L . 21.45 20.39 33.34
NAH VT1 L . 21.49 21.01 32.16
NAG VT1 L . 21.85 22.23 32.42
NAF VT1 L . 22.03 22.41 33.77
CAE VT1 L . 21.77 21.25 34.32
OAA VT1 L . 21.41 18.69 35.77
CAI VT1 L . 23.41 18.50 34.41
CAO VT1 L . 24.10 18.60 33.22
FAP VT1 L . 23.41 18.47 32.07
CAN VT1 L . 25.45 18.80 33.11
CAL VT1 L . 26.14 18.92 34.28
FAM VT1 L . 27.47 19.13 34.22
CAK VT1 L . 25.54 18.85 35.51
CAJ VT1 L . 24.18 18.63 35.57
CHA HEM M . -15.00 -27.20 -42.04
CHB HEM M . -15.69 -26.87 -37.23
CHC HEM M . -14.14 -31.47 -36.69
CHD HEM M . -12.99 -31.59 -41.38
C1A HEM M . -15.32 -26.74 -40.77
C2A HEM M . -15.79 -25.45 -40.50
C3A HEM M . -15.98 -25.34 -39.15
C4A HEM M . -15.64 -26.57 -38.57
CMA HEM M . -16.48 -24.13 -38.42
CAA HEM M . -16.04 -24.36 -41.51
CBA HEM M . -14.72 -23.72 -41.95
CGA HEM M . -14.95 -22.66 -42.99
O1A HEM M . -16.11 -22.26 -43.24
O2A HEM M . -13.97 -22.17 -43.60
C1B HEM M . -15.33 -28.12 -36.70
C2B HEM M . -15.46 -28.44 -35.31
C3B HEM M . -15.02 -29.72 -35.15
C4B HEM M . -14.63 -30.18 -36.49
CMB HEM M . -15.97 -27.51 -34.23
CAB HEM M . -14.93 -30.55 -33.92
CBB HEM M . -15.75 -30.38 -32.88
C1C HEM M . -13.65 -31.87 -37.92
C2C HEM M . -12.92 -33.06 -38.13
C3C HEM M . -12.59 -33.09 -39.48
C4C HEM M . -13.11 -31.90 -40.06
CMC HEM M . -12.60 -34.07 -37.06
CAC HEM M . -11.84 -34.12 -40.23
CBC HEM M . -11.13 -35.06 -39.61
C1D HEM M . -13.47 -30.38 -41.89
C2D HEM M . -13.35 -30.13 -43.31
C3D HEM M . -13.90 -28.93 -43.54
C4D HEM M . -14.37 -28.43 -42.22
CMD HEM M . -12.72 -31.05 -44.32
CAD HEM M . -13.90 -28.36 -44.94
CBD HEM M . -14.99 -27.37 -45.33
CGD HEM M . -14.52 -26.81 -46.65
O1D HEM M . -15.14 -27.07 -47.70
O2D HEM M . -13.49 -26.09 -46.68
NA HEM M . -15.21 -27.41 -39.57
NB HEM M . -14.84 -29.17 -37.36
NC HEM M . -13.73 -31.17 -39.09
ND HEM M . -14.08 -29.36 -41.27
FE HEM M . -14.49 -29.25 -39.45
FBE VT1 N . -5.26 -14.65 -35.00
CBD VT1 N . -6.50 -15.10 -35.20
FBF VT1 N . -7.07 -14.26 -36.06
FBG VT1 N . -7.15 -14.98 -34.04
CBC VT1 N . -6.50 -16.49 -35.70
OBB VT1 N . -7.87 -16.89 -35.86
CBA VT1 N . -8.08 -17.98 -36.65
CBH VT1 N . -7.08 -18.34 -37.54
CBI VT1 N . -7.25 -19.45 -38.35
CAZ VT1 N . -9.25 -18.73 -36.59
CAY VT1 N . -9.39 -19.83 -37.41
CAX VT1 N . -8.42 -20.20 -38.32
CAW VT1 N . -8.56 -21.38 -39.20
CBJ VT1 N . -7.91 -22.57 -38.94
NBK VT1 N . -7.99 -23.65 -39.72
CAV VT1 N . -9.31 -21.32 -40.36
CAU VT1 N . -9.39 -22.43 -41.18
CAT VT1 N . -8.74 -23.58 -40.82
CAQ VT1 N . -8.76 -24.81 -41.68
FAR VT1 N . -7.57 -25.44 -41.65
FAS VT1 N . -8.97 -24.50 -42.98
CAB VT1 N . -9.84 -25.83 -41.24
CAC VT1 N . -9.69 -26.18 -39.75
NAD VT1 N . -10.67 -27.17 -39.33
NAH VT1 N . -10.38 -28.09 -38.40
NAG VT1 N . -11.44 -28.79 -38.28
NAF VT1 N . -12.43 -28.36 -39.11
CAE VT1 N . -11.92 -27.35 -39.77
OAA VT1 N . -11.12 -25.23 -41.41
CAI VT1 N . -9.70 -27.07 -42.13
CAO VT1 N . -8.79 -28.09 -41.87
FAP VT1 N . -8.00 -27.99 -40.79
CAN VT1 N . -8.64 -29.20 -42.66
CAL VT1 N . -9.44 -29.29 -43.75
FAM VT1 N . -9.31 -30.37 -44.56
CAK VT1 N . -10.36 -28.34 -44.08
CAJ VT1 N . -10.48 -27.22 -43.26
CHA HEM O . -17.07 19.05 -20.44
CHB HEM O . -13.30 18.32 -17.50
CHC HEM O . -16.34 18.00 -13.73
CHD HEM O . -20.07 17.98 -16.79
C1A HEM O . -15.81 18.90 -19.95
C2A HEM O . -14.63 19.00 -20.72
C3A HEM O . -13.58 18.79 -19.89
C4A HEM O . -14.07 18.56 -18.62
CMA HEM O . -12.13 18.80 -20.31
CAA HEM O . -14.52 19.27 -22.19
CBA HEM O . -14.75 17.99 -22.98
CGA HEM O . -14.61 18.23 -24.46
O1A HEM O . -14.09 19.26 -24.91
O2A HEM O . -15.00 17.36 -25.25
C1B HEM O . -13.84 18.20 -16.23
C2B HEM O . -13.03 18.08 -15.08
C3B HEM O . -13.86 17.99 -14.01
C4B HEM O . -15.22 18.07 -14.54
CMB HEM O . -11.53 18.04 -15.06
CAB HEM O . -13.52 17.83 -12.58
CBB HEM O . -12.57 18.54 -12.00
C1C HEM O . -17.63 17.94 -14.24
C2C HEM O . -18.78 17.71 -13.49
C3C HEM O . -19.85 17.70 -14.36
C4C HEM O . -19.32 17.91 -15.65
CMC HEM O . -18.83 17.53 -11.99
CAC HEM O . -21.26 17.51 -14.03
CBC HEM O . -21.67 16.42 -13.40
C1D HEM O . -19.51 18.30 -18.02
C2D HEM O . -20.35 18.48 -19.18
C3D HEM O . -19.54 18.78 -20.19
C4D HEM O . -18.18 18.78 -19.65
CMD HEM O . -21.85 18.34 -19.24
CAD HEM O . -20.04 19.00 -21.59
CBD HEM O . -19.69 20.32 -22.24
CGD HEM O . -20.17 20.17 -23.67
O1D HEM O . -20.80 21.09 -24.21
O2D HEM O . -19.95 19.12 -24.31
NA HEM O . -15.44 18.63 -18.65
NB HEM O . -15.13 18.19 -15.87
NC HEM O . -17.98 18.04 -15.54
ND HEM O . -18.23 18.49 -18.35
FE HEM O . -16.76 18.37 -17.21
FBE VT1 P . -6.45 6.51 -25.58
CBD VT1 P . -6.99 6.98 -24.46
FBF VT1 P . -5.98 7.41 -23.70
FBG VT1 P . -7.54 5.94 -23.83
CBC VT1 P . -7.98 8.05 -24.73
OBB VT1 P . -8.15 8.78 -23.52
CBA VT1 P . -9.38 9.33 -23.29
CBH VT1 P . -10.17 9.71 -24.36
CBI VT1 P . -11.42 10.25 -24.14
CAZ VT1 P . -9.87 9.49 -22.01
CAY VT1 P . -11.11 10.04 -21.80
CAX VT1 P . -11.91 10.44 -22.86
CAW VT1 P . -13.27 10.99 -22.63
CBJ VT1 P . -14.04 10.57 -21.56
NBK VT1 P . -15.27 11.04 -21.31
CAV VT1 P . -13.84 11.93 -23.48
CAU VT1 P . -15.10 12.41 -23.24
CAT VT1 P . -15.79 11.96 -22.13
CAQ VT1 P . -17.19 12.41 -21.80
FAR VT1 P . -17.91 11.42 -21.24
FAS VT1 P . -17.87 12.77 -22.90
CAB VT1 P . -17.19 13.60 -20.82
CAC VT1 P . -16.39 13.25 -19.55
NAD VT1 P . -16.49 14.30 -18.56
NAH VT1 P . -16.54 14.02 -17.26
NAG VT1 P . -16.64 15.15 -16.65
NAF VT1 P . -16.63 16.18 -17.55
CAE VT1 P . -16.53 15.63 -18.73
OAA VT1 P . -16.52 14.69 -21.45
CAI VT1 P . -18.63 13.97 -20.48
CAO VT1 P . -19.35 13.37 -19.46
FAP VT1 P . -18.75 12.43 -18.71
CAN VT1 P . -20.65 13.67 -19.15
CAL VT1 P . -21.25 14.63 -19.90
FAM VT1 P . -22.54 14.96 -19.63
CAK VT1 P . -20.62 15.27 -20.93
CAJ VT1 P . -19.31 14.93 -21.21
CHA HEM Q . -25.90 7.47 43.71
CHB HEM Q . -26.30 6.33 39.03
CHC HEM Q . -28.91 10.37 38.30
CHD HEM Q . -27.98 11.73 42.80
C1A HEM Q . -25.82 6.82 42.50
C2A HEM Q . -25.15 5.60 42.31
C3A HEM Q . -25.24 5.28 41.01
C4A HEM Q . -25.97 6.30 40.37
CMA HEM Q . -24.68 4.05 40.36
CAA HEM Q . -24.44 4.79 43.37
CBA HEM Q . -23.10 5.42 43.68
CGA HEM Q . -22.34 4.59 44.69
O1A HEM Q . -22.75 3.47 45.04
O2A HEM Q . -21.29 5.01 45.19
C1B HEM Q . -27.08 7.35 38.46
C2B HEM Q . -27.45 7.33 37.10
C3B HEM Q . -28.19 8.45 36.86
C4B HEM Q . -28.25 9.16 38.15
CMB HEM Q . -27.10 6.25 36.12
CAB HEM Q . -28.81 8.90 35.62
CBB HEM Q . -29.56 8.07 34.90
C1C HEM Q . -28.85 11.12 39.45
C2C HEM Q . -29.32 12.43 39.61
C3C HEM Q . -29.05 12.81 40.92
C4C HEM Q . -28.39 11.72 41.52
CMC HEM Q . -30.00 13.23 38.54
CAC HEM Q . -29.32 14.07 41.61
CBC HEM Q . -29.61 15.20 40.97
C1D HEM Q . -27.36 10.64 43.37
C2D HEM Q . -26.99 10.69 44.76
C3D HEM Q . -26.43 9.53 45.05
C4D HEM Q . -26.43 8.75 43.81
CMD HEM Q . -27.20 11.84 45.71
CAD HEM Q . -25.87 9.26 46.41
CBD HEM Q . -26.12 7.88 47.00
CGD HEM Q . -25.31 7.90 48.27
O1D HEM Q . -25.83 7.55 49.34
O2D HEM Q . -24.11 8.28 48.27
NA HEM Q . -26.30 7.24 41.30
NB HEM Q . -27.54 8.45 39.03
NC HEM Q . -28.28 10.71 40.61
ND HEM Q . -27.02 9.47 42.83
FE HEM Q . -27.28 8.94 41.06
FBE VT1 R . -9.87 6.06 36.48
CBD VT1 R . -11.10 5.57 36.58
FBF VT1 R . -10.98 4.38 37.18
FBG VT1 R . -11.54 5.34 35.35
CBC VT1 R . -11.98 6.49 37.34
OBB VT1 R . -13.29 5.90 37.34
CBA VT1 R . -14.25 6.52 38.08
CBH VT1 R . -14.13 7.86 38.38
CBI VT1 R . -15.11 8.48 39.13
CAZ VT1 R . -15.35 5.81 38.53
CAY VT1 R . -16.32 6.46 39.28
CAX VT1 R . -16.23 7.80 39.60
CAW VT1 R . -17.25 8.49 40.41
CBJ VT1 R . -17.81 9.69 40.01
NBK VT1 R . -18.72 10.36 40.73
CAV VT1 R . -17.66 7.99 41.64
CAU VT1 R . -18.60 8.66 42.39
CAT VT1 R . -19.13 9.83 41.88
CAQ VT1 R . -20.12 10.66 42.67
FAR VT1 R . -19.90 11.98 42.46
FAS VT1 R . -19.95 10.49 44.00
CAB VT1 R . -21.60 10.38 42.34
CAC VT1 R . -21.88 10.60 40.84
NAD VT1 R . -23.30 10.48 40.56
NAH VT1 R . -23.90 11.24 39.65
NAG VT1 R . -25.15 10.86 39.67
NAF VT1 R . -25.35 9.88 40.58
CAE VT1 R . -24.19 9.65 41.14
OAA VT1 R . -21.88 9.01 42.64
CAI VT1 R . -22.42 11.34 43.20
CAO VT1 R . -22.73 12.63 42.79
FAP VT1 R . -22.30 13.05 41.58
CAN VT1 R . -23.45 13.53 43.55
CAL VT1 R . -23.86 13.10 44.77
FAM VT1 R . -24.56 13.96 45.54
CAK VT1 R . -23.59 11.85 45.25
CAJ VT1 R . -22.87 10.97 44.46
#